data_6MB2
#
_entry.id   6MB2
#
_cell.length_a   1.000
_cell.length_b   1.000
_cell.length_c   1.000
_cell.angle_alpha   90.00
_cell.angle_beta   90.00
_cell.angle_gamma   90.00
#
_symmetry.space_group_name_H-M   'P 1'
#
loop_
_entity.id
_entity.type
_entity.pdbx_description
1 polymer 'Interferon-inducible protein AIM2'
2 polymer 'Green fluorescent protein'
#
loop_
_entity_poly.entity_id
_entity_poly.type
_entity_poly.pdbx_seq_one_letter_code
_entity_poly.pdbx_strand_id
1 'polypeptide(L)'
;AMESKYKEILLLTGLDNITDEELDRFKGFLSDEFNIATGKLHTANRIQVATLMIQNAGAVSAVMKTIRIFQKLNYMLLAK
RLQEEKEKVDKQYK
;
A,B,C,D,E,F,G,H,I,J,K,L,M,N,O
2 'polypeptide(L)'
;SKGEELFTGVVPILVELDGDVNGHKFSVSGEGEGDATYGKLTLKFICTTGKLPVPWPTLVTTF(CRO)VQCFSRYPDH
(MSE)KRHDFFKSA(MSE)PEGYVQERTIFFKDDGNYKTRAEVKFEGDTLVNRIELKGIDFKEDGNILGHKLEYNYNSHN
VYI(MSE)ADKQKNGIKVNFKIRHNIEDGSVQLADHYQQNTPIGDGPVLLPDNHYLSTQSALSKDPNEKRDH(MSE)VLL
EFVTAAGI
;
a,b,c,d,e,f,g,h,i,j,k,l,m,n,o
#
# COMPACT_ATOMS: atom_id res chain seq x y z
N ALA A 1 33.43 -37.33 -39.59
CA ALA A 1 34.10 -38.04 -38.53
C ALA A 1 33.41 -37.83 -37.18
N MET A 2 33.73 -38.68 -36.21
CA MET A 2 33.13 -38.59 -34.90
C MET A 2 33.44 -37.21 -34.33
N GLU A 3 34.64 -36.70 -34.63
CA GLU A 3 35.05 -35.39 -34.15
C GLU A 3 34.14 -34.27 -34.66
N SER A 4 33.93 -34.23 -35.97
CA SER A 4 33.12 -33.19 -36.56
C SER A 4 31.70 -33.26 -36.01
N LYS A 5 31.20 -34.48 -35.85
CA LYS A 5 29.85 -34.68 -35.32
C LYS A 5 29.72 -34.20 -33.89
N TYR A 6 30.71 -34.48 -33.05
CA TYR A 6 30.71 -33.98 -31.69
C TYR A 6 30.71 -32.45 -31.67
N LYS A 7 31.49 -31.84 -32.55
CA LYS A 7 31.55 -30.38 -32.63
C LYS A 7 30.20 -29.80 -33.01
N GLU A 8 29.52 -30.40 -33.98
CA GLU A 8 28.17 -29.99 -34.36
C GLU A 8 27.21 -30.05 -33.18
N ILE A 9 27.28 -31.11 -32.37
CA ILE A 9 26.55 -31.19 -31.10
C ILE A 9 26.83 -30.02 -30.16
N LEU A 10 28.12 -29.78 -29.90
CA LEU A 10 28.54 -28.73 -29.01
C LEU A 10 27.98 -27.38 -29.48
N LEU A 11 28.21 -27.08 -30.74
CA LEU A 11 27.90 -25.75 -31.28
C LEU A 11 26.42 -25.53 -31.55
N LEU A 12 25.81 -26.45 -32.30
CA LEU A 12 24.44 -26.26 -32.76
C LEU A 12 23.45 -26.58 -31.65
N THR A 13 23.64 -27.70 -30.96
CA THR A 13 22.72 -28.11 -29.91
C THR A 13 23.03 -27.44 -28.58
N GLY A 14 24.32 -27.17 -28.33
CA GLY A 14 24.73 -26.50 -27.11
C GLY A 14 24.71 -24.97 -27.19
N LEU A 15 25.82 -24.41 -27.66
CA LEU A 15 26.02 -22.97 -27.57
C LEU A 15 25.00 -22.15 -28.37
N ASP A 16 24.54 -22.68 -29.49
CA ASP A 16 23.56 -22.00 -30.33
C ASP A 16 22.20 -21.92 -29.63
N ASN A 17 22.17 -22.32 -28.37
CA ASN A 17 20.93 -22.30 -27.60
C ASN A 17 21.10 -21.58 -26.27
N ILE A 18 22.07 -22.02 -25.48
CA ILE A 18 22.34 -21.42 -24.18
C ILE A 18 22.34 -19.90 -24.27
N THR A 19 22.10 -18.93 -23.10
CA THR A 19 22.09 -17.47 -23.04
C THR A 19 23.45 -16.92 -22.65
N ASP A 20 23.47 -15.71 -22.09
CA ASP A 20 24.71 -15.07 -21.67
C ASP A 20 24.85 -15.10 -20.15
N GLU A 21 24.07 -14.26 -19.48
CA GLU A 21 24.10 -14.18 -18.02
C GLU A 21 24.64 -15.48 -17.42
N GLU A 22 24.14 -16.60 -17.93
CA GLU A 22 24.52 -17.92 -17.44
C GLU A 22 25.96 -18.25 -17.80
N LEU A 23 26.43 -17.74 -18.93
CA LEU A 23 27.82 -17.94 -19.32
C LEU A 23 28.75 -17.27 -18.32
N ASP A 24 28.34 -16.09 -17.84
CA ASP A 24 29.11 -15.40 -16.80
C ASP A 24 29.23 -16.26 -15.54
N ARG A 25 28.13 -16.95 -15.20
CA ARG A 25 28.11 -17.83 -14.03
C ARG A 25 29.00 -19.06 -14.28
N PHE A 26 28.91 -19.60 -15.50
CA PHE A 26 29.78 -20.69 -15.90
C PHE A 26 31.25 -20.32 -15.74
N LYS A 27 31.61 -19.14 -16.24
CA LYS A 27 32.99 -18.65 -16.12
C LYS A 27 33.42 -18.53 -14.65
N GLY A 28 32.48 -18.16 -13.76
CA GLY A 28 32.80 -17.98 -12.36
C GLY A 28 33.12 -19.28 -11.64
N PHE A 29 32.67 -20.40 -12.21
CA PHE A 29 32.92 -21.70 -11.63
C PHE A 29 33.83 -22.55 -12.51
N LEU A 30 34.34 -21.93 -13.57
CA LEU A 30 35.23 -22.62 -14.50
C LEU A 30 36.61 -22.86 -13.88
N SER A 31 37.58 -23.19 -14.72
CA SER A 31 38.94 -23.44 -14.25
C SER A 31 38.97 -24.63 -13.29
N ASP A 32 37.80 -25.19 -13.02
CA ASP A 32 37.69 -26.34 -12.12
C ASP A 32 37.79 -27.67 -12.88
N GLU A 33 37.67 -27.60 -14.20
CA GLU A 33 37.72 -28.79 -15.04
C GLU A 33 38.86 -28.74 -16.06
N PHE A 34 39.22 -27.54 -16.50
CA PHE A 34 40.25 -27.40 -17.51
C PHE A 34 41.44 -26.61 -17.00
N ASN A 35 42.65 -27.00 -17.41
CA ASN A 35 43.83 -26.19 -17.11
C ASN A 35 43.94 -25.03 -18.10
N ILE A 36 42.96 -24.13 -18.02
CA ILE A 36 43.00 -22.81 -18.69
C ILE A 36 43.47 -21.69 -17.74
N ALA A 37 42.76 -20.55 -17.73
CA ALA A 37 43.18 -19.40 -16.89
C ALA A 37 42.12 -18.30 -16.64
N THR A 38 42.56 -17.17 -16.06
CA THR A 38 41.69 -16.04 -15.70
C THR A 38 41.77 -14.89 -16.70
N GLY A 39 41.51 -13.64 -16.28
CA GLY A 39 41.55 -12.57 -17.27
C GLY A 39 41.59 -13.08 -18.71
N LYS A 40 42.14 -14.27 -18.92
CA LYS A 40 42.28 -14.81 -20.27
C LYS A 40 40.93 -15.21 -20.86
N LEU A 41 39.96 -15.48 -20.00
CA LEU A 41 38.68 -16.03 -20.45
C LEU A 41 37.64 -14.98 -20.68
N HIS A 42 37.89 -13.78 -20.17
CA HIS A 42 36.81 -12.82 -19.94
C HIS A 42 35.96 -12.55 -21.17
N THR A 43 36.61 -12.28 -22.29
CA THR A 43 35.90 -12.00 -23.54
C THR A 43 36.39 -12.90 -24.67
N ALA A 44 35.77 -14.07 -24.81
CA ALA A 44 36.15 -15.02 -25.85
C ALA A 44 34.92 -15.60 -26.53
N ASN A 45 34.67 -15.15 -27.76
CA ASN A 45 33.52 -15.63 -28.52
C ASN A 45 33.34 -17.14 -28.43
N ARG A 46 32.11 -17.57 -28.20
CA ARG A 46 31.81 -18.99 -28.08
C ARG A 46 32.70 -19.86 -28.95
N ILE A 47 32.93 -19.45 -30.20
CA ILE A 47 33.78 -20.23 -31.09
C ILE A 47 35.20 -20.32 -30.53
N GLN A 48 35.73 -19.18 -30.09
CA GLN A 48 37.07 -19.14 -29.49
C GLN A 48 37.17 -20.00 -28.23
N VAL A 49 36.17 -19.92 -27.37
CA VAL A 49 36.18 -20.69 -26.13
C VAL A 49 36.14 -22.20 -26.41
N ALA A 50 35.26 -22.63 -27.31
CA ALA A 50 35.19 -24.04 -27.70
C ALA A 50 36.53 -24.53 -28.27
N THR A 51 37.13 -23.70 -29.11
CA THR A 51 38.39 -24.05 -29.79
C THR A 51 39.52 -24.19 -28.77
N LEU A 52 39.62 -23.24 -27.83
CA LEU A 52 40.66 -23.29 -26.81
C LEU A 52 40.48 -24.51 -25.91
N MET A 53 39.25 -24.83 -25.58
CA MET A 53 38.96 -26.01 -24.78
C MET A 53 39.43 -27.29 -25.46
N ILE A 54 39.15 -27.39 -26.75
CA ILE A 54 39.54 -28.58 -27.51
C ILE A 54 41.06 -28.63 -27.72
N GLN A 55 41.65 -27.48 -28.01
CA GLN A 55 43.09 -27.40 -28.24
C GLN A 55 43.86 -27.92 -27.03
N ASN A 56 43.19 -27.97 -25.88
CA ASN A 56 43.81 -28.46 -24.65
C ASN A 56 43.47 -29.92 -24.38
N ALA A 57 42.21 -30.17 -24.04
CA ALA A 57 41.75 -31.52 -23.74
C ALA A 57 41.43 -32.28 -25.02
N GLY A 58 40.30 -31.93 -25.64
CA GLY A 58 39.87 -32.56 -26.88
C GLY A 58 38.37 -32.73 -26.96
N ALA A 59 37.90 -33.42 -27.98
CA ALA A 59 36.48 -33.65 -28.18
C ALA A 59 35.96 -34.74 -27.25
N VAL A 60 36.87 -35.40 -26.55
CA VAL A 60 36.52 -36.47 -25.63
C VAL A 60 36.35 -35.94 -24.20
N SER A 61 37.41 -35.35 -23.66
CA SER A 61 37.38 -34.81 -22.32
C SER A 61 36.57 -33.51 -22.24
N ALA A 62 36.64 -32.68 -23.27
CA ALA A 62 35.87 -31.42 -23.28
C ALA A 62 34.37 -31.70 -23.21
N VAL A 63 33.91 -32.67 -23.98
CA VAL A 63 32.50 -33.02 -23.98
C VAL A 63 32.09 -33.61 -22.62
N MET A 64 32.91 -34.49 -22.08
CA MET A 64 32.64 -35.07 -20.77
C MET A 64 32.56 -34.00 -19.67
N LYS A 65 33.49 -33.05 -19.69
CA LYS A 65 33.49 -31.99 -18.68
C LYS A 65 32.30 -31.06 -18.87
N THR A 66 31.87 -30.87 -20.10
CA THR A 66 30.71 -30.02 -20.38
C THR A 66 29.47 -30.66 -19.82
N ILE A 67 29.33 -31.96 -20.07
CA ILE A 67 28.23 -32.73 -19.52
C ILE A 67 28.18 -32.58 -18.00
N ARG A 68 29.34 -32.71 -17.36
CA ARG A 68 29.45 -32.61 -15.91
C ARG A 68 29.03 -31.23 -15.39
N ILE A 69 29.47 -30.18 -16.07
CA ILE A 69 29.12 -28.81 -15.68
C ILE A 69 27.62 -28.54 -15.85
N PHE A 70 27.08 -29.01 -16.97
CA PHE A 70 25.65 -28.84 -17.25
C PHE A 70 24.79 -29.43 -16.14
N GLN A 71 25.35 -30.39 -15.41
CA GLN A 71 24.63 -31.05 -14.33
C GLN A 71 24.76 -30.25 -13.04
N LYS A 72 25.83 -29.47 -12.93
CA LYS A 72 26.06 -28.66 -11.74
C LYS A 72 25.22 -27.38 -11.76
N LEU A 73 25.38 -26.60 -12.82
CA LEU A 73 24.64 -25.35 -12.96
C LEU A 73 23.14 -25.61 -13.06
N ASN A 74 22.67 -26.61 -12.32
CA ASN A 74 21.26 -26.96 -12.33
C ASN A 74 20.77 -27.41 -13.70
N TYR A 75 21.34 -26.82 -14.74
CA TYR A 75 20.97 -27.16 -16.11
C TYR A 75 20.88 -28.67 -16.31
N MET A 76 19.70 -29.22 -16.03
CA MET A 76 19.49 -30.66 -16.18
C MET A 76 18.70 -30.98 -17.44
N LEU A 77 17.78 -30.08 -17.80
CA LEU A 77 16.96 -30.27 -18.99
C LEU A 77 17.82 -30.40 -20.24
N LEU A 78 18.87 -29.58 -20.33
CA LEU A 78 19.77 -29.58 -21.46
C LEU A 78 20.88 -30.62 -21.28
N ALA A 79 21.04 -31.09 -20.04
CA ALA A 79 22.06 -32.09 -19.74
C ALA A 79 21.58 -33.48 -20.10
N LYS A 80 20.30 -33.76 -19.82
CA LYS A 80 19.71 -35.04 -20.20
C LYS A 80 19.72 -35.19 -21.73
N ARG A 81 19.30 -34.15 -22.42
CA ARG A 81 19.27 -34.18 -23.89
C ARG A 81 20.65 -34.41 -24.49
N LEU A 82 21.66 -33.76 -23.95
CA LEU A 82 23.02 -33.94 -24.44
C LEU A 82 23.51 -35.37 -24.23
N GLN A 83 23.19 -35.90 -23.04
CA GLN A 83 23.53 -37.27 -22.71
C GLN A 83 22.84 -38.26 -23.65
N GLU A 84 21.60 -37.99 -24.02
CA GLU A 84 20.88 -38.87 -24.93
C GLU A 84 21.52 -38.83 -26.31
N GLU A 85 21.75 -37.64 -26.84
CA GLU A 85 22.39 -37.48 -28.15
C GLU A 85 23.78 -38.11 -28.18
N LYS A 86 24.53 -37.96 -27.08
CA LYS A 86 25.84 -38.59 -26.96
C LYS A 86 25.72 -40.10 -27.13
N GLU A 87 24.83 -40.72 -26.37
CA GLU A 87 24.62 -42.16 -26.47
C GLU A 87 24.21 -42.60 -27.88
N LYS A 88 23.44 -41.77 -28.55
CA LYS A 88 22.99 -42.07 -29.91
C LYS A 88 24.18 -42.15 -30.88
N VAL A 89 25.13 -41.23 -30.71
CA VAL A 89 26.32 -41.22 -31.55
C VAL A 89 27.26 -42.37 -31.16
N ASP A 90 27.37 -42.65 -29.87
CA ASP A 90 28.20 -43.77 -29.40
C ASP A 90 27.75 -45.09 -30.01
N LYS A 91 26.43 -45.29 -30.12
CA LYS A 91 25.88 -46.52 -30.67
C LYS A 91 26.34 -46.73 -32.10
N GLN A 92 26.48 -45.63 -32.85
CA GLN A 92 26.91 -45.69 -34.24
C GLN A 92 28.35 -46.18 -34.39
N TYR A 93 29.12 -46.12 -33.32
CA TYR A 93 30.54 -46.48 -33.39
C TYR A 93 30.93 -47.58 -32.39
N LYS A 94 29.92 -48.21 -31.79
CA LYS A 94 30.15 -49.28 -30.84
C LYS A 94 30.57 -50.57 -31.55
N ALA B 1 56.06 15.28 -11.43
CA ALA B 1 55.82 16.65 -11.84
C ALA B 1 54.47 17.15 -11.35
N MET B 2 54.28 18.46 -11.37
CA MET B 2 53.03 19.06 -10.93
C MET B 2 51.90 18.49 -11.77
N GLU B 3 52.17 18.23 -13.04
CA GLU B 3 51.18 17.68 -13.96
C GLU B 3 50.70 16.31 -13.51
N SER B 4 51.64 15.40 -13.26
CA SER B 4 51.29 14.05 -12.87
C SER B 4 50.49 14.07 -11.57
N LYS B 5 50.92 14.94 -10.66
CA LYS B 5 50.26 15.04 -9.36
C LYS B 5 48.83 15.55 -9.50
N TYR B 6 48.62 16.55 -10.36
CA TYR B 6 47.27 17.04 -10.61
C TYR B 6 46.40 15.93 -11.19
N LYS B 7 46.96 15.15 -12.10
CA LYS B 7 46.21 14.03 -12.71
C LYS B 7 45.80 13.00 -11.65
N GLU B 8 46.72 12.67 -10.75
CA GLU B 8 46.41 11.76 -9.64
C GLU B 8 45.25 12.29 -8.80
N ILE B 9 45.24 13.59 -8.49
CA ILE B 9 44.09 14.25 -7.86
C ILE B 9 42.78 14.06 -8.61
N LEU B 10 42.80 14.39 -9.90
CA LEU B 10 41.63 14.28 -10.74
C LEU B 10 41.08 12.85 -10.71
N LEU B 11 41.95 11.90 -10.96
CA LEU B 11 41.54 10.51 -11.16
C LEU B 11 41.23 9.78 -9.86
N LEU B 12 42.15 9.82 -8.91
CA LEU B 12 42.03 9.03 -7.69
C LEU B 12 41.07 9.70 -6.71
N THR B 13 41.22 11.00 -6.50
CA THR B 13 40.38 11.71 -5.55
C THR B 13 39.05 12.14 -6.17
N GLY B 14 39.06 12.45 -7.46
CA GLY B 14 37.84 12.81 -8.17
C GLY B 14 37.04 11.65 -8.73
N LEU B 15 37.39 11.23 -9.94
CA LEU B 15 36.57 10.28 -10.67
C LEU B 15 36.44 8.91 -10.00
N ASP B 16 37.49 8.48 -9.31
CA ASP B 16 37.49 7.20 -8.62
C ASP B 16 36.53 7.20 -7.44
N ASN B 17 35.76 8.29 -7.32
CA ASN B 17 34.80 8.42 -6.22
C ASN B 17 33.41 8.77 -6.72
N ILE B 18 33.32 9.84 -7.50
CA ILE B 18 32.04 10.29 -8.04
C ILE B 18 31.25 9.12 -8.62
N THR B 19 29.73 9.07 -8.82
CA THR B 19 28.86 8.04 -9.37
C THR B 19 28.61 8.24 -10.86
N ASP B 20 27.51 7.72 -11.36
CA ASP B 20 27.17 7.84 -12.77
C ASP B 20 26.04 8.84 -12.98
N GLU B 21 24.82 8.44 -12.61
CA GLU B 21 23.65 9.30 -12.75
C GLU B 21 24.06 10.78 -12.77
N GLU B 22 24.95 11.14 -11.85
CA GLU B 22 25.42 12.51 -11.74
C GLU B 22 26.29 12.93 -12.92
N LEU B 23 27.00 11.96 -13.49
CA LEU B 23 27.81 12.24 -14.67
C LEU B 23 26.91 12.60 -15.84
N ASP B 24 25.76 11.95 -15.94
CA ASP B 24 24.78 12.29 -16.96
C ASP B 24 24.30 13.74 -16.81
N ARG B 25 24.13 14.17 -15.56
CA ARG B 25 23.71 15.54 -15.27
C ARG B 25 24.84 16.52 -15.60
N PHE B 26 26.06 16.14 -15.25
CA PHE B 26 27.24 16.91 -15.62
C PHE B 26 27.30 17.13 -17.13
N LYS B 27 27.13 16.05 -17.89
CA LYS B 27 27.13 16.14 -19.35
C LYS B 27 26.04 17.09 -19.87
N GLY B 28 24.89 17.12 -19.19
CA GLY B 28 23.78 17.94 -19.62
C GLY B 28 24.05 19.43 -19.47
N PHE B 29 24.98 19.77 -18.60
CA PHE B 29 25.34 21.16 -18.35
C PHE B 29 26.76 21.46 -18.83
N LEU B 30 27.37 20.49 -19.49
CA LEU B 30 28.73 20.65 -20.00
C LEU B 30 28.76 21.59 -21.21
N SER B 31 29.87 21.56 -21.95
CA SER B 31 30.02 22.41 -23.11
C SER B 31 29.96 23.88 -22.75
N ASP B 32 29.74 24.16 -21.46
CA ASP B 32 29.66 25.54 -20.98
C ASP B 32 31.02 26.06 -20.52
N GLU B 33 31.97 25.15 -20.37
CA GLU B 33 33.32 25.51 -19.92
C GLU B 33 34.40 25.14 -20.95
N PHE B 34 34.16 24.08 -21.71
CA PHE B 34 35.16 23.62 -22.67
C PHE B 34 34.64 23.68 -24.09
N ASN B 35 35.52 24.03 -25.03
CA ASN B 35 35.15 23.94 -26.44
C ASN B 35 35.30 22.50 -26.93
N ILE B 36 34.46 21.62 -26.37
CA ILE B 36 34.25 20.25 -26.87
C ILE B 36 33.01 20.14 -27.79
N ALA B 37 32.15 19.13 -27.57
CA ALA B 37 30.97 18.92 -28.43
C ALA B 37 29.87 17.99 -27.89
N THR B 38 28.90 17.64 -28.76
CA THR B 38 27.74 16.81 -28.39
C THR B 38 27.90 15.35 -28.85
N GLY B 39 26.79 14.63 -29.11
CA GLY B 39 26.97 13.24 -29.51
C GLY B 39 28.39 12.72 -29.28
N LYS B 40 29.37 13.61 -29.32
CA LYS B 40 30.77 13.19 -29.17
C LYS B 40 31.08 12.76 -27.74
N LEU B 41 30.29 13.23 -26.79
CA LEU B 41 30.60 13.03 -25.39
C LEU B 41 29.90 11.83 -24.79
N HIS B 42 28.90 11.33 -25.51
CA HIS B 42 27.88 10.49 -24.89
C HIS B 42 28.45 9.30 -24.15
N THR B 43 29.36 8.56 -24.79
CA THR B 43 29.98 7.39 -24.18
C THR B 43 31.49 7.48 -24.23
N ALA B 44 32.09 8.08 -23.21
CA ALA B 44 33.54 8.24 -23.14
C ALA B 44 34.06 7.90 -21.75
N ASN B 45 34.69 6.74 -21.62
CA ASN B 45 35.23 6.30 -20.34
C ASN B 45 35.97 7.42 -19.61
N ARG B 46 35.69 7.56 -18.31
CA ARG B 46 36.32 8.60 -17.50
C ARG B 46 37.74 8.92 -17.96
N ILE B 47 38.54 7.90 -18.25
CA ILE B 47 39.91 8.16 -18.69
C ILE B 47 39.92 8.93 -20.01
N GLN B 48 39.06 8.52 -20.95
CA GLN B 48 38.95 9.22 -22.23
C GLN B 48 38.48 10.67 -22.06
N VAL B 49 37.48 10.87 -21.21
CA VAL B 49 36.97 12.22 -20.99
C VAL B 49 38.02 13.15 -20.37
N ALA B 50 38.72 12.65 -19.35
CA ALA B 50 39.80 13.44 -18.73
C ALA B 50 40.89 13.79 -19.75
N THR B 51 41.25 12.82 -20.57
CA THR B 51 42.31 12.99 -21.56
C THR B 51 41.91 14.03 -22.61
N LEU B 52 40.67 13.94 -23.12
CA LEU B 52 40.19 14.90 -24.11
C LEU B 52 40.13 16.31 -23.54
N MET B 53 39.71 16.42 -22.28
CA MET B 53 39.67 17.71 -21.61
C MET B 53 41.06 18.35 -21.53
N ILE B 54 42.05 17.54 -21.16
CA ILE B 54 43.40 18.04 -21.03
C ILE B 54 44.03 18.35 -22.40
N GLN B 55 43.76 17.49 -23.37
CA GLN B 55 44.29 17.66 -24.72
C GLN B 55 43.85 19.02 -25.30
N ASN B 56 42.81 19.59 -24.72
CA ASN B 56 42.30 20.88 -25.16
C ASN B 56 42.80 22.04 -24.32
N ALA B 57 42.34 22.09 -23.07
CA ALA B 57 42.75 23.15 -22.15
C ALA B 57 44.08 22.81 -21.49
N GLY B 58 44.05 21.86 -20.56
CA GLY B 58 45.25 21.46 -19.85
C GLY B 58 44.98 21.12 -18.41
N ALA B 59 46.06 20.86 -17.66
CA ALA B 59 45.94 20.52 -16.24
C ALA B 59 45.69 21.77 -15.39
N VAL B 60 45.76 22.93 -16.03
CA VAL B 60 45.55 24.21 -15.34
C VAL B 60 44.10 24.66 -15.45
N SER B 61 43.65 24.84 -16.69
CA SER B 61 42.29 25.28 -16.94
C SER B 61 41.26 24.17 -16.69
N ALA B 62 41.62 22.92 -17.02
CA ALA B 62 40.71 21.80 -16.79
C ALA B 62 40.40 21.64 -15.30
N VAL B 63 41.42 21.75 -14.47
CA VAL B 63 41.23 21.63 -13.02
C VAL B 63 40.38 22.80 -12.50
N MET B 64 40.69 24.00 -12.95
CA MET B 64 39.91 25.17 -12.55
C MET B 64 38.44 25.06 -12.93
N LYS B 65 38.17 24.59 -14.15
CA LYS B 65 36.79 24.45 -14.61
C LYS B 65 36.07 23.33 -13.86
N THR B 66 36.82 22.31 -13.46
CA THR B 66 36.25 21.21 -12.71
C THR B 66 35.82 21.69 -11.33
N ILE B 67 36.71 22.45 -10.71
CA ILE B 67 36.41 23.07 -9.42
C ILE B 67 35.13 23.89 -9.52
N ARG B 68 35.02 24.70 -10.56
CA ARG B 68 33.88 25.57 -10.78
C ARG B 68 32.56 24.77 -10.95
N ILE B 69 32.62 23.68 -11.72
CA ILE B 69 31.45 22.84 -11.94
C ILE B 69 31.03 22.13 -10.65
N PHE B 70 32.01 21.64 -9.90
CA PHE B 70 31.74 20.95 -8.65
C PHE B 70 30.97 21.84 -7.67
N GLN B 71 31.10 23.15 -7.86
CA GLN B 71 30.42 24.12 -7.00
C GLN B 71 29.00 24.38 -7.50
N LYS B 72 28.77 24.16 -8.79
CA LYS B 72 27.46 24.37 -9.38
C LYS B 72 26.53 23.21 -9.09
N LEU B 73 26.95 22.00 -9.47
CA LEU B 73 26.15 20.80 -9.26
C LEU B 73 25.96 20.52 -7.77
N ASN B 74 25.82 21.59 -6.99
CA ASN B 74 25.63 21.48 -5.55
C ASN B 74 26.83 20.82 -4.86
N TYR B 75 27.46 19.88 -5.56
CA TYR B 75 28.61 19.17 -5.01
C TYR B 75 29.59 20.14 -4.35
N MET B 76 29.37 20.41 -3.06
CA MET B 76 30.22 21.31 -2.31
C MET B 76 31.17 20.55 -1.40
N LEU B 77 30.70 19.42 -0.87
CA LEU B 77 31.51 18.60 0.02
C LEU B 77 32.78 18.12 -0.67
N LEU B 78 32.68 17.76 -1.94
CA LEU B 78 33.82 17.29 -2.71
C LEU B 78 34.57 18.46 -3.35
N ALA B 79 33.91 19.62 -3.38
CA ALA B 79 34.52 20.82 -3.96
C ALA B 79 35.44 21.49 -2.97
N LYS B 80 35.04 21.52 -1.70
CA LYS B 80 35.89 22.06 -0.64
C LYS B 80 37.16 21.22 -0.51
N ARG B 81 37.00 19.91 -0.49
CA ARG B 81 38.15 19.02 -0.38
C ARG B 81 39.13 19.18 -1.52
N LEU B 82 38.62 19.31 -2.74
CA LEU B 82 39.50 19.49 -3.90
C LEU B 82 40.26 20.80 -3.81
N GLN B 83 39.55 21.85 -3.39
CA GLN B 83 40.15 23.16 -3.19
C GLN B 83 41.26 23.10 -2.13
N GLU B 84 41.04 22.35 -1.07
CA GLU B 84 42.05 22.23 -0.02
C GLU B 84 43.28 21.51 -0.57
N GLU B 85 43.09 20.37 -1.19
CA GLU B 85 44.19 19.60 -1.77
C GLU B 85 44.95 20.41 -2.82
N LYS B 86 44.23 21.19 -3.63
CA LYS B 86 44.85 22.08 -4.60
C LYS B 86 45.79 23.04 -3.91
N GLU B 87 45.30 23.74 -2.90
CA GLU B 87 46.13 24.69 -2.15
C GLU B 87 47.36 24.02 -1.53
N LYS B 88 47.22 22.77 -1.10
CA LYS B 88 48.32 22.03 -0.50
C LYS B 88 49.44 21.80 -1.51
N VAL B 89 49.07 21.48 -2.75
CA VAL B 89 50.04 21.27 -3.82
C VAL B 89 50.64 22.60 -4.26
N ASP B 90 49.82 23.64 -4.33
CA ASP B 90 50.31 24.98 -4.69
C ASP B 90 51.42 25.46 -3.74
N LYS B 91 51.24 25.18 -2.45
CA LYS B 91 52.21 25.59 -1.43
C LYS B 91 53.58 24.97 -1.71
N GLN B 92 53.57 23.74 -2.21
CA GLN B 92 54.80 23.02 -2.52
C GLN B 92 55.60 23.67 -3.65
N TYR B 93 54.95 24.51 -4.46
CA TYR B 93 55.60 25.10 -5.62
C TYR B 93 55.54 26.63 -5.61
N LYS B 94 55.16 27.19 -4.46
CA LYS B 94 55.08 28.66 -4.32
C LYS B 94 56.48 29.25 -4.18
N ALA C 1 11.38 0.60 -54.23
CA ALA C 1 10.85 -0.73 -54.54
C ALA C 1 9.79 -1.14 -53.53
N MET C 2 9.00 -2.16 -53.89
CA MET C 2 7.95 -2.65 -53.03
C MET C 2 8.57 -3.09 -51.71
N GLU C 3 9.79 -3.65 -51.78
CA GLU C 3 10.49 -4.11 -50.60
C GLU C 3 10.79 -2.97 -49.63
N SER C 4 11.39 -1.90 -50.13
CA SER C 4 11.75 -0.78 -49.29
C SER C 4 10.50 -0.18 -48.66
N LYS C 5 9.43 -0.11 -49.44
CA LYS C 5 8.18 0.46 -48.96
C LYS C 5 7.57 -0.39 -47.85
N TYR C 6 7.60 -1.71 -48.02
CA TYR C 6 7.12 -2.60 -46.97
C TYR C 6 7.92 -2.41 -45.68
N LYS C 7 9.24 -2.27 -45.82
CA LYS C 7 10.11 -2.07 -44.66
C LYS C 7 9.76 -0.77 -43.93
N GLU C 8 9.53 0.30 -44.68
CA GLU C 8 9.09 1.57 -44.10
C GLU C 8 7.80 1.41 -43.30
N ILE C 9 6.83 0.66 -43.85
CA ILE C 9 5.63 0.27 -43.10
C ILE C 9 5.92 -0.44 -41.78
N LEU C 10 6.72 -1.49 -41.85
CA LEU C 10 7.09 -2.27 -40.69
C LEU C 10 7.70 -1.38 -39.62
N LEU C 11 8.71 -0.61 -40.01
CA LEU C 11 9.51 0.15 -39.06
C LEU C 11 8.84 1.41 -38.56
N LEU C 12 8.35 2.25 -39.47
CA LEU C 12 7.83 3.55 -39.11
C LEU C 12 6.42 3.44 -38.56
N THR C 13 5.57 2.67 -39.23
CA THR C 13 4.17 2.53 -38.81
C THR C 13 4.01 1.46 -37.73
N GLY C 14 4.84 0.42 -37.79
CA GLY C 14 4.80 -0.64 -36.80
C GLY C 14 5.67 -0.37 -35.56
N LEU C 15 6.94 -0.75 -35.64
CA LEU C 15 7.79 -0.76 -34.46
C LEU C 15 8.00 0.62 -33.83
N ASP C 16 8.04 1.66 -34.66
CA ASP C 16 8.23 3.02 -34.17
C ASP C 16 7.03 3.50 -33.37
N ASN C 17 6.10 2.59 -33.10
CA ASN C 17 4.89 2.92 -32.35
C ASN C 17 4.66 1.96 -31.19
N ILE C 18 4.62 0.67 -31.49
CA ILE C 18 4.40 -0.35 -30.48
C ILE C 18 5.27 -0.10 -29.25
N THR C 19 5.00 -0.61 -27.83
CA THR C 19 5.75 -0.46 -26.58
C THR C 19 6.70 -1.63 -26.38
N ASP C 20 7.06 -1.88 -25.11
CA ASP C 20 7.96 -2.96 -24.77
C ASP C 20 7.22 -4.13 -24.13
N GLU C 21 6.79 -3.94 -22.88
CA GLU C 21 6.07 -4.97 -22.15
C GLU C 21 5.37 -5.94 -23.12
N GLU C 22 4.73 -5.37 -24.14
CA GLU C 22 4.00 -6.15 -25.13
C GLU C 22 4.94 -6.96 -26.02
N LEU C 23 6.14 -6.42 -26.25
CA LEU C 23 7.13 -7.15 -27.03
C LEU C 23 7.55 -8.41 -26.28
N ASP C 24 7.65 -8.32 -24.96
CA ASP C 24 7.96 -9.50 -24.15
C ASP C 24 6.87 -10.57 -24.31
N ARG C 25 5.62 -10.14 -24.39
CA ARG C 25 4.49 -11.05 -24.58
C ARG C 25 4.53 -11.66 -26.00
N PHE C 26 4.84 -10.81 -26.97
CA PHE C 26 5.05 -11.27 -28.34
C PHE C 26 6.10 -12.37 -28.40
N LYS C 27 7.24 -12.14 -27.77
CA LYS C 27 8.32 -13.12 -27.71
C LYS C 27 7.85 -14.44 -27.07
N GLY C 28 6.97 -14.35 -26.08
CA GLY C 28 6.50 -15.53 -25.38
C GLY C 28 5.62 -16.42 -26.23
N PHE C 29 5.04 -15.85 -27.27
CA PHE C 29 4.17 -16.60 -28.17
C PHE C 29 4.79 -16.72 -29.56
N LEU C 30 6.04 -16.28 -29.69
CA LEU C 30 6.74 -16.34 -30.97
C LEU C 30 7.15 -17.77 -31.31
N SER C 31 8.06 -17.92 -32.25
CA SER C 31 8.53 -19.22 -32.68
C SER C 31 7.40 -20.08 -33.24
N ASP C 32 6.19 -19.51 -33.22
CA ASP C 32 5.01 -20.21 -33.73
C ASP C 32 4.77 -19.93 -35.21
N GLU C 33 5.46 -18.91 -35.72
CA GLU C 33 5.32 -18.51 -37.12
C GLU C 33 6.62 -18.60 -37.89
N PHE C 34 7.75 -18.38 -37.21
CA PHE C 34 9.04 -18.39 -37.88
C PHE C 34 9.94 -19.47 -37.35
N ASN C 35 10.73 -20.08 -38.23
CA ASN C 35 11.76 -21.01 -37.78
C ASN C 35 12.99 -20.25 -37.31
N ILE C 36 12.81 -19.50 -36.21
CA ILE C 36 13.90 -18.89 -35.45
C ILE C 36 14.30 -19.75 -34.21
N ALA C 37 14.45 -19.12 -33.04
CA ALA C 37 14.88 -19.84 -31.82
C ALA C 37 14.65 -19.14 -30.47
N THR C 38 15.23 -19.71 -29.40
CA THR C 38 15.08 -19.20 -28.02
C THR C 38 16.29 -18.40 -27.54
N GLY C 39 16.57 -18.36 -26.23
CA GLY C 39 17.71 -17.56 -25.82
C GLY C 39 18.24 -16.65 -26.90
N LYS C 40 18.08 -17.05 -28.16
CA LYS C 40 18.62 -16.26 -29.28
C LYS C 40 17.87 -14.94 -29.47
N LEU C 41 16.63 -14.89 -28.99
CA LEU C 41 15.75 -13.77 -29.28
C LEU C 41 15.77 -12.72 -28.19
N HIS C 42 16.30 -13.11 -27.03
CA HIS C 42 16.00 -12.39 -25.80
C HIS C 42 16.27 -10.90 -25.87
N THR C 43 17.45 -10.53 -26.36
CA THR C 43 17.82 -9.12 -26.49
C THR C 43 18.27 -8.80 -27.91
N ALA C 44 17.32 -8.42 -28.76
CA ALA C 44 17.62 -8.08 -30.14
C ALA C 44 16.89 -6.81 -30.56
N ASN C 45 17.63 -5.72 -30.68
CA ASN C 45 17.07 -4.43 -31.08
C ASN C 45 16.10 -4.57 -32.24
N ARG C 46 14.94 -3.92 -32.11
CA ARG C 46 13.91 -3.97 -33.15
C ARG C 46 14.50 -4.10 -34.56
N ILE C 47 15.55 -3.34 -34.86
CA ILE C 47 16.15 -3.41 -36.18
C ILE C 47 16.72 -4.81 -36.43
N GLN C 48 17.43 -5.35 -35.43
CA GLN C 48 17.98 -6.71 -35.54
C GLN C 48 16.89 -7.76 -35.70
N VAL C 49 15.82 -7.65 -34.92
CA VAL C 49 14.74 -8.62 -35.02
C VAL C 49 14.06 -8.60 -36.38
N ALA C 50 13.75 -7.40 -36.88
CA ALA C 50 13.16 -7.27 -38.23
C ALA C 50 14.07 -7.87 -39.30
N THR C 51 15.36 -7.59 -39.18
CA THR C 51 16.34 -8.05 -40.17
C THR C 51 16.44 -9.58 -40.16
N LEU C 52 16.52 -10.17 -38.98
CA LEU C 52 16.58 -11.64 -38.86
C LEU C 52 15.33 -12.30 -39.40
N MET C 53 14.17 -11.69 -39.15
CA MET C 53 12.92 -12.20 -39.67
C MET C 53 12.91 -12.23 -41.19
N ILE C 54 13.37 -11.14 -41.79
CA ILE C 54 13.41 -11.03 -43.24
C ILE C 54 14.47 -11.96 -43.85
N GLN C 55 15.62 -12.03 -43.21
CA GLN C 55 16.72 -12.87 -43.68
C GLN C 55 16.27 -14.33 -43.80
N ASN C 56 15.18 -14.66 -43.11
CA ASN C 56 14.65 -16.03 -43.14
C ASN C 56 13.49 -16.16 -44.12
N ALA C 57 12.36 -15.55 -43.79
CA ALA C 57 11.18 -15.60 -44.64
C ALA C 57 11.26 -14.57 -45.76
N GLY C 58 11.07 -13.30 -45.41
CA GLY C 58 11.12 -12.23 -46.38
C GLY C 58 10.12 -11.13 -46.08
N ALA C 59 10.01 -10.18 -46.99
CA ALA C 59 9.07 -9.06 -46.83
C ALA C 59 7.65 -9.49 -47.17
N VAL C 60 7.50 -10.71 -47.66
CA VAL C 60 6.19 -11.24 -48.02
C VAL C 60 5.59 -12.05 -46.88
N SER C 61 6.29 -13.10 -46.46
CA SER C 61 5.84 -13.94 -45.39
C SER C 61 5.96 -13.27 -44.02
N ALA C 62 7.02 -12.49 -43.82
CA ALA C 62 7.22 -11.78 -42.54
C ALA C 62 6.07 -10.81 -42.28
N VAL C 63 5.66 -10.07 -43.31
CA VAL C 63 4.57 -9.12 -43.17
C VAL C 63 3.25 -9.86 -42.90
N MET C 64 3.00 -10.93 -43.65
CA MET C 64 1.80 -11.73 -43.43
C MET C 64 1.73 -12.30 -42.01
N LYS C 65 2.84 -12.82 -41.51
CA LYS C 65 2.85 -13.40 -40.17
C LYS C 65 2.70 -12.31 -39.11
N THR C 66 3.20 -11.11 -39.39
CA THR C 66 3.07 -9.99 -38.46
C THR C 66 1.62 -9.60 -38.36
N ILE C 67 0.97 -9.50 -39.51
CA ILE C 67 -0.45 -9.20 -39.56
C ILE C 67 -1.23 -10.22 -38.72
N ARG C 68 -0.91 -11.49 -38.89
CA ARG C 68 -1.59 -12.57 -38.18
C ARG C 68 -1.39 -12.47 -36.65
N ILE C 69 -0.17 -12.16 -36.22
CA ILE C 69 0.13 -12.02 -34.80
C ILE C 69 -0.60 -10.81 -34.20
N PHE C 70 -0.59 -9.71 -34.94
CA PHE C 70 -1.25 -8.47 -34.49
C PHE C 70 -2.73 -8.73 -34.20
N GLN C 71 -3.29 -9.74 -34.85
CA GLN C 71 -4.70 -10.08 -34.66
C GLN C 71 -4.90 -10.98 -33.44
N LYS C 72 -3.84 -11.70 -33.07
CA LYS C 72 -3.90 -12.60 -31.92
C LYS C 72 -3.75 -11.83 -30.61
N LEU C 73 -2.64 -11.10 -30.49
CA LEU C 73 -2.37 -10.32 -29.29
C LEU C 73 -3.42 -9.23 -29.08
N ASN C 74 -4.66 -9.54 -29.45
CA ASN C 74 -5.75 -8.59 -29.30
C ASN C 74 -5.56 -7.35 -30.17
N TYR C 75 -4.30 -6.94 -30.32
CA TYR C 75 -3.98 -5.76 -31.12
C TYR C 75 -4.74 -5.77 -32.44
N MET C 76 -5.94 -5.19 -32.42
CA MET C 76 -6.78 -5.13 -33.62
C MET C 76 -6.76 -3.73 -34.22
N LEU C 77 -6.68 -2.72 -33.37
CA LEU C 77 -6.65 -1.33 -33.82
C LEU C 77 -5.48 -1.08 -34.76
N LEU C 78 -4.32 -1.66 -34.44
CA LEU C 78 -3.13 -1.50 -35.25
C LEU C 78 -3.08 -2.54 -36.36
N ALA C 79 -3.89 -3.57 -36.24
CA ALA C 79 -3.94 -4.64 -37.24
C ALA C 79 -4.81 -4.21 -38.42
N LYS C 80 -5.93 -3.55 -38.13
CA LYS C 80 -6.78 -3.03 -39.19
C LYS C 80 -6.03 -1.99 -40.02
N ARG C 81 -5.36 -1.08 -39.34
CA ARG C 81 -4.60 -0.04 -40.03
C ARG C 81 -3.50 -0.61 -40.93
N LEU C 82 -2.80 -1.63 -40.44
CA LEU C 82 -1.75 -2.25 -41.25
C LEU C 82 -2.33 -2.93 -42.47
N GLN C 83 -3.47 -3.61 -42.28
CA GLN C 83 -4.17 -4.26 -43.37
C GLN C 83 -4.63 -3.23 -44.42
N GLU C 84 -5.08 -2.07 -43.98
CA GLU C 84 -5.52 -1.04 -44.91
C GLU C 84 -4.32 -0.52 -45.72
N GLU C 85 -3.26 -0.15 -45.03
CA GLU C 85 -2.04 0.33 -45.70
C GLU C 85 -1.48 -0.71 -46.66
N LYS C 86 -1.52 -1.98 -46.27
CA LYS C 86 -1.07 -3.07 -47.14
C LYS C 86 -1.87 -3.07 -48.44
N GLU C 87 -3.19 -3.05 -48.33
CA GLU C 87 -4.05 -3.02 -49.52
C GLU C 87 -3.77 -1.80 -50.40
N LYS C 88 -3.45 -0.68 -49.78
CA LYS C 88 -3.16 0.54 -50.52
C LYS C 88 -1.92 0.38 -51.39
N VAL C 89 -0.90 -0.29 -50.86
CA VAL C 89 0.33 -0.54 -51.60
C VAL C 89 0.11 -1.62 -52.66
N ASP C 90 -0.68 -2.64 -52.33
CA ASP C 90 -1.01 -3.69 -53.29
C ASP C 90 -1.68 -3.12 -54.55
N LYS C 91 -2.57 -2.14 -54.35
CA LYS C 91 -3.28 -1.52 -55.46
C LYS C 91 -2.33 -0.88 -56.44
N GLN C 92 -1.24 -0.31 -55.91
CA GLN C 92 -0.23 0.35 -56.72
C GLN C 92 0.51 -0.61 -57.65
N TYR C 93 0.46 -1.91 -57.34
CA TYR C 93 1.21 -2.89 -58.11
C TYR C 93 0.32 -4.00 -58.69
N LYS C 94 -0.99 -3.79 -58.62
CA LYS C 94 -1.94 -4.77 -59.16
C LYS C 94 -1.97 -4.72 -60.68
N ALA D 1 39.65 -27.56 -4.59
CA ALA D 1 40.47 -26.90 -3.59
C ALA D 1 39.62 -26.21 -2.54
N MET D 2 40.24 -25.87 -1.41
CA MET D 2 39.55 -25.21 -0.33
C MET D 2 38.95 -23.91 -0.84
N GLU D 3 39.66 -23.26 -1.76
CA GLU D 3 39.21 -22.00 -2.33
C GLU D 3 37.89 -22.17 -3.10
N SER D 4 37.86 -23.13 -4.01
CA SER D 4 36.68 -23.36 -4.83
C SER D 4 35.49 -23.71 -3.93
N LYS D 5 35.76 -24.51 -2.91
CA LYS D 5 34.70 -24.93 -1.99
C LYS D 5 34.14 -23.75 -1.20
N TYR D 6 35.02 -22.88 -0.73
CA TYR D 6 34.57 -21.67 -0.04
C TYR D 6 33.69 -20.81 -0.96
N LYS D 7 34.10 -20.69 -2.22
CA LYS D 7 33.33 -19.91 -3.19
C LYS D 7 31.94 -20.49 -3.40
N GLU D 8 31.86 -21.82 -3.52
CA GLU D 8 30.57 -22.51 -3.63
C GLU D 8 29.67 -22.20 -2.43
N ILE D 9 30.23 -22.21 -1.23
CA ILE D 9 29.52 -21.75 -0.02
C ILE D 9 28.97 -20.32 -0.14
N LEU D 10 29.86 -19.41 -0.49
CA LEU D 10 29.50 -18.00 -0.64
C LEU D 10 28.33 -17.85 -1.62
N LEU D 11 28.50 -18.43 -2.80
CA LEU D 11 27.57 -18.20 -3.90
C LEU D 11 26.28 -18.99 -3.76
N LEU D 12 26.39 -20.30 -3.56
CA LEU D 12 25.23 -21.18 -3.57
C LEU D 12 24.45 -21.09 -2.27
N THR D 13 25.16 -21.14 -1.14
CA THR D 13 24.51 -21.10 0.16
C THR D 13 24.23 -19.68 0.63
N GLY D 14 25.08 -18.74 0.23
CA GLY D 14 24.89 -17.34 0.58
C GLY D 14 24.03 -16.56 -0.42
N LEU D 15 24.66 -16.02 -1.45
CA LEU D 15 24.00 -15.08 -2.32
C LEU D 15 22.80 -15.66 -3.08
N ASP D 16 22.87 -16.94 -3.42
CA ASP D 16 21.79 -17.60 -4.14
C ASP D 16 20.56 -17.75 -3.26
N ASN D 17 20.60 -17.13 -2.09
CA ASN D 17 19.48 -17.19 -1.15
C ASN D 17 19.04 -15.81 -0.68
N ILE D 18 19.99 -15.06 -0.14
CA ILE D 18 19.71 -13.71 0.35
C ILE D 18 18.86 -12.92 -0.64
N THR D 19 17.96 -11.71 -0.31
CA THR D 19 17.13 -10.88 -1.16
C THR D 19 17.89 -9.64 -1.64
N ASP D 20 17.15 -8.60 -1.97
CA ASP D 20 17.75 -7.35 -2.45
C ASP D 20 17.69 -6.26 -1.38
N GLU D 21 16.49 -5.73 -1.16
CA GLU D 21 16.29 -4.68 -0.16
C GLU D 21 17.39 -4.74 0.92
N GLU D 22 17.68 -5.95 1.38
CA GLU D 22 18.68 -6.16 2.42
C GLU D 22 20.09 -5.89 1.91
N LEU D 23 20.32 -6.13 0.63
CA LEU D 23 21.60 -5.84 0.03
C LEU D 23 21.86 -4.34 0.05
N ASP D 24 20.82 -3.56 -0.18
CA ASP D 24 20.92 -2.11 -0.09
C ASP D 24 21.34 -1.66 1.30
N ARG D 25 20.80 -2.34 2.32
CA ARG D 25 21.14 -2.06 3.72
C ARG D 25 22.58 -2.47 4.01
N PHE D 26 22.95 -3.63 3.48
CA PHE D 26 24.34 -4.10 3.58
C PHE D 26 25.31 -3.06 3.01
N LYS D 27 25.01 -2.57 1.80
CA LYS D 27 25.82 -1.55 1.17
C LYS D 27 25.93 -0.27 2.03
N GLY D 28 24.86 0.07 2.74
CA GLY D 28 24.83 1.28 3.55
C GLY D 28 25.74 1.19 4.76
N PHE D 29 26.07 -0.02 5.17
CA PHE D 29 26.94 -0.24 6.32
C PHE D 29 28.27 -0.87 5.90
N LEU D 30 28.47 -0.98 4.59
CA LEU D 30 29.70 -1.56 4.06
C LEU D 30 30.88 -0.60 4.24
N SER D 31 31.96 -0.88 3.52
CA SER D 31 33.17 -0.05 3.59
C SER D 31 33.74 -0.04 5.00
N ASP D 32 33.08 -0.73 5.91
CA ASP D 32 33.52 -0.81 7.29
C ASP D 32 34.45 -2.01 7.53
N GLU D 33 34.47 -2.92 6.56
CA GLU D 33 35.29 -4.13 6.66
C GLU D 33 36.32 -4.23 5.54
N PHE D 34 35.99 -3.69 4.37
CA PHE D 34 36.88 -3.80 3.22
C PHE D 34 37.34 -2.44 2.73
N ASN D 35 38.59 -2.35 2.30
CA ASN D 35 39.05 -1.13 1.66
C ASN D 35 38.62 -1.09 0.19
N ILE D 36 37.29 -1.02 0.00
CA ILE D 36 36.66 -0.73 -1.29
C ILE D 36 36.30 0.77 -1.44
N ALA D 37 35.07 1.06 -1.91
CA ALA D 37 34.66 2.46 -2.14
C ALA D 37 33.15 2.73 -2.29
N THR D 38 32.80 3.96 -2.70
CA THR D 38 31.40 4.41 -2.86
C THR D 38 30.93 4.40 -4.32
N GLY D 39 29.97 5.25 -4.70
CA GLY D 39 29.52 5.19 -6.07
C GLY D 39 30.01 3.96 -6.82
N LYS D 40 31.16 3.44 -6.42
CA LYS D 40 31.74 2.28 -7.11
C LYS D 40 30.95 1.01 -6.88
N LEU D 41 30.19 0.97 -5.79
CA LEU D 41 29.53 -0.26 -5.38
C LEU D 41 28.11 -0.35 -5.85
N HIS D 42 27.57 0.79 -6.30
CA HIS D 42 26.12 0.96 -6.37
C HIS D 42 25.43 -0.14 -7.17
N THR D 43 25.93 -0.44 -8.36
CA THR D 43 25.36 -1.47 -9.20
C THR D 43 26.40 -2.50 -9.63
N ALA D 44 26.58 -3.53 -8.82
CA ALA D 44 27.55 -4.58 -9.11
C ALA D 44 26.97 -5.96 -8.87
N ASN D 45 26.65 -6.67 -9.95
CA ASN D 45 26.08 -8.01 -9.86
C ASN D 45 26.78 -8.86 -8.81
N ARG D 46 25.99 -9.55 -8.00
CA ARG D 46 26.54 -10.40 -6.94
C ARG D 46 27.87 -11.04 -7.33
N ILE D 47 27.97 -11.55 -8.56
CA ILE D 47 29.22 -12.17 -8.98
C ILE D 47 30.36 -11.14 -8.98
N GLN D 48 30.09 -9.95 -9.51
CA GLN D 48 31.09 -8.88 -9.53
C GLN D 48 31.50 -8.46 -8.12
N VAL D 49 30.52 -8.31 -7.22
CA VAL D 49 30.82 -7.91 -5.86
C VAL D 49 31.67 -8.95 -5.12
N ALA D 50 31.31 -10.22 -5.24
CA ALA D 50 32.11 -11.29 -4.64
C ALA D 50 33.54 -11.31 -5.18
N THR D 51 33.67 -11.12 -6.49
CA THR D 51 34.97 -11.15 -7.15
C THR D 51 35.85 -9.99 -6.68
N LEU D 52 35.28 -8.80 -6.62
CA LEU D 52 36.03 -7.62 -6.17
C LEU D 52 36.47 -7.76 -4.71
N MET D 53 35.59 -8.33 -3.89
CA MET D 53 35.94 -8.58 -2.49
C MET D 53 37.13 -9.51 -2.36
N ILE D 54 37.11 -10.59 -3.14
CA ILE D 54 38.19 -11.56 -3.10
C ILE D 54 39.49 -11.00 -3.69
N GLN D 55 39.36 -10.26 -4.79
CA GLN D 55 40.51 -9.67 -5.45
C GLN D 55 41.29 -8.77 -4.50
N ASN D 56 40.63 -8.35 -3.42
CA ASN D 56 41.26 -7.49 -2.43
C ASN D 56 41.77 -8.27 -1.22
N ALA D 57 40.84 -8.79 -0.43
CA ALA D 57 41.19 -9.57 0.75
C ALA D 57 41.51 -11.01 0.38
N GLY D 58 40.47 -11.78 0.07
CA GLY D 58 40.64 -13.18 -0.29
C GLY D 58 39.52 -14.05 0.22
N ALA D 59 39.66 -15.36 0.04
CA ALA D 59 38.64 -16.30 0.48
C ALA D 59 38.73 -16.54 1.99
N VAL D 60 39.76 -15.98 2.61
CA VAL D 60 39.96 -16.12 4.05
C VAL D 60 39.35 -14.95 4.81
N SER D 61 39.81 -13.75 4.51
CA SER D 61 39.32 -12.56 5.16
C SER D 61 37.92 -12.17 4.69
N ALA D 62 37.63 -12.37 3.41
CA ALA D 62 36.29 -12.06 2.87
C ALA D 62 35.21 -12.89 3.56
N VAL D 63 35.49 -14.18 3.75
CA VAL D 63 34.53 -15.05 4.41
C VAL D 63 34.36 -14.66 5.87
N MET D 64 35.46 -14.39 6.55
CA MET D 64 35.41 -13.95 7.93
C MET D 64 34.60 -12.66 8.11
N LYS D 65 34.82 -11.70 7.22
CA LYS D 65 34.10 -10.43 7.31
C LYS D 65 32.62 -10.60 6.97
N THR D 66 32.32 -11.55 6.10
CA THR D 66 30.93 -11.83 5.74
C THR D 66 30.21 -12.42 6.93
N ILE D 67 30.86 -13.36 7.58
CA ILE D 67 30.33 -13.95 8.80
C ILE D 67 30.01 -12.87 9.83
N ARG D 68 30.96 -11.95 10.01
CA ARG D 68 30.82 -10.86 10.97
C ARG D 68 29.63 -9.94 10.63
N ILE D 69 29.47 -9.61 9.36
CA ILE D 69 28.37 -8.75 8.92
C ILE D 69 27.03 -9.45 9.10
N PHE D 70 26.97 -10.73 8.75
CA PHE D 70 25.75 -11.52 8.88
C PHE D 70 25.25 -11.52 10.31
N GLN D 71 26.16 -11.30 11.26
CA GLN D 71 25.80 -11.26 12.67
C GLN D 71 25.30 -9.88 13.09
N LYS D 72 25.71 -8.87 12.35
CA LYS D 72 25.30 -7.49 12.65
C LYS D 72 23.90 -7.21 12.11
N LEU D 73 23.72 -7.41 10.81
CA LEU D 73 22.42 -7.18 10.18
C LEU D 73 21.35 -8.12 10.74
N ASN D 74 21.45 -8.40 12.03
CA ASN D 74 20.49 -9.29 12.69
C ASN D 74 20.52 -10.70 12.12
N TYR D 75 20.78 -10.80 10.82
CA TYR D 75 20.84 -12.10 10.15
C TYR D 75 21.64 -13.10 10.97
N MET D 76 20.97 -13.81 11.87
CA MET D 76 21.61 -14.80 12.71
C MET D 76 21.31 -16.21 12.24
N LEU D 77 20.11 -16.41 11.71
CA LEU D 77 19.69 -17.71 11.22
C LEU D 77 20.62 -18.21 10.11
N LEU D 78 21.02 -17.30 9.24
CA LEU D 78 21.90 -17.64 8.12
C LEU D 78 23.36 -17.55 8.55
N ALA D 79 23.61 -16.90 9.68
CA ALA D 79 24.97 -16.74 10.19
C ALA D 79 25.40 -18.00 10.94
N LYS D 80 24.49 -18.58 11.70
CA LYS D 80 24.78 -19.84 12.39
C LYS D 80 25.06 -20.94 11.38
N ARG D 81 24.21 -21.04 10.37
CA ARG D 81 24.39 -22.06 9.33
C ARG D 81 25.71 -21.94 8.61
N LEU D 82 26.11 -20.71 8.28
CA LEU D 82 27.38 -20.49 7.60
C LEU D 82 28.55 -20.90 8.49
N GLN D 83 28.45 -20.54 9.77
CA GLN D 83 29.46 -20.91 10.75
C GLN D 83 29.57 -22.43 10.87
N GLU D 84 28.46 -23.13 10.84
CA GLU D 84 28.48 -24.58 10.95
C GLU D 84 29.16 -25.18 9.71
N GLU D 85 28.73 -24.77 8.53
CA GLU D 85 29.32 -25.26 7.28
C GLU D 85 30.81 -24.95 7.21
N LYS D 86 31.20 -23.76 7.68
CA LYS D 86 32.62 -23.39 7.74
C LYS D 86 33.40 -24.40 8.57
N GLU D 87 32.92 -24.66 9.79
CA GLU D 87 33.58 -25.62 10.67
C GLU D 87 33.67 -27.02 10.03
N LYS D 88 32.65 -27.39 9.27
CA LYS D 88 32.63 -28.69 8.62
C LYS D 88 33.76 -28.81 7.59
N VAL D 89 34.00 -27.74 6.85
CA VAL D 89 35.07 -27.72 5.86
C VAL D 89 36.43 -27.64 6.54
N ASP D 90 36.52 -26.86 7.62
CA ASP D 90 37.77 -26.75 8.39
C ASP D 90 38.23 -28.12 8.90
N LYS D 91 37.28 -28.94 9.36
CA LYS D 91 37.60 -30.27 9.88
C LYS D 91 38.27 -31.13 8.83
N GLN D 92 37.84 -30.96 7.57
CA GLN D 92 38.40 -31.72 6.45
C GLN D 92 39.87 -31.39 6.19
N TYR D 93 40.34 -30.25 6.69
CA TYR D 93 41.71 -29.81 6.42
C TYR D 93 42.52 -29.56 7.69
N LYS D 94 41.98 -30.00 8.83
CA LYS D 94 42.66 -29.84 10.12
C LYS D 94 43.81 -30.83 10.24
N ALA E 1 25.33 31.88 -23.45
CA ALA E 1 24.43 32.22 -24.54
C ALA E 1 22.98 32.15 -24.09
N MET E 2 22.10 32.77 -24.88
CA MET E 2 20.68 32.78 -24.57
C MET E 2 20.19 31.34 -24.46
N GLU E 3 20.74 30.48 -25.30
CA GLU E 3 20.36 29.06 -25.32
C GLU E 3 20.67 28.38 -23.99
N SER E 4 21.91 28.52 -23.52
CA SER E 4 22.32 27.88 -22.28
C SER E 4 21.48 28.39 -21.12
N LYS E 5 21.20 29.69 -21.13
CA LYS E 5 20.41 30.31 -20.08
C LYS E 5 18.98 29.79 -20.08
N TYR E 6 18.38 29.64 -21.25
CA TYR E 6 17.04 29.08 -21.34
C TYR E 6 17.03 27.65 -20.79
N LYS E 7 18.06 26.87 -21.11
CA LYS E 7 18.15 25.49 -20.63
C LYS E 7 18.23 25.44 -19.11
N GLU E 8 19.04 26.33 -18.52
CA GLU E 8 19.12 26.44 -17.07
C GLU E 8 17.76 26.73 -16.44
N ILE E 9 16.99 27.64 -17.04
CA ILE E 9 15.60 27.87 -16.66
C ILE E 9 14.74 26.60 -16.69
N LEU E 10 14.75 25.93 -17.83
CA LEU E 10 13.98 24.71 -18.01
C LEU E 10 14.32 23.70 -16.92
N LEU E 11 15.61 23.42 -16.77
CA LEU E 11 16.06 22.33 -15.92
C LEU E 11 16.03 22.68 -14.43
N LEU E 12 16.62 23.80 -14.05
CA LEU E 12 16.78 24.14 -12.64
C LEU E 12 15.48 24.69 -12.06
N THR E 13 14.86 25.61 -12.78
CA THR E 13 13.62 26.24 -12.30
C THR E 13 12.39 25.40 -12.61
N GLY E 14 12.42 24.68 -13.72
CA GLY E 14 11.32 23.81 -14.11
C GLY E 14 11.41 22.40 -13.54
N LEU E 15 12.10 21.52 -14.24
CA LEU E 15 12.05 20.10 -13.93
C LEU E 15 12.61 19.76 -12.55
N ASP E 16 13.61 20.50 -12.10
CA ASP E 16 14.23 20.27 -10.79
C ASP E 16 13.26 20.61 -9.67
N ASN E 17 12.02 20.90 -10.02
CA ASN E 17 11.00 21.25 -9.04
C ASN E 17 9.74 20.41 -9.20
N ILE E 18 9.17 20.43 -10.40
CA ILE E 18 7.96 19.67 -10.69
C ILE E 18 8.04 18.26 -10.13
N THR E 19 6.86 17.34 -9.80
CA THR E 19 6.80 15.98 -9.28
C THR E 19 6.71 14.97 -10.41
N ASP E 20 6.18 13.79 -10.10
CA ASP E 20 6.02 12.73 -11.09
C ASP E 20 4.58 12.57 -11.53
N GLU E 21 3.75 12.01 -10.64
CA GLU E 21 2.34 11.81 -10.94
C GLU E 21 1.85 12.81 -12.00
N GLU E 22 2.25 14.06 -11.84
CA GLU E 22 1.85 15.12 -12.76
C GLU E 22 2.50 14.95 -14.13
N LEU E 23 3.71 14.40 -14.15
CA LEU E 23 4.39 14.13 -15.40
C LEU E 23 3.61 13.11 -16.21
N ASP E 24 3.05 12.11 -15.52
CA ASP E 24 2.21 11.12 -16.19
C ASP E 24 0.99 11.78 -16.83
N ARG E 25 0.43 12.77 -16.16
CA ARG E 25 -0.73 13.51 -16.68
C ARG E 25 -0.29 14.38 -17.88
N PHE E 26 0.87 15.00 -17.76
CA PHE E 26 1.46 15.75 -18.85
C PHE E 26 1.61 14.88 -20.10
N LYS E 27 2.18 13.68 -19.91
CA LYS E 27 2.35 12.74 -21.01
C LYS E 27 1.00 12.36 -21.65
N GLY E 28 -0.05 12.28 -20.84
CA GLY E 28 -1.36 11.89 -21.35
C GLY E 28 -1.99 12.93 -22.25
N PHE E 29 -1.54 14.17 -22.12
CA PHE E 29 -2.06 15.27 -22.93
C PHE E 29 -1.00 15.80 -23.88
N LEU E 30 0.14 15.13 -23.93
CA LEU E 30 1.24 15.54 -24.80
C LEU E 30 0.92 15.24 -26.27
N SER E 31 1.95 15.26 -27.10
CA SER E 31 1.78 15.00 -28.52
C SER E 31 0.85 16.03 -29.17
N ASP E 32 0.33 16.93 -28.36
CA ASP E 32 -0.57 17.97 -28.85
C ASP E 32 0.18 19.24 -29.26
N GLU E 33 1.45 19.31 -28.87
CA GLU E 33 2.29 20.48 -29.17
C GLU E 33 3.52 20.11 -30.00
N PHE E 34 4.02 18.90 -29.81
CA PHE E 34 5.24 18.49 -30.50
C PHE E 34 4.99 17.30 -31.40
N ASN E 35 5.66 17.27 -32.56
CA ASN E 35 5.61 16.08 -33.41
C ASN E 35 6.60 15.04 -32.90
N ILE E 36 6.32 14.53 -31.69
CA ILE E 36 6.98 13.34 -31.13
C ILE E 36 6.17 12.05 -31.35
N ALA E 37 5.99 11.24 -30.30
CA ALA E 37 5.28 9.96 -30.44
C ALA E 37 4.80 9.27 -29.13
N THR E 38 4.33 8.02 -29.24
CA THR E 38 3.79 7.24 -28.11
C THR E 38 4.80 6.22 -27.57
N GLY E 39 4.34 5.11 -26.98
CA GLY E 39 5.32 4.18 -26.44
C GLY E 39 6.73 4.74 -26.36
N LYS E 40 7.04 5.68 -27.25
CA LYS E 40 8.39 6.25 -27.30
C LYS E 40 8.69 7.13 -26.10
N LEU E 41 7.64 7.65 -25.47
CA LEU E 41 7.80 8.64 -24.42
C LEU E 41 7.81 8.05 -23.04
N HIS E 42 7.37 6.80 -22.94
CA HIS E 42 6.91 6.27 -21.67
C HIS E 42 7.94 6.40 -20.55
N THR E 43 9.18 6.01 -20.82
CA THR E 43 10.24 6.10 -19.83
C THR E 43 11.45 6.86 -20.38
N ALA E 44 11.45 8.17 -20.20
CA ALA E 44 12.54 9.01 -20.68
C ALA E 44 12.95 10.03 -19.63
N ASN E 45 14.09 9.80 -18.99
CA ASN E 45 14.60 10.69 -17.97
C ASN E 45 14.46 12.17 -18.36
N ARG E 46 13.97 12.98 -17.44
CA ARG E 46 13.79 14.42 -17.69
C ARG E 46 14.84 14.98 -18.65
N ILE E 47 16.10 14.61 -18.46
CA ILE E 47 17.14 15.13 -19.35
C ILE E 47 16.91 14.65 -20.78
N GLN E 48 16.58 13.38 -20.94
CA GLN E 48 16.28 12.83 -22.27
C GLN E 48 15.07 13.49 -22.91
N VAL E 49 14.02 13.70 -22.14
CA VAL E 49 12.82 14.32 -22.67
C VAL E 49 13.07 15.77 -23.12
N ALA E 50 13.76 16.55 -22.29
CA ALA E 50 14.13 17.92 -22.67
C ALA E 50 14.97 17.95 -23.94
N THR E 51 15.92 17.03 -24.03
CA THR E 51 16.84 16.98 -25.17
C THR E 51 16.09 16.62 -26.46
N LEU E 52 15.20 15.64 -26.39
CA LEU E 52 14.41 15.24 -27.56
C LEU E 52 13.49 16.37 -28.02
N MET E 53 12.92 17.08 -27.06
CA MET E 53 12.06 18.22 -27.38
C MET E 53 12.84 19.29 -28.14
N ILE E 54 14.04 19.60 -27.66
CA ILE E 54 14.84 20.62 -28.29
C ILE E 54 15.38 20.17 -29.65
N GLN E 55 15.79 18.90 -29.73
CA GLN E 55 16.32 18.34 -30.97
C GLN E 55 15.30 18.46 -32.10
N ASN E 56 14.04 18.66 -31.73
CA ASN E 56 12.97 18.80 -32.72
C ASN E 56 12.62 20.26 -32.98
N ALA E 57 12.01 20.90 -31.98
CA ALA E 57 11.63 22.31 -32.11
C ALA E 57 12.82 23.23 -31.82
N GLY E 58 13.18 23.34 -30.55
CA GLY E 58 14.29 24.18 -30.14
C GLY E 58 14.05 24.86 -28.81
N ALA E 59 14.96 25.75 -28.43
CA ALA E 59 14.84 26.48 -27.17
C ALA E 59 13.82 27.61 -27.28
N VAL E 60 13.32 27.84 -28.49
CA VAL E 60 12.35 28.90 -28.72
C VAL E 60 10.92 28.36 -28.66
N SER E 61 10.63 27.39 -29.52
CA SER E 61 9.31 26.79 -29.57
C SER E 61 9.06 25.85 -28.39
N ALA E 62 10.08 25.13 -27.95
CA ALA E 62 9.94 24.22 -26.80
C ALA E 62 9.55 25.00 -25.53
N VAL E 63 10.20 26.14 -25.32
CA VAL E 63 9.90 26.95 -24.16
C VAL E 63 8.48 27.53 -24.26
N MET E 64 8.13 28.03 -25.42
CA MET E 64 6.79 28.56 -25.65
C MET E 64 5.70 27.50 -25.40
N LYS E 65 5.91 26.29 -25.91
CA LYS E 65 4.93 25.23 -25.73
C LYS E 65 4.86 24.78 -24.28
N THR E 66 5.98 24.86 -23.57
CA THR E 66 6.01 24.49 -22.16
C THR E 66 5.20 25.48 -21.36
N ILE E 67 5.41 26.76 -21.66
CA ILE E 67 4.63 27.82 -21.03
C ILE E 67 3.14 27.57 -21.23
N ARG E 68 2.75 27.25 -22.46
CA ARG E 68 1.36 27.01 -22.82
C ARG E 68 0.76 25.82 -22.04
N ILE E 69 1.53 24.73 -21.93
CA ILE E 69 1.07 23.54 -21.20
C ILE E 69 0.93 23.83 -19.71
N PHE E 70 1.90 24.56 -19.15
CA PHE E 70 1.88 24.91 -17.74
C PHE E 70 0.61 25.67 -17.38
N GLN E 71 0.02 26.32 -18.38
CA GLN E 71 -1.21 27.09 -18.16
C GLN E 71 -2.44 26.21 -18.25
N LYS E 72 -2.31 25.09 -18.97
CA LYS E 72 -3.42 24.16 -19.13
C LYS E 72 -3.57 23.26 -17.91
N LEU E 73 -2.50 22.55 -17.56
CA LEU E 73 -2.53 21.66 -16.41
C LEU E 73 -2.75 22.44 -15.11
N ASN E 74 -3.56 23.48 -15.18
CA ASN E 74 -3.86 24.30 -14.02
C ASN E 74 -2.63 25.00 -13.48
N TYR E 75 -1.48 24.33 -13.57
CA TYR E 75 -0.23 24.88 -13.08
C TYR E 75 -0.07 26.33 -13.50
N MET E 76 -0.58 27.25 -12.68
CA MET E 76 -0.49 28.67 -12.97
C MET E 76 0.58 29.34 -12.12
N LEU E 77 0.74 28.86 -10.89
CA LEU E 77 1.72 29.41 -9.97
C LEU E 77 3.13 29.32 -10.55
N LEU E 78 3.43 28.20 -11.20
CA LEU E 78 4.74 27.99 -11.81
C LEU E 78 4.79 28.55 -13.22
N ALA E 79 3.62 28.84 -13.79
CA ALA E 79 3.53 29.39 -15.13
C ALA E 79 3.77 30.89 -15.11
N LYS E 80 3.23 31.57 -14.10
CA LYS E 80 3.48 33.00 -13.95
C LYS E 80 4.97 33.26 -13.70
N ARG E 81 5.56 32.48 -12.81
CA ARG E 81 6.98 32.64 -12.51
C ARG E 81 7.87 32.42 -13.73
N LEU E 82 7.56 31.41 -14.54
CA LEU E 82 8.33 31.15 -15.74
C LEU E 82 8.22 32.30 -16.73
N GLN E 83 7.00 32.81 -16.87
CA GLN E 83 6.72 33.95 -17.73
C GLN E 83 7.51 35.18 -17.27
N GLU E 84 7.59 35.39 -15.97
CA GLU E 84 8.33 36.54 -15.45
C GLU E 84 9.82 36.39 -15.75
N GLU E 85 10.39 35.23 -15.43
CA GLU E 85 11.81 34.97 -15.69
C GLU E 85 12.13 35.07 -17.18
N LYS E 86 11.22 34.59 -18.03
CA LYS E 86 11.38 34.72 -19.47
C LYS E 86 11.51 36.18 -19.87
N GLU E 87 10.57 37.00 -19.43
CA GLU E 87 10.62 38.43 -19.74
C GLU E 87 11.91 39.09 -19.23
N LYS E 88 12.41 38.63 -18.10
CA LYS E 88 13.64 39.18 -17.54
C LYS E 88 14.84 38.92 -18.45
N VAL E 89 14.89 37.72 -19.04
CA VAL E 89 15.96 37.36 -19.96
C VAL E 89 15.78 38.07 -21.29
N ASP E 90 14.53 38.19 -21.75
CA ASP E 90 14.25 38.91 -22.99
C ASP E 90 14.75 40.35 -22.94
N LYS E 91 14.57 41.01 -21.79
CA LYS E 91 14.98 42.39 -21.61
C LYS E 91 16.49 42.54 -21.82
N GLN E 92 17.24 41.52 -21.41
CA GLN E 92 18.69 41.53 -21.55
C GLN E 92 19.15 41.50 -23.01
N TYR E 93 18.26 41.09 -23.92
CA TYR E 93 18.64 40.94 -25.32
C TYR E 93 17.74 41.75 -26.25
N LYS E 94 16.94 42.65 -25.67
CA LYS E 94 16.06 43.50 -26.47
C LYS E 94 16.84 44.61 -27.16
N ALA F 1 1.78 -27.11 -31.78
CA ALA F 1 2.14 -28.31 -31.02
C ALA F 1 1.41 -28.34 -29.68
N MET F 2 1.39 -29.52 -29.06
CA MET F 2 0.73 -29.68 -27.78
C MET F 2 1.35 -28.71 -26.77
N GLU F 3 2.66 -28.49 -26.90
CA GLU F 3 3.38 -27.59 -26.01
C GLU F 3 2.86 -26.15 -26.11
N SER F 4 2.78 -25.63 -27.33
CA SER F 4 2.34 -24.28 -27.54
C SER F 4 0.92 -24.10 -27.03
N LYS F 5 0.09 -25.11 -27.28
CA LYS F 5 -1.30 -25.07 -26.85
C LYS F 5 -1.43 -25.06 -25.33
N TYR F 6 -0.63 -25.88 -24.66
CA TYR F 6 -0.62 -25.86 -23.20
C TYR F 6 -0.21 -24.48 -22.66
N LYS F 7 0.80 -23.88 -23.30
CA LYS F 7 1.26 -22.55 -22.89
C LYS F 7 0.15 -21.51 -23.03
N GLU F 8 -0.57 -21.56 -24.15
CA GLU F 8 -1.72 -20.67 -24.36
C GLU F 8 -2.75 -20.82 -23.26
N ILE F 9 -3.05 -22.05 -22.87
CA ILE F 9 -3.89 -22.32 -21.68
C ILE F 9 -3.39 -21.66 -20.40
N LEU F 10 -2.12 -21.91 -20.09
CA LEU F 10 -1.50 -21.35 -18.90
C LEU F 10 -1.62 -19.83 -18.89
N LEU F 11 -1.21 -19.22 -19.98
CA LEU F 11 -1.09 -17.76 -20.04
C LEU F 11 -2.42 -17.05 -20.22
N LEU F 12 -3.19 -17.45 -21.23
CA LEU F 12 -4.41 -16.74 -21.59
C LEU F 12 -5.55 -17.10 -20.64
N THR F 13 -5.73 -18.38 -20.37
CA THR F 13 -6.83 -18.82 -19.51
C THR F 13 -6.46 -18.75 -18.03
N GLY F 14 -5.18 -18.95 -17.72
CA GLY F 14 -4.71 -18.85 -16.35
C GLY F 14 -4.29 -17.45 -15.91
N LEU F 15 -3.04 -17.11 -16.17
CA LEU F 15 -2.47 -15.90 -15.60
C LEU F 15 -3.15 -14.61 -16.07
N ASP F 16 -3.63 -14.59 -17.32
CA ASP F 16 -4.31 -13.43 -17.86
C ASP F 16 -5.64 -13.18 -17.18
N ASN F 17 -5.91 -13.94 -16.12
CA ASN F 17 -7.15 -13.82 -15.38
C ASN F 17 -6.92 -13.64 -13.88
N ILE F 18 -6.17 -14.57 -13.29
CA ILE F 18 -5.88 -14.53 -11.87
C ILE F 18 -5.44 -13.13 -11.44
N THR F 19 -5.52 -12.56 -10.01
CA THR F 19 -5.14 -11.26 -9.47
C THR F 19 -3.72 -11.29 -8.93
N ASP F 20 -3.41 -10.39 -8.00
CA ASP F 20 -2.09 -10.31 -7.39
C ASP F 20 -2.10 -10.85 -5.97
N GLU F 21 -2.69 -10.09 -5.05
CA GLU F 21 -2.75 -10.50 -3.65
C GLU F 21 -2.67 -12.03 -3.52
N GLU F 22 -3.40 -12.73 -4.38
CA GLU F 22 -3.44 -14.17 -4.36
C GLU F 22 -2.12 -14.78 -4.82
N LEU F 23 -1.43 -14.09 -5.72
CA LEU F 23 -0.13 -14.54 -6.17
C LEU F 23 0.86 -14.52 -5.00
N ASP F 24 0.75 -13.51 -4.15
CA ASP F 24 1.59 -13.44 -2.95
C ASP F 24 1.34 -14.65 -2.04
N ARG F 25 0.08 -15.07 -1.94
CA ARG F 25 -0.29 -16.24 -1.13
C ARG F 25 0.24 -17.52 -1.79
N PHE F 26 0.12 -17.59 -3.11
CA PHE F 26 0.69 -18.68 -3.87
C PHE F 26 2.18 -18.83 -3.60
N LYS F 27 2.91 -17.72 -3.68
CA LYS F 27 4.34 -17.71 -3.41
C LYS F 27 4.65 -18.20 -1.97
N GLY F 28 3.78 -17.89 -1.03
CA GLY F 28 4.00 -18.26 0.36
C GLY F 28 3.88 -19.76 0.60
N PHE F 29 3.20 -20.44 -0.31
CA PHE F 29 3.02 -21.88 -0.20
C PHE F 29 3.74 -22.62 -1.33
N LEU F 30 4.51 -21.88 -2.12
CA LEU F 30 5.26 -22.46 -3.22
C LEU F 30 6.44 -23.28 -2.73
N SER F 31 7.36 -23.58 -3.63
CA SER F 31 8.54 -24.36 -3.29
C SER F 31 8.17 -25.74 -2.79
N ASP F 32 6.87 -26.01 -2.71
CA ASP F 32 6.37 -27.29 -2.24
C ASP F 32 6.17 -28.28 -3.40
N GLU F 33 6.19 -27.74 -4.62
CA GLU F 33 5.99 -28.56 -5.82
C GLU F 33 7.19 -28.52 -6.75
N PHE F 34 7.90 -27.40 -6.78
CA PHE F 34 9.03 -27.25 -7.69
C PHE F 34 10.33 -27.05 -6.96
N ASN F 35 11.42 -27.61 -7.48
CA ASN F 35 12.73 -27.32 -6.93
C ASN F 35 13.25 -26.00 -7.48
N ILE F 36 12.55 -24.92 -7.09
CA ILE F 36 13.01 -23.53 -7.29
C ILE F 36 13.68 -22.96 -6.02
N ALA F 37 13.32 -21.73 -5.61
CA ALA F 37 13.97 -21.09 -4.45
C ALA F 37 13.23 -19.87 -3.84
N THR F 38 13.91 -19.17 -2.92
CA THR F 38 13.35 -18.02 -2.19
C THR F 38 13.83 -16.67 -2.75
N GLY F 39 13.89 -15.61 -1.94
CA GLY F 39 14.32 -14.34 -2.51
C GLY F 39 14.34 -14.35 -4.03
N LYS F 40 14.57 -15.51 -4.63
CA LYS F 40 14.67 -15.59 -6.09
C LYS F 40 13.32 -15.38 -6.77
N LEU F 41 12.24 -15.61 -6.05
CA LEU F 41 10.92 -15.60 -6.64
C LEU F 41 10.22 -14.28 -6.51
N HIS F 42 10.74 -13.44 -5.62
CA HIS F 42 9.95 -12.33 -5.08
C HIS F 42 9.33 -11.45 -6.15
N THR F 43 10.12 -11.02 -7.12
CA THR F 43 9.63 -10.17 -8.19
C THR F 43 9.96 -10.76 -9.56
N ALA F 44 9.06 -11.58 -10.07
CA ALA F 44 9.25 -12.22 -11.37
C ALA F 44 7.98 -12.16 -12.21
N ASN F 45 7.97 -11.29 -13.21
CA ASN F 45 6.81 -11.14 -14.09
C ASN F 45 6.23 -12.48 -14.50
N ARG F 46 4.91 -12.59 -14.42
CA ARG F 46 4.21 -13.83 -14.78
C ARG F 46 4.92 -14.58 -15.91
N ILE F 47 5.36 -13.88 -16.94
CA ILE F 47 6.02 -14.55 -18.05
C ILE F 47 7.33 -15.21 -17.56
N GLN F 48 8.10 -14.49 -16.76
CA GLN F 48 9.34 -15.03 -16.19
C GLN F 48 9.08 -16.23 -15.30
N VAL F 49 8.06 -16.14 -14.45
CA VAL F 49 7.75 -17.25 -13.55
C VAL F 49 7.32 -18.51 -14.31
N ALA F 50 6.45 -18.35 -15.30
CA ALA F 50 6.03 -19.48 -16.14
C ALA F 50 7.23 -20.12 -16.84
N THR F 51 8.12 -19.27 -17.37
CA THR F 51 9.27 -19.74 -18.12
C THR F 51 10.24 -20.52 -17.22
N LEU F 52 10.51 -19.99 -16.03
CA LEU F 52 11.39 -20.68 -15.08
C LEU F 52 10.81 -22.01 -14.64
N MET F 53 9.49 -22.04 -14.43
CA MET F 53 8.82 -23.29 -14.07
C MET F 53 8.99 -24.35 -15.15
N ILE F 54 8.81 -23.95 -16.39
CA ILE F 54 8.93 -24.89 -17.49
C ILE F 54 10.38 -25.31 -17.73
N GLN F 55 11.30 -24.35 -17.62
CA GLN F 55 12.72 -24.61 -17.81
C GLN F 55 13.21 -25.70 -16.85
N ASN F 56 12.44 -25.92 -15.79
CA ASN F 56 12.78 -26.93 -14.80
C ASN F 56 12.03 -28.25 -15.02
N ALA F 57 10.73 -28.21 -14.77
CA ALA F 57 9.89 -29.40 -14.96
C ALA F 57 9.49 -29.57 -16.42
N GLY F 58 8.57 -28.73 -16.87
CA GLY F 58 8.10 -28.78 -18.24
C GLY F 58 6.62 -28.46 -18.36
N ALA F 59 6.08 -28.62 -19.56
CA ALA F 59 4.66 -28.35 -19.81
C ALA F 59 3.78 -29.49 -19.30
N VAL F 60 4.42 -30.57 -18.86
CA VAL F 60 3.70 -31.73 -18.35
C VAL F 60 3.55 -31.66 -16.83
N SER F 61 4.68 -31.61 -16.13
CA SER F 61 4.67 -31.55 -14.69
C SER F 61 4.25 -30.17 -14.17
N ALA F 62 4.64 -29.11 -14.87
CA ALA F 62 4.25 -27.75 -14.45
C ALA F 62 2.73 -27.59 -14.47
N VAL F 63 2.09 -28.09 -15.52
CA VAL F 63 0.65 -28.00 -15.62
C VAL F 63 -0.03 -28.83 -14.54
N MET F 64 0.46 -30.05 -14.33
CA MET F 64 -0.06 -30.91 -13.28
C MET F 64 0.04 -30.28 -11.90
N LYS F 65 1.19 -29.68 -11.60
CA LYS F 65 1.39 -29.06 -10.29
C LYS F 65 0.52 -27.80 -10.14
N THR F 66 0.28 -27.12 -11.24
CA THR F 66 -0.57 -25.93 -11.23
C THR F 66 -1.99 -26.33 -10.90
N ILE F 67 -2.44 -27.38 -11.56
CA ILE F 67 -3.77 -27.93 -11.29
C ILE F 67 -3.91 -28.27 -9.82
N ARG F 68 -2.90 -28.93 -9.27
CA ARG F 68 -2.90 -29.35 -7.87
C ARG F 68 -2.96 -28.14 -6.91
N ILE F 69 -2.20 -27.10 -7.19
CA ILE F 69 -2.18 -25.89 -6.37
C ILE F 69 -3.54 -25.17 -6.43
N PHE F 70 -4.09 -25.07 -7.64
CA PHE F 70 -5.37 -24.41 -7.85
C PHE F 70 -6.47 -25.05 -6.99
N GLN F 71 -6.26 -26.31 -6.64
CA GLN F 71 -7.23 -27.04 -5.83
C GLN F 71 -7.00 -26.78 -4.33
N LYS F 72 -5.78 -26.42 -3.98
CA LYS F 72 -5.43 -26.14 -2.59
C LYS F 72 -5.88 -24.74 -2.18
N LEU F 73 -5.42 -23.73 -2.92
CA LEU F 73 -5.77 -22.35 -2.62
C LEU F 73 -7.27 -22.11 -2.79
N ASN F 74 -8.06 -23.12 -2.44
CA ASN F 74 -9.51 -23.03 -2.54
C ASN F 74 -9.98 -22.85 -3.99
N TYR F 75 -9.18 -22.14 -4.78
CA TYR F 75 -9.50 -21.90 -6.19
C TYR F 75 -9.99 -23.17 -6.87
N MET F 76 -11.29 -23.43 -6.79
CA MET F 76 -11.87 -24.61 -7.40
C MET F 76 -12.60 -24.26 -8.70
N LEU F 77 -13.20 -23.08 -8.73
CA LEU F 77 -13.92 -22.62 -9.92
C LEU F 77 -13.02 -22.59 -11.14
N LEU F 78 -11.79 -22.12 -10.94
CA LEU F 78 -10.82 -22.03 -12.03
C LEU F 78 -10.06 -23.34 -12.20
N ALA F 79 -10.15 -24.21 -11.21
CA ALA F 79 -9.47 -25.50 -11.24
C ALA F 79 -10.29 -26.50 -12.05
N LYS F 80 -11.61 -26.47 -11.88
CA LYS F 80 -12.49 -27.32 -12.67
C LYS F 80 -12.38 -26.98 -14.15
N ARG F 81 -12.44 -25.69 -14.46
CA ARG F 81 -12.34 -25.24 -15.84
C ARG F 81 -11.03 -25.66 -16.50
N LEU F 82 -9.93 -25.53 -15.77
CA LEU F 82 -8.63 -25.93 -16.32
C LEU F 82 -8.59 -27.43 -16.58
N GLN F 83 -9.13 -28.20 -15.65
CA GLN F 83 -9.22 -29.64 -15.80
C GLN F 83 -10.06 -30.02 -17.01
N GLU F 84 -11.14 -29.31 -17.25
CA GLU F 84 -11.99 -29.60 -18.40
C GLU F 84 -11.24 -29.30 -19.70
N GLU F 85 -10.65 -28.12 -19.79
CA GLU F 85 -9.87 -27.74 -20.98
C GLU F 85 -8.71 -28.70 -21.23
N LYS F 86 -8.06 -29.15 -20.15
CA LYS F 86 -6.99 -30.13 -20.25
C LYS F 86 -7.50 -31.39 -20.92
N GLU F 87 -8.59 -31.94 -20.40
CA GLU F 87 -9.17 -33.15 -20.98
C GLU F 87 -9.55 -32.98 -22.45
N LYS F 88 -10.00 -31.78 -22.80
CA LYS F 88 -10.39 -31.49 -24.18
C LYS F 88 -9.20 -31.59 -25.13
N VAL F 89 -8.04 -31.10 -24.67
CA VAL F 89 -6.82 -31.17 -25.47
C VAL F 89 -6.27 -32.59 -25.50
N ASP F 90 -6.36 -33.29 -24.36
CA ASP F 90 -5.92 -34.69 -24.29
C ASP F 90 -6.66 -35.56 -25.32
N LYS F 91 -7.96 -35.32 -25.47
CA LYS F 91 -8.78 -36.09 -26.41
C LYS F 91 -8.27 -35.96 -27.83
N GLN F 92 -7.76 -34.77 -28.16
CA GLN F 92 -7.24 -34.49 -29.49
C GLN F 92 -5.98 -35.31 -29.81
N TYR F 93 -5.32 -35.82 -28.78
CA TYR F 93 -4.05 -36.53 -28.99
C TYR F 93 -4.09 -37.95 -28.41
N LYS F 94 -5.28 -38.42 -28.05
CA LYS F 94 -5.44 -39.77 -27.52
C LYS F 94 -5.32 -40.81 -28.63
N ALA G 1 35.03 4.77 12.84
CA ALA G 1 35.22 6.21 12.91
C ALA G 1 34.00 6.90 13.51
N MET G 2 34.19 8.15 13.95
CA MET G 2 33.12 8.91 14.54
C MET G 2 31.97 9.00 13.54
N GLU G 3 32.31 9.10 12.26
CA GLU G 3 31.32 9.21 11.20
C GLU G 3 30.43 7.96 11.14
N SER G 4 31.04 6.78 11.08
CA SER G 4 30.30 5.55 10.98
C SER G 4 29.40 5.38 12.19
N LYS G 5 29.93 5.75 13.36
CA LYS G 5 29.18 5.62 14.61
C LYS G 5 27.97 6.54 14.63
N TYR G 6 28.15 7.77 14.16
CA TYR G 6 27.02 8.70 14.06
C TYR G 6 25.95 8.14 13.13
N LYS G 7 26.38 7.56 12.01
CA LYS G 7 25.43 6.98 11.05
C LYS G 7 24.64 5.84 11.68
N GLU G 8 25.31 4.97 12.43
CA GLU G 8 24.64 3.89 13.16
C GLU G 8 23.58 4.44 14.11
N ILE G 9 23.90 5.51 14.84
CA ILE G 9 22.90 6.24 15.64
C ILE G 9 21.68 6.70 14.84
N LEU G 10 21.94 7.41 13.75
CA LEU G 10 20.89 7.93 12.90
C LEU G 10 19.97 6.80 12.44
N LEU G 11 20.58 5.76 11.88
CA LEU G 11 19.82 4.70 11.21
C LEU G 11 19.19 3.72 12.19
N LEU G 12 19.97 3.18 13.11
CA LEU G 12 19.49 2.11 13.98
C LEU G 12 18.63 2.67 15.11
N THR G 13 19.12 3.73 15.76
CA THR G 13 18.39 4.32 16.88
C THR G 13 17.32 5.30 16.43
N GLY G 14 17.55 5.98 15.31
CA GLY G 14 16.58 6.91 14.76
C GLY G 14 15.56 6.27 13.81
N LEU G 15 15.92 6.18 12.54
CA LEU G 15 14.96 5.81 11.52
C LEU G 15 14.39 4.39 11.68
N ASP G 16 15.19 3.47 12.19
CA ASP G 16 14.76 2.10 12.40
C ASP G 16 13.72 2.01 13.51
N ASN G 17 13.25 3.16 13.97
CA ASN G 17 12.25 3.22 15.03
C ASN G 17 11.07 4.11 14.66
N ILE G 18 11.37 5.36 14.29
CA ILE G 18 10.33 6.30 13.92
C ILE G 18 9.32 5.67 12.96
N THR G 19 7.88 6.15 12.73
CA THR G 19 6.83 5.65 11.84
C THR G 19 6.84 6.38 10.51
N ASP G 20 5.69 6.39 9.84
CA ASP G 20 5.56 7.07 8.55
C ASP G 20 4.77 8.36 8.68
N GLU G 21 3.46 8.24 8.87
CA GLU G 21 2.60 9.40 9.01
C GLU G 21 3.39 10.63 9.51
N GLU G 22 4.24 10.40 10.50
CA GLU G 22 5.04 11.46 11.09
C GLU G 22 6.12 11.95 10.13
N LEU G 23 6.61 11.05 9.29
CA LEU G 23 7.59 11.43 8.28
C LEU G 23 6.97 12.41 7.29
N ASP G 24 5.71 12.19 6.96
CA ASP G 24 4.98 13.13 6.09
C ASP G 24 4.90 14.51 6.72
N ARG G 25 4.71 14.56 8.04
CA ARG G 25 4.64 15.82 8.78
C ARG G 25 6.02 16.47 8.81
N PHE G 26 7.05 15.65 9.04
CA PHE G 26 8.43 16.12 8.97
C PHE G 26 8.73 16.79 7.64
N LYS G 27 8.35 16.11 6.54
CA LYS G 27 8.55 16.65 5.20
C LYS G 27 7.82 18.00 5.01
N GLY G 28 6.66 18.14 5.65
CA GLY G 28 5.87 19.36 5.51
C GLY G 28 6.51 20.56 6.16
N PHE G 29 7.40 20.31 7.11
CA PHE G 29 8.10 21.39 7.82
C PHE G 29 9.58 21.39 7.51
N LEU G 30 9.99 20.55 6.55
CA LEU G 30 11.39 20.45 6.15
C LEU G 30 11.81 21.67 5.35
N SER G 31 12.94 21.56 4.66
CA SER G 31 13.46 22.64 3.85
C SER G 31 13.76 23.88 4.69
N ASP G 32 13.47 23.78 6.00
CA ASP G 32 13.71 24.88 6.92
C ASP G 32 15.11 24.81 7.55
N GLU G 33 15.76 23.66 7.39
CA GLU G 33 17.09 23.44 7.97
C GLU G 33 18.13 23.12 6.89
N PHE G 34 17.70 22.48 5.81
CA PHE G 34 18.65 22.08 4.77
C PHE G 34 18.34 22.73 3.44
N ASN G 35 19.37 23.09 2.70
CA ASN G 35 19.16 23.57 1.34
C ASN G 35 18.96 22.40 0.38
N ILE G 36 17.86 21.67 0.59
CA ILE G 36 17.34 20.67 -0.35
C ILE G 36 16.23 21.23 -1.26
N ALA G 37 15.12 20.50 -1.42
CA ALA G 37 14.04 20.94 -2.33
C ALA G 37 12.66 20.25 -2.15
N THR G 38 11.74 20.50 -3.09
CA THR G 38 10.36 19.98 -3.07
C THR G 38 10.17 18.77 -3.99
N GLY G 39 8.96 18.54 -4.50
CA GLY G 39 8.79 17.35 -5.33
C GLY G 39 9.96 16.40 -5.27
N LYS G 40 11.16 16.93 -5.00
CA LYS G 40 12.36 16.10 -4.97
C LYS G 40 12.38 15.14 -3.78
N LEU G 41 11.64 15.49 -2.74
CA LEU G 41 11.72 14.77 -1.48
C LEU G 41 10.66 13.71 -1.35
N HIS G 42 9.64 13.79 -2.20
CA HIS G 42 8.37 13.14 -1.93
C HIS G 42 8.50 11.65 -1.62
N THR G 43 9.25 10.93 -2.46
CA THR G 43 9.44 9.50 -2.27
C THR G 43 10.92 9.14 -2.27
N ALA G 44 11.54 9.19 -1.10
CA ALA G 44 12.95 8.87 -0.95
C ALA G 44 13.19 7.97 0.25
N ASN G 45 13.46 6.69 -0.01
CA ASN G 45 13.73 5.72 1.04
C ASN G 45 14.64 6.28 2.12
N ARG G 46 14.27 6.07 3.38
CA ARG G 46 15.06 6.55 4.51
C ARG G 46 16.55 6.57 4.22
N ILE G 47 17.07 5.51 3.61
CA ILE G 47 18.49 5.48 3.31
C ILE G 47 18.88 6.60 2.33
N GLN G 48 18.06 6.78 1.29
CA GLN G 48 18.29 7.86 0.32
C GLN G 48 18.20 9.24 0.97
N VAL G 49 17.21 9.46 1.82
CA VAL G 49 17.07 10.75 2.48
C VAL G 49 18.26 11.07 3.40
N ALA G 50 18.67 10.09 4.21
CA ALA G 50 19.85 10.28 5.08
C ALA G 50 21.10 10.60 4.25
N THR G 51 21.27 9.89 3.15
CA THR G 51 22.44 10.04 2.30
C THR G 51 22.47 11.43 1.66
N LEU G 52 21.33 11.88 1.13
CA LEU G 52 21.24 13.20 0.52
C LEU G 52 21.50 14.31 1.55
N MET G 53 20.98 14.13 2.75
CA MET G 53 21.23 15.08 3.82
C MET G 53 22.71 15.22 4.14
N ILE G 54 23.39 14.08 4.22
CA ILE G 54 24.81 14.09 4.54
C ILE G 54 25.64 14.63 3.37
N GLN G 55 25.27 14.24 2.15
CA GLN G 55 25.98 14.68 0.96
C GLN G 55 26.00 16.21 0.87
N ASN G 56 25.09 16.85 1.60
CA ASN G 56 25.01 18.31 1.60
C ASN G 56 25.71 18.92 2.81
N ALA G 57 25.13 18.71 3.99
CA ALA G 57 25.70 19.24 5.22
C ALA G 57 26.81 18.33 5.74
N GLY G 58 26.42 17.18 6.30
CA GLY G 58 27.37 16.24 6.84
C GLY G 58 26.86 15.54 8.09
N ALA G 59 27.72 14.75 8.72
CA ALA G 59 27.35 14.03 9.93
C ALA G 59 27.36 14.95 11.15
N VAL G 60 27.82 16.19 10.95
CA VAL G 60 27.87 17.16 12.03
C VAL G 60 26.63 18.04 12.05
N SER G 61 26.39 18.74 10.95
CA SER G 61 25.25 19.62 10.84
C SER G 61 23.94 18.85 10.67
N ALA G 62 23.97 17.73 9.95
CA ALA G 62 22.76 16.90 9.77
C ALA G 62 22.25 16.38 11.10
N VAL G 63 23.16 15.91 11.95
CA VAL G 63 22.78 15.39 13.26
C VAL G 63 22.23 16.53 14.13
N MET G 64 22.90 17.66 14.13
CA MET G 64 22.44 18.81 14.89
C MET G 64 21.04 19.26 14.47
N LYS G 65 20.80 19.33 13.16
CA LYS G 65 19.50 19.75 12.65
C LYS G 65 18.42 18.72 12.96
N THR G 66 18.80 17.45 13.00
CA THR G 66 17.86 16.37 13.33
C THR G 66 17.43 16.50 14.77
N ILE G 67 18.42 16.73 15.63
CA ILE G 67 18.15 16.96 17.05
C ILE G 67 17.16 18.11 17.22
N ARG G 68 17.40 19.20 16.51
CA ARG G 68 16.57 20.39 16.58
C ARG G 68 15.12 20.11 16.12
N ILE G 69 14.97 19.36 15.03
CA ILE G 69 13.64 19.02 14.52
C ILE G 69 12.90 18.10 15.48
N PHE G 70 13.61 17.12 16.04
CA PHE G 70 13.02 16.18 16.97
C PHE G 70 12.42 16.90 18.18
N GLN G 71 12.93 18.09 18.45
CA GLN G 71 12.43 18.89 19.58
C GLN G 71 11.21 19.71 19.18
N LYS G 72 11.08 19.99 17.89
CA LYS G 72 9.96 20.76 17.38
C LYS G 72 8.71 19.89 17.24
N LEU G 73 8.83 18.81 16.47
CA LEU G 73 7.72 17.89 16.26
C LEU G 73 7.28 17.23 17.56
N ASN G 74 7.36 17.98 18.65
CA ASN G 74 6.97 17.47 19.96
C ASN G 74 7.86 16.30 20.41
N TYR G 75 8.28 15.49 19.45
CA TYR G 75 9.13 14.34 19.73
C TYR G 75 10.25 14.71 20.71
N MET G 76 9.96 14.59 22.00
CA MET G 76 10.94 14.92 23.03
C MET G 76 11.53 13.65 23.64
N LEU G 77 10.71 12.61 23.74
CA LEU G 77 11.15 11.35 24.31
C LEU G 77 12.33 10.76 23.54
N LEU G 78 12.26 10.88 22.21
CA LEU G 78 13.33 10.37 21.35
C LEU G 78 14.43 11.41 21.16
N ALA G 79 14.12 12.65 21.52
CA ALA G 79 15.09 13.73 21.38
C ALA G 79 16.05 13.74 22.57
N LYS G 80 15.52 13.48 23.76
CA LYS G 80 16.37 13.38 24.95
C LYS G 80 17.34 12.21 24.80
N ARG G 81 16.82 11.07 24.38
CA ARG G 81 17.66 9.89 24.20
C ARG G 81 18.77 10.10 23.19
N LEU G 82 18.47 10.77 22.08
CA LEU G 82 19.48 11.04 21.07
C LEU G 82 20.55 11.98 21.62
N GLN G 83 20.11 12.98 22.36
CA GLN G 83 21.03 13.93 23.00
C GLN G 83 21.94 13.21 23.99
N GLU G 84 21.41 12.25 24.74
CA GLU G 84 22.22 11.51 25.70
C GLU G 84 23.27 10.67 24.96
N GLU G 85 22.83 9.90 23.97
CA GLU G 85 23.75 9.07 23.19
C GLU G 85 24.82 9.92 22.49
N LYS G 86 24.43 11.09 21.99
CA LYS G 86 25.37 12.02 21.39
C LYS G 86 26.47 12.39 22.38
N GLU G 87 26.07 12.83 23.57
CA GLU G 87 27.04 13.19 24.59
C GLU G 87 27.96 12.03 24.97
N LYS G 88 27.42 10.82 24.95
CA LYS G 88 28.21 9.63 25.27
C LYS G 88 29.33 9.42 24.27
N VAL G 89 29.03 9.64 22.99
CA VAL G 89 30.03 9.50 21.94
C VAL G 89 31.02 10.67 21.98
N ASP G 90 30.53 11.86 22.26
CA ASP G 90 31.40 13.04 22.38
C ASP G 90 32.48 12.83 23.46
N LYS G 91 32.08 12.23 24.58
CA LYS G 91 33.01 11.98 25.69
C LYS G 91 34.17 11.11 25.24
N GLN G 92 33.88 10.16 24.34
CA GLN G 92 34.90 9.25 23.84
C GLN G 92 35.97 9.96 23.00
N TYR G 93 35.67 11.16 22.52
CA TYR G 93 36.59 11.88 21.64
C TYR G 93 36.96 13.27 22.18
N LYS G 94 36.60 13.53 23.44
CA LYS G 94 36.92 14.81 24.07
C LYS G 94 38.40 14.89 24.42
N ALA H 1 -7.58 18.30 -32.69
CA ALA H 1 -8.40 17.34 -33.43
C ALA H 1 -9.61 16.91 -32.62
N MET H 2 -10.59 16.32 -33.29
CA MET H 2 -11.80 15.87 -32.63
C MET H 2 -11.42 14.87 -31.54
N GLU H 3 -10.39 14.07 -31.79
CA GLU H 3 -9.93 13.08 -30.84
C GLU H 3 -9.44 13.72 -29.55
N SER H 4 -8.55 14.70 -29.66
CA SER H 4 -8.00 15.36 -28.49
C SER H 4 -9.10 16.03 -27.69
N LYS H 5 -10.04 16.63 -28.40
CA LYS H 5 -11.16 17.32 -27.76
C LYS H 5 -12.05 16.35 -27.00
N TYR H 6 -12.33 15.20 -27.60
CA TYR H 6 -13.12 14.17 -26.91
C TYR H 6 -12.40 13.72 -25.63
N LYS H 7 -11.08 13.54 -25.72
CA LYS H 7 -10.30 13.12 -24.56
C LYS H 7 -10.37 14.16 -23.43
N GLU H 8 -10.26 15.44 -23.79
CA GLU H 8 -10.41 16.52 -22.81
C GLU H 8 -11.77 16.45 -22.11
N ILE H 9 -12.84 16.20 -22.86
CA ILE H 9 -14.16 15.94 -22.29
C ILE H 9 -14.17 14.78 -21.28
N LEU H 10 -13.65 13.65 -21.72
CA LEU H 10 -13.60 12.46 -20.87
C LEU H 10 -12.88 12.76 -19.56
N LEU H 11 -11.68 13.31 -19.68
CA LEU H 11 -10.80 13.49 -18.54
C LEU H 11 -11.18 14.65 -17.64
N LEU H 12 -11.35 15.83 -18.23
CA LEU H 12 -11.56 17.04 -17.44
C LEU H 12 -13.00 17.14 -16.95
N THR H 13 -13.96 16.88 -17.85
CA THR H 13 -15.37 16.98 -17.49
C THR H 13 -15.89 15.71 -16.83
N GLY H 14 -15.34 14.57 -17.23
CA GLY H 14 -15.73 13.29 -16.65
C GLY H 14 -14.95 12.91 -15.40
N LEU H 15 -13.81 12.26 -15.61
CA LEU H 15 -13.09 11.63 -14.50
C LEU H 15 -12.59 12.63 -13.44
N ASP H 16 -12.23 13.83 -13.88
CA ASP H 16 -11.74 14.86 -12.97
C ASP H 16 -12.85 15.36 -12.05
N ASN H 17 -14.00 14.70 -12.10
CA ASN H 17 -15.14 15.07 -11.28
C ASN H 17 -15.71 13.89 -10.50
N ILE H 18 -16.05 12.82 -11.23
CA ILE H 18 -16.60 11.62 -10.60
C ILE H 18 -15.80 11.22 -9.36
N THR H 19 -16.32 10.36 -8.19
CA THR H 19 -15.67 9.91 -6.97
C THR H 19 -15.06 8.52 -7.16
N ASP H 20 -14.89 7.80 -6.06
CA ASP H 20 -14.32 6.46 -6.10
C ASP H 20 -15.38 5.40 -5.88
N GLU H 21 -15.85 5.28 -4.64
CA GLU H 21 -16.87 4.30 -4.31
C GLU H 21 -17.70 3.92 -5.54
N GLU H 22 -18.08 4.93 -6.30
CA GLU H 22 -18.91 4.73 -7.50
C GLU H 22 -18.12 4.04 -8.60
N LEU H 23 -16.82 4.28 -8.64
CA LEU H 23 -15.97 3.60 -9.62
C LEU H 23 -15.94 2.11 -9.35
N ASP H 24 -15.94 1.74 -8.07
CA ASP H 24 -16.02 0.33 -7.70
C ASP H 24 -17.31 -0.31 -8.21
N ARG H 25 -18.41 0.45 -8.14
CA ARG H 25 -19.71 -0.02 -8.61
C ARG H 25 -19.69 -0.13 -10.15
N PHE H 26 -19.10 0.87 -10.79
CA PHE H 26 -18.90 0.83 -12.24
C PHE H 26 -18.16 -0.43 -12.66
N LYS H 27 -17.05 -0.72 -11.99
CA LYS H 27 -16.27 -1.91 -12.27
C LYS H 27 -17.10 -3.20 -12.10
N GLY H 28 -18.01 -3.20 -11.14
CA GLY H 28 -18.83 -4.37 -10.86
C GLY H 28 -19.82 -4.68 -11.96
N PHE H 29 -20.14 -3.66 -12.76
CA PHE H 29 -21.09 -3.83 -13.85
C PHE H 29 -20.41 -3.65 -15.20
N LEU H 30 -19.09 -3.54 -15.18
CA LEU H 30 -18.31 -3.36 -16.41
C LEU H 30 -18.25 -4.66 -17.20
N SER H 31 -17.32 -4.73 -18.15
CA SER H 31 -17.15 -5.91 -18.98
C SER H 31 -18.42 -6.20 -19.79
N ASP H 32 -19.45 -5.38 -19.59
CA ASP H 32 -20.71 -5.54 -20.29
C ASP H 32 -20.74 -4.73 -21.60
N GLU H 33 -19.77 -3.82 -21.75
CA GLU H 33 -19.69 -2.98 -22.93
C GLU H 33 -18.39 -3.15 -23.69
N PHE H 34 -17.32 -3.48 -22.98
CA PHE H 34 -16.01 -3.60 -23.62
C PHE H 34 -15.46 -5.00 -23.48
N ASN H 35 -14.77 -5.49 -24.52
CA ASN H 35 -14.06 -6.75 -24.40
C ASN H 35 -12.72 -6.54 -23.70
N ILE H 36 -12.80 -6.16 -22.42
CA ILE H 36 -11.66 -6.14 -21.49
C ILE H 36 -11.59 -7.42 -20.61
N ALA H 37 -11.39 -7.27 -19.30
CA ALA H 37 -11.27 -8.44 -18.40
C ALA H 37 -11.43 -8.17 -16.89
N THR H 38 -11.11 -9.18 -16.07
CA THR H 38 -11.25 -9.13 -14.60
C THR H 38 -9.91 -8.88 -13.89
N GLY H 39 -9.75 -9.33 -12.64
CA GLY H 39 -8.48 -9.04 -11.98
C GLY H 39 -7.64 -8.01 -12.71
N LYS H 40 -7.79 -7.92 -14.03
CA LYS H 40 -6.99 -6.99 -14.81
C LYS H 40 -7.37 -5.53 -14.56
N LEU H 41 -8.59 -5.32 -14.09
CA LEU H 41 -9.13 -3.97 -13.98
C LEU H 41 -8.94 -3.37 -12.60
N HIS H 42 -8.63 -4.24 -11.64
CA HIS H 42 -8.84 -3.91 -10.23
C HIS H 42 -8.20 -2.59 -9.81
N THR H 43 -6.93 -2.41 -10.15
CA THR H 43 -6.20 -1.20 -9.80
C THR H 43 -5.56 -0.56 -11.03
N ALA H 44 -6.31 0.31 -11.70
CA ALA H 44 -5.83 0.99 -12.89
C ALA H 44 -6.16 2.47 -12.87
N ASN H 45 -5.16 3.30 -12.61
CA ASN H 45 -5.35 4.75 -12.55
C ASN H 45 -6.23 5.26 -13.70
N ARG H 46 -7.19 6.12 -13.35
CA ARG H 46 -8.10 6.67 -14.36
C ARG H 46 -7.45 6.85 -15.72
N ILE H 47 -6.22 7.36 -15.74
CA ILE H 47 -5.54 7.57 -17.02
C ILE H 47 -5.31 6.22 -17.73
N GLN H 48 -4.86 5.22 -16.97
CA GLN H 48 -4.66 3.87 -17.52
C GLN H 48 -5.96 3.26 -18.03
N VAL H 49 -7.03 3.40 -17.26
CA VAL H 49 -8.32 2.84 -17.66
C VAL H 49 -8.84 3.48 -18.94
N ALA H 50 -8.80 4.81 -19.02
CA ALA H 50 -9.22 5.52 -20.23
C ALA H 50 -8.40 5.08 -21.44
N THR H 51 -7.10 4.94 -21.25
CA THR H 51 -6.18 4.58 -22.33
C THR H 51 -6.46 3.17 -22.84
N LEU H 52 -6.65 2.22 -21.92
CA LEU H 52 -6.95 0.84 -22.30
C LEU H 52 -8.29 0.75 -23.03
N MET H 53 -9.27 1.52 -22.58
CA MET H 53 -10.57 1.55 -23.24
C MET H 53 -10.45 2.03 -24.69
N ILE H 54 -9.67 3.09 -24.89
CA ILE H 54 -9.49 3.64 -26.22
C ILE H 54 -8.64 2.72 -27.11
N GLN H 55 -7.60 2.14 -26.53
CA GLN H 55 -6.73 1.24 -27.26
C GLN H 55 -7.51 0.07 -27.85
N ASN H 56 -8.70 -0.17 -27.32
CA ASN H 56 -9.55 -1.25 -27.79
C ASN H 56 -10.62 -0.76 -28.76
N ALA H 57 -11.58 0.00 -28.24
CA ALA H 57 -12.66 0.53 -29.06
C ALA H 57 -12.22 1.81 -29.77
N GLY H 58 -12.12 2.91 -29.01
CA GLY H 58 -11.72 4.17 -29.57
C GLY H 58 -12.44 5.34 -28.92
N ALA H 59 -12.23 6.54 -29.47
CA ALA H 59 -12.86 7.74 -28.94
C ALA H 59 -14.31 7.84 -29.39
N VAL H 60 -14.72 6.93 -30.26
CA VAL H 60 -16.08 6.91 -30.78
C VAL H 60 -16.97 5.97 -29.96
N SER H 61 -16.59 4.70 -29.93
CA SER H 61 -17.34 3.70 -29.19
C SER H 61 -17.15 3.84 -27.68
N ALA H 62 -15.95 4.21 -27.24
CA ALA H 62 -15.71 4.38 -25.80
C ALA H 62 -16.59 5.49 -25.23
N VAL H 63 -16.71 6.59 -25.94
CA VAL H 63 -17.54 7.70 -25.50
C VAL H 63 -19.02 7.29 -25.48
N MET H 64 -19.46 6.62 -26.54
CA MET H 64 -20.83 6.15 -26.60
C MET H 64 -21.17 5.19 -25.46
N LYS H 65 -20.27 4.27 -25.17
CA LYS H 65 -20.52 3.31 -24.08
C LYS H 65 -20.49 3.99 -22.73
N THR H 66 -19.68 5.04 -22.59
CA THR H 66 -19.61 5.79 -21.34
C THR H 66 -20.91 6.51 -21.11
N ILE H 67 -21.41 7.13 -22.16
CA ILE H 67 -22.71 7.80 -22.10
C ILE H 67 -23.79 6.81 -21.65
N ARG H 68 -23.78 5.63 -22.24
CA ARG H 68 -24.76 4.60 -21.92
C ARG H 68 -24.69 4.14 -20.45
N ILE H 69 -23.46 3.96 -19.94
CA ILE H 69 -23.27 3.55 -18.56
C ILE H 69 -23.71 4.64 -17.59
N PHE H 70 -23.36 5.89 -17.92
CA PHE H 70 -23.74 7.03 -17.08
C PHE H 70 -25.25 7.11 -16.90
N GLN H 71 -25.99 6.54 -17.83
CA GLN H 71 -27.44 6.55 -17.77
C GLN H 71 -27.98 5.39 -16.92
N LYS H 72 -27.17 4.33 -16.81
CA LYS H 72 -27.55 3.16 -16.03
C LYS H 72 -27.32 3.40 -14.54
N LEU H 73 -26.08 3.73 -14.19
CA LEU H 73 -25.73 3.98 -12.80
C LEU H 73 -26.48 5.18 -12.24
N ASN H 74 -27.72 5.34 -12.67
CA ASN H 74 -28.56 6.45 -12.23
C ASN H 74 -27.99 7.81 -12.62
N TYR H 75 -26.66 7.90 -12.63
CA TYR H 75 -25.98 9.14 -13.00
C TYR H 75 -26.60 9.77 -14.24
N MET H 76 -27.62 10.60 -14.03
CA MET H 76 -28.30 11.26 -15.13
C MET H 76 -27.88 12.72 -15.24
N LEU H 77 -27.62 13.34 -14.09
CA LEU H 77 -27.21 14.74 -14.05
C LEU H 77 -25.93 14.97 -14.86
N LEU H 78 -24.99 14.03 -14.75
CA LEU H 78 -23.73 14.12 -15.46
C LEU H 78 -23.84 13.52 -16.86
N ALA H 79 -24.90 12.76 -17.09
CA ALA H 79 -25.14 12.13 -18.39
C ALA H 79 -25.76 13.12 -19.35
N LYS H 80 -26.70 13.93 -18.86
CA LYS H 80 -27.30 14.97 -19.68
C LYS H 80 -26.24 15.98 -20.13
N ARG H 81 -25.42 16.41 -19.18
CA ARG H 81 -24.37 17.38 -19.49
C ARG H 81 -23.38 16.86 -20.52
N LEU H 82 -23.00 15.59 -20.41
CA LEU H 82 -22.07 15.00 -21.38
C LEU H 82 -22.70 14.94 -22.76
N GLN H 83 -23.97 14.56 -22.80
CA GLN H 83 -24.73 14.51 -24.03
C GLN H 83 -24.82 15.90 -24.69
N GLU H 84 -25.01 16.93 -23.89
CA GLU H 84 -25.09 18.29 -24.41
C GLU H 84 -23.73 18.70 -25.00
N GLU H 85 -22.67 18.53 -24.24
CA GLU H 85 -21.32 18.86 -24.71
C GLU H 85 -20.95 18.08 -25.96
N LYS H 86 -21.34 16.81 -26.02
CA LYS H 86 -21.12 15.99 -27.20
C LYS H 86 -21.77 16.62 -28.42
N GLU H 87 -23.05 16.95 -28.31
CA GLU H 87 -23.76 17.57 -29.42
C GLU H 87 -23.12 18.90 -29.84
N LYS H 88 -22.58 19.64 -28.89
CA LYS H 88 -21.93 20.91 -29.18
C LYS H 88 -20.70 20.71 -30.06
N VAL H 89 -19.92 19.66 -29.78
CA VAL H 89 -18.74 19.34 -30.56
C VAL H 89 -19.13 18.77 -31.92
N ASP H 90 -20.18 17.94 -31.95
CA ASP H 90 -20.68 17.39 -33.20
C ASP H 90 -21.07 18.49 -34.20
N LYS H 91 -21.71 19.54 -33.69
CA LYS H 91 -22.14 20.66 -34.53
C LYS H 91 -20.96 21.31 -35.23
N GLN H 92 -19.82 21.36 -34.54
CA GLN H 92 -18.61 21.96 -35.10
C GLN H 92 -18.06 21.18 -36.29
N TYR H 93 -18.46 19.92 -36.44
CA TYR H 93 -17.91 19.07 -37.50
C TYR H 93 -19.00 18.48 -38.40
N LYS H 94 -20.22 19.01 -38.28
CA LYS H 94 -21.34 18.55 -39.09
C LYS H 94 -21.22 19.09 -40.51
N ALA I 1 7.47 -31.27 4.58
CA ALA I 1 8.33 -31.27 5.74
C ALA I 1 7.59 -30.75 6.98
N MET I 2 8.15 -31.02 8.15
CA MET I 2 7.54 -30.59 9.40
C MET I 2 7.39 -29.07 9.37
N GLU I 3 8.36 -28.40 8.75
CA GLU I 3 8.33 -26.94 8.65
C GLU I 3 7.11 -26.45 7.87
N SER I 4 6.92 -26.99 6.67
CA SER I 4 5.82 -26.57 5.83
C SER I 4 4.49 -26.82 6.52
N LYS I 5 4.41 -27.97 7.20
CA LYS I 5 3.18 -28.34 7.91
C LYS I 5 2.88 -27.39 9.06
N TYR I 6 3.92 -27.01 9.82
CA TYR I 6 3.73 -26.04 10.88
C TYR I 6 3.24 -24.71 10.32
N LYS I 7 3.80 -24.29 9.19
CA LYS I 7 3.40 -23.04 8.55
C LYS I 7 1.92 -23.08 8.14
N GLU I 8 1.49 -24.20 7.56
CA GLU I 8 0.09 -24.38 7.21
C GLU I 8 -0.82 -24.25 8.43
N ILE I 9 -0.43 -24.84 9.55
CA ILE I 9 -1.11 -24.62 10.85
C ILE I 9 -1.22 -23.14 11.24
N LEU I 10 -0.09 -22.46 11.24
CA LEU I 10 -0.03 -21.06 11.59
C LEU I 10 -0.98 -20.25 10.73
N LEU I 11 -0.86 -20.41 9.42
CA LEU I 11 -1.56 -19.56 8.46
C LEU I 11 -3.03 -19.93 8.30
N LEU I 12 -3.31 -21.20 8.04
CA LEU I 12 -4.66 -21.63 7.70
C LEU I 12 -5.52 -21.76 8.95
N THR I 13 -4.98 -22.40 9.98
CA THR I 13 -5.74 -22.61 11.21
C THR I 13 -5.66 -21.41 12.15
N GLY I 14 -4.54 -20.70 12.13
CA GLY I 14 -4.37 -19.50 12.94
C GLY I 14 -4.87 -18.22 12.29
N LEU I 15 -4.01 -17.58 11.51
CA LEU I 15 -4.28 -16.24 11.03
C LEU I 15 -5.50 -16.15 10.10
N ASP I 16 -5.75 -17.20 9.33
CA ASP I 16 -6.89 -17.22 8.42
C ASP I 16 -8.20 -17.29 9.17
N ASN I 17 -8.13 -17.14 10.50
CA ASN I 17 -9.32 -17.18 11.34
C ASN I 17 -9.40 -15.98 12.27
N ILE I 18 -8.34 -15.76 13.05
CA ILE I 18 -8.30 -14.64 13.99
C ILE I 18 -8.78 -13.36 13.33
N THR I 19 -9.34 -12.12 14.06
CA THR I 19 -9.81 -10.84 13.56
C THR I 19 -8.69 -9.81 13.55
N ASP I 20 -9.07 -8.53 13.61
CA ASP I 20 -8.10 -7.44 13.61
C ASP I 20 -7.98 -6.81 14.99
N GLU I 21 -9.00 -6.06 15.38
CA GLU I 21 -9.01 -5.39 16.69
C GLU I 21 -8.10 -6.13 17.68
N GLU I 22 -8.20 -7.45 17.68
CA GLU I 22 -7.43 -8.29 18.59
C GLU I 22 -5.95 -8.29 18.22
N LEU I 23 -5.66 -8.15 16.94
CA LEU I 23 -4.27 -8.07 16.49
C LEU I 23 -3.63 -6.81 17.04
N ASP I 24 -4.39 -5.73 17.09
CA ASP I 24 -3.89 -4.49 17.69
C ASP I 24 -3.52 -4.69 19.16
N ARG I 25 -4.34 -5.48 19.87
CA ARG I 25 -4.09 -5.78 21.28
C ARG I 25 -2.86 -6.70 21.40
N PHE I 26 -2.76 -7.66 20.51
CA PHE I 26 -1.58 -8.52 20.44
C PHE I 26 -0.31 -7.69 20.28
N LYS I 27 -0.32 -6.75 19.33
CA LYS I 27 0.81 -5.87 19.10
C LYS I 27 1.16 -5.06 20.35
N GLY I 28 0.16 -4.67 21.13
CA GLY I 28 0.37 -3.86 22.32
C GLY I 28 1.09 -4.61 23.43
N PHE I 29 1.02 -5.94 23.38
CA PHE I 29 1.66 -6.78 24.38
C PHE I 29 2.80 -7.58 23.79
N LEU I 30 3.12 -7.31 22.52
CA LEU I 30 4.19 -8.02 21.82
C LEU I 30 5.56 -7.56 22.33
N SER I 31 6.60 -7.89 21.57
CA SER I 31 7.96 -7.53 21.94
C SER I 31 8.36 -8.17 23.26
N ASP I 32 7.43 -8.90 23.87
CA ASP I 32 7.68 -9.56 25.14
C ASP I 32 8.21 -11.00 24.94
N GLU I 33 8.08 -11.49 23.71
CA GLU I 33 8.53 -12.85 23.38
C GLU I 33 9.61 -12.87 22.29
N PHE I 34 9.56 -11.89 21.40
CA PHE I 34 10.51 -11.87 20.29
C PHE I 34 11.38 -10.63 20.31
N ASN I 35 12.64 -10.76 19.95
CA ASN I 35 13.50 -9.59 19.78
C ASN I 35 13.26 -8.95 18.43
N ILE I 36 12.04 -8.42 18.26
CA ILE I 36 11.66 -7.53 17.15
C ILE I 36 11.73 -6.04 17.54
N ALA I 37 10.71 -5.25 17.21
CA ALA I 37 10.72 -3.80 17.49
C ALA I 37 9.37 -3.06 17.43
N THR I 38 9.42 -1.72 17.48
CA THR I 38 8.23 -0.85 17.48
C THR I 38 7.94 -0.23 16.12
N GLY I 39 7.29 0.94 16.05
CA GLY I 39 7.00 1.50 14.74
C GLY I 39 7.21 0.50 13.61
N LYS I 40 8.12 -0.45 13.80
CA LYS I 40 8.44 -1.42 12.75
C LYS I 40 7.30 -2.40 12.52
N LEU I 41 6.45 -2.57 13.51
CA LEU I 41 5.43 -3.61 13.47
C LEU I 41 4.10 -3.12 12.98
N HIS I 42 3.94 -1.80 12.96
CA HIS I 42 2.62 -1.19 12.94
C HIS I 42 1.74 -1.69 11.80
N THR I 43 2.28 -1.71 10.59
CA THR I 43 1.54 -2.17 9.42
C THR I 43 2.30 -3.26 8.67
N ALA I 44 2.10 -4.50 9.06
CA ALA I 44 2.77 -5.64 8.43
C ALA I 44 1.79 -6.78 8.16
N ASN I 45 1.42 -6.95 6.89
CA ASN I 45 0.50 -8.00 6.50
C ASN I 45 0.81 -9.33 7.18
N ARG I 46 -0.22 -9.98 7.70
CA ARG I 46 -0.05 -11.27 8.38
C ARG I 46 1.08 -12.10 7.81
N ILE I 47 1.18 -12.17 6.48
CA ILE I 47 2.25 -12.96 5.86
C ILE I 47 3.62 -12.38 6.24
N GLN I 48 3.75 -11.06 6.16
CA GLN I 48 4.99 -10.38 6.54
C GLN I 48 5.34 -10.60 8.00
N VAL I 49 4.35 -10.48 8.88
CA VAL I 49 4.61 -10.68 10.31
C VAL I 49 5.05 -12.09 10.63
N ALA I 50 4.36 -13.10 10.06
CA ALA I 50 4.77 -14.49 10.25
C ALA I 50 6.18 -14.74 9.76
N THR I 51 6.51 -14.18 8.60
CA THR I 51 7.81 -14.38 7.97
C THR I 51 8.92 -13.76 8.83
N LEU I 52 8.70 -12.53 9.30
CA LEU I 52 9.68 -11.86 10.15
C LEU I 52 9.91 -12.62 11.46
N MET I 53 8.83 -13.13 12.03
CA MET I 53 8.92 -13.93 13.24
C MET I 53 9.79 -15.16 13.04
N ILE I 54 9.57 -15.85 11.94
CA ILE I 54 10.32 -17.06 11.64
C ILE I 54 11.78 -16.74 11.28
N GLN I 55 11.98 -15.67 10.52
CA GLN I 55 13.32 -15.27 10.12
C GLN I 55 14.21 -15.01 11.33
N ASN I 56 13.57 -14.81 12.49
CA ASN I 56 14.31 -14.56 13.72
C ASN I 56 14.45 -15.81 14.57
N ALA I 57 13.32 -16.28 15.13
CA ALA I 57 13.32 -17.47 15.97
C ALA I 57 13.26 -18.73 15.11
N GLY I 58 12.09 -19.01 14.54
CA GLY I 58 11.91 -20.17 13.70
C GLY I 58 10.53 -20.79 13.86
N ALA I 59 10.32 -21.94 13.23
CA ALA I 59 9.05 -22.64 13.31
C ALA I 59 8.90 -23.38 14.63
N VAL I 60 9.96 -23.40 15.42
CA VAL I 60 9.96 -24.07 16.71
C VAL I 60 9.61 -23.10 17.84
N SER I 61 10.42 -22.06 17.98
CA SER I 61 10.21 -21.07 19.01
C SER I 61 9.03 -20.13 18.70
N ALA I 62 8.83 -19.81 17.42
CA ALA I 62 7.71 -18.95 17.03
C ALA I 62 6.38 -19.61 17.37
N VAL I 63 6.26 -20.90 17.09
CA VAL I 63 5.03 -21.63 17.39
C VAL I 63 4.81 -21.71 18.90
N MET I 64 5.87 -22.02 19.63
CA MET I 64 5.78 -22.07 21.09
C MET I 64 5.34 -20.75 21.70
N LYS I 65 5.93 -19.65 21.21
CA LYS I 65 5.58 -18.34 21.74
C LYS I 65 4.15 -17.93 21.36
N THR I 66 3.70 -18.40 20.20
CA THR I 66 2.33 -18.12 19.75
C THR I 66 1.35 -18.83 20.66
N ILE I 67 1.65 -20.08 20.94
CA ILE I 67 0.84 -20.87 21.87
C ILE I 67 0.73 -20.14 23.20
N ARG I 68 1.86 -19.67 23.71
CA ARG I 68 1.92 -18.98 25.00
C ARG I 68 1.07 -17.68 25.00
N ILE I 69 1.16 -16.92 23.92
CA ILE I 69 0.39 -15.67 23.80
C ILE I 69 -1.11 -15.96 23.72
N PHE I 70 -1.47 -16.97 22.94
CA PHE I 70 -2.87 -17.35 22.77
C PHE I 70 -3.51 -17.69 24.11
N GLN I 71 -2.69 -18.07 25.08
CA GLN I 71 -3.18 -18.42 26.40
C GLN I 71 -3.32 -17.18 27.28
N LYS I 72 -2.56 -16.14 26.96
CA LYS I 72 -2.60 -14.90 27.71
C LYS I 72 -3.81 -14.05 27.31
N LEU I 73 -3.90 -13.73 26.02
CA LEU I 73 -4.99 -12.93 25.51
C LEU I 73 -6.34 -13.63 25.69
N ASN I 74 -6.47 -14.36 26.80
CA ASN I 74 -7.70 -15.08 27.09
C ASN I 74 -7.99 -16.16 26.06
N TYR I 75 -7.63 -15.89 24.81
CA TYR I 75 -7.86 -16.84 23.73
C TYR I 75 -7.46 -18.26 24.14
N MET I 76 -8.39 -18.99 24.73
CA MET I 76 -8.15 -20.35 25.17
C MET I 76 -8.77 -21.36 24.21
N LEU I 77 -9.92 -21.01 23.66
CA LEU I 77 -10.63 -21.88 22.72
C LEU I 77 -9.76 -22.23 21.52
N LEU I 78 -9.02 -21.23 21.02
CA LEU I 78 -8.16 -21.43 19.88
C LEU I 78 -6.78 -21.93 20.31
N ALA I 79 -6.49 -21.80 21.60
CA ALA I 79 -5.21 -22.23 22.14
C ALA I 79 -5.22 -23.73 22.39
N LYS I 80 -6.34 -24.25 22.90
CA LYS I 80 -6.49 -25.68 23.11
C LYS I 80 -6.41 -26.41 21.76
N ARG I 81 -7.13 -25.91 20.78
CA ARG I 81 -7.14 -26.52 19.45
C ARG I 81 -5.75 -26.56 18.82
N LEU I 82 -5.00 -25.47 18.96
CA LEU I 82 -3.64 -25.42 18.41
C LEU I 82 -2.74 -26.43 19.09
N GLN I 83 -2.88 -26.52 20.41
CA GLN I 83 -2.12 -27.48 21.21
C GLN I 83 -2.46 -28.91 20.79
N GLU I 84 -3.70 -29.20 20.51
CA GLU I 84 -4.10 -30.53 20.09
C GLU I 84 -3.49 -30.85 18.72
N GLU I 85 -3.64 -29.96 17.76
CA GLU I 85 -3.08 -30.15 16.42
C GLU I 85 -1.56 -30.30 16.48
N LYS I 86 -0.90 -29.51 17.34
CA LYS I 86 0.54 -29.62 17.53
C LYS I 86 0.90 -31.03 17.96
N GLU I 87 0.25 -31.53 19.01
CA GLU I 87 0.52 -32.89 19.49
C GLU I 87 0.29 -33.94 18.40
N LYS I 88 -0.71 -33.71 17.55
CA LYS I 88 -1.01 -34.65 16.48
C LYS I 88 0.15 -34.76 15.49
N VAL I 89 0.76 -33.61 15.17
CA VAL I 89 1.90 -33.58 14.26
C VAL I 89 3.15 -34.15 14.93
N ASP I 90 3.32 -33.84 16.22
CA ASP I 90 4.45 -34.37 16.98
C ASP I 90 4.46 -35.90 16.98
N LYS I 91 3.28 -36.51 17.11
CA LYS I 91 3.16 -37.96 17.13
C LYS I 91 3.67 -38.58 15.84
N GLN I 92 3.45 -37.88 14.73
CA GLN I 92 3.90 -38.34 13.42
C GLN I 92 5.43 -38.40 13.30
N TYR I 93 6.13 -37.70 14.18
CA TYR I 93 7.59 -37.62 14.07
C TYR I 93 8.29 -38.06 15.36
N LYS I 94 7.53 -38.67 16.27
CA LYS I 94 8.08 -39.16 17.52
C LYS I 94 8.90 -40.43 17.30
N ALA J 1 11.25 32.51 6.47
CA ALA J 1 10.55 33.45 5.59
C ALA J 1 9.10 33.64 6.03
N MET J 2 8.47 34.70 5.53
CA MET J 2 7.10 35.00 5.86
C MET J 2 6.23 33.81 5.47
N GLU J 3 6.60 33.16 4.37
CA GLU J 3 5.86 32.00 3.88
C GLU J 3 5.86 30.85 4.87
N SER J 4 7.06 30.47 5.33
CA SER J 4 7.19 29.37 6.26
C SER J 4 6.43 29.66 7.54
N LYS J 5 6.52 30.91 7.99
CA LYS J 5 5.85 31.33 9.21
C LYS J 5 4.32 31.26 9.08
N TYR J 6 3.81 31.70 7.94
CA TYR J 6 2.37 31.58 7.69
C TYR J 6 1.93 30.12 7.72
N LYS J 7 2.74 29.25 7.11
CA LYS J 7 2.43 27.82 7.09
C LYS J 7 2.38 27.24 8.50
N GLU J 8 3.35 27.61 9.34
CA GLU J 8 3.36 27.19 10.74
C GLU J 8 2.07 27.62 11.46
N ILE J 9 1.63 28.86 11.23
CA ILE J 9 0.32 29.32 11.70
C ILE J 9 -0.85 28.43 11.26
N LEU J 10 -0.93 28.19 9.96
CA LEU J 10 -1.98 27.38 9.38
C LEU J 10 -2.01 26.00 10.04
N LEU J 11 -0.85 25.35 10.06
CA LEU J 11 -0.78 23.95 10.48
C LEU J 11 -0.83 23.77 11.98
N LEU J 12 0.02 24.48 12.71
CA LEU J 12 0.16 24.27 14.15
C LEU J 12 -0.98 24.92 14.92
N THR J 13 -1.28 26.17 14.58
CA THR J 13 -2.33 26.91 15.28
C THR J 13 -3.73 26.61 14.73
N GLY J 14 -3.80 26.33 13.43
CA GLY J 14 -5.07 25.98 12.80
C GLY J 14 -5.41 24.50 12.84
N LEU J 15 -4.93 23.76 11.86
CA LEU J 15 -5.37 22.38 11.66
C LEU J 15 -5.03 21.45 12.83
N ASP J 16 -3.90 21.69 13.48
CA ASP J 16 -3.46 20.87 14.61
C ASP J 16 -4.38 21.07 15.82
N ASN J 17 -5.47 21.79 15.61
CA ASN J 17 -6.43 22.05 16.67
C ASN J 17 -7.86 21.71 16.27
N ILE J 18 -8.31 22.29 15.16
CA ILE J 18 -9.65 22.04 14.66
C ILE J 18 -10.00 20.55 14.68
N THR J 19 -11.40 19.94 14.72
CA THR J 19 -11.86 18.56 14.74
C THR J 19 -12.13 18.05 13.33
N ASP J 20 -13.00 17.04 13.23
CA ASP J 20 -13.34 16.47 11.94
C ASP J 20 -14.75 16.88 11.51
N GLU J 21 -15.76 16.31 12.17
CA GLU J 21 -17.15 16.61 11.85
C GLU J 21 -17.27 18.00 11.21
N GLU J 22 -16.56 18.97 11.78
CA GLU J 22 -16.59 20.34 11.29
C GLU J 22 -15.91 20.47 9.94
N LEU J 23 -14.90 19.65 9.71
CA LEU J 23 -14.22 19.65 8.41
C LEU J 23 -15.19 19.21 7.33
N ASP J 24 -16.04 18.24 7.63
CA ASP J 24 -17.07 17.80 6.69
C ASP J 24 -18.01 18.96 6.35
N ARG J 25 -18.34 19.78 7.33
CA ARG J 25 -19.21 20.94 7.12
C ARG J 25 -18.48 22.00 6.30
N PHE J 26 -17.20 22.20 6.60
CA PHE J 26 -16.36 23.08 5.81
C PHE J 26 -16.35 22.68 4.34
N LYS J 27 -16.14 21.39 4.09
CA LYS J 27 -16.16 20.86 2.72
C LYS J 27 -17.50 21.12 2.02
N GLY J 28 -18.59 21.06 2.78
CA GLY J 28 -19.92 21.24 2.22
C GLY J 28 -20.19 22.66 1.74
N PHE J 29 -19.42 23.60 2.28
CA PHE J 29 -19.56 25.01 1.92
C PHE J 29 -18.33 25.52 1.18
N LEU J 30 -17.41 24.61 0.88
CA LEU J 30 -16.19 24.97 0.17
C LEU J 30 -16.47 25.29 -1.30
N SER J 31 -15.42 25.30 -2.11
CA SER J 31 -15.54 25.60 -3.53
C SER J 31 -16.11 26.99 -3.76
N ASP J 32 -16.43 27.69 -2.67
CA ASP J 32 -16.98 29.04 -2.75
C ASP J 32 -15.89 30.11 -2.71
N GLU J 33 -14.68 29.69 -2.35
CA GLU J 33 -13.54 30.60 -2.25
C GLU J 33 -12.40 30.21 -3.19
N PHE J 34 -12.24 28.92 -3.44
CA PHE J 34 -11.14 28.45 -4.26
C PHE J 34 -11.63 27.75 -5.51
N ASN J 35 -10.92 27.94 -6.63
CA ASN J 35 -11.22 27.18 -7.82
C ASN J 35 -10.59 25.79 -7.74
N ILE J 36 -11.08 25.00 -6.79
CA ILE J 36 -10.80 23.56 -6.67
C ILE J 36 -11.92 22.69 -7.31
N ALA J 37 -12.38 21.65 -6.60
CA ALA J 37 -13.40 20.74 -7.16
C ALA J 37 -14.14 19.82 -6.15
N THR J 38 -14.91 18.86 -6.67
CA THR J 38 -15.72 17.93 -5.87
C THR J 38 -15.07 16.54 -5.74
N GLY J 39 -15.86 15.47 -5.56
CA GLY J 39 -15.21 14.18 -5.40
C GLY J 39 -13.71 14.27 -5.17
N LYS J 40 -13.09 15.32 -5.70
CA LYS J 40 -11.63 15.48 -5.58
C LYS J 40 -11.20 15.79 -4.15
N LEU J 41 -12.12 16.33 -3.36
CA LEU J 41 -11.77 16.82 -2.03
C LEU J 41 -12.02 15.82 -0.94
N HIS J 42 -12.79 14.79 -1.27
CA HIS J 42 -13.46 14.00 -0.24
C HIS J 42 -12.52 13.46 0.82
N THR J 43 -11.42 12.86 0.40
CA THR J 43 -10.45 12.30 1.33
C THR J 43 -9.04 12.83 1.04
N ALA J 44 -8.70 13.96 1.67
CA ALA J 44 -7.40 14.57 1.48
C ALA J 44 -6.80 15.02 2.81
N ASN J 45 -5.81 14.28 3.30
CA ASN J 45 -5.16 14.60 4.57
C ASN J 45 -4.87 16.09 4.69
N ARG J 46 -5.18 16.64 5.86
CA ARG J 46 -4.95 18.07 6.12
C ARG J 46 -3.73 18.61 5.39
N ILE J 47 -2.63 17.87 5.41
CA ILE J 47 -1.42 18.33 4.74
C ILE J 47 -1.67 18.47 3.23
N GLN J 48 -2.32 17.46 2.64
CA GLN J 48 -2.66 17.49 1.22
C GLN J 48 -3.59 18.66 0.87
N VAL J 49 -4.60 18.87 1.70
CA VAL J 49 -5.56 19.95 1.45
C VAL J 49 -4.89 21.33 1.52
N ALA J 50 -4.07 21.55 2.55
CA ALA J 50 -3.33 22.81 2.66
C ALA J 50 -2.42 23.04 1.46
N THR J 51 -1.75 21.98 1.03
CA THR J 51 -0.79 22.06 -0.08
C THR J 51 -1.51 22.40 -1.38
N LEU J 52 -2.63 21.73 -1.65
CA LEU J 52 -3.41 21.99 -2.86
C LEU J 52 -3.96 23.41 -2.88
N MET J 53 -4.39 23.88 -1.72
CA MET J 53 -4.89 25.26 -1.60
C MET J 53 -3.81 26.26 -1.96
N ILE J 54 -2.60 26.04 -1.44
CA ILE J 54 -1.50 26.95 -1.69
C ILE J 54 -1.00 26.85 -3.14
N GLN J 55 -0.95 25.62 -3.67
CA GLN J 55 -0.51 25.40 -5.03
C GLN J 55 -1.36 26.17 -6.02
N ASN J 56 -2.56 26.58 -5.58
CA ASN J 56 -3.48 27.33 -6.42
C ASN J 56 -3.40 28.83 -6.16
N ALA J 57 -3.87 29.24 -4.98
CA ALA J 57 -3.85 30.66 -4.61
C ALA J 57 -2.49 31.05 -4.05
N GLY J 58 -2.20 30.62 -2.83
CA GLY J 58 -0.94 30.93 -2.19
C GLY J 58 -1.10 31.16 -0.70
N ALA J 59 -0.01 31.58 -0.05
CA ALA J 59 -0.02 31.84 1.38
C ALA J 59 -0.68 33.17 1.71
N VAL J 60 -1.01 33.93 0.66
CA VAL J 60 -1.64 35.23 0.83
C VAL J 60 -3.16 35.11 0.74
N SER J 61 -3.65 34.62 -0.41
CA SER J 61 -5.07 34.46 -0.62
C SER J 61 -5.65 33.29 0.17
N ALA J 62 -4.89 32.21 0.31
CA ALA J 62 -5.36 31.04 1.08
C ALA J 62 -5.62 31.42 2.54
N VAL J 63 -4.70 32.19 3.12
CA VAL J 63 -4.86 32.61 4.51
C VAL J 63 -6.06 33.56 4.65
N MET J 64 -6.17 34.50 3.73
CA MET J 64 -7.30 35.43 3.74
C MET J 64 -8.64 34.69 3.63
N LYS J 65 -8.73 33.72 2.74
CA LYS J 65 -9.97 32.97 2.55
C LYS J 65 -10.27 32.09 3.76
N THR J 66 -9.22 31.62 4.43
CA THR J 66 -9.39 30.79 5.62
C THR J 66 -9.97 31.64 6.74
N ILE J 67 -9.40 32.83 6.89
CA ILE J 67 -9.90 33.79 7.87
C ILE J 67 -11.40 34.06 7.63
N ARG J 68 -11.76 34.28 6.38
CA ARG J 68 -13.14 34.57 6.00
C ARG J 68 -14.08 33.40 6.32
N ILE J 69 -13.65 32.18 6.04
CA ILE J 69 -14.46 30.99 6.31
C ILE J 69 -14.63 30.79 7.82
N PHE J 70 -13.55 30.98 8.57
CA PHE J 70 -13.58 30.82 10.02
C PHE J 70 -14.61 31.74 10.65
N GLN J 71 -14.93 32.82 9.96
CA GLN J 71 -15.91 33.79 10.46
C GLN J 71 -17.33 33.36 10.10
N LYS J 72 -17.46 32.57 9.04
CA LYS J 72 -18.76 32.09 8.58
C LYS J 72 -19.24 30.92 9.42
N LEU J 73 -18.43 29.87 9.48
CA LEU J 73 -18.77 28.67 10.25
C LEU J 73 -18.87 28.99 11.74
N ASN J 74 -19.37 30.18 12.06
CA ASN J 74 -19.53 30.61 13.44
C ASN J 74 -18.19 30.71 14.16
N TYR J 75 -17.26 29.82 13.81
CA TYR J 75 -15.95 29.80 14.43
C TYR J 75 -15.36 31.21 14.53
N MET J 76 -15.68 31.89 15.63
CA MET J 76 -15.19 33.24 15.86
C MET J 76 -14.04 33.26 16.86
N LEU J 77 -14.11 32.36 17.84
CA LEU J 77 -13.08 32.28 18.86
C LEU J 77 -11.71 32.00 18.25
N LEU J 78 -11.67 31.13 17.25
CA LEU J 78 -10.43 30.78 16.57
C LEU J 78 -10.13 31.76 15.44
N ALA J 79 -11.13 32.52 15.04
CA ALA J 79 -10.98 33.51 13.97
C ALA J 79 -10.33 34.77 14.50
N LYS J 80 -10.74 35.20 15.70
CA LYS J 80 -10.13 36.36 16.34
C LYS J 80 -8.65 36.10 16.61
N ARG J 81 -8.36 34.93 17.16
CA ARG J 81 -6.98 34.57 17.47
C ARG J 81 -6.09 34.55 16.23
N LEU J 82 -6.60 34.01 15.13
CA LEU J 82 -5.84 33.96 13.89
C LEU J 82 -5.57 35.37 13.36
N GLN J 83 -6.60 36.21 13.44
CA GLN J 83 -6.49 37.60 13.03
C GLN J 83 -5.44 38.34 13.87
N GLU J 84 -5.40 38.06 15.15
CA GLU J 84 -4.41 38.71 16.03
C GLU J 84 -3.00 38.26 15.65
N GLU J 85 -2.80 36.95 15.55
CA GLU J 85 -1.49 36.41 15.17
C GLU J 85 -1.05 36.93 13.80
N LYS J 86 -1.98 37.03 12.86
CA LYS J 86 -1.70 37.59 11.54
C LYS J 86 -1.13 39.00 11.67
N GLU J 87 -1.85 39.85 12.39
CA GLU J 87 -1.39 41.23 12.59
C GLU J 87 -0.01 41.30 13.26
N LYS J 88 0.26 40.35 14.16
CA LYS J 88 1.55 40.32 14.84
C LYS J 88 2.69 40.06 13.86
N VAL J 89 2.46 39.17 12.91
CA VAL J 89 3.46 38.86 11.88
C VAL J 89 3.58 40.00 10.88
N ASP J 90 2.45 40.60 10.53
CA ASP J 90 2.45 41.75 9.62
C ASP J 90 3.32 42.90 10.15
N LYS J 91 3.24 43.15 11.46
CA LYS J 91 4.00 44.21 12.10
C LYS J 91 5.49 44.00 11.92
N GLN J 92 5.91 42.74 11.93
CA GLN J 92 7.31 42.39 11.77
C GLN J 92 7.86 42.74 10.37
N TYR J 93 6.96 42.92 9.41
CA TYR J 93 7.38 43.15 8.03
C TYR J 93 6.81 44.45 7.45
N LYS J 94 6.25 45.28 8.33
CA LYS J 94 5.68 46.56 7.91
C LYS J 94 6.78 47.57 7.61
N ALA K 1 -26.16 -11.44 -20.56
CA ALA K 1 -26.24 -12.86 -20.25
C ALA K 1 -27.07 -13.11 -19.00
N MET K 2 -27.49 -14.35 -18.82
CA MET K 2 -28.29 -14.72 -17.67
C MET K 2 -27.51 -14.38 -16.40
N GLU K 3 -26.19 -14.53 -16.46
CA GLU K 3 -25.33 -14.25 -15.32
C GLU K 3 -25.40 -12.78 -14.91
N SER K 4 -25.20 -11.89 -15.89
CA SER K 4 -25.21 -10.46 -15.61
C SER K 4 -26.55 -10.04 -15.06
N LYS K 5 -27.61 -10.61 -15.62
CA LYS K 5 -28.97 -10.29 -15.19
C LYS K 5 -29.23 -10.73 -13.76
N TYR K 6 -28.77 -11.93 -13.41
CA TYR K 6 -28.90 -12.40 -12.04
C TYR K 6 -28.16 -11.48 -11.07
N LYS K 7 -26.97 -11.04 -11.47
CA LYS K 7 -26.18 -10.13 -10.64
C LYS K 7 -26.91 -8.80 -10.42
N GLU K 8 -27.51 -8.26 -11.47
CA GLU K 8 -28.31 -7.04 -11.35
C GLU K 8 -29.45 -7.22 -10.35
N ILE K 9 -30.14 -8.36 -10.41
CA ILE K 9 -31.12 -8.73 -9.37
C ILE K 9 -30.57 -8.72 -7.95
N LEU K 10 -29.47 -9.42 -7.75
CA LEU K 10 -28.84 -9.52 -6.45
C LEU K 10 -28.51 -8.12 -5.92
N LEU K 11 -27.83 -7.34 -6.74
CA LEU K 11 -27.29 -6.06 -6.29
C LEU K 11 -28.33 -4.95 -6.21
N LEU K 12 -29.08 -4.76 -7.29
CA LEU K 12 -30.00 -3.62 -7.37
C LEU K 12 -31.28 -3.89 -6.59
N THR K 13 -31.85 -5.08 -6.78
CA THR K 13 -33.10 -5.42 -6.11
C THR K 13 -32.88 -5.95 -4.69
N GLY K 14 -31.75 -6.62 -4.48
CA GLY K 14 -31.41 -7.14 -3.17
C GLY K 14 -30.64 -6.15 -2.29
N LEU K 15 -29.33 -6.14 -2.42
CA LEU K 15 -28.48 -5.42 -1.48
C LEU K 15 -28.70 -3.91 -1.48
N ASP K 16 -29.04 -3.35 -2.63
CA ASP K 16 -29.28 -1.91 -2.74
C ASP K 16 -30.56 -1.51 -2.00
N ASN K 17 -31.13 -2.46 -1.26
CA ASN K 17 -32.35 -2.20 -0.51
C ASN K 17 -32.22 -2.61 0.96
N ILE K 18 -31.85 -3.87 1.18
CA ILE K 18 -31.69 -4.39 2.54
C ILE K 18 -30.91 -3.41 3.41
N THR K 19 -30.95 -3.34 4.94
CA THR K 19 -30.25 -2.48 5.89
C THR K 19 -28.96 -3.13 6.38
N ASP K 20 -28.50 -2.72 7.56
CA ASP K 20 -27.28 -3.25 8.15
C ASP K 20 -27.58 -4.20 9.29
N GLU K 21 -28.00 -3.64 10.42
CA GLU K 21 -28.32 -4.44 11.60
C GLU K 21 -28.71 -5.87 11.20
N GLU K 22 -29.53 -5.99 10.16
CA GLU K 22 -29.99 -7.29 9.68
C GLU K 22 -28.87 -8.08 9.04
N LEU K 23 -27.92 -7.37 8.42
CA LEU K 23 -26.76 -8.04 7.83
C LEU K 23 -25.93 -8.70 8.92
N ASP K 24 -25.83 -8.05 10.07
CA ASP K 24 -25.12 -8.64 11.21
C ASP K 24 -25.80 -9.94 11.65
N ARG K 25 -27.13 -9.96 11.62
CA ARG K 25 -27.90 -11.15 11.98
C ARG K 25 -27.71 -12.24 10.92
N PHE K 26 -27.71 -11.84 9.66
CA PHE K 26 -27.43 -12.74 8.56
C PHE K 26 -26.07 -13.42 8.75
N LYS K 27 -25.05 -12.62 9.05
CA LYS K 27 -23.70 -13.14 9.30
C LYS K 27 -23.69 -14.15 10.47
N GLY K 28 -24.52 -13.91 11.48
CA GLY K 28 -24.56 -14.77 12.65
C GLY K 28 -25.12 -16.15 12.36
N PHE K 29 -25.89 -16.26 11.28
CA PHE K 29 -26.49 -17.52 10.89
C PHE K 29 -25.92 -18.04 9.58
N LEU K 30 -24.90 -17.35 9.08
CA LEU K 30 -24.25 -17.73 7.83
C LEU K 30 -23.40 -18.99 8.01
N SER K 31 -22.52 -19.25 7.04
CA SER K 31 -21.66 -20.42 7.10
C SER K 31 -22.47 -21.70 7.10
N ASP K 32 -23.79 -21.56 7.10
CA ASP K 32 -24.69 -22.71 7.09
C ASP K 32 -25.06 -23.14 5.67
N GLU K 33 -24.76 -22.28 4.70
CA GLU K 33 -25.07 -22.55 3.30
C GLU K 33 -23.83 -22.58 2.41
N PHE K 34 -22.82 -21.79 2.77
CA PHE K 34 -21.62 -21.70 1.95
C PHE K 34 -20.39 -22.16 2.70
N ASN K 35 -19.48 -22.83 2.01
CA ASN K 35 -18.19 -23.16 2.61
C ASN K 35 -17.25 -21.95 2.55
N ILE K 36 -17.64 -20.90 3.28
CA ILE K 36 -16.78 -19.74 3.57
C ILE K 36 -16.09 -19.84 4.96
N ALA K 37 -16.12 -18.79 5.75
CA ALA K 37 -15.44 -18.78 7.06
C ALA K 37 -15.84 -17.67 8.07
N THR K 38 -15.07 -17.55 9.16
CA THR K 38 -15.34 -16.59 10.24
C THR K 38 -14.44 -15.35 10.17
N GLY K 39 -14.14 -14.69 11.30
CA GLY K 39 -13.33 -13.50 11.19
C GLY K 39 -13.15 -13.00 9.76
N LYS K 40 -13.21 -13.92 8.80
CA LYS K 40 -13.01 -13.56 7.39
C LYS K 40 -14.15 -12.72 6.83
N LEU K 41 -15.32 -12.83 7.46
CA LEU K 41 -16.53 -12.22 6.91
C LEU K 41 -16.81 -10.87 7.50
N HIS K 42 -16.15 -10.57 8.61
CA HIS K 42 -16.64 -9.51 9.51
C HIS K 42 -16.87 -8.19 8.82
N THR K 43 -15.90 -7.73 8.04
CA THR K 43 -16.00 -6.47 7.32
C THR K 43 -15.74 -6.65 5.84
N ALA K 44 -16.78 -6.94 5.08
CA ALA K 44 -16.66 -7.14 3.64
C ALA K 44 -17.78 -6.42 2.88
N ASN K 45 -17.43 -5.32 2.24
CA ASN K 45 -18.40 -4.53 1.48
C ASN K 45 -19.31 -5.42 0.64
N ARG K 46 -20.62 -5.13 0.69
CA ARG K 46 -21.60 -5.90 -0.07
C ARG K 46 -21.05 -6.43 -1.39
N ILE K 47 -20.32 -5.59 -2.13
CA ILE K 47 -19.77 -6.04 -3.40
C ILE K 47 -18.77 -7.18 -3.18
N GLN K 48 -17.90 -7.03 -2.19
CA GLN K 48 -16.94 -8.08 -1.86
C GLN K 48 -17.63 -9.37 -1.42
N VAL K 49 -18.65 -9.27 -0.58
CA VAL K 49 -19.35 -10.45 -0.12
C VAL K 49 -20.06 -11.19 -1.25
N ALA K 50 -20.75 -10.46 -2.12
CA ALA K 50 -21.39 -11.07 -3.30
C ALA K 50 -20.37 -11.77 -4.19
N THR K 51 -19.24 -11.11 -4.40
CA THR K 51 -18.19 -11.64 -5.28
C THR K 51 -17.59 -12.93 -4.70
N LEU K 52 -17.29 -12.94 -3.41
CA LEU K 52 -16.74 -14.12 -2.75
C LEU K 52 -17.72 -15.29 -2.79
N MET K 53 -19.01 -14.98 -2.60
CA MET K 53 -20.04 -16.01 -2.68
C MET K 53 -20.09 -16.66 -4.05
N ILE K 54 -20.03 -15.84 -5.09
CA ILE K 54 -20.08 -16.33 -6.45
C ILE K 54 -18.79 -17.08 -6.82
N GLN K 55 -17.66 -16.54 -6.40
CA GLN K 55 -16.36 -17.16 -6.68
C GLN K 55 -16.31 -18.59 -6.16
N ASN K 56 -17.20 -18.91 -5.23
CA ASN K 56 -17.26 -20.24 -4.65
C ASN K 56 -18.34 -21.10 -5.29
N ALA K 57 -19.60 -20.76 -5.04
CA ALA K 57 -20.73 -21.50 -5.61
C ALA K 57 -21.02 -21.05 -7.03
N GLY K 58 -21.61 -19.87 -7.17
CA GLY K 58 -21.94 -19.32 -8.47
C GLY K 58 -23.24 -18.54 -8.45
N ALA K 59 -23.68 -18.12 -9.64
CA ALA K 59 -24.93 -17.37 -9.76
C ALA K 59 -26.15 -18.27 -9.67
N VAL K 60 -25.89 -19.58 -9.62
CA VAL K 60 -26.98 -20.56 -9.53
C VAL K 60 -27.24 -20.95 -8.09
N SER K 61 -26.22 -21.48 -7.42
CA SER K 61 -26.34 -21.90 -6.05
C SER K 61 -26.40 -20.72 -5.09
N ALA K 62 -25.64 -19.66 -5.37
CA ALA K 62 -25.65 -18.46 -4.52
C ALA K 62 -27.06 -17.84 -4.46
N VAL K 63 -27.70 -17.75 -5.61
CA VAL K 63 -29.05 -17.19 -5.67
C VAL K 63 -30.04 -18.08 -4.93
N MET K 64 -29.95 -19.38 -5.15
CA MET K 64 -30.81 -20.33 -4.46
C MET K 64 -30.65 -20.26 -2.94
N LYS K 65 -29.41 -20.18 -2.47
CA LYS K 65 -29.17 -20.11 -1.03
C LYS K 65 -29.63 -18.78 -0.45
N THR K 66 -29.56 -17.72 -1.25
CA THR K 66 -30.03 -16.41 -0.81
C THR K 66 -31.52 -16.43 -0.63
N ILE K 67 -32.20 -17.01 -1.61
CA ILE K 67 -33.65 -17.18 -1.53
C ILE K 67 -34.02 -17.94 -0.25
N ARG K 68 -33.31 -19.02 0.03
CA ARG K 68 -33.57 -19.85 1.19
C ARG K 68 -33.37 -19.06 2.52
N ILE K 69 -32.30 -18.27 2.59
CA ILE K 69 -32.03 -17.48 3.78
C ILE K 69 -33.08 -16.39 3.98
N PHE K 70 -33.46 -15.74 2.88
CA PHE K 70 -34.48 -14.68 2.93
C PHE K 70 -35.78 -15.20 3.52
N GLN K 71 -36.00 -16.51 3.42
CA GLN K 71 -37.21 -17.13 3.94
C GLN K 71 -37.06 -17.45 5.43
N LYS K 72 -35.82 -17.62 5.87
CA LYS K 72 -35.55 -17.94 7.28
C LYS K 72 -35.61 -16.68 8.14
N LEU K 73 -34.80 -15.69 7.79
CA LEU K 73 -34.76 -14.44 8.54
C LEU K 73 -36.11 -13.72 8.48
N ASN K 74 -37.18 -14.48 8.48
CA ASN K 74 -38.52 -13.92 8.42
C ASN K 74 -38.78 -13.15 7.13
N TYR K 75 -37.73 -12.50 6.62
CA TYR K 75 -37.83 -11.72 5.40
C TYR K 75 -38.60 -12.49 4.31
N MET K 76 -39.92 -12.34 4.31
CA MET K 76 -40.76 -13.01 3.34
C MET K 76 -41.23 -12.05 2.24
N LEU K 77 -41.46 -10.80 2.63
CA LEU K 77 -41.90 -9.78 1.68
C LEU K 77 -40.91 -9.61 0.54
N LEU K 78 -39.62 -9.65 0.86
CA LEU K 78 -38.57 -9.51 -0.14
C LEU K 78 -38.21 -10.86 -0.76
N ALA K 79 -38.64 -11.94 -0.11
CA ALA K 79 -38.37 -13.28 -0.60
C ALA K 79 -39.36 -13.66 -1.69
N LYS K 80 -40.63 -13.28 -1.51
CA LYS K 80 -41.64 -13.52 -2.53
C LYS K 80 -41.30 -12.75 -3.80
N ARG K 81 -40.94 -11.48 -3.65
CA ARG K 81 -40.58 -10.66 -4.80
C ARG K 81 -39.39 -11.21 -5.57
N LEU K 82 -38.38 -11.69 -4.86
CA LEU K 82 -37.20 -12.26 -5.53
C LEU K 82 -37.58 -13.52 -6.29
N GLN K 83 -38.41 -14.35 -5.67
CA GLN K 83 -38.91 -15.56 -6.29
C GLN K 83 -39.70 -15.25 -7.56
N GLU K 84 -40.49 -14.19 -7.53
CA GLU K 84 -41.28 -13.82 -8.70
C GLU K 84 -40.34 -13.36 -9.83
N GLU K 85 -39.43 -12.45 -9.52
CA GLU K 85 -38.47 -11.96 -10.51
C GLU K 85 -37.62 -13.10 -11.08
N LYS K 86 -37.23 -14.05 -10.23
CA LYS K 86 -36.49 -15.22 -10.68
C LYS K 86 -37.28 -15.98 -11.73
N GLU K 87 -38.53 -16.30 -11.42
CA GLU K 87 -39.39 -17.02 -12.37
C GLU K 87 -39.55 -16.25 -13.69
N LYS K 88 -39.60 -14.93 -13.60
CA LYS K 88 -39.74 -14.10 -14.79
C LYS K 88 -38.55 -14.25 -15.73
N VAL K 89 -37.36 -14.31 -15.15
CA VAL K 89 -36.13 -14.48 -15.93
C VAL K 89 -36.03 -15.92 -16.44
N ASP K 90 -36.42 -16.89 -15.63
CA ASP K 90 -36.41 -18.29 -16.04
C ASP K 90 -37.27 -18.50 -17.30
N LYS K 91 -38.43 -17.85 -17.35
CA LYS K 91 -39.34 -17.98 -18.47
C LYS K 91 -38.68 -17.54 -19.77
N GLN K 92 -37.82 -16.53 -19.68
CA GLN K 92 -37.12 -16.01 -20.84
C GLN K 92 -36.12 -17.00 -21.43
N TYR K 93 -35.74 -18.02 -20.65
CA TYR K 93 -34.74 -18.98 -21.10
C TYR K 93 -35.22 -20.42 -21.04
N LYS K 94 -36.53 -20.59 -20.85
CA LYS K 94 -37.13 -21.92 -20.80
C LYS K 94 -37.22 -22.52 -22.20
N ALA L 1 9.96 -6.29 31.98
CA ALA L 1 10.51 -5.09 32.56
C ALA L 1 9.44 -4.32 33.36
N MET L 2 9.88 -3.41 34.20
CA MET L 2 8.97 -2.62 35.01
C MET L 2 8.01 -1.88 34.09
N GLU L 3 8.51 -1.46 32.94
CA GLU L 3 7.70 -0.74 31.97
C GLU L 3 6.53 -1.58 31.45
N SER L 4 6.85 -2.79 30.99
CA SER L 4 5.82 -3.67 30.44
C SER L 4 4.78 -3.98 31.51
N LYS L 5 5.25 -4.19 32.73
CA LYS L 5 4.36 -4.52 33.83
C LYS L 5 3.42 -3.36 34.17
N TYR L 6 3.95 -2.14 34.17
CA TYR L 6 3.12 -0.97 34.38
C TYR L 6 2.05 -0.86 33.30
N LYS L 7 2.44 -1.12 32.05
CA LYS L 7 1.50 -1.06 30.93
C LYS L 7 0.38 -2.08 31.10
N GLU L 8 0.72 -3.30 31.50
CA GLU L 8 -0.28 -4.34 31.79
C GLU L 8 -1.27 -3.87 32.85
N ILE L 9 -0.77 -3.24 33.92
CA ILE L 9 -1.64 -2.58 34.92
C ILE L 9 -2.60 -1.56 34.31
N LEU L 10 -2.05 -0.63 33.55
CA LEU L 10 -2.84 0.42 32.91
C LEU L 10 -3.95 -0.19 32.07
N LEU L 11 -3.56 -1.10 31.19
CA LEU L 11 -4.48 -1.63 30.18
C LEU L 11 -5.46 -2.66 30.72
N LEU L 12 -4.95 -3.68 31.41
CA LEU L 12 -5.77 -4.79 31.84
C LEU L 12 -6.58 -4.44 33.08
N THR L 13 -5.92 -3.83 34.06
CA THR L 13 -6.60 -3.49 35.31
C THR L 13 -7.34 -2.16 35.22
N GLY L 14 -6.81 -1.23 34.42
CA GLY L 14 -7.45 0.06 34.22
C GLY L 14 -8.48 0.08 33.08
N LEU L 15 -8.02 0.33 31.87
CA LEU L 15 -8.92 0.61 30.76
C LEU L 15 -9.84 -0.56 30.40
N ASP L 16 -9.35 -1.78 30.58
CA ASP L 16 -10.14 -2.98 30.27
C ASP L 16 -11.30 -3.14 31.26
N ASN L 17 -11.50 -2.13 32.09
CA ASN L 17 -12.56 -2.15 33.09
C ASN L 17 -13.43 -0.91 33.04
N ILE L 18 -12.80 0.26 33.14
CA ILE L 18 -13.51 1.53 33.11
C ILE L 18 -14.53 1.56 31.98
N THR L 19 -15.77 2.46 31.90
CA THR L 19 -16.80 2.60 30.88
C THR L 19 -16.47 3.71 29.89
N ASP L 20 -17.48 4.27 29.25
CA ASP L 20 -17.30 5.33 28.28
C ASP L 20 -17.74 6.67 28.85
N GLU L 21 -19.05 6.86 28.96
CA GLU L 21 -19.60 8.10 29.49
C GLU L 21 -18.59 8.81 30.40
N GLU L 22 -17.95 8.04 31.26
CA GLU L 22 -16.97 8.57 32.21
C GLU L 22 -15.71 9.04 31.49
N LEU L 23 -15.37 8.38 30.40
CA LEU L 23 -14.21 8.79 29.61
C LEU L 23 -14.46 10.19 29.02
N ASP L 24 -15.69 10.45 28.61
CA ASP L 24 -16.05 11.78 28.13
C ASP L 24 -15.85 12.84 29.21
N ARG L 25 -16.18 12.49 30.45
CA ARG L 25 -16.00 13.39 31.58
C ARG L 25 -14.51 13.58 31.88
N PHE L 26 -13.75 12.50 31.81
CA PHE L 26 -12.31 12.55 31.94
C PHE L 26 -11.70 13.53 30.93
N LYS L 27 -12.10 13.38 29.67
CA LYS L 27 -11.63 14.27 28.61
C LYS L 27 -11.96 15.74 28.90
N GLY L 28 -13.12 15.98 29.53
CA GLY L 28 -13.55 17.34 29.81
C GLY L 28 -12.71 18.03 30.86
N PHE L 29 -12.02 17.23 31.67
CA PHE L 29 -11.17 17.78 32.73
C PHE L 29 -9.70 17.47 32.46
N LEU L 30 -9.42 16.92 31.28
CA LEU L 30 -8.06 16.58 30.91
C LEU L 30 -7.25 17.84 30.58
N SER L 31 -6.11 17.65 29.93
CA SER L 31 -5.25 18.77 29.56
C SER L 31 -4.75 19.51 30.80
N ASP L 32 -5.19 19.06 31.96
CA ASP L 32 -4.79 19.68 33.22
C ASP L 32 -3.54 19.01 33.82
N GLU L 33 -3.19 17.85 33.27
CA GLU L 33 -2.03 17.09 33.74
C GLU L 33 -0.98 16.88 32.65
N PHE L 34 -1.43 16.78 31.40
CA PHE L 34 -0.51 16.51 30.31
C PHE L 34 -0.50 17.63 29.30
N ASN L 35 0.68 17.94 28.74
CA ASN L 35 0.75 18.88 27.63
C ASN L 35 0.38 18.19 26.32
N ILE L 36 -0.89 17.79 26.24
CA ILE L 36 -1.53 17.32 25.00
C ILE L 36 -2.36 18.45 24.32
N ALA L 37 -3.60 18.15 23.90
CA ALA L 37 -4.42 19.15 23.18
C ALA L 37 -5.94 18.86 23.09
N THR L 38 -6.65 19.65 22.27
CA THR L 38 -8.11 19.55 22.10
C THR L 38 -8.49 18.83 20.80
N GLY L 39 -9.67 19.12 20.22
CA GLY L 39 -10.02 18.39 19.02
C GLY L 39 -9.15 17.18 18.75
N LYS L 40 -7.89 17.23 19.21
CA LYS L 40 -6.95 16.14 18.97
C LYS L 40 -7.31 14.88 19.75
N LEU L 41 -8.05 15.05 20.83
CA LEU L 41 -8.31 13.95 21.75
C LEU L 41 -9.60 13.24 21.48
N HIS L 42 -10.46 13.88 20.69
CA HIS L 42 -11.88 13.55 20.70
C HIS L 42 -12.16 12.07 20.45
N THR L 43 -11.54 11.50 19.42
CA THR L 43 -11.73 10.10 19.10
C THR L 43 -10.39 9.37 19.00
N ALA L 44 -9.92 8.84 20.12
CA ALA L 44 -8.66 8.12 20.17
C ALA L 44 -8.78 6.84 20.98
N ASN L 45 -8.81 5.71 20.28
CA ASN L 45 -8.93 4.41 20.93
C ASN L 45 -8.03 4.29 22.16
N ARG L 46 -8.59 3.77 23.24
CA ARG L 46 -7.83 3.61 24.49
C ARG L 46 -6.36 3.32 24.25
N ILE L 47 -6.06 2.43 23.31
CA ILE L 47 -4.67 2.11 23.04
C ILE L 47 -3.91 3.34 22.54
N GLN L 48 -4.53 4.08 21.61
CA GLN L 48 -3.93 5.31 21.10
C GLN L 48 -3.73 6.37 22.19
N VAL L 49 -4.73 6.54 23.05
CA VAL L 49 -4.62 7.52 24.13
C VAL L 49 -3.51 7.17 25.11
N ALA L 50 -3.43 5.91 25.53
CA ALA L 50 -2.36 5.46 26.42
C ALA L 50 -0.99 5.68 25.79
N THR L 51 -0.87 5.36 24.51
CA THR L 51 0.39 5.47 23.79
C THR L 51 0.84 6.93 23.69
N LEU L 52 -0.09 7.83 23.33
CA LEU L 52 0.23 9.25 23.23
C LEU L 52 0.64 9.82 24.58
N MET L 53 -0.03 9.39 25.64
CA MET L 53 0.32 9.83 26.98
C MET L 53 1.74 9.43 27.35
N ILE L 54 2.10 8.19 27.04
CA ILE L 54 3.43 7.70 27.36
C ILE L 54 4.50 8.35 26.47
N GLN L 55 4.18 8.52 25.20
CA GLN L 55 5.11 9.12 24.24
C GLN L 55 5.52 10.52 24.70
N ASN L 56 4.73 11.10 25.59
CA ASN L 56 5.01 12.43 26.11
C ASN L 56 5.70 12.38 27.47
N ALA L 57 4.96 11.96 28.49
CA ALA L 57 5.50 11.86 29.85
C ALA L 57 6.28 10.57 30.03
N GLY L 58 5.55 9.45 30.14
CA GLY L 58 6.17 8.16 30.32
C GLY L 58 5.35 7.26 31.23
N ALA L 59 5.92 6.09 31.56
CA ALA L 59 5.24 5.14 32.43
C ALA L 59 5.35 5.56 33.89
N VAL L 60 6.12 6.60 34.15
CA VAL L 60 6.30 7.10 35.51
C VAL L 60 5.32 8.23 35.81
N SER L 61 5.39 9.30 35.03
CA SER L 61 4.52 10.44 35.22
C SER L 61 3.09 10.16 34.77
N ALA L 62 2.93 9.38 33.70
CA ALA L 62 1.58 9.03 33.20
C ALA L 62 0.80 8.25 34.27
N VAL L 63 1.46 7.29 34.90
CA VAL L 63 0.81 6.50 35.94
C VAL L 63 0.47 7.37 37.15
N MET L 64 1.40 8.21 37.56
CA MET L 64 1.17 9.12 38.67
C MET L 64 -0.01 10.06 38.41
N LYS L 65 -0.09 10.62 37.20
CA LYS L 65 -1.17 11.53 36.87
C LYS L 65 -2.51 10.79 36.77
N THR L 66 -2.46 9.53 36.35
CA THR L 66 -3.67 8.71 36.27
C THR L 66 -4.21 8.46 37.66
N ILE L 67 -3.31 8.10 38.56
CA ILE L 67 -3.67 7.90 39.95
C ILE L 67 -4.35 9.16 40.50
N ARG L 68 -3.76 10.31 40.23
CA ARG L 68 -4.28 11.59 40.71
C ARG L 68 -5.69 11.89 40.17
N ILE L 69 -5.89 11.62 38.87
CA ILE L 69 -7.20 11.86 38.25
C ILE L 69 -8.25 10.91 38.81
N PHE L 70 -7.87 9.64 38.98
CA PHE L 70 -8.78 8.64 39.53
C PHE L 70 -9.31 9.05 40.89
N GLN L 71 -8.57 9.89 41.58
CA GLN L 71 -8.96 10.37 42.90
C GLN L 71 -9.89 11.57 42.81
N LYS L 72 -9.79 12.29 41.69
CA LYS L 72 -10.63 13.47 41.48
C LYS L 72 -12.03 13.07 41.02
N LEU L 73 -12.09 12.33 39.92
CA LEU L 73 -13.37 11.88 39.37
C LEU L 73 -14.11 10.97 40.34
N ASN L 74 -13.97 11.26 41.64
CA ASN L 74 -14.62 10.46 42.66
C ASN L 74 -14.11 9.02 42.69
N TYR L 75 -13.79 8.50 41.51
CA TYR L 75 -13.30 7.13 41.38
C TYR L 75 -12.25 6.82 42.44
N MET L 76 -12.70 6.37 43.61
CA MET L 76 -11.79 6.04 44.69
C MET L 76 -11.62 4.53 44.83
N LEU L 77 -12.67 3.79 44.54
CA LEU L 77 -12.64 2.33 44.63
C LEU L 77 -11.56 1.75 43.72
N LEU L 78 -11.44 2.31 42.52
CA LEU L 78 -10.45 1.85 41.54
C LEU L 78 -9.11 2.55 41.76
N ALA L 79 -9.13 3.64 42.52
CA ALA L 79 -7.90 4.39 42.81
C ALA L 79 -7.12 3.73 43.93
N LYS L 80 -7.83 3.24 44.95
CA LYS L 80 -7.18 2.51 46.03
C LYS L 80 -6.53 1.25 45.50
N ARG L 81 -7.26 0.50 44.69
CA ARG L 81 -6.73 -0.74 44.12
C ARG L 81 -5.49 -0.50 43.27
N LEU L 82 -5.50 0.55 42.46
CA LEU L 82 -4.33 0.86 41.63
C LEU L 82 -3.13 1.22 42.50
N GLN L 83 -3.39 2.00 43.54
CA GLN L 83 -2.34 2.38 44.48
C GLN L 83 -1.75 1.14 45.18
N GLU L 84 -2.58 0.18 45.53
CA GLU L 84 -2.11 -1.03 46.18
C GLU L 84 -1.23 -1.83 45.20
N GLU L 85 -1.72 -2.07 44.00
CA GLU L 85 -0.97 -2.81 42.99
C GLU L 85 0.35 -2.11 42.66
N LYS L 86 0.33 -0.77 42.60
CA LYS L 86 1.54 0.00 42.38
C LYS L 86 2.57 -0.30 43.46
N GLU L 87 2.17 -0.20 44.72
CA GLU L 87 3.07 -0.48 45.83
C GLU L 87 3.62 -1.91 45.78
N LYS L 88 2.80 -2.84 45.32
CA LYS L 88 3.22 -4.23 45.22
C LYS L 88 4.36 -4.40 44.22
N VAL L 89 4.27 -3.69 43.10
CA VAL L 89 5.31 -3.73 42.08
C VAL L 89 6.56 -2.97 42.55
N ASP L 90 6.36 -1.84 43.23
CA ASP L 90 7.47 -1.07 43.78
C ASP L 90 8.33 -1.92 44.73
N LYS L 91 7.68 -2.73 45.55
CA LYS L 91 8.37 -3.58 46.51
C LYS L 91 9.33 -4.54 45.81
N GLN L 92 8.91 -5.01 44.63
CA GLN L 92 9.72 -5.94 43.85
C GLN L 92 11.02 -5.31 43.35
N TYR L 93 11.09 -3.98 43.32
CA TYR L 93 12.25 -3.30 42.76
C TYR L 93 12.89 -2.33 43.76
N LYS L 94 12.48 -2.43 45.03
CA LYS L 94 13.02 -1.56 46.07
C LYS L 94 14.43 -2.02 46.46
N ALA M 1 -22.74 32.44 -7.08
CA ALA M 1 -23.71 32.01 -8.07
C ALA M 1 -25.08 31.74 -7.43
N MET M 2 -26.11 31.67 -8.26
CA MET M 2 -27.45 31.41 -7.77
C MET M 2 -27.45 30.08 -7.03
N GLU M 3 -26.67 29.13 -7.52
CA GLU M 3 -26.57 27.81 -6.91
C GLU M 3 -26.05 27.88 -5.47
N SER M 4 -24.91 28.56 -5.30
CA SER M 4 -24.30 28.65 -3.98
C SER M 4 -25.25 29.35 -3.01
N LYS M 5 -25.93 30.38 -3.51
CA LYS M 5 -26.87 31.14 -2.68
C LYS M 5 -28.06 30.29 -2.26
N TYR M 6 -28.59 29.49 -3.18
CA TYR M 6 -29.68 28.58 -2.82
C TYR M 6 -29.22 27.59 -1.75
N LYS M 7 -28.01 27.08 -1.89
CA LYS M 7 -27.46 26.14 -0.91
C LYS M 7 -27.36 26.77 0.47
N GLU M 8 -26.87 28.01 0.53
CA GLU M 8 -26.80 28.75 1.78
C GLU M 8 -28.18 28.87 2.44
N ILE M 9 -29.21 29.19 1.64
CA ILE M 9 -30.60 29.14 2.11
C ILE M 9 -31.01 27.80 2.71
N LEU M 10 -30.79 26.74 1.96
CA LEU M 10 -31.13 25.40 2.39
C LEU M 10 -30.48 25.09 3.74
N LEU M 11 -29.17 25.29 3.79
CA LEU M 11 -28.37 24.85 4.93
C LEU M 11 -28.50 25.77 6.15
N LEU M 12 -28.29 27.06 5.94
CA LEU M 12 -28.24 28.00 7.06
C LEU M 12 -29.64 28.36 7.55
N THR M 13 -30.53 28.66 6.62
CA THR M 13 -31.89 29.06 7.00
C THR M 13 -32.79 27.85 7.23
N GLY M 14 -32.55 26.76 6.50
CA GLY M 14 -33.32 25.55 6.67
C GLY M 14 -32.78 24.60 7.74
N LEU M 15 -31.85 23.74 7.36
CA LEU M 15 -31.43 22.65 8.22
C LEU M 15 -30.77 23.10 9.53
N ASP M 16 -30.06 24.22 9.48
CA ASP M 16 -29.39 24.75 10.66
C ASP M 16 -30.40 25.26 11.69
N ASN M 17 -31.67 25.00 11.43
CA ASN M 17 -32.74 25.42 12.33
C ASN M 17 -33.67 24.29 12.71
N ILE M 18 -34.22 23.62 11.70
CA ILE M 18 -35.13 22.50 11.93
C ILE M 18 -34.59 21.56 12.99
N THR M 19 -35.42 20.58 13.84
CA THR M 19 -35.02 19.62 14.86
C THR M 19 -34.80 18.23 14.26
N ASP M 20 -34.93 17.20 15.10
CA ASP M 20 -34.75 15.83 14.65
C ASP M 20 -36.08 15.10 14.53
N GLU M 21 -36.67 14.76 15.67
CA GLU M 21 -37.94 14.06 15.70
C GLU M 21 -38.72 14.31 14.41
N GLU M 22 -38.75 15.57 13.99
CA GLU M 22 -39.49 15.98 12.80
C GLU M 22 -38.83 15.43 11.52
N LEU M 23 -37.51 15.29 11.56
CA LEU M 23 -36.80 14.72 10.42
C LEU M 23 -37.21 13.27 10.23
N ASP M 24 -37.42 12.56 11.33
CA ASP M 24 -37.91 11.18 11.26
C ASP M 24 -39.28 11.12 10.59
N ARG M 25 -40.13 12.10 10.87
CA ARG M 25 -41.46 12.19 10.28
C ARG M 25 -41.34 12.53 8.80
N PHE M 26 -40.44 13.46 8.48
CA PHE M 26 -40.13 13.79 7.10
C PHE M 26 -39.73 12.55 6.30
N LYS M 27 -38.80 11.77 6.86
CA LYS M 27 -38.36 10.54 6.22
C LYS M 27 -39.52 9.56 5.99
N GLY M 28 -40.48 9.54 6.91
CA GLY M 28 -41.61 8.62 6.82
C GLY M 28 -42.54 8.94 5.67
N PHE M 29 -42.51 10.19 5.23
CA PHE M 29 -43.37 10.64 4.13
C PHE M 29 -42.55 10.99 2.90
N LEU M 30 -41.25 10.71 2.95
CA LEU M 30 -40.35 11.00 1.85
C LEU M 30 -40.57 10.03 0.69
N SER M 31 -39.62 9.98 -0.24
CA SER M 31 -39.72 9.10 -1.39
C SER M 31 -40.93 9.43 -2.25
N ASP M 32 -41.71 10.41 -1.80
CA ASP M 32 -42.90 10.83 -2.53
C ASP M 32 -42.59 11.96 -3.53
N GLU M 33 -41.41 12.56 -3.38
CA GLU M 33 -41.01 13.66 -4.25
C GLU M 33 -39.73 13.34 -5.03
N PHE M 34 -38.86 12.52 -4.45
CA PHE M 34 -37.58 12.23 -5.09
C PHE M 34 -37.44 10.75 -5.39
N ASN M 35 -36.83 10.41 -6.53
CA ASN M 35 -36.50 9.02 -6.80
C ASN M 35 -35.22 8.62 -6.08
N ILE M 36 -35.31 8.62 -4.74
CA ILE M 36 -34.29 8.04 -3.84
C ILE M 36 -34.65 6.60 -3.40
N ALA M 37 -34.54 6.30 -2.10
CA ALA M 37 -34.81 4.94 -1.59
C ALA M 37 -35.03 4.78 -0.07
N THR M 38 -35.07 3.53 0.39
CA THR M 38 -35.32 3.19 1.82
C THR M 38 -34.03 2.83 2.56
N GLY M 39 -34.10 2.00 3.62
CA GLY M 39 -32.88 1.71 4.34
C GLY M 39 -31.72 2.63 3.96
N LYS M 40 -31.73 3.14 2.73
CA LYS M 40 -30.63 3.99 2.26
C LYS M 40 -30.62 5.35 2.95
N LEU M 41 -31.76 5.76 3.46
CA LEU M 41 -31.92 7.11 3.98
C LEU M 41 -31.71 7.20 5.47
N HIS M 42 -31.72 6.04 6.13
CA HIS M 42 -31.96 6.01 7.56
C HIS M 42 -31.03 6.89 8.36
N THR M 43 -29.73 6.79 8.09
CA THR M 43 -28.74 7.60 8.79
C THR M 43 -27.84 8.35 7.82
N ALA M 44 -28.26 9.55 7.45
CA ALA M 44 -27.51 10.38 6.52
C ALA M 44 -27.43 11.82 7.00
N ASN M 45 -26.27 12.21 7.49
CA ASN M 45 -26.06 13.57 7.98
C ASN M 45 -26.66 14.63 7.05
N ARG M 46 -27.38 15.58 7.63
CA ARG M 46 -28.01 16.65 6.85
C ARG M 46 -27.21 17.02 5.60
N ILE M 47 -25.90 17.14 5.74
CA ILE M 47 -25.08 17.51 4.58
C ILE M 47 -25.17 16.42 3.50
N GLN M 48 -25.08 15.15 3.91
CA GLN M 48 -25.20 14.03 2.99
C GLN M 48 -26.57 13.98 2.32
N VAL M 49 -27.63 14.19 3.09
CA VAL M 49 -28.97 14.15 2.53
C VAL M 49 -29.19 15.28 1.51
N ALA M 50 -28.78 16.50 1.84
CA ALA M 50 -28.88 17.62 0.89
C ALA M 50 -28.12 17.34 -0.39
N THR M 51 -26.92 16.78 -0.25
CA THR M 51 -26.04 16.51 -1.38
C THR M 51 -26.65 15.45 -2.29
N LEU M 52 -27.18 14.37 -1.71
CA LEU M 52 -27.81 13.30 -2.49
C LEU M 52 -29.05 13.82 -3.22
N MET M 53 -29.82 14.67 -2.55
CA MET M 53 -30.99 15.27 -3.17
C MET M 53 -30.61 16.09 -4.40
N ILE M 54 -29.57 16.89 -4.28
CA ILE M 54 -29.13 17.73 -5.37
C ILE M 54 -28.50 16.90 -6.49
N GLN M 55 -27.70 15.91 -6.12
CA GLN M 55 -27.05 15.04 -7.10
C GLN M 55 -28.07 14.38 -8.01
N ASN M 56 -29.32 14.34 -7.58
CA ASN M 56 -30.39 13.74 -8.36
C ASN M 56 -31.19 14.78 -9.13
N ALA M 57 -31.96 15.59 -8.41
CA ALA M 57 -32.77 16.62 -9.02
C ALA M 57 -31.94 17.87 -9.31
N GLY M 58 -31.61 18.62 -8.27
CA GLY M 58 -30.83 19.83 -8.40
C GLY M 58 -31.26 20.92 -7.43
N ALA M 59 -30.68 22.09 -7.59
CA ALA M 59 -31.00 23.22 -6.72
C ALA M 59 -32.33 23.87 -7.11
N VAL M 60 -32.90 23.40 -8.23
CA VAL M 60 -34.16 23.93 -8.72
C VAL M 60 -35.33 23.09 -8.24
N SER M 61 -35.32 21.81 -8.58
CA SER M 61 -36.37 20.90 -8.20
C SER M 61 -36.30 20.52 -6.71
N ALA M 62 -35.09 20.39 -6.18
CA ALA M 62 -34.93 20.06 -4.74
C ALA M 62 -35.53 21.16 -3.86
N VAL M 63 -35.27 22.42 -4.22
CA VAL M 63 -35.80 23.53 -3.45
C VAL M 63 -37.33 23.58 -3.56
N MET M 64 -37.84 23.40 -4.78
CA MET M 64 -39.28 23.38 -4.98
C MET M 64 -39.97 22.27 -4.17
N LYS M 65 -39.39 21.08 -4.18
CA LYS M 65 -39.98 19.97 -3.45
C LYS M 65 -39.87 20.17 -1.94
N THR M 66 -38.83 20.86 -1.50
CA THR M 66 -38.67 21.16 -0.07
C THR M 66 -39.75 22.12 0.36
N ILE M 67 -39.96 23.15 -0.45
CA ILE M 67 -41.02 24.11 -0.19
C ILE M 67 -42.37 23.39 -0.06
N ARG M 68 -42.64 22.48 -0.98
CA ARG M 68 -43.88 21.73 -1.00
C ARG M 68 -44.05 20.86 0.27
N ILE M 69 -42.99 20.20 0.70
CA ILE M 69 -43.03 19.36 1.89
C ILE M 69 -43.24 20.21 3.14
N PHE M 70 -42.54 21.34 3.22
CA PHE M 70 -42.66 22.24 4.35
C PHE M 70 -44.10 22.69 4.56
N GLN M 71 -44.88 22.66 3.49
CA GLN M 71 -46.28 23.06 3.55
C GLN M 71 -47.18 21.91 4.01
N LYS M 72 -46.71 20.69 3.79
CA LYS M 72 -47.45 19.50 4.18
C LYS M 72 -47.31 19.22 5.67
N LEU M 73 -46.06 19.05 6.11
CA LEU M 73 -45.77 18.78 7.51
C LEU M 73 -46.22 19.93 8.40
N ASN M 74 -47.32 20.57 8.04
CA ASN M 74 -47.86 21.68 8.81
C ASN M 74 -46.90 22.87 8.84
N TYR M 75 -45.60 22.58 8.85
CA TYR M 75 -44.58 23.62 8.89
C TYR M 75 -44.91 24.74 7.89
N MET M 76 -45.67 25.72 8.34
CA MET M 76 -46.05 26.84 7.50
C MET M 76 -45.23 28.09 7.84
N LEU M 77 -44.92 28.25 9.13
CA LEU M 77 -44.14 29.40 9.58
C LEU M 77 -42.79 29.47 8.89
N LEU M 78 -42.16 28.32 8.71
CA LEU M 78 -40.86 28.24 8.05
C LEU M 78 -41.01 28.14 6.54
N ALA M 79 -42.22 27.81 6.09
CA ALA M 79 -42.50 27.67 4.66
C ALA M 79 -42.73 29.04 4.04
N LYS M 80 -43.46 29.90 4.76
CA LYS M 80 -43.68 31.27 4.29
C LYS M 80 -42.35 32.01 4.17
N ARG M 81 -41.54 31.90 5.21
CA ARG M 81 -40.23 32.56 5.22
C ARG M 81 -39.33 32.11 4.06
N LEU M 82 -39.32 30.81 3.79
CA LEU M 82 -38.51 30.29 2.69
C LEU M 82 -39.02 30.82 1.35
N GLN M 83 -40.33 30.85 1.20
CA GLN M 83 -40.96 31.38 0.01
C GLN M 83 -40.61 32.86 -0.19
N GLU M 84 -40.58 33.62 0.88
CA GLU M 84 -40.24 35.04 0.79
C GLU M 84 -38.78 35.19 0.36
N GLU M 85 -37.88 34.51 1.03
CA GLU M 85 -36.45 34.57 0.69
C GLU M 85 -36.20 34.11 -0.74
N LYS M 86 -36.92 33.08 -1.19
CA LYS M 86 -36.83 32.60 -2.57
C LYS M 86 -37.17 33.73 -3.54
N GLU M 87 -38.31 34.36 -3.33
CA GLU M 87 -38.73 35.47 -4.19
C GLU M 87 -37.72 36.62 -4.20
N LYS M 88 -37.08 36.85 -3.06
CA LYS M 88 -36.08 37.91 -2.95
C LYS M 88 -34.88 37.64 -3.85
N VAL M 89 -34.45 36.37 -3.89
CA VAL M 89 -33.34 35.97 -4.74
C VAL M 89 -33.74 35.96 -6.22
N ASP M 90 -34.98 35.51 -6.49
CA ASP M 90 -35.49 35.51 -7.86
C ASP M 90 -35.48 36.92 -8.47
N LYS M 91 -35.84 37.92 -7.66
CA LYS M 91 -35.89 39.30 -8.13
C LYS M 91 -34.52 39.76 -8.60
N GLN M 92 -33.47 39.28 -7.93
CA GLN M 92 -32.10 39.64 -8.27
C GLN M 92 -31.68 39.12 -9.65
N TYR M 93 -32.40 38.13 -10.17
CA TYR M 93 -32.01 37.51 -11.43
C TYR M 93 -33.14 37.55 -12.47
N LYS M 94 -34.18 38.34 -12.19
CA LYS M 94 -35.29 38.47 -13.11
C LYS M 94 -34.91 39.35 -14.30
N ALA N 1 -25.30 -28.55 12.10
CA ALA N 1 -24.59 -29.17 13.21
C ALA N 1 -25.29 -28.87 14.53
N MET N 2 -24.94 -29.65 15.56
CA MET N 2 -25.54 -29.47 16.87
C MET N 2 -25.27 -28.05 17.35
N GLU N 3 -24.10 -27.52 16.99
CA GLU N 3 -23.72 -26.17 17.38
C GLU N 3 -24.66 -25.12 16.80
N SER N 4 -24.88 -25.18 15.49
CA SER N 4 -25.72 -24.22 14.82
C SER N 4 -27.14 -24.28 15.39
N LYS N 5 -27.60 -25.49 15.64
CA LYS N 5 -28.94 -25.70 16.18
C LYS N 5 -29.09 -25.12 17.58
N TYR N 6 -28.08 -25.32 18.42
CA TYR N 6 -28.09 -24.73 19.75
C TYR N 6 -28.15 -23.19 19.66
N LYS N 7 -27.38 -22.63 18.73
CA LYS N 7 -27.36 -21.18 18.55
C LYS N 7 -28.74 -20.65 18.13
N GLU N 8 -29.40 -21.36 17.21
CA GLU N 8 -30.76 -21.01 16.80
C GLU N 8 -31.71 -21.01 17.99
N ILE N 9 -31.62 -22.01 18.86
CA ILE N 9 -32.34 -22.01 20.14
C ILE N 9 -32.10 -20.77 21.00
N LEU N 10 -30.82 -20.50 21.24
CA LEU N 10 -30.41 -19.36 22.04
C LEU N 10 -31.03 -18.07 21.49
N LEU N 11 -30.80 -17.84 20.20
CA LEU N 11 -31.15 -16.57 19.57
C LEU N 11 -32.63 -16.42 19.28
N LEU N 12 -33.23 -17.40 18.60
CA LEU N 12 -34.60 -17.29 18.14
C LEU N 12 -35.59 -17.55 19.28
N THR N 13 -35.35 -18.61 20.03
CA THR N 13 -36.26 -18.97 21.12
C THR N 13 -35.96 -18.21 22.40
N GLY N 14 -34.70 -17.88 22.62
CA GLY N 14 -34.30 -17.11 23.79
C GLY N 14 -34.35 -15.60 23.59
N LEU N 15 -33.27 -15.03 23.09
CA LEU N 15 -33.12 -13.59 23.07
C LEU N 15 -34.16 -12.85 22.22
N ASP N 16 -34.61 -13.48 21.14
CA ASP N 16 -35.61 -12.89 20.26
C ASP N 16 -36.96 -12.80 20.94
N ASN N 17 -36.98 -13.11 22.23
CA ASN N 17 -38.22 -13.06 23.01
C ASN N 17 -38.07 -12.25 24.29
N ILE N 18 -37.09 -12.61 25.10
CA ILE N 18 -36.83 -11.91 26.35
C ILE N 18 -36.88 -10.39 26.16
N THR N 19 -37.15 -9.34 27.25
CA THR N 19 -37.20 -7.89 27.21
C THR N 19 -35.85 -7.28 27.55
N ASP N 20 -35.88 -6.03 28.03
CA ASP N 20 -34.65 -5.33 28.40
C ASP N 20 -34.50 -5.23 29.91
N GLU N 21 -35.31 -4.38 30.52
CA GLU N 21 -35.28 -4.19 31.97
C GLU N 21 -34.72 -5.44 32.67
N GLU N 22 -35.18 -6.61 32.24
CA GLU N 22 -34.76 -7.87 32.81
C GLU N 22 -33.31 -8.18 32.48
N LEU N 23 -32.86 -7.74 31.32
CA LEU N 23 -31.47 -7.93 30.93
C LEU N 23 -30.56 -7.15 31.88
N ASP N 24 -30.99 -5.97 32.28
CA ASP N 24 -30.24 -5.18 33.26
C ASP N 24 -30.10 -5.94 34.58
N ARG N 25 -31.17 -6.63 34.99
CA ARG N 25 -31.17 -7.43 36.21
C ARG N 25 -30.25 -8.64 36.04
N PHE N 26 -30.32 -9.27 34.87
CA PHE N 26 -29.41 -10.37 34.54
C PHE N 26 -27.96 -9.94 34.67
N LYS N 27 -27.62 -8.79 34.08
CA LYS N 27 -26.27 -8.24 34.17
C LYS N 27 -25.84 -8.01 35.63
N GLY N 28 -26.79 -7.62 36.48
CA GLY N 28 -26.49 -7.32 37.88
C GLY N 28 -26.12 -8.55 38.67
N PHE N 29 -26.53 -9.71 38.19
CA PHE N 29 -26.26 -10.97 38.87
C PHE N 29 -25.32 -11.85 38.04
N LEU N 30 -24.81 -11.29 36.94
CA LEU N 30 -23.90 -12.02 36.06
C LEU N 30 -22.53 -12.18 36.69
N SER N 31 -21.54 -12.53 35.88
CA SER N 31 -20.18 -12.72 36.36
C SER N 31 -20.12 -13.83 37.40
N ASP N 32 -21.27 -14.41 37.72
CA ASP N 32 -21.33 -15.50 38.70
C ASP N 32 -21.20 -16.87 38.04
N GLU N 33 -21.33 -16.89 36.72
CA GLU N 33 -21.23 -18.14 35.95
C GLU N 33 -20.09 -18.13 34.94
N PHE N 34 -19.78 -16.96 34.42
CA PHE N 34 -18.74 -16.86 33.39
C PHE N 34 -17.58 -16.01 33.84
N ASN N 35 -16.37 -16.38 33.45
CA ASN N 35 -15.22 -15.52 33.69
C ASN N 35 -15.13 -14.43 32.62
N ILE N 36 -16.14 -13.55 32.63
CA ILE N 36 -16.14 -12.30 31.87
C ILE N 36 -15.71 -11.09 32.74
N ALA N 37 -16.44 -9.97 32.68
CA ALA N 37 -16.06 -8.75 33.43
C ALA N 37 -17.15 -7.67 33.60
N THR N 38 -16.74 -6.50 34.10
CA THR N 38 -17.65 -5.37 34.38
C THR N 38 -17.61 -4.28 33.28
N GLY N 39 -17.90 -3.02 33.62
CA GLY N 39 -17.89 -2.02 32.56
C GLY N 39 -17.84 -2.62 31.17
N LYS N 40 -17.25 -3.81 31.03
CA LYS N 40 -17.10 -4.45 29.73
C LYS N 40 -18.43 -4.93 29.17
N LEU N 41 -19.39 -5.15 30.05
CA LEU N 41 -20.65 -5.78 29.65
C LEU N 41 -21.74 -4.77 29.34
N HIS N 42 -21.52 -3.54 29.77
CA HIS N 42 -22.63 -2.60 29.93
C HIS N 42 -23.49 -2.44 28.69
N THR N 43 -22.84 -2.24 27.54
CA THR N 43 -23.56 -2.07 26.28
C THR N 43 -23.04 -3.03 25.21
N ALA N 44 -23.62 -4.22 25.18
CA ALA N 44 -23.22 -5.23 24.20
C ALA N 44 -24.44 -5.89 23.56
N ASN N 45 -24.70 -5.55 22.31
CA ASN N 45 -25.83 -6.11 21.58
C ASN N 45 -25.96 -7.61 21.78
N ARG N 46 -27.19 -8.07 22.04
CA ARG N 46 -27.45 -9.49 22.27
C ARG N 46 -26.52 -10.38 21.45
N ILE N 47 -26.31 -10.06 20.18
CA ILE N 47 -25.45 -10.89 19.35
C ILE N 47 -24.01 -10.88 19.90
N GLN N 48 -23.52 -9.70 20.27
CA GLN N 48 -22.18 -9.58 20.85
C GLN N 48 -22.06 -10.33 22.17
N VAL N 49 -23.07 -10.22 23.04
CA VAL N 49 -23.03 -10.92 24.32
C VAL N 49 -23.02 -12.43 24.15
N ALA N 50 -23.89 -12.95 23.28
CA ALA N 50 -23.92 -14.39 23.00
C ALA N 50 -22.56 -14.88 22.46
N THR N 51 -21.99 -14.10 21.56
CA THR N 51 -20.73 -14.46 20.91
C THR N 51 -19.58 -14.48 21.93
N LEU N 52 -19.51 -13.47 22.79
CA LEU N 52 -18.47 -13.42 23.82
C LEU N 52 -18.60 -14.57 24.81
N MET N 53 -19.84 -14.91 25.16
CA MET N 53 -20.09 -16.04 26.04
C MET N 53 -19.58 -17.35 25.45
N ILE N 54 -19.86 -17.56 24.18
CA ILE N 54 -19.43 -18.77 23.50
C ILE N 54 -17.92 -18.79 23.29
N GLN N 55 -17.35 -17.65 22.92
CA GLN N 55 -15.91 -17.54 22.69
C GLN N 55 -15.13 -17.95 23.93
N ASN N 56 -15.80 -17.94 25.08
CA ASN N 56 -15.17 -18.32 26.33
C ASN N 56 -15.47 -19.76 26.72
N ALA N 57 -16.72 -20.03 27.07
CA ALA N 57 -17.13 -21.38 27.46
C ALA N 57 -17.44 -22.23 26.24
N GLY N 58 -18.57 -21.96 25.60
CA GLY N 58 -18.98 -22.69 24.42
C GLY N 58 -20.48 -22.91 24.36
N ALA N 59 -20.92 -23.68 23.38
CA ALA N 59 -22.35 -23.96 23.21
C ALA N 59 -22.83 -25.00 24.21
N VAL N 60 -21.90 -25.57 24.96
CA VAL N 60 -22.22 -26.60 25.96
C VAL N 60 -22.41 -25.97 27.33
N SER N 61 -21.37 -25.31 27.83
CA SER N 61 -21.41 -24.68 29.13
C SER N 61 -22.24 -23.40 29.13
N ALA N 62 -22.21 -22.64 28.03
CA ALA N 62 -23.01 -21.41 27.94
C ALA N 62 -24.51 -21.73 28.03
N VAL N 63 -24.93 -22.77 27.33
CA VAL N 63 -26.34 -23.17 27.36
C VAL N 63 -26.73 -23.65 28.76
N MET N 64 -25.88 -24.48 29.35
CA MET N 64 -26.14 -24.96 30.71
C MET N 64 -26.25 -23.82 31.72
N LYS N 65 -25.35 -22.84 31.63
CA LYS N 65 -25.37 -21.72 32.57
C LYS N 65 -26.59 -20.84 32.32
N THR N 66 -27.03 -20.75 31.07
CA THR N 66 -28.21 -19.96 30.73
C THR N 66 -29.44 -20.60 31.35
N ILE N 67 -29.53 -21.91 31.19
CA ILE N 67 -30.61 -22.67 31.80
C ILE N 67 -30.66 -22.41 33.30
N ARG N 68 -29.50 -22.46 33.94
CA ARG N 68 -29.40 -22.26 35.39
C ARG N 68 -29.86 -20.86 35.81
N ILE N 69 -29.45 -19.84 35.06
CA ILE N 69 -29.84 -18.46 35.35
C ILE N 69 -31.34 -18.26 35.16
N PHE N 70 -31.88 -18.82 34.08
CA PHE N 70 -33.30 -18.70 33.78
C PHE N 70 -34.14 -19.24 34.94
N GLN N 71 -33.56 -20.13 35.73
CA GLN N 71 -34.26 -20.73 36.87
C GLN N 71 -34.16 -19.83 38.10
N LYS N 72 -33.11 -19.02 38.14
CA LYS N 72 -32.90 -18.12 39.27
C LYS N 72 -33.78 -16.87 39.16
N LEU N 73 -33.63 -16.16 38.05
CA LEU N 73 -34.42 -14.95 37.82
C LEU N 73 -35.90 -15.26 37.74
N ASN N 74 -36.35 -16.22 38.55
CA ASN N 74 -37.75 -16.61 38.58
C ASN N 74 -38.22 -17.18 37.25
N TYR N 75 -37.68 -16.64 36.15
CA TYR N 75 -38.03 -17.09 34.81
C TYR N 75 -38.08 -18.61 34.74
N MET N 76 -39.24 -19.18 35.05
CA MET N 76 -39.41 -20.63 35.01
C MET N 76 -40.19 -21.06 33.77
N LEU N 77 -41.14 -20.22 33.35
CA LEU N 77 -41.94 -20.51 32.17
C LEU N 77 -41.08 -20.70 30.94
N LEU N 78 -40.06 -19.87 30.80
CA LEU N 78 -39.16 -19.93 29.65
C LEU N 78 -38.03 -20.91 29.91
N ALA N 79 -37.85 -21.29 31.18
CA ALA N 79 -36.79 -22.23 31.56
C ALA N 79 -37.25 -23.66 31.30
N LYS N 80 -38.51 -23.96 31.59
CA LYS N 80 -39.06 -25.28 31.30
C LYS N 80 -39.04 -25.54 29.80
N ARG N 81 -39.49 -24.56 29.03
CA ARG N 81 -39.53 -24.69 27.58
C ARG N 81 -38.14 -24.94 26.98
N LEU N 82 -37.14 -24.21 27.48
CA LEU N 82 -35.78 -24.39 26.98
C LEU N 82 -35.27 -25.79 27.31
N GLN N 83 -35.56 -26.24 28.53
CA GLN N 83 -35.18 -27.57 28.96
C GLN N 83 -35.84 -28.65 28.09
N GLU N 84 -37.08 -28.43 27.72
CA GLU N 84 -37.78 -29.40 26.87
C GLU N 84 -37.13 -29.43 25.48
N GLU N 85 -36.95 -28.28 24.87
CA GLU N 85 -36.32 -28.20 23.55
C GLU N 85 -34.91 -28.79 23.56
N LYS N 86 -34.16 -28.54 24.64
CA LYS N 86 -32.83 -29.12 24.81
C LYS N 86 -32.91 -30.64 24.74
N GLU N 87 -33.78 -31.23 25.55
CA GLU N 87 -33.94 -32.68 25.56
C GLU N 87 -34.34 -33.23 24.18
N LYS N 88 -35.14 -32.47 23.45
CA LYS N 88 -35.57 -32.89 22.12
C LYS N 88 -34.39 -33.00 21.16
N VAL N 89 -33.46 -32.05 21.26
CA VAL N 89 -32.26 -32.06 20.41
C VAL N 89 -31.30 -33.15 20.87
N ASP N 90 -31.17 -33.33 22.19
CA ASP N 90 -30.32 -34.38 22.74
C ASP N 90 -30.73 -35.77 22.22
N LYS N 91 -32.04 -36.01 22.14
CA LYS N 91 -32.55 -37.29 21.68
C LYS N 91 -32.09 -37.59 20.26
N GLN N 92 -31.98 -36.54 19.44
CA GLN N 92 -31.55 -36.69 18.07
C GLN N 92 -30.11 -37.14 17.94
N TYR N 93 -29.32 -36.98 19.00
CA TYR N 93 -27.89 -37.32 18.95
C TYR N 93 -27.48 -38.32 20.02
N LYS N 94 -28.47 -38.93 20.66
CA LYS N 94 -28.21 -39.93 21.69
C LYS N 94 -27.75 -41.25 21.07
N ALA O 1 -4.39 26.81 35.04
CA ALA O 1 -4.67 28.16 34.55
C ALA O 1 -6.04 28.65 35.03
N MET O 2 -6.26 29.95 34.95
CA MET O 2 -7.51 30.54 35.37
C MET O 2 -8.64 29.90 34.58
N GLU O 3 -8.37 29.58 33.32
CA GLU O 3 -9.36 28.96 32.44
C GLU O 3 -9.81 27.60 32.96
N SER O 4 -8.84 26.73 33.24
CA SER O 4 -9.15 25.39 33.71
C SER O 4 -9.92 25.46 35.01
N LYS O 5 -9.51 26.38 35.88
CA LYS O 5 -10.17 26.54 37.18
C LYS O 5 -11.62 27.01 37.03
N TYR O 6 -11.86 27.95 36.12
CA TYR O 6 -13.22 28.39 35.86
C TYR O 6 -14.07 27.22 35.35
N LYS O 7 -13.50 26.41 34.47
CA LYS O 7 -14.21 25.25 33.93
C LYS O 7 -14.59 24.27 35.04
N GLU O 8 -13.66 24.00 35.95
CA GLU O 8 -13.93 23.15 37.11
C GLU O 8 -15.10 23.68 37.93
N ILE O 9 -15.13 24.99 38.17
CA ILE O 9 -16.29 25.65 38.78
C ILE O 9 -17.61 25.39 38.05
N LEU O 10 -17.61 25.66 36.76
CA LEU O 10 -18.79 25.47 35.92
C LEU O 10 -19.30 24.04 36.04
N LEU O 11 -18.39 23.09 35.82
CA LEU O 11 -18.77 21.68 35.70
C LEU O 11 -19.05 21.02 37.04
N LEU O 12 -18.12 21.14 37.97
CA LEU O 12 -18.21 20.40 39.24
C LEU O 12 -19.18 21.09 40.19
N THR O 13 -19.06 22.40 40.34
CA THR O 13 -19.92 23.14 41.26
C THR O 13 -21.26 23.50 40.64
N GLY O 14 -21.27 23.74 39.32
CA GLY O 14 -22.50 24.04 38.61
C GLY O 14 -23.27 22.82 38.12
N LEU O 15 -22.93 22.35 36.93
CA LEU O 15 -23.73 21.35 36.25
C LEU O 15 -23.81 20.01 37.00
N ASP O 16 -22.75 19.64 37.70
CA ASP O 16 -22.71 18.39 38.45
C ASP O 16 -23.65 18.44 39.65
N ASN O 17 -24.45 19.50 39.72
CA ASN O 17 -25.39 19.67 40.81
C ASN O 17 -26.81 19.96 40.31
N ILE O 18 -26.94 20.99 39.48
CA ILE O 18 -28.24 21.37 38.93
C ILE O 18 -29.00 20.16 38.42
N THR O 19 -30.52 20.05 38.25
CA THR O 19 -31.36 18.97 37.76
C THR O 19 -31.63 19.10 36.26
N ASP O 20 -32.73 18.51 35.79
CA ASP O 20 -33.08 18.55 34.39
C ASP O 20 -34.25 19.50 34.14
N GLU O 21 -35.44 19.09 34.55
CA GLU O 21 -36.64 19.92 34.37
C GLU O 21 -36.27 21.40 34.27
N GLU O 22 -35.37 21.84 35.16
CA GLU O 22 -34.95 23.23 35.21
C GLU O 22 -34.10 23.59 33.98
N LEU O 23 -33.37 22.62 33.47
CA LEU O 23 -32.58 22.86 32.26
C LEU O 23 -33.51 23.14 31.08
N ASP O 24 -34.63 22.46 31.03
CA ASP O 24 -35.64 22.72 30.00
C ASP O 24 -36.15 24.16 30.08
N ARG O 25 -36.33 24.65 31.31
CA ARG O 25 -36.79 26.02 31.54
C ARG O 25 -35.68 27.01 31.14
N PHE O 26 -34.44 26.67 31.50
CA PHE O 26 -33.29 27.47 31.08
C PHE O 26 -33.24 27.61 29.56
N LYS O 27 -33.40 26.49 28.86
CA LYS O 27 -33.41 26.49 27.40
C LYS O 27 -34.53 27.39 26.84
N GLY O 28 -35.67 27.43 27.53
CA GLY O 28 -36.81 28.20 27.07
C GLY O 28 -36.58 29.70 27.14
N PHE O 29 -35.64 30.11 27.99
CA PHE O 29 -35.33 31.52 28.15
C PHE O 29 -33.92 31.84 27.65
N LEU O 30 -33.29 30.85 27.03
CA LEU O 30 -31.94 31.02 26.49
C LEU O 30 -31.94 31.89 25.25
N SER O 31 -30.84 31.85 24.50
CA SER O 31 -30.72 32.64 23.28
C SER O 31 -30.82 34.14 23.57
N ASP O 32 -31.04 34.47 24.85
CA ASP O 32 -31.16 35.87 25.26
C ASP O 32 -29.80 36.45 25.67
N GLU O 33 -28.82 35.57 25.86
CA GLU O 33 -27.49 35.99 26.27
C GLU O 33 -26.41 35.60 25.26
N PHE O 34 -26.62 34.49 24.55
CA PHE O 34 -25.61 34.02 23.61
C PHE O 34 -26.14 33.99 22.20
N ASN O 35 -25.30 34.31 21.23
CA ASN O 35 -25.67 34.13 19.83
C ASN O 35 -25.49 32.68 19.41
N ILE O 36 -26.31 31.81 20.01
CA ILE O 36 -26.48 30.41 19.59
C ILE O 36 -27.73 30.22 18.70
N ALA O 37 -28.55 29.20 18.97
CA ALA O 37 -29.73 28.92 18.14
C ALA O 37 -30.81 27.99 18.75
N THR O 38 -31.76 27.57 17.91
CA THR O 38 -32.91 26.72 18.32
C THR O 38 -32.71 25.24 17.93
N GLY O 39 -33.79 24.48 17.73
CA GLY O 39 -33.59 23.08 17.41
C GLY O 39 -32.16 22.61 17.64
N LYS O 40 -31.19 23.52 17.53
CA LYS O 40 -29.78 23.16 17.70
C LYS O 40 -29.44 22.81 19.14
N LEU O 41 -30.24 23.30 20.08
CA LEU O 41 -29.91 23.18 21.49
C LEU O 41 -30.57 21.99 22.14
N HIS O 42 -31.57 21.44 21.47
CA HIS O 42 -32.56 20.60 22.14
C HIS O 42 -31.95 19.45 22.94
N THR O 43 -31.03 18.71 22.33
CA THR O 43 -30.37 17.59 22.99
C THR O 43 -28.85 17.72 22.91
N ALA O 44 -28.28 18.40 23.89
CA ALA O 44 -26.83 18.59 23.94
C ALA O 44 -26.29 18.34 25.34
N ASN O 45 -25.62 17.20 25.52
CA ASN O 45 -25.05 16.84 26.82
C ASN O 45 -24.34 18.02 27.48
N ARG O 46 -24.61 18.21 28.77
CA ARG O 46 -23.99 19.31 29.52
C ARG O 46 -22.59 19.65 29.04
N ILE O 47 -21.77 18.63 28.78
CA ILE O 47 -20.41 18.90 28.32
C ILE O 47 -20.44 19.61 26.97
N GLN O 48 -21.29 19.13 26.05
CA GLN O 48 -21.43 19.76 24.75
C GLN O 48 -21.94 21.19 24.84
N VAL O 49 -22.93 21.43 25.69
CA VAL O 49 -23.48 22.77 25.85
C VAL O 49 -22.45 23.74 26.41
N ALA O 50 -21.72 23.34 27.45
CA ALA O 50 -20.66 24.17 28.01
C ALA O 50 -19.60 24.51 26.97
N THR O 51 -19.23 23.50 26.18
CA THR O 51 -18.17 23.65 25.17
C THR O 51 -18.61 24.62 24.08
N LEU O 52 -19.84 24.47 23.59
CA LEU O 52 -20.36 25.37 22.56
C LEU O 52 -20.46 26.81 23.07
N MET O 53 -20.86 26.97 24.32
CA MET O 53 -20.94 28.29 24.92
C MET O 53 -19.57 28.96 24.96
N ILE O 54 -18.55 28.21 25.36
CA ILE O 54 -17.21 28.74 25.44
C ILE O 54 -16.61 29.00 24.05
N GLN O 55 -16.86 28.08 23.12
CA GLN O 55 -16.35 28.21 21.76
C GLN O 55 -16.83 29.52 21.12
N ASN O 56 -17.88 30.09 21.68
CA ASN O 56 -18.44 31.34 21.17
C ASN O 56 -17.95 32.55 21.97
N ALA O 57 -18.41 32.66 23.20
CA ALA O 57 -18.02 33.77 24.07
C ALA O 57 -16.67 33.50 24.73
N GLY O 58 -16.66 32.60 25.71
CA GLY O 58 -15.44 32.26 26.42
C GLY O 58 -15.69 31.99 27.89
N ALA O 59 -14.60 31.81 28.64
CA ALA O 59 -14.70 31.54 30.07
C ALA O 59 -14.96 32.82 30.86
N VAL O 60 -14.94 33.95 30.16
CA VAL O 60 -15.18 35.25 30.79
C VAL O 60 -16.63 35.66 30.66
N SER O 61 -17.11 35.76 29.43
CA SER O 61 -18.48 36.16 29.17
C SER O 61 -19.47 35.03 29.48
N ALA O 62 -19.09 33.78 29.22
CA ALA O 62 -19.97 32.64 29.52
C ALA O 62 -20.26 32.55 31.02
N VAL O 63 -19.23 32.74 31.84
CA VAL O 63 -19.40 32.69 33.28
C VAL O 63 -20.29 33.86 33.75
N MET O 64 -20.01 35.05 33.24
CA MET O 64 -20.82 36.21 33.59
C MET O 64 -22.29 36.03 33.22
N LYS O 65 -22.55 35.51 32.03
CA LYS O 65 -23.94 35.30 31.60
C LYS O 65 -24.62 34.20 32.42
N THR O 66 -23.84 33.22 32.85
CA THR O 66 -24.38 32.14 33.68
C THR O 66 -24.79 32.68 35.02
N ILE O 67 -23.92 33.51 35.59
CA ILE O 67 -24.22 34.17 36.85
C ILE O 67 -25.53 34.96 36.73
N ARG O 68 -25.67 35.70 35.64
CA ARG O 68 -26.84 36.53 35.39
C ARG O 68 -28.13 35.69 35.28
N ILE O 69 -28.05 34.57 34.57
CA ILE O 69 -29.20 33.68 34.40
C ILE O 69 -29.60 33.03 35.74
N PHE O 70 -28.59 32.60 36.50
CA PHE O 70 -28.83 31.97 37.78
C PHE O 70 -29.61 32.89 38.71
N GLN O 71 -29.52 34.20 38.46
CA GLN O 71 -30.22 35.18 39.28
C GLN O 71 -31.64 35.39 38.80
N LYS O 72 -31.89 35.09 37.52
CA LYS O 72 -33.21 35.23 36.94
C LYS O 72 -34.11 34.06 37.29
N LEU O 73 -33.66 32.85 36.96
CA LEU O 73 -34.42 31.64 37.24
C LEU O 73 -34.59 31.44 38.75
N ASN O 74 -34.75 32.55 39.48
CA ASN O 74 -34.92 32.49 40.92
C ASN O 74 -33.71 31.91 41.63
N TYR O 75 -33.05 30.95 40.98
CA TYR O 75 -31.88 30.30 41.55
C TYR O 75 -30.92 31.32 42.14
N MET O 76 -31.13 31.65 43.42
CA MET O 76 -30.29 32.61 44.11
C MET O 76 -29.31 31.92 45.05
N LEU O 77 -29.75 30.82 45.65
CA LEU O 77 -28.92 30.05 46.56
C LEU O 77 -27.64 29.59 45.89
N LEU O 78 -27.75 29.16 44.64
CA LEU O 78 -26.60 28.68 43.88
C LEU O 78 -25.89 29.84 43.18
N ALA O 79 -26.57 30.98 43.08
CA ALA O 79 -26.01 32.16 42.44
C ALA O 79 -25.09 32.90 43.40
N LYS O 80 -25.49 32.99 44.66
CA LYS O 80 -24.63 33.61 45.67
C LYS O 80 -23.34 32.81 45.83
N ARG O 81 -23.46 31.49 45.93
CA ARG O 81 -22.29 30.64 46.08
C ARG O 81 -21.32 30.76 44.91
N LEU O 82 -21.84 30.82 43.69
CA LEU O 82 -20.99 30.97 42.52
C LEU O 82 -20.27 32.30 42.53
N GLN O 83 -21.00 33.35 42.91
CA GLN O 83 -20.43 34.68 43.03
C GLN O 83 -19.31 34.71 44.08
N GLU O 84 -19.50 34.01 45.18
CA GLU O 84 -18.48 33.97 46.22
C GLU O 84 -17.22 33.26 45.70
N GLU O 85 -17.40 32.07 45.14
CA GLU O 85 -16.29 31.31 44.58
C GLU O 85 -15.56 32.09 43.49
N LYS O 86 -16.30 32.81 42.66
CA LYS O 86 -15.72 33.66 41.63
C LYS O 86 -14.80 34.68 42.26
N GLU O 87 -15.29 35.42 43.25
CA GLU O 87 -14.48 36.42 43.92
C GLU O 87 -13.22 35.82 44.57
N LYS O 88 -13.34 34.59 45.07
CA LYS O 88 -12.21 33.91 45.69
C LYS O 88 -11.10 33.66 44.67
N VAL O 89 -11.47 33.27 43.46
CA VAL O 89 -10.51 33.03 42.40
C VAL O 89 -9.94 34.35 41.88
N ASP O 90 -10.79 35.37 41.77
CA ASP O 90 -10.34 36.69 41.33
C ASP O 90 -9.24 37.25 42.25
N LYS O 91 -9.40 37.04 43.55
CA LYS O 91 -8.42 37.52 44.53
C LYS O 91 -7.05 36.92 44.28
N GLN O 92 -7.03 35.67 43.83
CA GLN O 92 -5.78 34.98 43.55
C GLN O 92 -5.02 35.58 42.38
N TYR O 93 -5.70 36.36 41.54
CA TYR O 93 -5.07 36.91 40.34
C TYR O 93 -5.16 38.44 40.28
N LYS O 94 -5.55 39.05 41.39
CA LYS O 94 -5.66 40.51 41.47
C LYS O 94 -4.28 41.15 41.55
N SER P 1 23.86 -39.91 5.22
CA SER P 1 22.46 -40.33 5.21
C SER P 1 22.04 -41.03 6.48
N LYS P 2 20.82 -41.55 6.40
CA LYS P 2 20.09 -42.27 7.45
C LYS P 2 20.75 -43.59 7.91
N GLY P 3 20.60 -44.60 7.07
CA GLY P 3 21.05 -45.94 7.35
C GLY P 3 22.53 -46.11 7.54
N GLU P 4 23.32 -45.30 6.81
CA GLU P 4 24.79 -45.41 6.83
C GLU P 4 25.35 -45.89 8.17
N GLU P 5 25.04 -45.11 9.20
CA GLU P 5 25.43 -45.37 10.58
C GLU P 5 24.99 -46.74 11.12
N LEU P 6 23.94 -47.31 10.54
CA LEU P 6 23.42 -48.61 10.98
C LEU P 6 24.30 -49.76 10.56
N PHE P 7 25.13 -49.50 9.57
CA PHE P 7 25.94 -50.56 8.96
C PHE P 7 27.43 -50.57 9.31
N THR P 8 27.76 -49.70 10.21
CA THR P 8 29.08 -49.49 10.68
C THR P 8 29.74 -50.72 11.34
N GLY P 9 28.97 -51.74 11.69
CA GLY P 9 29.58 -52.94 12.26
C GLY P 9 28.90 -54.19 11.74
N VAL P 10 29.17 -55.32 12.37
CA VAL P 10 28.50 -56.57 12.03
C VAL P 10 27.02 -56.49 12.46
N VAL P 11 26.12 -56.79 11.52
CA VAL P 11 24.66 -56.79 11.74
C VAL P 11 24.09 -58.23 11.58
N PRO P 12 23.33 -58.72 12.55
CA PRO P 12 22.72 -60.03 12.40
C PRO P 12 21.62 -59.97 11.33
N ILE P 13 21.50 -61.05 10.57
CA ILE P 13 20.52 -61.14 9.51
C ILE P 13 19.57 -62.30 9.72
N LEU P 14 18.31 -62.04 9.43
CA LEU P 14 17.30 -63.06 9.50
C LEU P 14 16.61 -63.11 8.13
N VAL P 15 16.51 -64.31 7.57
CA VAL P 15 15.86 -64.51 6.28
C VAL P 15 14.69 -65.51 6.40
N GLU P 16 13.52 -65.10 5.92
CA GLU P 16 12.33 -65.90 5.92
C GLU P 16 11.72 -65.94 4.53
N LEU P 17 11.57 -67.16 3.99
CA LEU P 17 10.96 -67.32 2.66
C LEU P 17 9.79 -68.30 2.62
N ASP P 18 8.72 -67.89 1.95
CA ASP P 18 7.56 -68.72 1.71
C ASP P 18 7.45 -68.92 0.21
N GLY P 19 7.53 -70.14 -0.27
CA GLY P 19 7.43 -70.28 -1.71
C GLY P 19 6.50 -71.38 -2.21
N ASP P 20 6.13 -71.21 -3.46
CA ASP P 20 5.31 -72.13 -4.19
C ASP P 20 5.80 -72.13 -5.62
N VAL P 21 6.32 -73.28 -6.01
CA VAL P 21 6.81 -73.46 -7.38
C VAL P 21 6.03 -74.59 -8.08
N ASN P 22 5.16 -74.20 -9.03
CA ASN P 22 4.36 -75.20 -9.73
C ASN P 22 3.56 -76.08 -8.76
N GLY P 23 3.00 -75.46 -7.73
CA GLY P 23 2.23 -76.21 -6.75
C GLY P 23 3.03 -76.87 -5.66
N HIS P 24 4.37 -76.86 -5.74
CA HIS P 24 5.20 -77.42 -4.66
C HIS P 24 5.49 -76.32 -3.64
N LYS P 25 4.89 -76.44 -2.47
CA LYS P 25 5.05 -75.44 -1.44
C LYS P 25 6.21 -75.69 -0.54
N PHE P 26 6.88 -74.62 -0.11
CA PHE P 26 8.01 -74.80 0.78
C PHE P 26 8.33 -73.55 1.58
N SER P 27 9.12 -73.75 2.63
CA SER P 27 9.54 -72.66 3.49
C SER P 27 11.04 -72.76 3.80
N VAL P 28 11.69 -71.61 3.84
CA VAL P 28 13.10 -71.54 4.19
C VAL P 28 13.39 -70.48 5.26
N SER P 29 14.27 -70.86 6.17
CA SER P 29 14.75 -69.96 7.19
C SER P 29 16.29 -69.80 7.06
N GLY P 30 16.76 -68.58 7.20
CA GLY P 30 18.18 -68.36 7.19
C GLY P 30 18.61 -67.36 8.26
N GLU P 31 19.81 -67.55 8.75
CA GLU P 31 20.40 -66.68 9.74
C GLU P 31 21.88 -66.48 9.41
N GLY P 32 22.43 -65.36 9.83
CA GLY P 32 23.85 -65.10 9.69
C GLY P 32 24.17 -63.69 10.01
N GLU P 33 25.22 -63.16 9.39
CA GLU P 33 25.58 -61.80 9.61
C GLU P 33 26.18 -61.15 8.39
N GLY P 34 26.16 -59.84 8.37
CA GLY P 34 26.69 -59.07 7.28
C GLY P 34 27.59 -57.98 7.83
N ASP P 35 28.59 -57.59 7.07
CA ASP P 35 29.52 -56.54 7.48
C ASP P 35 29.82 -55.72 6.25
N ALA P 36 29.03 -54.68 6.06
CA ALA P 36 29.10 -53.84 4.92
C ALA P 36 30.48 -53.18 4.76
N THR P 37 31.27 -53.17 5.83
CA THR P 37 32.60 -52.55 5.76
C THR P 37 33.49 -53.28 4.77
N TYR P 38 33.29 -54.59 4.67
CA TYR P 38 33.98 -55.45 3.76
C TYR P 38 33.06 -55.99 2.67
N GLY P 39 31.80 -55.49 2.62
CA GLY P 39 30.79 -55.99 1.67
C GLY P 39 30.61 -57.50 1.82
N LYS P 40 30.77 -57.99 3.05
CA LYS P 40 30.73 -59.38 3.31
C LYS P 40 29.42 -59.90 3.97
N LEU P 41 28.96 -61.08 3.49
CA LEU P 41 27.75 -61.76 4.01
C LEU P 41 28.06 -63.21 4.35
N THR P 42 27.61 -63.71 5.51
CA THR P 42 27.80 -65.12 5.88
C THR P 42 26.46 -65.67 6.35
N LEU P 43 25.90 -66.67 5.64
CA LEU P 43 24.56 -67.16 5.95
C LEU P 43 24.42 -68.67 5.85
N LYS P 44 23.45 -69.21 6.60
CA LYS P 44 23.07 -70.58 6.53
C LYS P 44 21.55 -70.66 6.39
N PHE P 45 21.10 -71.38 5.37
CA PHE P 45 19.70 -71.53 5.08
C PHE P 45 19.31 -72.94 5.31
N ILE P 46 18.10 -73.13 5.81
CA ILE P 46 17.57 -74.45 6.13
C ILE P 46 16.16 -74.60 5.59
N CYS P 47 15.89 -75.69 4.90
CA CYS P 47 14.55 -75.84 4.35
C CYS P 47 13.72 -76.42 5.46
N THR P 48 12.79 -75.62 5.98
CA THR P 48 12.00 -76.03 7.12
C THR P 48 10.86 -76.99 6.84
N THR P 49 10.38 -76.97 5.62
CA THR P 49 9.30 -77.85 5.26
C THR P 49 9.80 -79.20 4.76
N GLY P 50 11.14 -79.42 4.84
CA GLY P 50 11.75 -80.68 4.38
C GLY P 50 12.74 -80.48 3.19
N LYS P 51 12.52 -81.23 2.10
CA LYS P 51 13.37 -81.17 0.90
C LYS P 51 13.04 -80.01 -0.03
N LEU P 52 14.04 -79.19 -0.34
CA LEU P 52 13.79 -78.10 -1.24
C LEU P 52 13.43 -78.66 -2.62
N PRO P 53 12.35 -78.18 -3.20
CA PRO P 53 11.84 -78.65 -4.49
C PRO P 53 12.54 -78.11 -5.73
N VAL P 54 13.36 -77.09 -5.54
CA VAL P 54 14.15 -76.52 -6.61
C VAL P 54 15.55 -76.53 -6.15
N PRO P 55 16.47 -76.23 -7.02
CA PRO P 55 17.85 -76.24 -6.60
C PRO P 55 18.25 -74.99 -5.77
N TRP P 56 19.07 -75.21 -4.75
CA TRP P 56 19.52 -74.11 -3.90
C TRP P 56 20.04 -72.87 -4.66
N PRO P 57 20.91 -73.08 -5.63
CA PRO P 57 21.44 -71.96 -6.36
C PRO P 57 20.42 -71.08 -6.97
N THR P 58 19.26 -71.62 -7.33
CA THR P 58 18.28 -70.77 -7.93
C THR P 58 17.73 -69.68 -6.96
N LEU P 59 17.89 -69.90 -5.68
CA LEU P 59 17.36 -68.97 -4.69
C LEU P 59 18.33 -67.91 -4.17
N VAL P 60 19.59 -68.01 -4.53
CA VAL P 60 20.61 -67.08 -4.00
C VAL P 60 20.26 -65.61 -4.07
N THR P 61 19.90 -65.17 -5.25
CA THR P 61 19.61 -63.78 -5.47
C THR P 61 18.43 -63.29 -4.66
N THR P 62 17.53 -64.20 -4.42
CA THR P 62 16.31 -63.89 -3.64
C THR P 62 16.66 -63.71 -2.15
N PHE P 63 17.43 -64.63 -1.64
CA PHE P 63 17.82 -64.57 -0.27
C PHE P 63 18.75 -63.40 -0.02
N1 CRO P 64 19.72 -63.20 -0.91
CA1 CRO P 64 20.68 -62.11 -0.74
CB1 CRO P 64 22.08 -62.67 -0.44
CG1 CRO P 64 22.10 -63.46 0.84
OG1 CRO P 64 22.51 -63.48 -1.51
C1 CRO P 64 20.59 -61.31 -2.01
N2 CRO P 64 21.42 -61.41 -3.12
N3 CRO P 64 19.69 -60.34 -2.26
C2 CRO P 64 19.72 -59.85 -3.54
O2 CRO P 64 19.19 -58.90 -4.03
CA2 CRO P 64 20.91 -60.55 -4.10
CA3 CRO P 64 18.56 -60.11 -1.38
C3 CRO P 64 18.70 -59.00 -0.38
O3 CRO P 64 17.71 -58.36 -0.08
CB2 CRO P 64 21.47 -60.24 -5.28
CG2 CRO P 64 22.55 -61.01 -5.98
CD1 CRO P 64 23.29 -62.02 -5.33
CD2 CRO P 64 22.89 -60.62 -7.33
CE1 CRO P 64 24.41 -62.63 -6.00
CE2 CRO P 64 23.98 -61.24 -8.00
CZ CRO P 64 24.71 -62.24 -7.36
OH CRO P 64 25.82 -62.90 -8.07
N VAL P 65 19.90 -58.80 0.15
CA VAL P 65 20.09 -57.75 1.14
C VAL P 65 21.29 -56.84 0.72
N GLN P 66 21.05 -56.16 -0.38
CA GLN P 66 21.92 -55.29 -0.98
C GLN P 66 22.45 -54.11 -0.20
N CYS P 67 21.86 -53.87 0.96
CA CYS P 67 22.33 -52.82 1.82
C CYS P 67 23.69 -53.22 2.46
N PHE P 68 24.09 -54.49 2.28
CA PHE P 68 25.37 -55.00 2.80
C PHE P 68 26.53 -54.88 1.77
N SER P 69 26.27 -54.21 0.68
CA SER P 69 27.26 -54.02 -0.34
C SER P 69 28.28 -52.98 0.15
N ARG P 70 29.55 -53.18 -0.19
CA ARG P 70 30.50 -52.17 0.19
C ARG P 70 30.49 -51.03 -0.82
N TYR P 71 30.18 -49.83 -0.36
CA TYR P 71 30.24 -48.67 -1.25
C TYR P 71 31.53 -47.88 -0.95
N PRO P 72 32.35 -47.69 -1.94
CA PRO P 72 33.55 -46.91 -1.71
C PRO P 72 33.20 -45.49 -1.25
N ASP P 73 34.09 -44.88 -0.47
CA ASP P 73 33.89 -43.55 0.02
C ASP P 73 33.42 -42.60 -1.03
N HIS P 74 34.01 -42.65 -2.18
CA HIS P 74 33.60 -41.70 -3.16
C HIS P 74 32.28 -41.98 -3.77
N MSE P 75 31.71 -43.12 -3.48
CA MSE P 75 30.41 -43.44 -4.05
C MSE P 75 29.26 -43.50 -3.03
O MSE P 75 28.17 -43.94 -3.34
CB MSE P 75 30.51 -44.77 -4.75
CG MSE P 75 31.11 -44.73 -6.13
SE MSE P 75 31.28 -46.50 -6.88
CE MSE P 75 29.51 -46.58 -7.65
N LYS P 76 29.54 -43.10 -1.80
CA LYS P 76 28.53 -43.14 -0.75
C LYS P 76 27.21 -42.45 -1.08
N ARG P 77 27.28 -41.42 -1.90
CA ARG P 77 26.07 -40.70 -2.24
C ARG P 77 25.15 -41.47 -3.15
N HIS P 78 25.59 -42.67 -3.62
CA HIS P 78 24.75 -43.44 -4.56
C HIS P 78 24.15 -44.66 -3.92
N ASP P 79 24.32 -44.78 -2.59
CA ASP P 79 23.91 -45.94 -1.87
C ASP P 79 22.45 -45.87 -1.43
N PHE P 80 21.55 -46.17 -2.35
CA PHE P 80 20.11 -46.16 -2.08
C PHE P 80 19.73 -47.06 -0.93
N PHE P 81 20.32 -48.30 -0.97
CA PHE P 81 20.02 -49.36 -0.04
C PHE P 81 20.06 -48.96 1.42
N LYS P 82 21.18 -48.39 1.82
CA LYS P 82 21.37 -47.95 3.17
C LYS P 82 20.53 -46.71 3.52
N SER P 83 20.29 -45.82 2.51
CA SER P 83 19.55 -44.60 2.74
C SER P 83 18.09 -44.86 3.09
N ALA P 84 17.60 -46.03 2.73
CA ALA P 84 16.21 -46.37 3.01
C ALA P 84 15.99 -46.93 4.42
N MSE P 85 17.08 -47.16 5.16
CA MSE P 85 17.03 -47.73 6.50
C MSE P 85 16.86 -46.68 7.62
O MSE P 85 17.23 -45.53 7.45
CB MSE P 85 18.31 -48.51 6.68
CG MSE P 85 18.47 -49.64 5.69
SE MSE P 85 17.12 -51.06 5.94
CE MSE P 85 16.83 -51.56 4.11
N PRO P 86 16.29 -47.04 8.78
CA PRO P 86 15.85 -48.38 9.15
C PRO P 86 14.47 -48.83 8.61
N GLU P 87 13.62 -47.87 8.14
CA GLU P 87 12.28 -48.19 7.63
C GLU P 87 12.29 -49.26 6.54
N GLY P 88 13.32 -49.27 5.72
CA GLY P 88 13.47 -50.34 4.75
C GLY P 88 12.92 -50.09 3.37
N TYR P 89 12.91 -51.16 2.58
CA TYR P 89 12.41 -51.06 1.23
C TYR P 89 11.77 -52.33 0.80
N VAL P 90 10.95 -52.16 -0.24
CA VAL P 90 10.29 -53.26 -0.92
C VAL P 90 11.12 -53.58 -2.16
N GLN P 91 11.38 -54.84 -2.33
CA GLN P 91 12.15 -55.30 -3.45
C GLN P 91 11.30 -56.30 -4.20
N GLU P 92 11.00 -56.00 -5.47
CA GLU P 92 10.23 -56.93 -6.26
C GLU P 92 11.00 -57.37 -7.47
N ARG P 93 10.77 -58.61 -7.89
CA ARG P 93 11.42 -59.11 -9.07
C ARG P 93 10.58 -60.02 -9.89
N THR P 94 11.02 -60.17 -11.11
CA THR P 94 10.62 -61.22 -11.97
C THR P 94 11.90 -61.83 -12.49
N ILE P 95 12.02 -63.15 -12.38
CA ILE P 95 13.21 -63.87 -12.84
C ILE P 95 12.83 -64.86 -13.93
N PHE P 96 13.34 -64.63 -15.14
CA PHE P 96 13.01 -65.51 -16.23
C PHE P 96 14.04 -66.54 -16.48
N PHE P 97 13.70 -67.82 -16.32
CA PHE P 97 14.66 -68.86 -16.63
C PHE P 97 14.57 -69.16 -18.10
N LYS P 98 15.70 -69.07 -18.79
CA LYS P 98 15.68 -69.27 -20.21
C LYS P 98 15.14 -70.64 -20.58
N ASP P 99 14.16 -70.66 -21.47
CA ASP P 99 13.52 -71.90 -21.92
C ASP P 99 12.89 -72.69 -20.79
N ASP P 100 12.47 -71.99 -19.75
CA ASP P 100 11.87 -72.61 -18.58
C ASP P 100 10.88 -71.66 -17.91
N GLY P 101 10.53 -71.93 -16.63
CA GLY P 101 9.56 -71.08 -15.91
C GLY P 101 10.13 -69.77 -15.39
N ASN P 102 9.29 -69.03 -14.66
CA ASN P 102 9.73 -67.80 -14.05
C ASN P 102 9.39 -67.72 -12.56
N TYR P 103 10.13 -66.88 -11.84
CA TYR P 103 9.89 -66.60 -10.45
C TYR P 103 9.43 -65.19 -10.29
N LYS P 104 8.45 -65.01 -9.42
CA LYS P 104 7.95 -63.69 -9.08
C LYS P 104 8.14 -63.56 -7.58
N THR P 105 8.84 -62.52 -7.17
CA THR P 105 9.13 -62.35 -5.77
C THR P 105 8.76 -60.98 -5.26
N ARG P 106 8.44 -60.97 -3.99
CA ARG P 106 8.16 -59.74 -3.31
C ARG P 106 8.70 -59.83 -1.91
N ALA P 107 9.47 -58.84 -1.51
CA ALA P 107 10.04 -58.91 -0.19
C ALA P 107 10.11 -57.56 0.48
N GLU P 108 10.21 -57.62 1.79
CA GLU P 108 10.38 -56.42 2.58
C GLU P 108 11.68 -56.55 3.32
N VAL P 109 12.57 -55.55 3.17
CA VAL P 109 13.78 -55.63 3.93
C VAL P 109 13.92 -54.43 4.81
N LYS P 110 14.08 -54.71 6.07
CA LYS P 110 14.13 -53.64 7.03
C LYS P 110 14.61 -54.17 8.34
N PHE P 111 14.81 -53.26 9.29
CA PHE P 111 15.27 -53.60 10.62
C PHE P 111 14.11 -53.90 11.59
N GLU P 112 14.28 -54.94 12.38
CA GLU P 112 13.38 -55.29 13.47
C GLU P 112 14.24 -55.23 14.66
N GLY P 113 14.26 -54.13 15.35
CA GLY P 113 15.18 -54.07 16.46
C GLY P 113 16.57 -53.92 15.86
N ASP P 114 17.47 -54.75 16.23
CA ASP P 114 18.80 -54.61 15.67
C ASP P 114 19.19 -55.63 14.61
N THR P 115 18.20 -56.40 14.21
CA THR P 115 18.35 -57.44 13.23
C THR P 115 17.81 -57.00 11.90
N LEU P 116 18.56 -57.29 10.87
CA LEU P 116 18.14 -56.93 9.52
C LEU P 116 17.34 -58.12 9.00
N VAL P 117 16.09 -57.82 8.62
CA VAL P 117 15.14 -58.83 8.18
C VAL P 117 14.79 -58.76 6.70
N ASN P 118 14.83 -59.91 6.06
CA ASN P 118 14.44 -60.03 4.66
C ASN P 118 13.29 -61.02 4.58
N ARG P 119 12.08 -60.53 4.40
CA ARG P 119 10.89 -61.37 4.33
C ARG P 119 10.37 -61.43 2.90
N ILE P 120 10.37 -62.64 2.35
CA ILE P 120 10.03 -62.91 0.96
C ILE P 120 8.87 -63.88 0.71
N GLU P 121 8.12 -63.55 -0.33
CA GLU P 121 7.09 -64.39 -0.87
C GLU P 121 7.46 -64.69 -2.30
N LEU P 122 7.58 -65.96 -2.59
CA LEU P 122 7.97 -66.37 -3.91
C LEU P 122 6.94 -67.24 -4.62
N LYS P 123 6.68 -66.89 -5.85
CA LYS P 123 5.77 -67.66 -6.67
C LYS P 123 6.45 -68.06 -8.01
N GLY P 124 6.52 -69.37 -8.29
CA GLY P 124 7.15 -69.95 -9.51
C GLY P 124 6.13 -70.64 -10.41
N ILE P 125 6.09 -70.25 -11.69
CA ILE P 125 5.17 -70.90 -12.63
C ILE P 125 5.78 -71.22 -13.97
N ASP P 126 5.12 -72.16 -14.61
CA ASP P 126 5.46 -72.59 -15.91
C ASP P 126 6.76 -73.29 -16.00
N PHE P 127 7.12 -73.99 -14.96
CA PHE P 127 8.36 -74.74 -14.99
C PHE P 127 8.15 -76.09 -15.65
N LYS P 128 9.17 -76.55 -16.36
CA LYS P 128 9.08 -77.85 -17.03
C LYS P 128 9.45 -78.93 -16.07
N GLU P 129 8.56 -79.89 -15.96
CA GLU P 129 8.77 -80.95 -15.03
C GLU P 129 10.11 -81.64 -15.22
N ASP P 130 10.60 -81.58 -16.43
CA ASP P 130 11.86 -82.22 -16.82
C ASP P 130 12.98 -81.23 -17.23
N GLY P 131 12.84 -79.95 -16.85
CA GLY P 131 13.82 -78.93 -17.21
C GLY P 131 14.98 -78.95 -16.25
N ASN P 132 15.84 -77.95 -16.35
CA ASN P 132 16.99 -77.93 -15.46
C ASN P 132 16.67 -77.65 -14.00
N ILE P 133 15.55 -76.95 -13.76
CA ILE P 133 15.15 -76.55 -12.40
C ILE P 133 14.50 -77.68 -11.58
N LEU P 134 13.37 -78.14 -12.08
CA LEU P 134 12.63 -79.20 -11.44
C LEU P 134 13.37 -80.48 -11.54
N GLY P 135 14.13 -80.63 -12.61
CA GLY P 135 14.90 -81.83 -12.84
C GLY P 135 16.16 -81.85 -12.01
N HIS P 136 16.44 -80.78 -11.32
CA HIS P 136 17.66 -80.74 -10.49
C HIS P 136 18.99 -81.05 -11.25
N LYS P 137 19.23 -80.31 -12.31
CA LYS P 137 20.42 -80.49 -13.15
C LYS P 137 21.53 -79.43 -12.93
N LEU P 138 21.30 -78.48 -12.00
CA LEU P 138 22.24 -77.38 -11.73
C LEU P 138 23.34 -77.81 -10.81
N GLU P 139 24.60 -77.43 -11.10
CA GLU P 139 25.68 -77.75 -10.20
C GLU P 139 25.55 -76.89 -8.95
N TYR P 140 26.17 -77.34 -7.90
CA TYR P 140 26.14 -76.65 -6.64
C TYR P 140 27.29 -75.71 -6.52
N ASN P 141 27.18 -74.63 -7.22
CA ASN P 141 28.20 -73.61 -7.20
C ASN P 141 27.60 -72.33 -7.72
N TYR P 142 28.40 -71.27 -7.75
CA TYR P 142 27.89 -70.02 -8.18
C TYR P 142 28.98 -69.14 -8.85
N ASN P 143 28.60 -68.31 -9.82
CA ASN P 143 29.53 -67.43 -10.56
C ASN P 143 29.52 -66.00 -10.06
N SER P 144 30.39 -65.11 -10.67
CA SER P 144 30.47 -63.66 -10.35
C SER P 144 29.67 -62.92 -11.33
N HIS P 145 29.00 -61.86 -10.90
CA HIS P 145 28.18 -61.13 -11.80
C HIS P 145 28.28 -59.67 -11.57
N ASN P 146 27.78 -58.92 -12.51
CA ASN P 146 27.64 -57.49 -12.39
C ASN P 146 26.14 -57.17 -12.37
N VAL P 147 25.74 -56.33 -11.45
CA VAL P 147 24.37 -55.93 -11.23
C VAL P 147 24.25 -54.48 -11.54
N TYR P 148 23.44 -54.15 -12.54
CA TYR P 148 23.27 -52.79 -12.99
C TYR P 148 22.17 -52.03 -12.31
N ILE P 149 22.51 -50.88 -11.78
CA ILE P 149 21.57 -50.05 -11.08
C ILE P 149 21.33 -48.73 -11.70
N MSE P 150 20.07 -48.33 -11.68
CA MSE P 150 19.68 -47.03 -12.17
C MSE P 150 18.55 -46.47 -11.38
O MSE P 150 17.76 -47.21 -10.78
CB MSE P 150 19.27 -47.16 -13.61
CG MSE P 150 20.08 -48.15 -14.36
SE MSE P 150 19.24 -48.59 -16.02
CE MSE P 150 18.12 -47.02 -16.11
N ALA P 151 18.48 -45.14 -11.36
CA ALA P 151 17.50 -44.42 -10.62
C ALA P 151 16.13 -44.45 -11.27
N ASP P 152 15.12 -44.38 -10.43
CA ASP P 152 13.76 -44.32 -10.90
C ASP P 152 13.07 -43.15 -10.23
N LYS P 153 13.25 -41.98 -10.81
CA LYS P 153 12.70 -40.78 -10.24
C LYS P 153 11.17 -40.77 -10.08
N GLN P 154 10.45 -41.56 -10.89
CA GLN P 154 8.99 -41.60 -10.81
C GLN P 154 8.43 -42.36 -9.59
N LYS P 155 9.15 -43.41 -9.19
CA LYS P 155 8.74 -44.20 -8.07
C LYS P 155 9.64 -43.92 -6.86
N ASN P 156 10.59 -42.98 -7.03
CA ASN P 156 11.50 -42.65 -5.93
C ASN P 156 12.24 -43.92 -5.52
N GLY P 157 12.66 -44.68 -6.55
CA GLY P 157 13.33 -45.92 -6.30
C GLY P 157 14.38 -46.13 -7.34
N ILE P 158 14.75 -47.38 -7.47
CA ILE P 158 15.74 -47.75 -8.42
C ILE P 158 15.26 -48.93 -9.20
N LYS P 159 15.80 -49.08 -10.38
CA LYS P 159 15.50 -50.21 -11.22
C LYS P 159 16.80 -50.94 -11.36
N VAL P 160 16.76 -52.25 -11.32
CA VAL P 160 17.95 -53.05 -11.38
C VAL P 160 17.77 -54.18 -12.36
N ASN P 161 18.81 -54.45 -13.15
CA ASN P 161 18.76 -55.53 -14.11
C ASN P 161 20.09 -56.28 -14.17
N PHE P 162 20.01 -57.57 -14.49
CA PHE P 162 21.20 -58.43 -14.60
C PHE P 162 20.82 -59.82 -14.98
N LYS P 163 21.83 -60.62 -15.38
CA LYS P 163 21.65 -62.02 -15.74
C LYS P 163 22.56 -62.89 -14.93
N ILE P 164 22.02 -63.97 -14.45
CA ILE P 164 22.75 -64.91 -13.71
C ILE P 164 22.98 -66.05 -14.61
N ARG P 165 24.16 -66.62 -14.46
CA ARG P 165 24.56 -67.78 -15.19
C ARG P 165 24.74 -68.98 -14.25
N HIS P 166 23.86 -69.98 -14.40
CA HIS P 166 23.91 -71.20 -13.60
C HIS P 166 24.54 -72.33 -14.39
N ASN P 167 25.56 -72.92 -13.85
CA ASN P 167 26.19 -74.00 -14.52
C ASN P 167 25.34 -75.25 -14.42
N ILE P 168 25.19 -75.95 -15.56
CA ILE P 168 24.48 -77.24 -15.60
C ILE P 168 25.49 -78.37 -15.55
N GLU P 169 25.13 -79.45 -14.92
CA GLU P 169 25.99 -80.59 -14.71
C GLU P 169 26.64 -81.14 -15.97
N ASP P 170 26.08 -80.86 -17.13
CA ASP P 170 26.63 -81.35 -18.40
C ASP P 170 27.66 -80.40 -19.03
N GLY P 171 27.99 -79.35 -18.30
CA GLY P 171 28.95 -78.41 -18.82
C GLY P 171 28.31 -77.19 -19.43
N SER P 172 26.97 -77.26 -19.65
CA SER P 172 26.26 -76.16 -20.25
C SER P 172 25.89 -75.05 -19.27
N VAL P 173 25.02 -74.12 -19.71
CA VAL P 173 24.62 -72.99 -18.87
C VAL P 173 23.11 -72.71 -18.85
N GLN P 174 22.60 -72.34 -17.67
CA GLN P 174 21.20 -71.93 -17.51
C GLN P 174 21.12 -70.45 -17.19
N LEU P 175 20.55 -69.68 -18.11
CA LEU P 175 20.44 -68.27 -17.93
C LEU P 175 19.22 -67.88 -17.13
N ALA P 176 19.40 -66.89 -16.28
CA ALA P 176 18.33 -66.36 -15.47
C ALA P 176 18.31 -64.85 -15.48
N ASP P 177 17.42 -64.29 -16.29
CA ASP P 177 17.25 -62.87 -16.44
C ASP P 177 16.49 -62.25 -15.30
N HIS P 178 17.12 -61.31 -14.63
CA HIS P 178 16.52 -60.65 -13.48
C HIS P 178 16.04 -59.25 -13.77
N TYR P 179 14.79 -58.95 -13.39
CA TYR P 179 14.21 -57.62 -13.50
C TYR P 179 13.78 -57.21 -12.13
N GLN P 180 14.25 -56.07 -11.66
CA GLN P 180 14.01 -55.73 -10.29
C GLN P 180 13.67 -54.26 -10.06
N GLN P 181 12.78 -54.04 -9.07
CA GLN P 181 12.38 -52.71 -8.60
C GLN P 181 12.41 -52.64 -7.07
N ASN P 182 12.91 -51.53 -6.57
CA ASN P 182 13.01 -51.25 -5.15
C ASN P 182 12.40 -49.91 -4.85
N THR P 183 11.59 -49.89 -3.84
CA THR P 183 10.94 -48.66 -3.42
C THR P 183 10.95 -48.57 -1.94
N PRO P 184 11.11 -47.34 -1.45
CA PRO P 184 11.20 -47.10 -0.03
C PRO P 184 9.88 -47.41 0.67
N ILE P 185 10.00 -47.82 1.90
CA ILE P 185 8.82 -48.09 2.75
C ILE P 185 8.44 -46.79 3.46
N GLY P 186 9.43 -46.12 4.04
CA GLY P 186 9.17 -44.84 4.71
C GLY P 186 8.92 -43.70 3.73
N ASP P 187 8.59 -42.54 4.26
CA ASP P 187 8.30 -41.34 3.46
C ASP P 187 9.49 -40.39 3.50
N GLY P 188 10.49 -40.76 4.30
CA GLY P 188 11.72 -39.99 4.48
C GLY P 188 12.54 -39.94 3.19
N PRO P 189 13.56 -39.08 3.16
CA PRO P 189 14.41 -38.95 1.98
C PRO P 189 15.38 -40.15 1.74
N VAL P 190 15.58 -40.47 0.47
CA VAL P 190 16.48 -41.52 0.06
C VAL P 190 17.41 -40.98 -0.99
N LEU P 191 18.49 -41.70 -1.18
CA LEU P 191 19.51 -41.32 -2.12
C LEU P 191 19.25 -41.98 -3.49
N LEU P 192 18.99 -41.18 -4.52
CA LEU P 192 18.83 -41.74 -5.85
C LEU P 192 20.17 -41.64 -6.56
N PRO P 193 20.63 -42.79 -7.01
CA PRO P 193 21.96 -42.92 -7.60
C PRO P 193 22.08 -42.62 -9.07
N ASP P 194 23.32 -42.41 -9.49
CA ASP P 194 23.64 -42.36 -10.89
C ASP P 194 23.96 -43.81 -11.28
N ASN P 195 23.86 -44.12 -12.57
CA ASN P 195 24.10 -45.46 -13.04
C ASN P 195 25.38 -45.99 -12.54
N HIS P 196 25.34 -47.19 -12.05
CA HIS P 196 26.52 -47.82 -11.53
C HIS P 196 26.24 -49.29 -11.40
N TYR P 197 27.17 -50.04 -10.88
CA TYR P 197 26.93 -51.46 -10.73
C TYR P 197 27.63 -52.08 -9.55
N LEU P 198 27.15 -53.25 -9.19
CA LEU P 198 27.68 -54.05 -8.11
C LEU P 198 28.32 -55.27 -8.70
N SER P 199 29.49 -55.60 -8.16
CA SER P 199 30.26 -56.74 -8.57
C SER P 199 30.17 -57.79 -7.47
N THR P 200 29.72 -58.98 -7.83
CA THR P 200 29.46 -59.99 -6.84
C THR P 200 30.28 -61.22 -7.00
N GLN P 201 30.49 -61.86 -5.87
CA GLN P 201 31.12 -63.15 -5.82
C GLN P 201 30.56 -63.98 -4.66
N SER P 202 30.31 -65.27 -4.89
CA SER P 202 29.72 -66.13 -3.87
C SER P 202 30.26 -67.53 -3.91
N ALA P 203 30.39 -68.10 -2.73
CA ALA P 203 30.83 -69.48 -2.55
C ALA P 203 29.75 -70.26 -1.77
N LEU P 204 29.36 -71.44 -2.26
CA LEU P 204 28.39 -72.31 -1.65
C LEU P 204 29.08 -73.45 -1.00
N SER P 205 28.61 -73.81 0.19
CA SER P 205 29.16 -74.94 0.89
C SER P 205 28.07 -75.70 1.67
N LYS P 206 28.46 -76.79 2.33
CA LYS P 206 27.55 -77.57 3.15
C LYS P 206 28.10 -77.73 4.55
N ASP P 207 27.19 -77.89 5.54
CA ASP P 207 27.55 -78.17 6.94
C ASP P 207 27.51 -79.68 7.13
N PRO P 208 28.67 -80.28 7.20
CA PRO P 208 28.83 -81.72 7.29
C PRO P 208 28.01 -82.39 8.41
N ASN P 209 27.72 -81.63 9.47
CA ASN P 209 26.98 -82.16 10.59
C ASN P 209 25.50 -81.80 10.56
N GLU P 210 25.06 -81.29 9.42
CA GLU P 210 23.69 -80.87 9.26
C GLU P 210 22.87 -81.89 8.45
N LYS P 211 21.86 -82.47 9.04
CA LYS P 211 21.04 -83.45 8.30
C LYS P 211 19.89 -82.84 7.54
N ARG P 212 19.49 -81.65 7.91
CA ARG P 212 18.40 -81.08 7.14
C ARG P 212 18.89 -80.61 5.78
N ASP P 213 17.98 -80.32 4.87
CA ASP P 213 18.37 -79.77 3.55
C ASP P 213 18.76 -78.30 3.80
N HIS P 214 19.96 -77.92 3.37
CA HIS P 214 20.39 -76.59 3.66
C HIS P 214 21.49 -76.13 2.69
N MSE P 215 21.87 -74.87 2.84
CA MSE P 215 22.94 -74.30 2.09
C MSE P 215 23.69 -73.33 2.96
O MSE P 215 23.07 -72.53 3.68
CB MSE P 215 22.45 -73.55 0.84
CG MSE P 215 23.37 -72.48 0.26
SE MSE P 215 22.73 -71.68 -1.41
CE MSE P 215 21.38 -70.47 -0.78
N VAL P 216 25.03 -73.37 2.86
CA VAL P 216 25.89 -72.41 3.51
C VAL P 216 26.41 -71.46 2.43
N LEU P 217 26.34 -70.15 2.71
CA LEU P 217 26.69 -69.12 1.76
C LEU P 217 27.62 -68.05 2.29
N LEU P 218 28.69 -67.77 1.48
CA LEU P 218 29.69 -66.69 1.72
C LEU P 218 29.71 -65.79 0.48
N GLU P 219 29.54 -64.51 0.66
CA GLU P 219 29.42 -63.65 -0.45
C GLU P 219 30.01 -62.29 -0.18
N PHE P 220 30.61 -61.74 -1.21
CA PHE P 220 31.25 -60.43 -1.21
C PHE P 220 30.69 -59.58 -2.31
N VAL P 221 30.40 -58.33 -1.98
CA VAL P 221 29.82 -57.46 -2.94
C VAL P 221 30.34 -56.03 -2.77
N THR P 222 30.81 -55.48 -3.87
CA THR P 222 31.28 -54.13 -3.86
C THR P 222 30.79 -53.32 -5.05
N ALA P 223 30.50 -52.06 -4.79
CA ALA P 223 29.98 -51.15 -5.81
C ALA P 223 31.11 -50.58 -6.65
N ALA P 224 30.81 -50.30 -7.89
CA ALA P 224 31.81 -49.74 -8.78
C ALA P 224 31.18 -48.98 -9.94
N GLY P 225 32.05 -48.55 -10.84
CA GLY P 225 31.61 -47.93 -12.07
C GLY P 225 31.50 -46.45 -12.06
N ILE P 226 32.02 -45.86 -10.98
CA ILE P 226 32.02 -44.41 -10.83
C ILE P 226 33.41 -43.97 -10.36
N SER Q 1 21.12 42.74 -4.68
CA SER Q 1 20.98 42.70 -3.24
C SER Q 1 20.28 43.91 -2.66
N LYS Q 2 20.30 43.93 -1.33
CA LYS Q 2 19.69 44.96 -0.47
C LYS Q 2 20.29 46.37 -0.62
N GLY Q 3 21.47 46.53 -0.04
CA GLY Q 3 22.16 47.80 0.03
C GLY Q 3 22.53 48.40 -1.30
N GLU Q 4 22.85 47.55 -2.28
CA GLU Q 4 23.32 47.99 -3.61
C GLU Q 4 22.73 49.34 -4.04
N GLU Q 5 21.40 49.36 -4.11
CA GLU Q 5 20.60 50.52 -4.47
C GLU Q 5 20.85 51.77 -3.58
N LEU Q 6 21.33 51.54 -2.36
CA LEU Q 6 21.59 52.65 -1.42
C LEU Q 6 22.83 53.43 -1.78
N PHE Q 7 23.67 52.82 -2.59
CA PHE Q 7 24.98 53.39 -2.90
C PHE Q 7 25.15 53.99 -4.30
N THR Q 8 24.05 54.02 -4.98
CA THR Q 8 23.93 54.49 -6.31
C THR Q 8 24.33 55.96 -6.52
N GLY Q 9 24.44 56.75 -5.46
CA GLY Q 9 24.86 58.13 -5.60
C GLY Q 9 25.79 58.54 -4.48
N VAL Q 10 26.03 59.84 -4.36
CA VAL Q 10 26.82 60.36 -3.25
C VAL Q 10 26.02 60.22 -1.93
N VAL Q 11 26.66 59.61 -0.92
CA VAL Q 11 26.06 59.40 0.40
C VAL Q 11 26.86 60.20 1.48
N PRO Q 12 26.17 60.99 2.30
CA PRO Q 12 26.87 61.71 3.37
C PRO Q 12 27.35 60.71 4.44
N ILE Q 13 28.51 60.98 4.99
CA ILE Q 13 29.09 60.12 6.00
C ILE Q 13 29.34 60.86 7.30
N LEU Q 14 29.05 60.19 8.39
CA LEU Q 14 29.30 60.72 9.71
C LEU Q 14 30.17 59.72 10.45
N VAL Q 15 31.26 60.20 11.03
CA VAL Q 15 32.18 59.36 11.78
C VAL Q 15 32.33 59.89 13.23
N GLU Q 16 32.13 58.99 14.20
CA GLU Q 16 32.25 59.28 15.59
C GLU Q 16 33.17 58.28 16.27
N LEU Q 17 34.24 58.78 16.89
CA LEU Q 17 35.17 57.89 17.61
C LEU Q 17 35.43 58.31 19.06
N ASP Q 18 35.40 57.30 19.94
CA ASP Q 18 35.74 57.47 21.34
C ASP Q 18 36.97 56.63 21.61
N GLY Q 19 38.06 57.23 22.03
CA GLY Q 19 39.22 56.40 22.27
C GLY Q 19 39.97 56.65 23.58
N ASP Q 20 40.72 55.63 23.93
CA ASP Q 20 41.57 55.63 25.08
C ASP Q 20 42.81 54.84 24.72
N VAL Q 21 43.92 55.55 24.69
CA VAL Q 21 45.22 54.92 24.41
C VAL Q 21 46.18 55.11 25.59
N ASN Q 22 46.43 54.01 26.32
CA ASN Q 22 47.32 54.09 27.48
C ASN Q 22 46.85 55.15 28.48
N GLY Q 23 45.54 55.23 28.69
CA GLY Q 23 45.01 56.21 29.62
C GLY Q 23 44.78 57.58 29.06
N HIS Q 24 45.21 57.85 27.81
CA HIS Q 24 44.95 59.15 27.19
C HIS Q 24 43.62 59.08 26.44
N LYS Q 25 42.62 59.77 26.95
CA LYS Q 25 41.30 59.73 26.37
C LYS Q 25 41.08 60.79 25.32
N PHE Q 26 40.34 60.44 24.29
CA PHE Q 26 40.08 61.42 23.25
C PHE Q 26 38.84 61.09 22.44
N SER Q 27 38.38 62.11 21.70
CA SER Q 27 37.21 61.97 20.85
C SER Q 27 37.45 62.61 19.48
N VAL Q 28 36.95 61.95 18.45
CA VAL Q 28 37.05 62.47 17.09
C VAL Q 28 35.70 62.46 16.36
N SER Q 29 35.47 63.53 15.64
CA SER Q 29 34.31 63.65 14.78
C SER Q 29 34.75 63.83 13.30
N GLY Q 30 34.08 63.14 12.41
CA GLY Q 30 34.37 63.32 11.01
C GLY Q 30 33.09 63.39 10.17
N GLU Q 31 33.18 64.13 9.10
CA GLU Q 31 32.08 64.28 8.16
C GLU Q 31 32.63 64.28 6.73
N GLY Q 32 31.83 63.87 5.78
CA GLY Q 32 32.20 63.94 4.38
C GLY Q 32 31.23 63.19 3.54
N GLU Q 33 31.70 62.67 2.41
CA GLU Q 33 30.85 61.91 1.56
C GLU Q 33 31.58 60.80 0.85
N GLY Q 34 30.83 59.84 0.37
CA GLY Q 34 31.38 58.70 -0.33
C GLY Q 34 30.59 58.48 -1.61
N ASP Q 35 31.23 57.97 -2.62
CA ASP Q 35 30.59 57.69 -3.89
C ASP Q 35 31.14 56.37 -4.39
N ALA Q 36 30.46 55.30 -4.03
CA ALA Q 36 30.86 53.97 -4.34
C ALA Q 36 31.00 53.73 -5.85
N THR Q 37 30.40 54.60 -6.66
CA THR Q 37 30.48 54.44 -8.12
C THR Q 37 31.91 54.55 -8.61
N TYR Q 38 32.67 55.40 -7.94
CA TYR Q 38 34.08 55.61 -8.18
C TYR Q 38 34.96 55.07 -7.06
N GLY Q 39 34.35 54.37 -6.08
CA GLY Q 39 35.07 53.88 -4.90
C GLY Q 39 35.79 55.04 -4.17
N LYS Q 40 35.16 56.21 -4.22
CA LYS Q 40 35.75 57.39 -3.70
C LYS Q 40 35.18 57.87 -2.32
N LEU Q 41 36.08 58.30 -1.44
CA LEU Q 41 35.74 58.84 -0.09
C LEU Q 41 36.40 60.18 0.14
N THR Q 42 35.67 61.18 0.65
CA THR Q 42 36.25 62.49 0.98
C THR Q 42 35.83 62.86 2.39
N LEU Q 43 36.79 63.00 3.33
CA LEU Q 43 36.44 63.22 4.74
C LEU Q 43 37.35 64.23 5.44
N LYS Q 44 36.81 64.87 6.48
CA LYS Q 44 37.55 65.72 7.35
C LYS Q 44 37.27 65.32 8.79
N PHE Q 45 38.33 65.08 9.54
CA PHE Q 45 38.25 64.66 10.92
C PHE Q 45 38.77 65.74 11.78
N ILE Q 46 38.14 65.89 12.95
CA ILE Q 46 38.51 66.94 13.90
C ILE Q 46 38.61 66.35 15.30
N CYS Q 47 39.69 66.64 16.00
CA CYS Q 47 39.81 66.07 17.33
C CYS Q 47 39.06 66.99 18.24
N THR Q 48 37.94 66.52 18.77
CA THR Q 48 37.06 67.36 19.58
C THR Q 48 37.51 67.59 21.01
N THR Q 49 38.30 66.68 21.53
CA THR Q 49 38.77 66.81 22.89
C THR Q 49 40.08 67.61 22.96
N GLY Q 50 40.52 68.15 21.79
CA GLY Q 50 41.77 68.91 21.72
C GLY Q 50 42.86 68.26 20.81
N LYS Q 51 44.06 68.04 21.37
CA LYS Q 51 45.18 67.45 20.63
C LYS Q 51 45.13 65.93 20.58
N LEU Q 52 45.18 65.39 19.36
CA LEU Q 52 45.17 63.95 19.24
C LEU Q 52 46.45 63.38 19.89
N PRO Q 53 46.31 62.40 20.74
CA PRO Q 53 47.43 61.79 21.48
C PRO Q 53 48.27 60.78 20.72
N VAL Q 54 47.77 60.37 19.56
CA VAL Q 54 48.49 59.46 18.68
C VAL Q 54 48.54 60.10 17.36
N PRO Q 55 49.30 59.55 16.46
CA PRO Q 55 49.38 60.16 15.15
C PRO Q 55 48.14 59.89 14.27
N TRP Q 56 47.71 60.90 13.52
CA TRP Q 56 46.55 60.75 12.63
C TRP Q 56 46.56 59.49 11.75
N PRO Q 57 47.69 59.24 11.08
CA PRO Q 57 47.75 58.09 10.22
C PRO Q 57 47.42 56.81 10.88
N THR Q 58 47.67 56.69 12.18
CA THR Q 58 47.36 55.43 12.82
C THR Q 58 45.85 55.14 12.86
N LEU Q 59 45.03 56.15 12.70
CA LEU Q 59 43.59 55.97 12.80
C LEU Q 59 42.84 55.77 11.46
N VAL Q 60 43.55 55.92 10.35
CA VAL Q 60 42.90 55.84 9.04
C VAL Q 60 42.00 54.64 8.80
N THR Q 61 42.55 53.46 9.05
CA THR Q 61 41.84 52.24 8.83
C THR Q 61 40.59 52.11 9.69
N THR Q 62 40.67 52.72 10.84
CA THR Q 62 39.56 52.69 11.80
C THR Q 62 38.41 53.59 11.31
N PHE Q 63 38.77 54.79 10.90
CA PHE Q 63 37.79 55.70 10.43
C PHE Q 63 37.19 55.23 9.12
N1 CRO Q 64 38.05 54.76 8.21
CA1 CRO Q 64 37.56 54.31 6.90
CB1 CRO Q 64 38.06 55.25 5.80
CG1 CRO Q 64 37.53 56.66 5.98
OG1 CRO Q 64 39.46 55.27 5.77
C1 CRO Q 64 38.05 52.89 6.78
N2 CRO Q 64 39.19 52.47 6.11
N3 CRO Q 64 37.42 51.82 7.26
C2 CRO Q 64 38.13 50.64 7.14
O2 CRO Q 64 37.80 49.50 7.31
CA2 CRO Q 64 39.30 51.07 6.34
CA3 CRO Q 64 36.29 51.92 8.17
C3 CRO Q 64 34.93 51.80 7.56
O3 CRO Q 64 34.04 51.27 8.22
CB2 CRO Q 64 40.19 50.24 5.78
CG2 CRO Q 64 41.48 50.63 5.11
CD1 CRO Q 64 41.77 51.96 4.76
CD2 CRO Q 64 42.38 49.56 4.73
CE1 CRO Q 64 42.95 52.23 4.00
CE2 CRO Q 64 43.56 49.85 4.01
CZ CRO Q 64 43.85 51.17 3.66
OH CRO Q 64 45.10 51.47 2.92
N VAL Q 65 34.75 52.28 6.34
CA VAL Q 65 33.44 52.19 5.70
C VAL Q 65 33.58 51.56 4.29
N GLN Q 66 33.96 50.31 4.33
CA GLN Q 66 34.17 49.49 3.24
C GLN Q 66 33.04 49.26 2.25
N CYS Q 67 31.85 49.70 2.64
CA CYS Q 67 30.72 49.59 1.76
C CYS Q 67 30.85 50.62 0.60
N PHE Q 68 31.84 51.54 0.71
CA PHE Q 68 32.09 52.54 -0.32
C PHE Q 68 33.14 52.10 -1.37
N SER Q 69 33.52 50.85 -1.30
CA SER Q 69 34.47 50.29 -2.22
C SER Q 69 33.79 50.10 -3.58
N ARG Q 70 34.53 50.34 -4.67
CA ARG Q 70 33.94 50.09 -5.94
C ARG Q 70 34.04 48.62 -6.29
N TYR Q 71 32.90 47.94 -6.49
CA TYR Q 71 32.94 46.55 -6.91
C TYR Q 71 32.63 46.48 -8.41
N PRO Q 72 33.51 45.92 -9.18
CA PRO Q 72 33.21 45.79 -10.60
C PRO Q 72 31.95 44.95 -10.83
N ASP Q 73 31.27 45.23 -11.93
CA ASP Q 73 30.07 44.52 -12.27
C ASP Q 73 30.19 43.04 -12.11
N HIS Q 74 31.26 42.50 -12.57
CA HIS Q 74 31.35 41.08 -12.48
C HIS Q 74 31.60 40.57 -11.12
N MSE Q 75 31.87 41.43 -10.18
CA MSE Q 75 32.13 40.99 -8.82
C MSE Q 75 31.04 41.41 -7.81
O MSE Q 75 31.23 41.25 -6.61
CB MSE Q 75 33.45 41.54 -8.37
CG MSE Q 75 34.66 40.77 -8.84
SE MSE Q 75 36.31 41.62 -8.29
CE MSE Q 75 36.43 40.76 -6.58
N LYS Q 76 29.95 41.97 -8.29
CA LYS Q 76 28.88 42.42 -7.41
C LYS Q 76 28.36 41.38 -6.42
N ARG Q 77 28.42 40.13 -6.81
CA ARG Q 77 27.92 39.08 -5.94
C ARG Q 77 28.80 38.84 -4.73
N HIS Q 78 29.97 39.52 -4.67
CA HIS Q 78 30.90 39.27 -3.55
C HIS Q 78 30.93 40.42 -2.58
N ASP Q 79 30.04 41.39 -2.78
CA ASP Q 79 30.04 42.61 -2.01
C ASP Q 79 29.24 42.48 -0.72
N PHE Q 80 29.86 41.88 0.30
CA PHE Q 80 29.23 41.69 1.59
C PHE Q 80 28.77 43.00 2.22
N PHE Q 81 29.68 44.01 2.13
CA PHE Q 81 29.49 45.31 2.73
C PHE Q 81 28.15 45.96 2.44
N LYS Q 82 27.84 46.08 1.17
CA LYS Q 82 26.61 46.67 0.75
C LYS Q 82 25.38 45.77 1.03
N SER Q 83 25.57 44.43 1.00
CA SER Q 83 24.49 43.51 1.22
C SER Q 83 23.95 43.57 2.64
N ALA Q 84 24.76 44.07 3.56
CA ALA Q 84 24.34 44.15 4.95
C ALA Q 84 23.53 45.40 5.26
N MSE Q 85 23.39 46.30 4.29
CA MSE Q 85 22.69 47.56 4.46
C MSE Q 85 21.18 47.48 4.16
O MSE Q 85 20.76 46.62 3.41
CB MSE Q 85 23.36 48.57 3.55
CG MSE Q 85 24.82 48.80 3.89
SE MSE Q 85 25.06 49.66 5.65
CE MSE Q 85 26.66 48.79 6.22
N PRO Q 86 20.34 48.34 4.75
CA PRO Q 86 20.70 49.44 5.63
C PRO Q 86 20.97 49.09 7.10
N GLU Q 87 20.53 47.89 7.56
CA GLU Q 87 20.73 47.46 8.96
C GLU Q 87 22.18 47.55 9.42
N GLY Q 88 23.11 47.29 8.52
CA GLY Q 88 24.52 47.47 8.85
C GLY Q 88 25.26 46.28 9.35
N TYR Q 89 26.49 46.55 9.82
CA TYR Q 89 27.32 45.49 10.33
C TYR Q 89 28.20 45.98 11.42
N VAL Q 90 28.67 45.00 12.19
CA VAL Q 90 29.63 45.20 13.25
C VAL Q 90 31.00 44.84 12.69
N GLN Q 91 31.93 45.71 12.92
CA GLN Q 91 33.28 45.52 12.46
C GLN Q 91 34.18 45.57 13.67
N GLU Q 92 34.89 44.47 13.91
CA GLU Q 92 35.82 44.44 15.02
C GLU Q 92 37.21 44.18 14.56
N ARG Q 93 38.18 44.75 15.25
CA ARG Q 93 39.56 44.52 14.91
C ARG Q 93 40.48 44.46 16.09
N THR Q 94 41.63 43.90 15.82
CA THR Q 94 42.78 44.01 16.64
C THR Q 94 43.89 44.45 15.72
N ILE Q 95 44.60 45.50 16.08
CA ILE Q 95 45.70 46.02 15.28
C ILE Q 95 47.00 45.95 16.07
N PHE Q 96 47.94 45.14 15.60
CA PHE Q 96 49.20 45.00 16.30
C PHE Q 96 50.26 45.84 15.75
N PHE Q 97 50.79 46.80 16.53
CA PHE Q 97 51.90 47.59 16.04
C PHE Q 97 53.17 46.84 16.33
N LYS Q 98 53.97 46.62 15.29
CA LYS Q 98 55.18 45.86 15.49
C LYS Q 98 56.09 46.48 16.52
N ASP Q 99 56.49 45.68 17.50
CA ASP Q 99 57.37 46.14 18.58
C ASP Q 99 56.78 47.29 19.38
N ASP Q 100 55.46 47.34 19.43
CA ASP Q 100 54.76 48.39 20.15
C ASP Q 100 53.41 47.89 20.66
N GLY Q 101 52.48 48.81 21.01
CA GLY Q 101 51.17 48.42 21.54
C GLY Q 101 50.17 47.93 20.49
N ASN Q 102 48.95 47.66 20.95
CA ASN Q 102 47.90 47.26 20.04
C ASN Q 102 46.61 48.07 20.23
N TYR Q 103 45.79 48.09 19.18
CA TYR Q 103 44.50 48.73 19.21
C TYR Q 103 43.43 47.69 19.11
N LYS Q 104 42.38 47.87 19.88
CA LYS Q 104 41.21 47.01 19.83
C LYS Q 104 40.04 47.91 19.50
N THR Q 105 39.34 47.59 18.45
CA THR Q 105 38.25 48.43 18.02
C THR Q 105 36.96 47.68 17.83
N ARG Q 106 35.90 48.40 18.02
CA ARG Q 106 34.59 47.87 17.79
C ARG Q 106 33.71 48.96 17.22
N ALA Q 107 33.06 48.68 16.12
CA ALA Q 107 32.25 49.71 15.53
C ALA Q 107 30.99 49.18 14.93
N GLU Q 108 30.04 50.08 14.76
CA GLU Q 108 28.80 49.76 14.11
C GLU Q 108 28.67 50.64 12.90
N VAL Q 109 28.46 50.05 11.72
CA VAL Q 109 28.27 50.89 10.57
C VAL Q 109 26.95 50.61 9.94
N LYS Q 110 26.19 51.65 9.82
CA LYS Q 110 24.86 51.50 9.31
C LYS Q 110 24.30 52.85 8.97
N PHE Q 111 23.10 52.84 8.38
CA PHE Q 111 22.41 54.05 8.00
C PHE Q 111 21.51 54.61 9.12
N GLU Q 112 21.55 55.90 9.30
CA GLU Q 112 20.66 56.64 10.20
C GLU Q 112 19.96 57.57 9.29
N GLY Q 113 18.80 57.20 8.81
CA GLY Q 113 18.18 58.10 7.87
C GLY Q 113 18.95 57.95 6.57
N ASP Q 114 19.40 59.02 6.01
CA ASP Q 114 20.13 58.88 4.76
C ASP Q 114 21.64 59.04 4.86
N THR Q 115 22.10 59.10 6.08
CA THR Q 115 23.50 59.27 6.40
C THR Q 115 24.11 57.97 6.82
N LEU Q 116 25.28 57.69 6.30
CA LEU Q 116 25.99 56.48 6.64
C LEU Q 116 26.84 56.81 7.86
N VAL Q 117 26.61 56.04 8.94
CA VAL Q 117 27.26 56.26 10.23
C VAL Q 117 28.25 55.19 10.62
N ASN Q 118 29.41 55.62 11.05
CA ASN Q 118 30.44 54.72 11.55
C ASN Q 118 30.74 55.11 12.99
N ARG Q 119 30.26 54.33 13.94
CA ARG Q 119 30.45 54.61 15.35
C ARG Q 119 31.43 53.61 15.95
N ILE Q 120 32.55 54.15 16.44
CA ILE Q 120 33.67 53.37 16.95
C ILE Q 120 34.09 53.63 18.41
N GLU Q 121 34.48 52.53 19.04
CA GLU Q 121 35.08 52.56 20.34
C GLU Q 121 36.46 51.94 20.21
N LEU Q 122 37.45 52.71 20.59
CA LEU Q 122 38.81 52.27 20.47
C LEU Q 122 39.55 52.19 21.79
N LYS Q 123 40.22 51.09 21.98
CA LYS Q 123 41.04 50.89 23.17
C LYS Q 123 42.49 50.50 22.78
N GLY Q 124 43.47 51.30 23.21
CA GLY Q 124 44.92 51.08 22.93
C GLY Q 124 45.72 50.77 24.19
N ILE Q 125 46.47 49.66 24.17
CA ILE Q 125 47.29 49.30 25.31
C ILE Q 125 48.68 48.83 24.97
N ASP Q 126 49.52 48.93 25.97
CA ASP Q 126 50.87 48.51 25.90
C ASP Q 126 51.71 49.27 24.96
N PHE Q 127 51.42 50.54 24.82
CA PHE Q 127 52.23 51.38 23.95
C PHE Q 127 53.44 51.89 24.69
N LYS Q 128 54.55 52.01 23.97
CA LYS Q 128 55.78 52.52 24.56
C LYS Q 128 55.78 54.01 24.57
N GLU Q 129 55.99 54.56 25.73
CA GLU Q 129 55.94 55.98 25.87
C GLU Q 129 56.87 56.69 24.90
N ASP Q 130 57.90 55.99 24.50
CA ASP Q 130 58.93 56.52 23.61
C ASP Q 130 59.00 55.82 22.22
N GLY Q 131 57.93 55.08 21.86
CA GLY Q 131 57.90 54.36 20.60
C GLY Q 131 57.51 55.27 19.46
N ASN Q 132 57.25 54.68 18.30
CA ASN Q 132 56.89 55.53 17.16
C ASN Q 132 55.52 56.17 17.27
N ILE Q 133 54.61 55.55 18.03
CA ILE Q 133 53.22 56.03 18.16
C ILE Q 133 53.06 57.21 19.13
N LEU Q 134 53.38 56.94 20.38
CA LEU Q 134 53.29 57.94 21.41
C LEU Q 134 54.32 59.00 21.21
N GLY Q 135 55.44 58.61 20.63
CA GLY Q 135 56.53 59.53 20.38
C GLY Q 135 56.27 60.37 19.17
N HIS Q 136 55.20 60.12 18.45
CA HIS Q 136 54.88 60.91 17.26
C HIS Q 136 56.02 60.98 16.19
N LYS Q 137 56.49 59.82 15.76
CA LYS Q 137 57.57 59.71 14.80
C LYS Q 137 57.11 59.35 13.36
N LEU Q 138 55.79 59.20 13.15
CA LEU Q 138 55.21 58.80 11.85
C LEU Q 138 55.07 59.97 10.94
N GLU Q 139 55.43 59.81 9.64
CA GLU Q 139 55.24 60.88 8.70
C GLU Q 139 53.75 61.03 8.42
N TYR Q 140 53.38 62.18 7.94
CA TYR Q 140 52.01 62.48 7.63
C TYR Q 140 51.70 62.15 6.21
N ASN Q 141 51.58 60.89 5.95
CA ASN Q 141 51.27 60.42 4.63
C ASN Q 141 50.76 59.00 4.74
N TYR Q 142 50.40 58.41 3.62
CA TYR Q 142 49.87 57.08 3.65
C TYR Q 142 50.19 56.29 2.36
N ASN Q 143 50.34 54.97 2.47
CA ASN Q 143 50.67 54.09 1.34
C ASN Q 143 49.46 53.35 0.78
N SER Q 144 49.67 52.53 -0.31
CA SER Q 144 48.60 51.71 -0.95
C SER Q 144 48.70 50.34 -0.41
N HIS Q 145 47.57 49.68 -0.22
CA HIS Q 145 47.61 48.37 0.33
C HIS Q 145 46.62 47.48 -0.33
N ASN Q 146 46.77 46.21 -0.07
CA ASN Q 146 45.81 45.21 -0.48
C ASN Q 146 45.18 44.63 0.79
N VAL Q 147 43.88 44.50 0.78
CA VAL Q 147 43.09 44.01 1.89
C VAL Q 147 42.46 42.72 1.48
N TYR Q 148 42.80 41.65 2.18
CA TYR Q 148 42.31 40.32 1.86
C TYR Q 148 41.04 39.94 2.56
N ILE Q 149 40.06 39.52 1.77
CA ILE Q 149 38.79 39.15 2.29
C ILE Q 149 38.43 37.72 2.06
N MSE Q 150 37.82 37.13 3.07
CA MSE Q 150 37.36 35.78 3.00
C MSE Q 150 36.09 35.60 3.78
O MSE Q 150 35.83 36.32 4.74
CB MSE Q 150 38.41 34.84 3.52
CG MSE Q 150 39.78 35.29 3.19
SE MSE Q 150 41.07 34.34 4.23
CE MSE Q 150 39.91 32.86 4.70
N ALA Q 151 35.29 34.62 3.34
CA ALA Q 151 34.03 34.31 3.94
C ALA Q 151 34.15 33.60 5.27
N ASP Q 152 33.18 33.83 6.12
CA ASP Q 152 33.12 33.16 7.39
C ASP Q 152 31.73 32.56 7.54
N LYS Q 153 31.56 31.38 6.98
CA LYS Q 153 30.27 30.73 7.01
C LYS Q 153 29.71 30.45 8.41
N GLN Q 154 30.57 30.34 9.42
CA GLN Q 154 30.12 30.06 10.79
C GLN Q 154 29.47 31.25 11.51
N LYS Q 155 29.97 32.45 11.21
CA LYS Q 155 29.45 33.65 11.80
C LYS Q 155 28.62 34.43 10.79
N ASN Q 156 28.47 33.87 9.56
CA ASN Q 156 27.71 34.56 8.52
C ASN Q 156 28.33 35.93 8.29
N GLY Q 157 29.67 35.93 8.25
CA GLY Q 157 30.40 37.15 8.07
C GLY Q 157 31.61 36.90 7.24
N ILE Q 158 32.53 37.82 7.37
CA ILE Q 158 33.75 37.73 6.66
C ILE Q 158 34.89 37.97 7.59
N LYS Q 159 36.04 37.46 7.22
CA LYS Q 159 37.25 37.67 7.98
C LYS Q 159 38.15 38.43 7.06
N VAL Q 160 38.86 39.41 7.58
CA VAL Q 160 39.71 40.23 6.77
C VAL Q 160 41.06 40.39 7.43
N ASN Q 161 42.12 40.34 6.61
CA ASN Q 161 43.46 40.51 7.12
C ASN Q 161 44.32 41.34 6.17
N PHE Q 162 45.29 42.05 6.76
CA PHE Q 162 46.20 42.89 5.98
C PHE Q 162 47.19 43.58 6.87
N LYS Q 163 48.24 44.15 6.26
CA LYS Q 163 49.28 44.89 6.97
C LYS Q 163 49.42 46.27 6.40
N ILE Q 164 49.51 47.23 7.27
CA ILE Q 164 49.70 48.57 6.88
C ILE Q 164 51.11 48.88 7.16
N ARG Q 165 51.66 49.69 6.27
CA ARG Q 165 52.99 50.16 6.37
C ARG Q 165 53.03 51.68 6.59
N HIS Q 166 53.46 52.09 7.79
CA HIS Q 166 53.56 53.52 8.13
C HIS Q 166 55.00 53.98 8.03
N ASN Q 167 55.22 55.01 7.26
CA ASN Q 167 56.53 55.52 7.13
C ASN Q 167 56.93 56.29 8.37
N ILE Q 168 58.16 56.04 8.85
CA ILE Q 168 58.74 56.77 9.98
C ILE Q 168 59.64 57.88 9.47
N GLU Q 169 59.67 58.98 10.16
CA GLU Q 169 60.42 60.16 9.78
C GLU Q 169 61.89 59.91 9.46
N ASP Q 170 62.45 58.82 9.95
CA ASP Q 170 63.86 58.51 9.70
C ASP Q 170 64.09 57.67 8.44
N GLY Q 171 63.02 57.44 7.70
CA GLY Q 171 63.15 56.66 6.49
C GLY Q 171 62.74 55.22 6.68
N SER Q 172 62.56 54.82 7.96
CA SER Q 172 62.18 53.44 8.24
C SER Q 172 60.68 53.18 8.11
N VAL Q 173 60.24 52.01 8.60
CA VAL Q 173 58.83 51.61 8.50
C VAL Q 173 58.23 51.05 9.79
N GLN Q 174 56.97 51.42 10.04
CA GLN Q 174 56.20 50.88 11.18
C GLN Q 174 55.08 49.98 10.68
N LEU Q 175 55.18 48.69 10.99
CA LEU Q 175 54.20 47.75 10.55
C LEU Q 175 53.02 47.68 11.49
N ALA Q 176 51.85 47.55 10.89
CA ALA Q 176 50.61 47.42 11.64
C ALA Q 176 49.74 46.30 11.09
N ASP Q 177 49.79 45.17 11.77
CA ASP Q 177 49.04 43.98 11.41
C ASP Q 177 47.59 44.08 11.80
N HIS Q 178 46.72 43.97 10.82
CA HIS Q 178 45.29 44.08 11.06
C HIS Q 178 44.56 42.76 11.00
N TYR Q 179 43.74 42.48 12.02
CA TYR Q 179 42.89 41.29 12.07
C TYR Q 179 41.49 41.76 12.24
N GLN Q 180 40.61 41.35 11.34
CA GLN Q 180 39.29 41.91 11.35
C GLN Q 180 38.18 40.91 11.11
N GLN Q 181 37.04 41.17 11.78
CA GLN Q 181 35.79 40.40 11.63
C GLN Q 181 34.59 41.34 11.47
N ASN Q 182 33.72 40.97 10.54
CA ASN Q 182 32.49 41.71 10.27
C ASN Q 182 31.32 40.75 10.32
N THR Q 183 30.30 41.20 10.99
CA THR Q 183 29.08 40.40 11.11
C THR Q 183 27.89 41.29 10.97
N PRO Q 184 26.86 40.74 10.33
CA PRO Q 184 25.66 41.50 10.07
C PRO Q 184 24.93 41.85 11.35
N ILE Q 185 24.25 42.97 11.31
CA ILE Q 185 23.43 43.41 12.46
C ILE Q 185 22.02 42.83 12.28
N GLY Q 186 21.47 42.95 11.07
CA GLY Q 186 20.15 42.39 10.78
C GLY Q 186 20.17 40.86 10.66
N ASP Q 187 19.01 40.28 10.51
CA ASP Q 187 18.84 38.83 10.38
C ASP Q 187 18.60 38.44 8.92
N GLY Q 188 18.49 39.48 8.08
CA GLY Q 188 18.26 39.32 6.64
C GLY Q 188 19.45 38.67 5.96
N PRO Q 189 19.27 38.28 4.70
CA PRO Q 189 20.35 37.64 3.94
C PRO Q 189 21.50 38.60 3.50
N VAL Q 190 22.71 38.07 3.52
CA VAL Q 190 23.89 38.79 3.10
C VAL Q 190 24.64 37.96 2.10
N LEU Q 191 25.51 38.62 1.38
CA LEU Q 191 26.32 38.00 0.36
C LEU Q 191 27.67 37.53 0.94
N LEU Q 192 27.92 36.23 0.95
CA LEU Q 192 29.22 35.76 1.40
C LEU Q 192 30.08 35.56 0.16
N PRO Q 193 31.22 36.21 0.19
CA PRO Q 193 32.13 36.27 -0.95
C PRO Q 193 33.11 35.14 -1.07
N ASP Q 194 33.67 35.02 -2.28
CA ASP Q 194 34.81 34.16 -2.49
C ASP Q 194 36.03 35.04 -2.23
N ASN Q 195 37.17 34.43 -1.93
CA ASN Q 195 38.37 35.16 -1.63
C ASN Q 195 38.66 36.18 -2.64
N HIS Q 196 38.97 37.36 -2.19
CA HIS Q 196 39.26 38.44 -3.08
C HIS Q 196 39.92 39.52 -2.30
N TYR Q 197 40.23 40.64 -2.92
CA TYR Q 197 40.86 41.70 -2.18
C TYR Q 197 40.51 43.08 -2.67
N LEU Q 198 40.77 44.05 -1.81
CA LEU Q 198 40.56 45.45 -2.09
C LEU Q 198 41.89 46.13 -2.19
N SER Q 199 42.02 46.99 -3.18
CA SER Q 199 43.21 47.76 -3.44
C SER Q 199 42.94 49.20 -3.05
N THR Q 200 43.77 49.73 -2.16
CA THR Q 200 43.52 51.03 -1.61
C THR Q 200 44.58 52.03 -1.90
N GLN Q 201 44.15 53.26 -1.94
CA GLN Q 201 45.03 54.39 -2.05
C GLN Q 201 44.46 55.60 -1.30
N SER Q 202 45.31 56.33 -0.57
CA SER Q 202 44.85 57.46 0.23
C SER Q 202 45.84 58.59 0.26
N ALA Q 203 45.31 59.79 0.26
CA ALA Q 203 46.09 61.02 0.36
C ALA Q 203 45.63 61.82 1.60
N LEU Q 204 46.59 62.28 2.41
CA LEU Q 204 46.32 63.06 3.60
C LEU Q 204 46.68 64.48 3.35
N SER Q 205 45.85 65.38 3.84
CA SER Q 205 46.12 66.79 3.70
C SER Q 205 45.65 67.57 4.94
N LYS Q 206 45.87 68.88 4.93
CA LYS Q 206 45.44 69.74 6.02
C LYS Q 206 44.62 70.90 5.47
N ASP Q 207 43.69 71.43 6.30
CA ASP Q 207 42.88 72.60 5.99
C ASP Q 207 43.60 73.83 6.58
N PRO Q 208 44.22 74.59 5.71
CA PRO Q 208 45.02 75.74 6.09
C PRO Q 208 44.32 76.74 7.03
N ASN Q 209 42.99 76.79 6.95
CA ASN Q 209 42.22 77.71 7.75
C ASN Q 209 41.62 77.08 8.99
N GLU Q 210 42.06 75.86 9.28
CA GLU Q 210 41.56 75.12 10.41
C GLU Q 210 42.54 75.15 11.60
N LYS Q 211 42.12 75.69 12.71
CA LYS Q 211 43.03 75.73 13.88
C LYS Q 211 42.92 74.51 14.77
N ARG Q 212 41.84 73.79 14.68
CA ARG Q 212 41.79 72.61 15.53
C ARG Q 212 42.70 71.52 14.98
N ASP Q 213 42.98 70.51 15.78
CA ASP Q 213 43.78 69.36 15.31
C ASP Q 213 42.86 68.54 14.38
N HIS Q 214 43.31 68.29 13.17
CA HIS Q 214 42.44 67.61 12.25
C HIS Q 214 43.24 66.92 11.12
N MSE Q 215 42.50 66.19 10.30
CA MSE Q 215 43.06 65.57 9.14
C MSE Q 215 42.04 65.59 8.03
O MSE Q 215 40.85 65.33 8.26
CB MSE Q 215 43.44 64.09 9.40
CG MSE Q 215 43.53 63.17 8.19
SE MSE Q 215 44.17 61.38 8.59
CE MSE Q 215 42.59 60.54 9.36
N VAL Q 216 42.53 65.88 6.82
CA VAL Q 216 41.72 65.81 5.62
C VAL Q 216 42.14 64.56 4.84
N LEU Q 217 41.16 63.76 4.41
CA LEU Q 217 41.39 62.50 3.77
C LEU Q 217 40.63 62.28 2.47
N LEU Q 218 41.41 61.83 1.44
CA LEU Q 218 40.89 61.43 0.09
C LEU Q 218 41.33 60.00 -0.18
N GLU Q 219 40.40 59.14 -0.51
CA GLU Q 219 40.73 57.77 -0.64
C GLU Q 219 39.89 57.09 -1.71
N PHE Q 220 40.54 56.19 -2.41
CA PHE Q 220 39.97 55.40 -3.48
C PHE Q 220 40.16 53.93 -3.21
N VAL Q 221 39.11 53.16 -3.42
CA VAL Q 221 39.17 51.76 -3.15
C VAL Q 221 38.37 50.95 -4.17
N THR Q 222 39.03 49.97 -4.73
CA THR Q 222 38.38 49.11 -5.67
C THR Q 222 38.68 47.64 -5.44
N ALA Q 223 37.67 46.82 -5.64
CA ALA Q 223 37.80 45.38 -5.43
C ALA Q 223 38.43 44.70 -6.65
N ALA Q 224 39.13 43.63 -6.39
CA ALA Q 224 39.78 42.90 -7.47
C ALA Q 224 40.05 41.45 -7.09
N GLY Q 225 40.73 40.76 -7.99
CA GLY Q 225 41.20 39.42 -7.72
C GLY Q 225 40.30 38.33 -8.18
N ILE Q 226 39.28 38.71 -8.95
CA ILE Q 226 38.34 37.76 -9.50
C ILE Q 226 38.12 38.08 -10.98
N SER R 1 -19.66 -24.48 -32.15
CA SER R 1 -20.78 -23.56 -32.09
C SER R 1 -22.13 -24.25 -31.94
N LYS R 2 -23.15 -23.41 -32.05
CA LYS R 2 -24.58 -23.76 -31.93
C LYS R 2 -25.11 -24.73 -33.00
N GLY R 3 -25.30 -24.20 -34.19
CA GLY R 3 -25.89 -24.90 -35.30
C GLY R 3 -25.11 -26.10 -35.79
N GLU R 4 -23.78 -26.03 -35.69
CA GLU R 4 -22.88 -27.09 -36.20
C GLU R 4 -23.49 -28.49 -36.12
N GLU R 5 -23.84 -28.87 -34.90
CA GLU R 5 -24.45 -30.14 -34.57
C GLU R 5 -25.78 -30.42 -35.32
N LEU R 6 -26.46 -29.36 -35.77
CA LEU R 6 -27.74 -29.51 -36.48
C LEU R 6 -27.56 -30.01 -37.89
N PHE R 7 -26.34 -29.86 -38.39
CA PHE R 7 -26.06 -30.17 -39.79
C PHE R 7 -25.28 -31.46 -40.07
N THR R 8 -25.09 -32.18 -39.03
CA THR R 8 -24.38 -33.40 -39.00
C THR R 8 -24.96 -34.51 -39.91
N GLY R 9 -26.19 -34.38 -40.37
CA GLY R 9 -26.75 -35.37 -41.26
C GLY R 9 -27.59 -34.72 -42.35
N VAL R 10 -28.36 -35.53 -43.06
CA VAL R 10 -29.28 -35.01 -44.06
C VAL R 10 -30.43 -34.26 -43.36
N VAL R 11 -30.68 -33.01 -43.79
CA VAL R 11 -31.74 -32.16 -43.25
C VAL R 11 -32.80 -31.86 -44.35
N PRO R 12 -34.09 -32.08 -44.07
CA PRO R 12 -35.11 -31.74 -45.05
C PRO R 12 -35.22 -30.21 -45.19
N ILE R 13 -35.47 -29.77 -46.41
CA ILE R 13 -35.58 -28.36 -46.70
C ILE R 13 -36.93 -28.01 -47.28
N LEU R 14 -37.46 -26.89 -46.84
CA LEU R 14 -38.71 -26.37 -47.36
C LEU R 14 -38.44 -24.95 -47.84
N VAL R 15 -38.86 -24.67 -49.08
CA VAL R 15 -38.69 -23.35 -49.66
C VAL R 15 -40.06 -22.77 -50.09
N GLU R 16 -40.33 -21.55 -49.64
CA GLU R 16 -41.54 -20.83 -49.94
C GLU R 16 -41.22 -19.45 -50.46
N LEU R 17 -41.69 -19.15 -51.69
CA LEU R 17 -41.45 -17.82 -52.27
C LEU R 17 -42.73 -17.12 -52.76
N ASP R 18 -42.83 -15.84 -52.42
CA ASP R 18 -43.91 -14.99 -52.89
C ASP R 18 -43.28 -13.90 -53.73
N GLY R 19 -43.63 -13.80 -55.00
CA GLY R 19 -43.01 -12.75 -55.77
C GLY R 19 -43.94 -11.92 -56.65
N ASP R 20 -43.41 -10.76 -56.99
CA ASP R 20 -44.04 -9.82 -57.85
C ASP R 20 -42.96 -9.17 -58.69
N VAL R 21 -43.02 -9.43 -59.98
CA VAL R 21 -42.08 -8.84 -60.92
C VAL R 21 -42.82 -7.99 -61.96
N ASN R 22 -42.67 -6.66 -61.84
CA ASN R 22 -43.35 -5.75 -62.77
C ASN R 22 -44.87 -6.00 -62.80
N GLY R 23 -45.44 -6.24 -61.62
CA GLY R 23 -46.87 -6.49 -61.56
C GLY R 23 -47.29 -7.92 -61.82
N HIS R 24 -46.38 -8.79 -62.24
CA HIS R 24 -46.72 -10.21 -62.44
C HIS R 24 -46.49 -10.97 -61.12
N LYS R 25 -47.56 -11.38 -60.49
CA LYS R 25 -47.47 -12.05 -59.22
C LYS R 25 -47.34 -13.54 -59.34
N PHE R 26 -46.55 -14.14 -58.45
CA PHE R 26 -46.40 -15.57 -58.50
C PHE R 26 -45.93 -16.17 -57.18
N SER R 27 -46.09 -17.48 -57.07
CA SER R 27 -45.70 -18.22 -55.88
C SER R 27 -44.95 -19.50 -56.26
N VAL R 28 -43.92 -19.80 -55.48
CA VAL R 28 -43.15 -21.03 -55.67
C VAL R 28 -42.98 -21.82 -54.37
N SER R 29 -43.10 -23.12 -54.50
CA SER R 29 -42.84 -24.03 -53.43
C SER R 29 -41.69 -25.00 -53.80
N GLY R 30 -40.80 -25.24 -52.86
CA GLY R 30 -39.75 -26.19 -53.10
C GLY R 30 -39.51 -27.10 -51.89
N GLU R 31 -39.10 -28.30 -52.17
CA GLU R 31 -38.77 -29.28 -51.14
C GLU R 31 -37.52 -30.05 -51.57
N GLY R 32 -36.79 -30.56 -50.61
CA GLY R 32 -35.65 -31.42 -50.88
C GLY R 32 -34.85 -31.65 -49.65
N GLU R 33 -33.56 -31.87 -49.82
CA GLU R 33 -32.71 -32.08 -48.69
C GLU R 33 -31.32 -31.54 -48.92
N GLY R 34 -30.60 -31.32 -47.83
CA GLY R 34 -29.25 -30.81 -47.86
C GLY R 34 -28.38 -31.67 -46.96
N ASP R 35 -27.12 -31.78 -47.30
CA ASP R 35 -26.17 -32.55 -46.51
C ASP R 35 -24.87 -31.77 -46.51
N ALA R 36 -24.73 -30.94 -45.50
CA ALA R 36 -23.61 -30.06 -45.37
C ALA R 36 -22.27 -30.82 -45.30
N THR R 37 -22.33 -32.11 -45.01
CA THR R 37 -21.10 -32.92 -44.93
C THR R 37 -20.37 -32.95 -46.27
N TYR R 38 -21.16 -32.95 -47.33
CA TYR R 38 -20.69 -32.91 -48.69
C TYR R 38 -20.99 -31.59 -49.38
N GLY R 39 -21.52 -30.61 -48.63
CA GLY R 39 -21.93 -29.31 -49.19
C GLY R 39 -22.95 -29.52 -50.33
N LYS R 40 -23.76 -30.56 -50.19
CA LYS R 40 -24.68 -30.93 -51.20
C LYS R 40 -26.16 -30.54 -50.94
N LEU R 41 -26.84 -30.07 -52.00
CA LEU R 41 -28.27 -29.69 -51.97
C LEU R 41 -29.03 -30.36 -53.10
N THR R 42 -30.21 -30.94 -52.82
CA THR R 42 -31.06 -31.54 -53.87
C THR R 42 -32.47 -31.01 -53.71
N LEU R 43 -33.00 -30.27 -54.71
CA LEU R 43 -34.30 -29.62 -54.57
C LEU R 43 -35.15 -29.68 -55.84
N LYS R 44 -36.47 -29.62 -55.63
CA LYS R 44 -37.43 -29.50 -56.70
C LYS R 44 -38.38 -28.36 -56.38
N PHE R 45 -38.51 -27.44 -57.33
CA PHE R 45 -39.35 -26.27 -57.19
C PHE R 45 -40.48 -26.37 -58.12
N ILE R 46 -41.64 -25.90 -57.68
CA ILE R 46 -42.86 -25.96 -58.47
C ILE R 46 -43.57 -24.61 -58.44
N CYS R 47 -43.96 -24.10 -59.60
CA CYS R 47 -44.62 -22.81 -59.59
C CYS R 47 -46.06 -23.09 -59.29
N THR R 48 -46.51 -22.68 -58.11
CA THR R 48 -47.87 -22.99 -57.67
C THR R 48 -48.97 -22.14 -58.26
N THR R 49 -48.62 -20.95 -58.69
CA THR R 49 -49.60 -20.06 -59.27
C THR R 49 -49.74 -20.27 -60.77
N GLY R 50 -49.03 -21.30 -61.31
CA GLY R 50 -49.06 -21.60 -62.75
C GLY R 50 -47.68 -21.44 -63.45
N LYS R 51 -47.64 -20.64 -64.52
CA LYS R 51 -46.41 -20.39 -65.30
C LYS R 51 -45.51 -19.32 -64.68
N LEU R 52 -44.25 -19.70 -64.44
CA LEU R 52 -43.34 -18.74 -63.89
C LEU R 52 -43.13 -17.59 -64.91
N PRO R 53 -43.26 -16.36 -64.47
CA PRO R 53 -43.16 -15.18 -65.33
C PRO R 53 -41.75 -14.72 -65.68
N VAL R 54 -40.77 -15.28 -64.99
CA VAL R 54 -39.37 -15.01 -65.25
C VAL R 54 -38.71 -16.30 -65.45
N PRO R 55 -37.49 -16.29 -65.90
CA PRO R 55 -36.82 -17.55 -66.11
C PRO R 55 -36.34 -18.22 -64.80
N TRP R 56 -36.47 -19.55 -64.73
CA TRP R 56 -36.03 -20.28 -63.54
C TRP R 56 -34.63 -19.93 -63.03
N PRO R 57 -33.65 -19.90 -63.93
CA PRO R 57 -32.31 -19.59 -63.51
C PRO R 57 -32.17 -18.32 -62.77
N THR R 58 -33.03 -17.34 -63.04
CA THR R 58 -32.88 -16.10 -62.33
C THR R 58 -33.17 -16.22 -60.81
N LEU R 59 -33.86 -17.26 -60.44
CA LEU R 59 -34.25 -17.43 -59.03
C LEU R 59 -33.32 -18.32 -58.18
N VAL R 60 -32.36 -18.97 -58.82
CA VAL R 60 -31.49 -19.90 -58.09
C VAL R 60 -30.88 -19.40 -56.80
N THR R 61 -30.24 -18.26 -56.89
CA THR R 61 -29.57 -17.68 -55.76
C THR R 61 -30.50 -17.34 -54.61
N THR R 62 -31.71 -17.02 -55.00
CA THR R 62 -32.75 -16.66 -54.01
C THR R 62 -33.23 -17.91 -53.25
N PHE R 63 -33.50 -18.95 -54.00
CA PHE R 63 -33.94 -20.17 -53.40
C PHE R 63 -32.84 -20.81 -52.59
N1 CRO R 64 -31.63 -20.85 -53.14
CA1 CRO R 64 -30.50 -21.47 -52.43
CB1 CRO R 64 -30.06 -22.75 -53.18
CG1 CRO R 64 -31.16 -23.77 -53.22
OG1 CRO R 64 -29.64 -22.42 -54.48
C1 CRO R 64 -29.45 -20.40 -52.36
N2 CRO R 64 -28.37 -20.22 -53.22
N3 CRO R 64 -29.39 -19.45 -51.41
C2 CRO R 64 -28.41 -18.50 -51.62
O2 CRO R 64 -27.98 -17.64 -50.91
CA2 CRO R 64 -27.71 -19.05 -52.81
CA3 CRO R 64 -30.47 -19.23 -50.47
C3 CRO R 64 -30.31 -19.86 -49.11
O3 CRO R 64 -30.77 -19.28 -48.14
CB2 CRO R 64 -26.55 -18.57 -53.29
CG2 CRO R 64 -25.89 -18.97 -54.59
CD1 CRO R 64 -26.31 -20.10 -55.32
CD2 CRO R 64 -24.73 -18.21 -55.00
CE1 CRO R 64 -25.54 -20.49 -56.47
CE2 CRO R 64 -24.01 -18.60 -56.15
CZ CRO R 64 -24.41 -19.71 -56.88
OH CRO R 64 -23.66 -20.10 -58.10
N VAL R 65 -29.71 -21.04 -49.05
CA VAL R 65 -29.54 -21.71 -47.76
C VAL R 65 -28.06 -22.12 -47.56
N GLN R 66 -27.26 -21.09 -47.45
CA GLN R 66 -25.89 -21.14 -47.26
C GLN R 66 -25.33 -21.87 -46.07
N CYS R 67 -26.22 -22.24 -45.15
CA CYS R 67 -25.81 -23.01 -44.01
C CYS R 67 -25.47 -24.46 -44.44
N PHE R 68 -25.80 -24.81 -45.70
CA PHE R 68 -25.51 -26.15 -46.23
C PHE R 68 -24.15 -26.23 -46.98
N SER R 69 -23.38 -25.18 -46.87
CA SER R 69 -22.08 -25.13 -47.48
C SER R 69 -21.12 -26.03 -46.69
N ARG R 70 -20.22 -26.72 -47.39
CA ARG R 70 -19.27 -27.50 -46.66
C ARG R 70 -18.12 -26.62 -46.19
N TYR R 71 -17.91 -26.53 -44.87
CA TYR R 71 -16.78 -25.77 -44.36
C TYR R 71 -15.68 -26.77 -43.95
N PRO R 72 -14.51 -26.64 -44.50
CA PRO R 72 -13.44 -27.51 -44.09
C PRO R 72 -13.14 -27.36 -42.60
N ASP R 73 -12.65 -28.44 -41.99
CA ASP R 73 -12.32 -28.44 -40.59
C ASP R 73 -11.56 -27.23 -40.17
N HIS R 74 -10.58 -26.86 -40.93
CA HIS R 74 -9.81 -25.75 -40.48
C HIS R 74 -10.49 -24.44 -40.62
N MSE R 75 -11.64 -24.41 -41.27
CA MSE R 75 -12.34 -23.16 -41.42
C MSE R 75 -13.67 -23.07 -40.64
O MSE R 75 -14.44 -22.14 -40.83
CB MSE R 75 -12.62 -22.93 -42.88
CG MSE R 75 -11.48 -22.39 -43.68
SE MSE R 75 -11.92 -22.25 -45.56
CE MSE R 75 -12.69 -20.49 -45.46
N LYS R 76 -13.94 -24.06 -39.80
CA LYS R 76 -15.17 -24.08 -39.03
C LYS R 76 -15.49 -22.82 -38.24
N ARG R 77 -14.45 -22.15 -37.80
CA ARG R 77 -14.65 -20.95 -37.01
C ARG R 77 -15.19 -19.78 -37.81
N HIS R 78 -15.29 -19.96 -39.15
CA HIS R 78 -15.74 -18.83 -39.99
C HIS R 78 -17.14 -19.04 -40.52
N ASP R 79 -17.80 -20.10 -40.03
CA ASP R 79 -19.09 -20.49 -40.54
C ASP R 79 -20.23 -19.77 -39.84
N PHE R 80 -20.49 -18.53 -40.26
CA PHE R 80 -21.56 -17.71 -39.69
C PHE R 80 -22.91 -18.39 -39.79
N PHE R 81 -23.17 -18.95 -41.00
CA PHE R 81 -24.43 -19.56 -41.35
C PHE R 81 -24.97 -20.54 -40.34
N LYS R 82 -24.15 -21.52 -40.00
CA LYS R 82 -24.53 -22.53 -39.06
C LYS R 82 -24.58 -21.99 -37.60
N SER R 83 -23.73 -20.99 -37.28
CA SER R 83 -23.67 -20.44 -35.95
C SER R 83 -24.94 -19.71 -35.56
N ALA R 84 -25.70 -19.29 -36.56
CA ALA R 84 -26.93 -18.56 -36.30
C ALA R 84 -28.13 -19.48 -36.04
N MSE R 85 -27.94 -20.79 -36.18
CA MSE R 85 -29.00 -21.77 -36.00
C MSE R 85 -29.15 -22.27 -34.55
O MSE R 85 -28.20 -22.23 -33.80
CB MSE R 85 -28.69 -22.92 -36.94
CG MSE R 85 -28.66 -22.51 -38.40
SE MSE R 85 -30.44 -21.96 -39.06
CE MSE R 85 -29.92 -20.55 -40.25
N PRO R 86 -30.34 -22.74 -34.13
CA PRO R 86 -31.55 -22.89 -34.93
C PRO R 86 -32.39 -21.62 -35.15
N GLU R 87 -32.18 -20.55 -34.33
CA GLU R 87 -32.95 -19.30 -34.45
C GLU R 87 -32.93 -18.71 -35.86
N GLY R 88 -31.83 -18.87 -36.56
CA GLY R 88 -31.79 -18.45 -37.95
C GLY R 88 -31.27 -17.08 -38.23
N TYR R 89 -31.43 -16.67 -39.50
CA TYR R 89 -30.98 -15.37 -39.91
C TYR R 89 -31.85 -14.81 -40.98
N VAL R 90 -31.73 -13.49 -41.10
CA VAL R 90 -32.39 -12.73 -42.14
C VAL R 90 -31.36 -12.48 -43.23
N GLN R 91 -31.77 -12.75 -44.44
CA GLN R 91 -30.92 -12.56 -45.58
C GLN R 91 -31.62 -11.61 -46.51
N GLU R 92 -30.97 -10.47 -46.79
CA GLU R 92 -31.54 -9.51 -47.71
C GLU R 92 -30.64 -9.28 -48.88
N ARG R 93 -31.22 -9.02 -50.03
CA ARG R 93 -30.44 -8.73 -51.20
C ARG R 93 -31.04 -7.70 -52.10
N THR R 94 -30.18 -7.19 -52.94
CA THR R 94 -30.54 -6.46 -54.10
C THR R 94 -29.76 -7.09 -55.24
N ILE R 95 -30.45 -7.45 -56.30
CA ILE R 95 -29.82 -8.07 -57.47
C ILE R 95 -30.02 -7.20 -58.69
N PHE R 96 -28.92 -6.67 -59.24
CA PHE R 96 -29.02 -5.82 -60.39
C PHE R 96 -28.78 -6.53 -61.66
N PHE R 97 -29.77 -6.60 -62.55
CA PHE R 97 -29.54 -7.20 -63.84
C PHE R 97 -28.97 -6.16 -64.76
N LYS R 98 -27.82 -6.47 -65.34
CA LYS R 98 -27.18 -5.49 -66.19
C LYS R 98 -28.07 -5.07 -67.34
N ASP R 99 -28.24 -3.75 -67.48
CA ASP R 99 -29.09 -3.19 -68.54
C ASP R 99 -30.53 -3.65 -68.47
N ASP R 100 -30.98 -3.98 -67.28
CA ASP R 100 -32.33 -4.46 -67.06
C ASP R 100 -32.82 -4.09 -65.65
N GLY R 101 -33.88 -4.78 -65.16
CA GLY R 101 -34.44 -4.47 -63.83
C GLY R 101 -33.64 -5.03 -62.66
N ASN R 102 -34.18 -4.84 -61.46
CA ASN R 102 -33.55 -5.39 -60.28
C ASN R 102 -34.53 -6.17 -59.40
N TYR R 103 -33.98 -7.07 -58.58
CA TYR R 103 -34.73 -7.83 -57.62
C TYR R 103 -34.36 -7.40 -56.23
N LYS R 104 -35.36 -7.29 -55.38
CA LYS R 104 -35.16 -6.98 -53.97
C LYS R 104 -35.77 -8.14 -53.20
N THR R 105 -34.97 -8.75 -52.36
CA THR R 105 -35.44 -9.91 -51.64
C THR R 105 -35.22 -9.80 -50.15
N ARG R 106 -36.10 -10.46 -49.44
CA ARG R 106 -35.98 -10.55 -48.02
C ARG R 106 -36.43 -11.92 -47.59
N ALA R 107 -35.61 -12.58 -46.80
CA ALA R 107 -35.99 -13.92 -46.39
C ALA R 107 -35.58 -14.22 -44.98
N GLU R 108 -36.23 -15.22 -44.43
CA GLU R 108 -35.91 -15.70 -43.12
C GLU R 108 -35.53 -17.15 -43.25
N VAL R 109 -34.34 -17.51 -42.76
CA VAL R 109 -34.01 -18.91 -42.81
C VAL R 109 -33.74 -19.44 -41.45
N LYS R 110 -34.45 -20.46 -41.12
CA LYS R 110 -34.36 -21.00 -39.80
C LYS R 110 -35.04 -22.34 -39.75
N PHE R 111 -34.93 -23.00 -38.60
CA PHE R 111 -35.53 -24.31 -38.39
C PHE R 111 -36.96 -24.22 -37.84
N GLU R 112 -37.83 -25.04 -38.36
CA GLU R 112 -39.20 -25.21 -37.87
C GLU R 112 -39.23 -26.65 -37.51
N GLY R 113 -38.99 -26.97 -36.27
CA GLY R 113 -38.96 -28.37 -35.96
C GLY R 113 -37.66 -28.91 -36.54
N ASP R 114 -37.72 -29.94 -37.31
CA ASP R 114 -36.48 -30.45 -37.85
C ASP R 114 -36.21 -30.14 -39.32
N THR R 115 -37.05 -29.29 -39.85
CA THR R 115 -36.99 -28.86 -41.23
C THR R 115 -36.39 -27.50 -41.34
N LEU R 116 -35.50 -27.33 -42.29
CA LEU R 116 -34.86 -26.06 -42.51
C LEU R 116 -35.75 -25.32 -43.51
N VAL R 117 -36.19 -24.12 -43.08
CA VAL R 117 -37.12 -23.30 -43.85
C VAL R 117 -36.52 -22.02 -44.39
N ASN R 118 -36.76 -21.77 -45.65
CA ASN R 118 -36.33 -20.54 -46.31
C ASN R 118 -37.58 -19.83 -46.83
N ARG R 119 -38.00 -18.78 -46.15
CA ARG R 119 -39.18 -18.03 -46.53
C ARG R 119 -38.79 -16.68 -47.11
N ILE R 120 -39.15 -16.48 -48.38
CA ILE R 120 -38.77 -15.31 -49.16
C ILE R 120 -39.92 -14.47 -49.75
N GLU R 121 -39.66 -13.18 -49.74
CA GLU R 121 -40.50 -12.20 -50.39
C GLU R 121 -39.65 -11.51 -51.43
N LEU R 122 -40.10 -11.58 -52.65
CA LEU R 122 -39.37 -11.00 -53.75
C LEU R 122 -40.12 -9.92 -54.49
N LYS R 123 -39.44 -8.83 -54.71
CA LYS R 123 -40.00 -7.72 -55.48
C LYS R 123 -39.06 -7.32 -56.65
N GLY R 124 -39.58 -7.39 -57.89
CA GLY R 124 -38.82 -7.07 -59.13
C GLY R 124 -39.38 -5.84 -59.83
N ILE R 125 -38.50 -4.85 -60.12
CA ILE R 125 -38.94 -3.65 -60.83
C ILE R 125 -38.02 -3.20 -61.92
N ASP R 126 -38.60 -2.42 -62.80
CA ASP R 126 -37.91 -1.82 -63.88
C ASP R 126 -37.40 -2.78 -64.88
N PHE R 127 -38.11 -3.87 -65.07
CA PHE R 127 -37.68 -4.82 -66.08
C PHE R 127 -38.20 -4.43 -67.44
N LYS R 128 -37.40 -4.71 -68.46
CA LYS R 128 -37.79 -4.39 -69.82
C LYS R 128 -38.65 -5.48 -70.38
N GLU R 129 -39.80 -5.08 -70.85
CA GLU R 129 -40.74 -6.04 -71.35
C GLU R 129 -40.15 -6.95 -72.41
N ASP R 130 -39.14 -6.43 -73.07
CA ASP R 130 -38.46 -7.14 -74.17
C ASP R 130 -36.98 -7.49 -73.88
N GLY R 131 -36.58 -7.46 -72.59
CA GLY R 131 -35.21 -7.75 -72.20
C GLY R 131 -34.98 -9.23 -72.11
N ASN R 132 -33.82 -9.61 -71.57
CA ASN R 132 -33.54 -11.04 -71.47
C ASN R 132 -34.39 -11.78 -70.46
N ILE R 133 -34.87 -11.06 -69.43
CA ILE R 133 -35.64 -11.67 -68.33
C ILE R 133 -37.11 -11.96 -68.69
N LEU R 134 -37.82 -10.88 -68.97
CA LEU R 134 -39.22 -10.97 -69.33
C LEU R 134 -39.38 -11.62 -70.66
N GLY R 135 -38.38 -11.42 -71.51
CA GLY R 135 -38.41 -11.99 -72.84
C GLY R 135 -38.05 -13.44 -72.84
N HIS R 136 -37.66 -13.97 -71.70
CA HIS R 136 -37.29 -15.39 -71.62
C HIS R 136 -36.19 -15.86 -72.64
N LYS R 137 -35.06 -15.16 -72.62
CA LYS R 137 -33.94 -15.44 -73.50
C LYS R 137 -32.76 -16.20 -72.85
N LEU R 138 -32.89 -16.55 -71.55
CA LEU R 138 -31.84 -17.23 -70.79
C LEU R 138 -31.85 -18.70 -71.03
N GLU R 139 -30.66 -19.32 -71.22
CA GLU R 139 -30.61 -20.77 -71.38
C GLU R 139 -30.90 -21.41 -70.03
N TYR R 140 -31.32 -22.65 -70.09
CA TYR R 140 -31.63 -23.41 -68.90
C TYR R 140 -30.45 -24.15 -68.41
N ASN R 141 -29.56 -23.43 -67.81
CA ASN R 141 -28.36 -23.99 -67.26
C ASN R 141 -27.78 -23.02 -66.27
N TYR R 142 -26.68 -23.40 -65.64
CA TYR R 142 -26.09 -22.54 -64.66
C TYR R 142 -24.56 -22.71 -64.58
N ASN R 143 -23.84 -21.64 -64.23
CA ASN R 143 -22.37 -21.64 -64.13
C ASN R 143 -21.86 -21.77 -62.71
N SER R 144 -20.50 -21.81 -62.52
CA SER R 144 -19.84 -21.88 -61.19
C SER R 144 -19.43 -20.51 -60.80
N HIS R 145 -19.52 -20.18 -59.53
CA HIS R 145 -19.18 -18.87 -59.11
C HIS R 145 -18.45 -18.89 -57.82
N ASN R 146 -17.87 -17.76 -57.50
CA ASN R 146 -17.25 -17.53 -56.21
C ASN R 146 -18.07 -16.45 -55.50
N VAL R 147 -18.36 -16.68 -54.24
CA VAL R 147 -19.15 -15.81 -53.41
C VAL R 147 -18.28 -15.29 -52.31
N TYR R 148 -18.10 -13.98 -52.28
CA TYR R 148 -17.23 -13.34 -51.32
C TYR R 148 -17.90 -12.91 -50.05
N ILE R 149 -17.34 -13.36 -48.93
CA ILE R 149 -17.89 -13.07 -47.65
C ILE R 149 -17.00 -12.26 -46.77
N MSE R 150 -17.60 -11.34 -46.05
CA MSE R 150 -16.90 -10.51 -45.11
C MSE R 150 -17.76 -10.19 -43.92
O MSE R 150 -18.99 -10.17 -44.02
CB MSE R 150 -16.46 -9.25 -45.77
CG MSE R 150 -16.08 -9.44 -47.20
SE MSE R 150 -15.96 -7.77 -48.10
CE MSE R 150 -15.80 -6.67 -46.52
N ALA R 151 -17.09 -9.96 -42.80
CA ALA R 151 -17.73 -9.67 -41.56
C ALA R 151 -18.31 -8.26 -41.49
N ASP R 152 -19.36 -8.13 -40.73
CA ASP R 152 -19.97 -6.85 -40.51
C ASP R 152 -20.14 -6.64 -39.02
N LYS R 153 -19.07 -6.19 -38.38
CA LYS R 153 -19.10 -6.02 -36.95
C LYS R 153 -20.17 -5.05 -36.41
N GLN R 154 -20.63 -4.11 -37.25
CA GLN R 154 -21.64 -3.14 -36.81
C GLN R 154 -23.07 -3.71 -36.70
N LYS R 155 -23.38 -4.65 -37.58
CA LYS R 155 -24.67 -5.28 -37.58
C LYS R 155 -24.59 -6.69 -37.04
N ASN R 156 -23.37 -7.11 -36.62
CA ASN R 156 -23.19 -8.46 -36.09
C ASN R 156 -23.61 -9.46 -37.17
N GLY R 157 -23.21 -9.15 -38.41
CA GLY R 157 -23.56 -9.98 -39.52
C GLY R 157 -22.44 -10.03 -40.49
N ILE R 158 -22.81 -10.40 -41.70
CA ILE R 158 -21.86 -10.48 -42.75
C ILE R 158 -22.39 -9.78 -43.95
N LYS R 159 -21.48 -9.36 -44.80
CA LYS R 159 -21.84 -8.73 -46.05
C LYS R 159 -21.31 -9.66 -47.11
N VAL R 160 -22.07 -9.85 -48.16
CA VAL R 160 -21.69 -10.77 -49.20
C VAL R 160 -21.89 -10.13 -50.55
N ASN R 161 -20.94 -10.35 -51.47
CA ASN R 161 -21.04 -9.82 -52.80
C ASN R 161 -20.54 -10.82 -53.84
N PHE R 162 -21.13 -10.74 -55.04
CA PHE R 162 -20.75 -11.62 -56.15
C PHE R 162 -21.54 -11.30 -57.37
N LYS R 163 -21.11 -11.86 -58.52
CA LYS R 163 -21.79 -11.68 -59.80
C LYS R 163 -22.10 -13.02 -60.40
N ILE R 164 -23.29 -13.14 -60.90
CA ILE R 164 -23.72 -14.31 -61.55
C ILE R 164 -23.70 -14.03 -62.99
N ARG R 165 -23.33 -15.04 -63.74
CA ARG R 165 -23.29 -14.99 -65.16
C ARG R 165 -24.33 -15.95 -65.77
N HIS R 166 -25.36 -15.38 -66.40
CA HIS R 166 -26.41 -16.16 -67.04
C HIS R 166 -26.19 -16.22 -68.55
N ASN R 167 -26.13 -17.40 -69.08
CA ASN R 167 -25.96 -17.54 -70.48
C ASN R 167 -27.23 -17.20 -71.22
N ILE R 168 -27.10 -16.42 -72.30
CA ILE R 168 -28.23 -16.08 -73.17
C ILE R 168 -28.21 -17.00 -74.38
N GLU R 169 -29.37 -17.35 -74.87
CA GLU R 169 -29.54 -18.27 -75.97
C GLU R 169 -28.73 -17.93 -77.22
N ASP R 170 -28.33 -16.69 -77.37
CA ASP R 170 -27.55 -16.27 -78.54
C ASP R 170 -26.04 -16.41 -78.37
N GLY R 171 -25.64 -16.98 -77.24
CA GLY R 171 -24.23 -17.16 -76.99
C GLY R 171 -23.67 -16.09 -76.09
N SER R 172 -24.46 -15.01 -75.86
CA SER R 172 -24.00 -13.92 -75.02
C SER R 172 -24.17 -14.18 -73.52
N VAL R 173 -24.00 -13.13 -72.71
CA VAL R 173 -24.10 -13.25 -71.25
C VAL R 173 -24.93 -12.17 -70.56
N GLN R 174 -25.70 -12.59 -69.55
CA GLN R 174 -26.48 -11.65 -68.72
C GLN R 174 -25.89 -11.59 -67.31
N LEU R 175 -25.36 -10.43 -66.95
CA LEU R 175 -24.77 -10.26 -65.67
C LEU R 175 -25.79 -9.91 -64.60
N ALA R 176 -25.59 -10.48 -63.43
CA ALA R 176 -26.43 -10.21 -62.29
C ALA R 176 -25.62 -9.96 -61.03
N ASP R 177 -25.47 -8.69 -60.70
CA ASP R 177 -24.73 -8.24 -59.54
C ASP R 177 -25.50 -8.42 -58.27
N HIS R 178 -24.94 -9.17 -57.35
CA HIS R 178 -25.59 -9.45 -56.09
C HIS R 178 -24.99 -8.72 -54.92
N TYR R 179 -25.85 -8.05 -54.12
CA TYR R 179 -25.45 -7.36 -52.90
C TYR R 179 -26.24 -7.94 -51.78
N GLN R 180 -25.58 -8.44 -50.76
CA GLN R 180 -26.28 -9.17 -49.73
C GLN R 180 -25.83 -8.87 -48.32
N GLN R 181 -26.82 -8.90 -47.41
CA GLN R 181 -26.62 -8.75 -45.96
C GLN R 181 -27.38 -9.83 -45.18
N ASN R 182 -26.71 -10.36 -44.18
CA ASN R 182 -27.27 -11.38 -43.29
C ASN R 182 -27.10 -10.95 -41.86
N THR R 183 -28.16 -11.09 -41.12
CA THR R 183 -28.14 -10.73 -39.71
C THR R 183 -28.89 -11.76 -38.93
N PRO R 184 -28.38 -12.02 -37.73
CA PRO R 184 -28.96 -13.04 -36.88
C PRO R 184 -30.35 -12.66 -36.41
N ILE R 185 -31.16 -13.66 -36.21
CA ILE R 185 -32.52 -13.45 -35.68
C ILE R 185 -32.45 -13.49 -34.14
N GLY R 186 -31.75 -14.49 -33.60
CA GLY R 186 -31.59 -14.58 -32.15
C GLY R 186 -30.61 -13.54 -31.60
N ASP R 187 -30.49 -13.51 -30.29
CA ASP R 187 -29.61 -12.57 -29.59
C ASP R 187 -28.33 -13.28 -29.13
N GLY R 188 -28.31 -14.60 -29.35
CA GLY R 188 -27.19 -15.46 -28.99
C GLY R 188 -25.95 -15.14 -29.80
N PRO R 189 -24.81 -15.70 -29.41
CA PRO R 189 -23.56 -15.44 -30.12
C PRO R 189 -23.44 -16.15 -31.50
N VAL R 190 -22.80 -15.45 -32.43
CA VAL R 190 -22.56 -15.96 -33.76
C VAL R 190 -21.10 -15.81 -34.09
N LEU R 191 -20.68 -16.53 -35.09
CA LEU R 191 -19.32 -16.53 -35.54
C LEU R 191 -19.10 -15.49 -36.65
N LEU R 192 -18.29 -14.47 -36.41
CA LEU R 192 -17.99 -13.52 -37.46
C LEU R 192 -16.69 -13.96 -38.11
N PRO R 193 -16.76 -14.14 -39.40
CA PRO R 193 -15.65 -14.68 -40.19
C PRO R 193 -14.63 -13.69 -40.67
N ASP R 194 -13.48 -14.24 -41.07
CA ASP R 194 -12.49 -13.48 -41.80
C ASP R 194 -12.86 -13.64 -43.27
N ASN R 195 -12.40 -12.73 -44.11
CA ASN R 195 -12.71 -12.76 -45.52
C ASN R 195 -12.44 -14.10 -46.10
N HIS R 196 -13.37 -14.59 -46.84
CA HIS R 196 -13.23 -15.86 -47.46
C HIS R 196 -14.26 -15.99 -48.53
N TYR R 197 -14.34 -17.13 -49.19
CA TYR R 197 -15.34 -17.27 -50.21
C TYR R 197 -15.86 -18.68 -50.37
N LEU R 198 -17.01 -18.78 -51.03
CA LEU R 198 -17.66 -20.02 -51.34
C LEU R 198 -17.59 -20.25 -52.82
N SER R 199 -17.30 -21.49 -53.18
CA SER R 199 -17.19 -21.91 -54.55
C SER R 199 -18.40 -22.78 -54.86
N THR R 200 -19.15 -22.39 -55.90
CA THR R 200 -20.40 -23.06 -56.18
C THR R 200 -20.44 -23.71 -57.51
N GLN R 201 -21.24 -24.74 -57.56
CA GLN R 201 -21.56 -25.42 -58.80
C GLN R 201 -22.99 -25.96 -58.75
N SER R 202 -23.73 -25.81 -59.87
CA SER R 202 -25.12 -26.23 -59.92
C SER R 202 -25.51 -26.80 -61.26
N ALA R 203 -26.36 -27.80 -61.21
CA ALA R 203 -26.92 -28.44 -62.40
C ALA R 203 -28.46 -28.35 -62.35
N LEU R 204 -29.07 -27.92 -63.46
CA LEU R 204 -30.51 -27.80 -63.59
C LEU R 204 -31.03 -28.91 -64.43
N SER R 205 -32.16 -29.45 -64.02
CA SER R 205 -32.79 -30.50 -64.79
C SER R 205 -34.32 -30.40 -64.72
N LYS R 206 -35.00 -31.30 -65.41
CA LYS R 206 -36.46 -31.34 -65.41
C LYS R 206 -36.94 -32.74 -65.04
N ASP R 207 -38.15 -32.81 -64.43
CA ASP R 207 -38.81 -34.07 -64.10
C ASP R 207 -39.77 -34.41 -65.25
N PRO R 208 -39.37 -35.37 -66.05
CA PRO R 208 -40.09 -35.77 -67.25
C PRO R 208 -41.58 -36.06 -67.03
N ASN R 209 -41.93 -36.49 -65.81
CA ASN R 209 -43.30 -36.83 -65.50
C ASN R 209 -44.05 -35.72 -64.79
N GLU R 210 -43.45 -34.54 -64.77
CA GLU R 210 -44.03 -33.40 -64.11
C GLU R 210 -44.68 -32.42 -65.10
N LYS R 211 -45.96 -32.21 -64.99
CA LYS R 211 -46.62 -31.27 -65.92
C LYS R 211 -46.63 -29.85 -65.43
N ARG R 212 -46.45 -29.64 -64.15
CA ARG R 212 -46.44 -28.25 -63.72
C ARG R 212 -45.14 -27.57 -64.13
N ASP R 213 -45.08 -26.26 -64.06
CA ASP R 213 -43.83 -25.52 -64.34
C ASP R 213 -42.91 -25.75 -63.13
N HIS R 214 -41.71 -26.24 -63.37
CA HIS R 214 -40.85 -26.53 -62.26
C HIS R 214 -39.38 -26.57 -62.66
N MSE R 215 -38.54 -26.74 -61.65
CA MSE R 215 -37.13 -26.88 -61.86
C MSE R 215 -36.58 -27.87 -60.85
O MSE R 215 -36.95 -27.81 -59.67
CB MSE R 215 -36.38 -25.55 -61.69
CG MSE R 215 -34.89 -25.63 -61.35
SE MSE R 215 -33.98 -23.90 -61.30
CE MSE R 215 -34.54 -23.20 -59.58
N VAL R 216 -35.68 -28.74 -61.33
CA VAL R 216 -34.95 -29.65 -60.48
C VAL R 216 -33.52 -29.13 -60.35
N LEU R 217 -33.01 -29.06 -59.12
CA LEU R 217 -31.72 -28.49 -58.82
C LEU R 217 -30.83 -29.35 -57.96
N LEU R 218 -29.54 -29.50 -58.43
CA LEU R 218 -28.44 -30.19 -57.71
C LEU R 218 -27.28 -29.21 -57.56
N GLU R 219 -26.80 -29.03 -56.38
CA GLU R 219 -25.81 -28.03 -56.15
C GLU R 219 -24.85 -28.43 -55.06
N PHE R 220 -23.60 -28.05 -55.28
CA PHE R 220 -22.48 -28.31 -54.39
C PHE R 220 -21.80 -27.01 -54.03
N VAL R 221 -21.49 -26.84 -52.76
CA VAL R 221 -20.88 -25.64 -52.33
C VAL R 221 -19.87 -25.91 -51.22
N THR R 222 -18.68 -25.39 -51.42
CA THR R 222 -17.64 -25.52 -50.43
C THR R 222 -16.89 -24.23 -50.18
N ALA R 223 -16.55 -24.00 -48.93
CA ALA R 223 -15.84 -22.78 -48.52
C ALA R 223 -14.34 -22.91 -48.78
N ALA R 224 -13.72 -21.80 -49.05
CA ALA R 224 -12.29 -21.79 -49.30
C ALA R 224 -11.67 -20.44 -49.04
N GLY R 225 -10.40 -20.34 -49.36
CA GLY R 225 -9.69 -19.08 -49.31
C GLY R 225 -8.96 -18.80 -48.04
N ILE R 226 -8.89 -19.81 -47.19
CA ILE R 226 -8.19 -19.71 -45.93
C ILE R 226 -7.31 -20.94 -45.75
N SER S 1 28.42 -3.11 32.40
CA SER S 1 27.53 -4.02 33.09
C SER S 1 27.43 -3.75 34.59
N LYS S 2 26.74 -4.68 35.23
CA LYS S 2 26.43 -4.70 36.66
C LYS S 2 27.67 -4.80 37.59
N GLY S 3 28.21 -6.00 37.65
CA GLY S 3 29.30 -6.34 38.53
C GLY S 3 30.59 -5.58 38.29
N GLU S 4 30.85 -5.25 37.02
CA GLU S 4 32.12 -4.58 36.62
C GLU S 4 32.68 -3.67 37.70
N GLU S 5 31.86 -2.69 38.08
CA GLU S 5 32.17 -1.70 39.10
C GLU S 5 32.53 -2.31 40.48
N LEU S 6 32.06 -3.54 40.74
CA LEU S 6 32.33 -4.19 42.03
C LEU S 6 33.75 -4.69 42.15
N PHE S 7 34.40 -4.82 41.00
CA PHE S 7 35.73 -5.42 40.94
C PHE S 7 36.90 -4.47 40.71
N THR S 8 36.57 -3.23 40.73
CA THR S 8 37.47 -2.15 40.53
C THR S 8 38.64 -2.06 41.53
N GLY S 9 38.56 -2.75 42.66
CA GLY S 9 39.66 -2.73 43.60
C GLY S 9 39.88 -4.11 44.21
N VAL S 10 40.66 -4.16 45.27
CA VAL S 10 40.86 -5.41 46.00
C VAL S 10 39.56 -5.79 46.75
N VAL S 11 39.11 -7.03 46.54
CA VAL S 11 37.90 -7.58 47.17
C VAL S 11 38.27 -8.76 48.12
N PRO S 12 37.81 -8.74 49.37
CA PRO S 12 38.08 -9.86 50.25
C PRO S 12 37.27 -11.09 49.80
N ILE S 13 37.88 -12.25 49.95
CA ILE S 13 37.26 -13.49 49.54
C ILE S 13 37.12 -14.45 50.71
N LEU S 14 35.98 -15.12 50.75
CA LEU S 14 35.72 -16.13 51.75
C LEU S 14 35.35 -17.41 51.01
N VAL S 15 36.01 -18.50 51.37
CA VAL S 15 35.75 -19.80 50.76
C VAL S 15 35.36 -20.83 51.85
N GLU S 16 34.23 -21.50 51.62
CA GLU S 16 33.70 -22.52 52.49
C GLU S 16 33.40 -23.78 51.72
N LEU S 17 34.03 -24.89 52.12
CA LEU S 17 33.78 -26.18 51.45
C LEU S 17 33.39 -27.32 52.40
N ASP S 18 32.37 -28.05 52.01
CA ASP S 18 31.92 -29.23 52.71
C ASP S 18 32.12 -30.42 51.78
N GLY S 19 32.93 -31.38 52.16
CA GLY S 19 33.09 -32.50 51.24
C GLY S 19 33.02 -33.89 51.85
N ASP S 20 32.77 -34.82 50.95
CA ASP S 20 32.71 -36.21 51.25
C ASP S 20 33.28 -36.95 50.06
N VAL S 21 34.40 -37.60 50.31
CA VAL S 21 35.06 -38.40 49.27
C VAL S 21 35.15 -39.87 49.70
N ASN S 22 34.33 -40.72 49.07
CA ASN S 22 34.33 -42.15 49.43
C ASN S 22 34.06 -42.35 50.92
N GLY S 23 33.14 -41.58 51.47
CA GLY S 23 32.82 -41.70 52.88
C GLY S 23 33.72 -40.93 53.82
N HIS S 24 34.81 -40.34 53.32
CA HIS S 24 35.68 -39.52 54.18
C HIS S 24 35.17 -38.07 54.15
N LYS S 25 34.62 -37.63 55.26
CA LYS S 25 34.06 -36.30 55.34
C LYS S 25 35.05 -35.27 55.78
N PHE S 26 34.93 -34.06 55.22
CA PHE S 26 35.85 -33.01 55.62
C PHE S 26 35.30 -31.62 55.31
N SER S 27 35.94 -30.63 55.94
CA SER S 27 35.56 -29.24 55.77
C SER S 27 36.80 -28.36 55.57
N VAL S 28 36.68 -27.39 54.69
CA VAL S 28 37.75 -26.43 54.45
C VAL S 28 37.26 -24.98 54.49
N SER S 29 38.07 -24.15 55.09
CA SER S 29 37.84 -22.72 55.11
C SER S 29 39.01 -21.98 54.43
N GLY S 30 38.69 -20.98 53.63
CA GLY S 30 39.72 -20.19 53.04
C GLY S 30 39.38 -18.70 53.06
N GLU S 31 40.41 -17.90 53.15
CA GLU S 31 40.28 -16.45 53.13
C GLU S 31 41.40 -15.85 52.30
N GLY S 32 41.17 -14.69 51.75
CA GLY S 32 42.20 -13.96 51.02
C GLY S 32 41.61 -12.80 50.28
N GLU S 33 42.24 -12.43 49.18
CA GLU S 33 41.74 -11.35 48.40
C GLU S 33 42.01 -11.54 46.93
N GLY S 34 41.25 -10.83 46.11
CA GLY S 34 41.37 -10.89 44.67
C GLY S 34 41.42 -9.48 44.12
N ASP S 35 42.10 -9.31 43.02
CA ASP S 35 42.22 -8.01 42.38
C ASP S 35 42.13 -8.25 40.88
N ALA S 36 40.92 -8.18 40.37
CA ALA S 36 40.63 -8.46 39.00
C ALA S 36 41.40 -7.54 38.04
N THR S 37 41.91 -6.42 38.56
CA THR S 37 42.66 -5.48 37.70
C THR S 37 43.91 -6.13 37.13
N TYR S 38 44.50 -7.01 37.93
CA TYR S 38 45.66 -7.78 37.58
C TYR S 38 45.34 -9.27 37.41
N GLY S 39 44.05 -9.63 37.48
CA GLY S 39 43.62 -11.03 37.42
C GLY S 39 44.31 -11.86 38.52
N LYS S 40 44.57 -11.22 39.65
CA LYS S 40 45.30 -11.82 40.70
C LYS S 40 44.45 -12.29 41.91
N LEU S 41 44.80 -13.49 42.44
CA LEU S 41 44.15 -14.10 43.62
C LEU S 41 45.18 -14.52 44.66
N THR S 42 44.97 -14.21 45.94
CA THR S 42 45.87 -14.65 47.00
C THR S 42 45.05 -15.28 48.12
N LEU S 43 45.24 -16.59 48.40
CA LEU S 43 44.39 -17.29 49.36
C LEU S 43 45.14 -18.26 50.25
N LYS S 44 44.57 -18.51 51.44
CA LYS S 44 45.05 -19.50 52.35
C LYS S 44 43.88 -20.37 52.78
N PHE S 45 44.03 -21.68 52.62
CA PHE S 45 43.01 -22.65 52.96
C PHE S 45 43.46 -23.45 54.11
N ILE S 46 42.52 -23.79 54.98
CA ILE S 46 42.81 -24.56 56.19
C ILE S 46 41.81 -25.70 56.34
N CYS S 47 42.29 -26.90 56.59
CA CYS S 47 41.35 -27.99 56.72
C CYS S 47 40.87 -27.96 58.14
N THR S 48 39.60 -27.61 58.32
CA THR S 48 39.05 -27.44 59.66
C THR S 48 38.71 -28.71 60.41
N THR S 49 38.45 -29.76 59.67
CA THR S 49 38.10 -31.02 60.29
C THR S 49 39.33 -31.87 60.60
N GLY S 50 40.54 -31.28 60.36
CA GLY S 50 41.80 -31.99 60.59
C GLY S 50 42.64 -32.22 59.29
N LYS S 51 43.01 -33.48 59.04
CA LYS S 51 43.82 -33.85 57.86
C LYS S 51 42.99 -34.00 56.59
N LEU S 52 43.39 -33.27 55.55
CA LEU S 52 42.67 -33.40 54.30
C LEU S 52 42.85 -34.84 53.76
N PRO S 53 41.77 -35.49 53.40
CA PRO S 53 41.77 -36.87 52.92
C PRO S 53 42.18 -37.08 51.47
N VAL S 54 42.26 -35.99 50.72
CA VAL S 54 42.70 -36.02 49.34
C VAL S 54 43.78 -35.05 49.22
N PRO S 55 44.47 -35.03 48.12
CA PRO S 55 45.55 -34.08 47.98
C PRO S 55 45.06 -32.64 47.69
N TRP S 56 45.74 -31.66 48.30
CA TRP S 56 45.38 -30.26 48.09
C TRP S 56 45.19 -29.84 46.63
N PRO S 57 46.13 -30.20 45.77
CA PRO S 57 46.02 -29.82 44.39
C PRO S 57 44.76 -30.24 43.74
N THR S 58 44.16 -31.35 44.18
CA THR S 58 42.94 -31.76 43.54
C THR S 58 41.77 -30.78 43.76
N LEU S 59 41.89 -29.94 44.76
CA LEU S 59 40.79 -29.01 45.08
C LEU S 59 40.92 -27.60 44.50
N VAL S 60 42.05 -27.29 43.89
CA VAL S 60 42.29 -25.93 43.39
C VAL S 60 41.18 -25.32 42.54
N THR S 61 40.77 -26.06 41.53
CA THR S 61 39.76 -25.59 40.62
C THR S 61 38.43 -25.34 41.28
N THR S 62 38.19 -26.11 42.31
CA THR S 62 36.93 -25.99 43.07
C THR S 62 36.93 -24.71 43.92
N PHE S 63 38.04 -24.50 44.62
CA PHE S 63 38.15 -23.35 45.44
C PHE S 63 38.20 -22.08 44.60
N1 CRO S 64 38.99 -22.12 43.52
CA1 CRO S 64 39.14 -20.93 42.67
CB1 CRO S 64 40.56 -20.37 42.78
CG1 CRO S 64 40.88 -19.92 44.19
OG1 CRO S 64 41.50 -21.33 42.36
C1 CRO S 64 38.76 -21.40 41.29
N2 CRO S 64 39.63 -21.81 40.29
N3 CRO S 64 37.50 -21.47 40.82
C2 CRO S 64 37.40 -22.06 39.57
O2 CRO S 64 36.48 -22.12 38.81
CA2 CRO S 64 38.83 -22.25 39.21
CA3 CRO S 64 36.35 -21.29 41.68
C3 CRO S 64 35.72 -19.93 41.68
O3 CRO S 64 34.51 -19.85 41.82
CB2 CRO S 64 39.25 -22.62 37.99
CG2 CRO S 64 40.66 -22.99 37.62
CD1 CRO S 64 41.75 -22.75 38.47
CD2 CRO S 64 40.87 -23.53 36.28
CE1 CRO S 64 43.09 -23.00 37.98
CE2 CRO S 64 42.18 -23.80 35.83
CZ CRO S 64 43.26 -23.56 36.67
OH CRO S 64 44.64 -23.88 36.20
N VAL S 65 36.52 -18.88 41.55
CA VAL S 65 35.96 -17.54 41.56
C VAL S 65 36.47 -16.74 40.32
N GLN S 66 36.02 -17.23 39.19
CA GLN S 66 36.30 -16.74 37.94
C GLN S 66 35.97 -15.30 37.60
N CYS S 67 35.22 -14.66 38.50
CA CYS S 67 34.91 -13.28 38.33
C CYS S 67 36.17 -12.41 38.59
N PHE S 68 37.23 -13.03 39.11
CA PHE S 68 38.51 -12.33 39.38
C PHE S 68 39.51 -12.41 38.20
N SER S 69 39.04 -12.92 37.08
CA SER S 69 39.86 -13.02 35.90
C SER S 69 40.04 -11.62 35.29
N ARG S 70 41.23 -11.35 34.76
CA ARG S 70 41.39 -10.08 34.11
C ARG S 70 40.85 -10.14 32.70
N TYR S 71 39.86 -9.31 32.38
CA TYR S 71 39.35 -9.27 31.02
C TYR S 71 39.92 -8.00 30.34
N PRO S 72 40.60 -8.17 29.24
CA PRO S 72 41.10 -6.99 28.54
C PRO S 72 39.95 -6.08 28.12
N ASP S 73 40.25 -4.78 28.02
CA ASP S 73 39.27 -3.82 27.63
C ASP S 73 38.47 -4.23 26.44
N HIS S 74 39.11 -4.75 25.46
CA HIS S 74 38.35 -5.09 24.30
C HIS S 74 37.51 -6.29 24.45
N MSE S 75 37.66 -7.01 25.54
CA MSE S 75 36.85 -8.20 25.74
C MSE S 75 35.83 -8.08 26.89
O MSE S 75 35.22 -9.07 27.28
CB MSE S 75 37.76 -9.36 26.01
CG MSE S 75 38.39 -9.98 24.81
SE MSE S 75 39.63 -11.40 25.29
CE MSE S 75 38.33 -12.80 25.35
N LYS S 76 35.68 -6.89 27.44
CA LYS S 76 34.75 -6.68 28.55
C LYS S 76 33.33 -7.18 28.32
N ARG S 77 32.90 -7.13 27.07
CA ARG S 77 31.55 -7.55 26.77
C ARG S 77 31.34 -9.04 26.89
N HIS S 78 32.43 -9.80 27.13
CA HIS S 78 32.30 -11.27 27.20
C HIS S 78 32.43 -11.80 28.60
N ASP S 79 32.47 -10.88 29.57
CA ASP S 79 32.72 -11.22 30.94
C ASP S 79 31.43 -11.59 31.69
N PHE S 80 30.98 -12.83 31.49
CA PHE S 80 29.77 -13.32 32.14
C PHE S 80 29.84 -13.22 33.65
N PHE S 81 31.02 -13.66 34.18
CA PHE S 81 31.28 -13.74 35.60
C PHE S 81 30.91 -12.51 36.40
N LYS S 82 31.46 -11.38 35.98
CA LYS S 82 31.20 -10.14 36.64
C LYS S 82 29.77 -9.61 36.39
N SER S 83 29.19 -9.91 35.21
CA SER S 83 27.86 -9.45 34.86
C SER S 83 26.78 -10.06 35.74
N ALA S 84 27.09 -11.20 36.36
CA ALA S 84 26.12 -11.86 37.21
C ALA S 84 26.10 -11.31 38.64
N MSE S 85 27.03 -10.40 38.97
CA MSE S 85 27.15 -9.83 40.30
C MSE S 85 26.28 -8.58 40.52
O MSE S 85 25.95 -7.89 39.58
CB MSE S 85 28.61 -9.53 40.49
CG MSE S 85 29.50 -10.75 40.42
SE MSE S 85 29.18 -12.00 41.90
CE MSE S 85 29.45 -13.67 40.98
N PRO S 86 25.89 -8.27 41.77
CA PRO S 86 26.24 -8.96 42.99
C PRO S 86 25.44 -10.24 43.33
N GLU S 87 24.26 -10.44 42.68
CA GLU S 87 23.41 -11.61 42.93
C GLU S 87 24.15 -12.93 42.79
N GLY S 88 25.10 -13.00 41.88
CA GLY S 88 25.94 -14.19 41.77
C GLY S 88 25.50 -15.25 40.80
N TYR S 89 26.20 -16.39 40.89
CA TYR S 89 25.90 -17.48 40.01
C TYR S 89 26.14 -18.79 40.68
N VAL S 90 25.50 -19.81 40.09
CA VAL S 90 25.67 -21.18 40.48
C VAL S 90 26.67 -21.80 39.52
N GLN S 91 27.62 -22.48 40.07
CA GLN S 91 28.64 -23.14 39.29
C GLN S 91 28.60 -24.61 39.65
N GLU S 92 28.34 -25.45 38.64
CA GLU S 92 28.33 -26.87 38.88
C GLU S 92 29.35 -27.57 38.03
N ARG S 93 29.91 -28.65 38.55
CA ARG S 93 30.87 -29.41 37.80
C ARG S 93 30.80 -30.88 38.03
N THR S 94 31.39 -31.58 37.10
CA THR S 94 31.75 -32.94 37.24
C THR S 94 33.22 -33.02 36.84
N ILE S 95 34.04 -33.60 37.67
CA ILE S 95 35.47 -33.74 37.40
C ILE S 95 35.85 -35.21 37.34
N PHE S 96 36.28 -35.67 36.17
CA PHE S 96 36.63 -37.06 36.02
C PHE S 96 38.09 -37.29 36.14
N PHE S 97 38.53 -38.05 37.15
CA PHE S 97 39.94 -38.38 37.25
C PHE S 97 40.20 -39.58 36.39
N LYS S 98 41.15 -39.46 35.48
CA LYS S 98 41.42 -40.56 34.58
C LYS S 98 41.79 -41.81 35.33
N ASP S 99 41.11 -42.90 35.00
CA ASP S 99 41.35 -44.20 35.65
C ASP S 99 41.15 -44.18 37.15
N ASP S 100 40.30 -43.28 37.61
CA ASP S 100 40.02 -43.12 39.03
C ASP S 100 38.59 -42.61 39.25
N GLY S 101 38.31 -42.06 40.46
CA GLY S 101 36.95 -41.57 40.76
C GLY S 101 36.61 -40.22 40.16
N ASN S 102 35.42 -39.72 40.50
CA ASN S 102 35.02 -38.41 40.05
C ASN S 102 34.51 -37.52 41.19
N TYR S 103 34.56 -36.21 40.96
CA TYR S 103 34.04 -35.22 41.87
C TYR S 103 32.84 -34.57 41.27
N LYS S 104 31.84 -34.34 42.11
CA LYS S 104 30.64 -33.62 41.71
C LYS S 104 30.54 -32.43 42.65
N THR S 105 30.48 -31.25 42.08
CA THR S 105 30.46 -30.06 42.90
C THR S 105 29.32 -29.14 42.56
N ARG S 106 28.91 -28.42 43.56
CA ARG S 106 27.91 -27.42 43.40
C ARG S 106 28.22 -26.24 44.29
N ALA S 107 28.24 -25.06 43.73
CA ALA S 107 28.59 -23.92 44.55
C ALA S 107 27.80 -22.69 44.18
N GLU S 108 27.76 -21.78 45.12
CA GLU S 108 27.14 -20.50 44.92
C GLU S 108 28.17 -19.45 45.11
N VAL S 109 28.35 -18.56 44.11
CA VAL S 109 29.28 -17.51 44.32
C VAL S 109 28.62 -16.18 44.18
N LYS S 110 28.75 -15.40 45.20
CA LYS S 110 28.08 -14.14 45.23
C LYS S 110 28.62 -13.30 46.35
N PHE S 111 28.16 -12.05 46.42
CA PHE S 111 28.57 -11.12 47.44
C PHE S 111 27.69 -11.19 48.70
N GLU S 112 28.31 -11.14 49.84
CA GLU S 112 27.66 -11.03 51.14
C GLU S 112 28.19 -9.76 51.69
N GLY S 113 27.50 -8.68 51.50
CA GLY S 113 28.07 -7.45 51.97
C GLY S 113 29.19 -7.10 51.00
N ASP S 114 30.36 -6.86 51.49
CA ASP S 114 31.42 -6.53 50.57
C ASP S 114 32.45 -7.63 50.30
N THR S 115 32.12 -8.80 50.80
CA THR S 115 32.96 -9.98 50.68
C THR S 115 32.41 -10.90 49.62
N LEU S 116 33.31 -11.40 48.81
CA LEU S 116 32.93 -12.32 47.75
C LEU S 116 33.01 -13.71 48.36
N VAL S 117 31.86 -14.42 48.30
CA VAL S 117 31.72 -15.74 48.90
C VAL S 117 31.57 -16.87 47.91
N ASN S 118 32.32 -17.92 48.13
CA ASN S 118 32.24 -19.12 47.32
C ASN S 118 31.87 -20.28 48.24
N ARG S 119 30.63 -20.71 48.20
CA ARG S 119 30.15 -21.80 49.04
C ARG S 119 29.93 -23.05 48.21
N ILE S 120 30.68 -24.10 48.56
CA ILE S 120 30.71 -25.35 47.82
C ILE S 120 30.35 -26.62 48.62
N GLU S 121 29.68 -27.51 47.90
CA GLU S 121 29.37 -28.83 48.35
C GLU S 121 30.02 -29.79 47.39
N LEU S 122 30.86 -30.64 47.90
CA LEU S 122 31.58 -31.58 47.08
C LEU S 122 31.30 -33.03 47.42
N LYS S 123 31.05 -33.80 46.42
CA LYS S 123 30.83 -35.23 46.57
C LYS S 123 31.77 -36.03 45.63
N GLY S 124 32.62 -36.90 46.21
CA GLY S 124 33.59 -37.75 45.47
C GLY S 124 33.26 -39.24 45.58
N ILE S 125 33.16 -39.91 44.43
CA ILE S 125 32.89 -41.35 44.43
C ILE S 125 33.73 -42.15 43.48
N ASP S 126 33.79 -43.42 43.79
CA ASP S 126 34.47 -44.38 43.01
C ASP S 126 35.94 -44.20 42.95
N PHE S 127 36.50 -43.70 44.02
CA PHE S 127 37.95 -43.54 44.05
C PHE S 127 38.62 -44.83 44.47
N LYS S 128 39.79 -45.09 43.91
CA LYS S 128 40.54 -46.29 44.25
C LYS S 128 41.35 -46.06 45.48
N GLU S 129 41.15 -46.94 46.43
CA GLU S 129 41.82 -46.78 47.69
C GLU S 129 43.32 -46.66 47.54
N ASP S 130 43.82 -47.21 46.47
CA ASP S 130 45.26 -47.22 46.18
C ASP S 130 45.66 -46.41 44.91
N GLY S 131 44.77 -45.52 44.44
CA GLY S 131 45.03 -44.72 43.26
C GLY S 131 45.88 -43.52 43.59
N ASN S 132 46.01 -42.62 42.62
CA ASN S 132 46.85 -41.45 42.88
C ASN S 132 46.24 -40.46 43.88
N ILE S 133 44.91 -40.45 43.98
CA ILE S 133 44.20 -39.50 44.85
C ILE S 133 44.22 -39.87 46.34
N LEU S 134 43.62 -41.02 46.62
CA LEU S 134 43.54 -41.53 47.97
C LEU S 134 44.89 -41.93 48.44
N GLY S 135 45.71 -42.39 47.52
CA GLY S 135 47.05 -42.82 47.84
C GLY S 135 47.99 -41.68 48.04
N HIS S 136 47.53 -40.47 47.79
CA HIS S 136 48.40 -39.30 47.98
C HIS S 136 49.76 -39.34 47.20
N LYS S 137 49.65 -39.55 45.90
CA LYS S 137 50.81 -39.64 45.01
C LYS S 137 51.09 -38.38 44.17
N LEU S 138 50.26 -37.33 44.33
CA LEU S 138 50.37 -36.08 43.56
C LEU S 138 51.40 -35.16 44.13
N GLU S 139 52.25 -34.53 43.28
CA GLU S 139 53.21 -33.59 43.78
C GLU S 139 52.46 -32.32 44.19
N TYR S 140 53.10 -31.55 45.03
CA TYR S 140 52.54 -30.33 45.54
C TYR S 140 52.92 -29.17 44.67
N ASN S 141 52.31 -29.10 43.55
CA ASN S 141 52.56 -28.04 42.61
C ASN S 141 51.40 -27.98 41.64
N TYR S 142 51.45 -27.03 40.72
CA TYR S 142 50.38 -26.88 39.80
C TYR S 142 50.84 -26.33 38.43
N ASN S 143 50.17 -26.71 37.34
CA ASN S 143 50.51 -26.28 35.97
C ASN S 143 49.64 -25.15 35.46
N SER S 144 49.92 -24.66 34.20
CA SER S 144 49.12 -23.61 33.53
C SER S 144 48.16 -24.25 32.61
N HIS S 145 46.96 -23.69 32.49
CA HIS S 145 45.99 -24.31 31.67
C HIS S 145 45.22 -23.29 30.90
N ASN S 146 44.49 -23.76 29.92
CA ASN S 146 43.54 -22.96 29.18
C ASN S 146 42.14 -23.50 29.49
N VAL S 147 41.24 -22.59 29.77
CA VAL S 147 39.87 -22.88 30.12
C VAL S 147 38.98 -22.35 29.05
N TYR S 148 38.25 -23.24 28.39
CA TYR S 148 37.39 -22.87 27.28
C TYR S 148 35.98 -22.53 27.67
N ILE S 149 35.54 -21.37 27.24
CA ILE S 149 34.23 -20.90 27.55
C ILE S 149 33.36 -20.70 26.37
N MSE S 150 32.10 -21.06 26.54
CA MSE S 150 31.10 -20.89 25.52
C MSE S 150 29.76 -20.57 26.12
O MSE S 150 29.47 -20.95 27.25
CB MSE S 150 31.00 -22.12 24.68
CG MSE S 150 32.32 -22.80 24.50
SE MSE S 150 32.08 -24.57 23.83
CE MSE S 150 30.28 -24.31 23.17
N ALA S 151 28.96 -19.86 25.33
CA ALA S 151 27.65 -19.44 25.74
C ALA S 151 26.62 -20.56 25.75
N ASP S 152 25.67 -20.43 26.62
CA ASP S 152 24.59 -21.38 26.69
C ASP S 152 23.28 -20.61 26.68
N LYS S 153 22.83 -20.27 25.48
CA LYS S 153 21.64 -19.49 25.34
C LYS S 153 20.36 -20.12 25.94
N GLN S 154 20.33 -21.44 26.08
CA GLN S 154 19.15 -22.11 26.63
C GLN S 154 18.98 -21.98 28.15
N LYS S 155 20.11 -21.93 28.85
CA LYS S 155 20.10 -21.80 30.28
C LYS S 155 20.53 -20.40 30.69
N ASN S 156 20.79 -19.53 29.69
CA ASN S 156 21.22 -18.16 29.99
C ASN S 156 22.49 -18.22 30.83
N GLY S 157 23.39 -19.14 30.41
CA GLY S 157 24.61 -19.34 31.13
C GLY S 157 25.70 -19.64 30.17
N ILE S 158 26.73 -20.25 30.72
CA ILE S 158 27.86 -20.62 29.94
C ILE S 158 28.23 -22.03 30.26
N LYS S 159 28.89 -22.66 29.31
CA LYS S 159 29.38 -24.00 29.49
C LYS S 159 30.88 -23.87 29.42
N VAL S 160 31.58 -24.59 30.27
CA VAL S 160 33.02 -24.49 30.32
C VAL S 160 33.62 -25.87 30.36
N ASN S 161 34.73 -26.06 29.63
CA ASN S 161 35.41 -27.32 29.61
C ASN S 161 36.93 -27.14 29.59
N PHE S 162 37.63 -28.12 30.17
CA PHE S 162 39.10 -28.08 30.24
C PHE S 162 39.63 -29.30 30.93
N LYS S 163 40.95 -29.52 30.81
CA LYS S 163 41.64 -30.63 31.46
C LYS S 163 42.77 -30.12 32.28
N ILE S 164 42.89 -30.64 33.47
CA ILE S 164 43.93 -30.30 34.33
C ILE S 164 44.88 -31.43 34.31
N ARG S 165 46.14 -31.08 34.39
CA ARG S 165 47.21 -32.02 34.44
C ARG S 165 47.93 -31.96 35.79
N HIS S 166 47.79 -33.04 36.58
CA HIS S 166 48.44 -33.13 37.89
C HIS S 166 49.69 -34.00 37.80
N ASN S 167 50.79 -33.46 38.22
CA ASN S 167 51.99 -34.21 38.20
C ASN S 167 52.00 -35.24 39.31
N ILE S 168 52.41 -36.48 38.97
CA ILE S 168 52.57 -37.56 39.95
C ILE S 168 54.02 -37.66 40.35
N GLU S 169 54.27 -37.99 41.58
CA GLU S 169 55.60 -38.07 42.16
C GLU S 169 56.59 -38.91 41.37
N ASP S 170 56.11 -39.82 40.54
CA ASP S 170 56.98 -40.69 39.74
C ASP S 170 57.36 -40.10 38.38
N GLY S 171 56.94 -38.87 38.15
CA GLY S 171 57.25 -38.24 36.90
C GLY S 171 56.11 -38.29 35.91
N SER S 172 55.08 -39.12 36.24
CA SER S 172 53.95 -39.26 35.35
C SER S 172 52.90 -38.16 35.50
N VAL S 173 51.73 -38.37 34.90
CA VAL S 173 50.65 -37.37 34.94
C VAL S 173 49.26 -37.93 35.27
N GLN S 174 48.51 -37.16 36.07
CA GLN S 174 47.11 -37.50 36.38
C GLN S 174 46.16 -36.51 35.73
N LEU S 175 45.37 -36.98 34.78
CA LEU S 175 44.46 -36.14 34.09
C LEU S 175 43.15 -35.97 34.83
N ALA S 176 42.63 -34.76 34.77
CA ALA S 176 41.36 -34.44 35.38
C ALA S 176 40.49 -33.61 34.45
N ASP S 177 39.55 -34.28 33.82
CA ASP S 177 38.61 -33.70 32.89
C ASP S 177 37.52 -32.93 33.59
N HIS S 178 37.41 -31.66 33.28
CA HIS S 178 36.41 -30.81 33.90
C HIS S 178 35.27 -30.45 33.00
N TYR S 179 34.03 -30.63 33.49
CA TYR S 179 32.81 -30.26 32.78
C TYR S 179 32.07 -29.32 33.66
N GLN S 180 31.75 -28.14 33.16
CA GLN S 180 31.19 -27.13 34.01
C GLN S 180 30.06 -26.33 33.39
N GLN S 181 29.09 -25.97 34.26
CA GLN S 181 27.95 -25.10 33.92
C GLN S 181 27.76 -24.01 34.97
N ASN S 182 27.49 -22.81 34.49
CA ASN S 182 27.25 -21.64 35.33
C ASN S 182 25.94 -20.99 34.91
N THR S 183 25.16 -20.69 35.90
CA THR S 183 23.88 -20.04 35.65
C THR S 183 23.66 -18.97 36.67
N PRO S 184 23.03 -17.89 36.22
CA PRO S 184 22.80 -16.75 37.07
C PRO S 184 21.83 -17.07 38.19
N ILE S 185 22.02 -16.41 39.29
CA ILE S 185 21.10 -16.56 40.45
C ILE S 185 19.97 -15.53 40.30
N GLY S 186 20.32 -14.29 39.98
CA GLY S 186 19.32 -13.25 39.77
C GLY S 186 18.58 -13.41 38.44
N ASP S 187 17.59 -12.57 38.23
CA ASP S 187 16.77 -12.59 37.02
C ASP S 187 17.19 -11.46 36.07
N GLY S 188 18.12 -10.64 36.56
CA GLY S 188 18.66 -9.50 35.82
C GLY S 188 19.45 -9.96 34.60
N PRO S 189 19.80 -9.01 33.73
CA PRO S 189 20.56 -9.34 32.51
C PRO S 189 22.05 -9.69 32.76
N VAL S 190 22.55 -10.64 31.98
CA VAL S 190 23.93 -11.06 32.03
C VAL S 190 24.50 -11.02 30.64
N LEU S 191 25.82 -11.03 30.59
CA LEU S 191 26.54 -10.98 29.35
C LEU S 191 26.87 -12.39 28.84
N LEU S 192 26.31 -12.78 27.70
CA LEU S 192 26.66 -14.07 27.13
C LEU S 192 27.78 -13.84 26.13
N PRO S 193 28.86 -14.57 26.35
CA PRO S 193 30.09 -14.40 25.58
C PRO S 193 30.18 -15.17 24.30
N ASP S 194 31.13 -14.75 23.46
CA ASP S 194 31.52 -15.53 22.31
C ASP S 194 32.65 -16.43 22.81
N ASN S 195 32.90 -17.53 22.11
CA ASN S 195 33.92 -18.48 22.50
C ASN S 195 35.20 -17.81 22.78
N HIS S 196 35.79 -18.16 23.89
CA HIS S 196 37.03 -17.59 24.26
C HIS S 196 37.63 -18.44 25.34
N TYR S 197 38.76 -18.04 25.87
CA TYR S 197 39.35 -18.85 26.93
C TYR S 197 40.13 -18.04 27.94
N LEU S 198 40.36 -18.67 29.08
CA LEU S 198 41.13 -18.13 30.17
C LEU S 198 42.41 -18.89 30.29
N SER S 199 43.50 -18.15 30.50
CA SER S 199 44.82 -18.68 30.65
C SER S 199 45.21 -18.55 32.11
N THR S 200 45.56 -19.68 32.73
CA THR S 200 45.80 -19.68 34.14
C THR S 200 47.18 -20.07 34.51
N GLN S 201 47.59 -19.55 35.65
CA GLN S 201 48.83 -19.92 36.28
C GLN S 201 48.70 -19.86 37.80
N SER S 202 49.26 -20.85 38.50
CA SER S 202 49.15 -20.92 39.96
C SER S 202 50.39 -21.45 40.61
N ALA S 203 50.69 -20.92 41.77
CA ALA S 203 51.81 -21.33 42.60
C ALA S 203 51.27 -21.75 43.99
N LEU S 204 51.69 -22.93 44.48
CA LEU S 204 51.32 -23.45 45.77
C LEU S 204 52.45 -23.31 46.71
N SER S 205 52.13 -22.92 47.94
CA SER S 205 53.15 -22.80 48.96
C SER S 205 52.59 -23.22 50.34
N LYS S 206 53.45 -23.17 51.35
CA LYS S 206 53.05 -23.50 52.72
C LYS S 206 53.44 -22.36 53.66
N ASP S 207 52.67 -22.22 54.76
CA ASP S 207 52.95 -21.24 55.82
C ASP S 207 53.75 -21.98 56.91
N PRO S 208 55.04 -21.68 56.94
CA PRO S 208 55.98 -22.34 57.84
C PRO S 208 55.56 -22.35 59.32
N ASN S 209 54.76 -21.35 59.72
CA ASN S 209 54.33 -21.23 61.09
C ASN S 209 52.93 -21.78 61.33
N GLU S 210 52.41 -22.48 60.33
CA GLU S 210 51.08 -23.02 60.40
C GLU S 210 51.09 -24.53 60.71
N LYS S 211 50.51 -24.93 61.80
CA LYS S 211 50.50 -26.37 62.14
C LYS S 211 49.30 -27.11 61.58
N ARG S 212 48.25 -26.39 61.25
CA ARG S 212 47.13 -27.13 60.70
C ARG S 212 47.43 -27.55 59.27
N ASP S 213 46.64 -28.45 58.73
CA ASP S 213 46.78 -28.87 57.31
C ASP S 213 46.24 -27.70 56.46
N HIS S 214 47.05 -27.21 55.54
CA HIS S 214 46.61 -26.07 54.80
C HIS S 214 47.36 -25.94 53.46
N MSE S 215 46.93 -24.97 52.68
CA MSE S 215 47.57 -24.64 51.44
C MSE S 215 47.53 -23.15 51.23
O MSE S 215 46.48 -22.51 51.47
CB MSE S 215 46.89 -25.32 50.24
CG MSE S 215 47.10 -24.68 48.87
SE MSE S 215 46.33 -25.67 47.38
CE MSE S 215 44.46 -25.23 47.53
N VAL S 216 48.65 -22.60 50.75
CA VAL S 216 48.73 -21.20 50.36
C VAL S 216 48.75 -21.16 48.84
N LEU S 217 47.91 -20.29 48.26
CA LEU S 217 47.72 -20.20 46.83
C LEU S 217 47.81 -18.79 46.26
N LEU S 218 48.62 -18.68 45.16
CA LEU S 218 48.79 -17.44 44.34
C LEU S 218 48.44 -17.78 42.90
N GLU S 219 47.56 -17.03 42.31
CA GLU S 219 47.10 -17.37 41.01
C GLU S 219 46.77 -16.14 40.19
N PHE S 220 47.07 -16.26 38.91
CA PHE S 220 46.86 -15.22 37.91
C PHE S 220 46.03 -15.78 36.77
N VAL S 221 45.05 -15.01 36.34
CA VAL S 221 44.20 -15.45 35.30
C VAL S 221 43.79 -14.31 34.38
N THR S 222 43.99 -14.52 33.10
CA THR S 222 43.61 -13.53 32.13
C THR S 222 42.88 -14.13 30.93
N ALA S 223 41.90 -13.41 30.46
CA ALA S 223 41.08 -13.86 29.32
C ALA S 223 41.78 -13.57 27.99
N ALA S 224 41.52 -14.40 27.02
CA ALA S 224 42.12 -14.22 25.71
C ALA S 224 41.33 -14.89 24.63
N GLY S 225 41.87 -14.85 23.42
CA GLY S 225 41.31 -15.56 22.29
C GLY S 225 40.38 -14.78 21.43
N ILE S 226 40.34 -13.47 21.69
CA ILE S 226 39.51 -12.56 20.92
C ILE S 226 40.34 -11.33 20.55
N SER T 1 -19.59 34.41 -24.37
CA SER T 1 -19.85 35.30 -23.26
C SER T 1 -21.18 36.03 -23.36
N LYS T 2 -21.34 36.96 -22.42
CA LYS T 2 -22.51 37.82 -22.23
C LYS T 2 -22.81 38.78 -23.39
N GLY T 3 -22.01 39.83 -23.45
CA GLY T 3 -22.17 40.90 -24.39
C GLY T 3 -22.05 40.51 -25.85
N GLU T 4 -21.20 39.53 -26.14
CA GLU T 4 -20.92 39.09 -27.53
C GLU T 4 -22.11 39.26 -28.47
N GLU T 5 -23.20 38.59 -28.10
CA GLU T 5 -24.46 38.61 -28.81
C GLU T 5 -25.07 40.01 -29.01
N LEU T 6 -24.69 40.95 -28.14
CA LEU T 6 -25.23 42.32 -28.23
C LEU T 6 -24.62 43.11 -29.36
N PHE T 7 -23.48 42.63 -29.84
CA PHE T 7 -22.71 43.36 -30.85
C PHE T 7 -22.75 42.81 -32.28
N THR T 8 -23.57 41.84 -32.43
CA THR T 8 -23.78 41.14 -33.64
C THR T 8 -24.26 42.01 -34.83
N GLY T 9 -24.76 43.21 -34.57
CA GLY T 9 -25.17 44.07 -35.66
C GLY T 9 -24.79 45.52 -35.39
N VAL T 10 -25.34 46.43 -36.17
CA VAL T 10 -25.13 47.86 -35.95
C VAL T 10 -25.85 48.29 -34.65
N VAL T 11 -25.11 48.94 -33.75
CA VAL T 11 -25.63 49.45 -32.48
C VAL T 11 -25.56 51.01 -32.44
N PRO T 12 -26.66 51.67 -32.11
CA PRO T 12 -26.63 53.13 -32.00
C PRO T 12 -25.79 53.54 -30.77
N ILE T 13 -25.06 54.62 -30.91
CA ILE T 13 -24.22 55.11 -29.84
C ILE T 13 -24.60 56.52 -29.43
N LEU T 14 -24.58 56.76 -28.14
CA LEU T 14 -24.83 58.07 -27.59
C LEU T 14 -23.63 58.45 -26.72
N VAL T 15 -23.09 59.63 -26.95
CA VAL T 15 -21.95 60.13 -26.19
C VAL T 15 -22.30 61.47 -25.51
N GLU T 16 -22.07 61.53 -24.20
CA GLU T 16 -22.30 62.70 -23.40
C GLU T 16 -21.06 63.05 -22.60
N LEU T 17 -20.55 64.28 -22.80
CA LEU T 17 -19.37 64.73 -22.04
C LEU T 17 -19.56 66.06 -21.32
N ASP T 18 -19.12 66.10 -20.07
CA ASP T 18 -19.11 67.30 -19.27
C ASP T 18 -17.65 67.61 -18.95
N GLY T 19 -17.16 68.75 -19.37
CA GLY T 19 -15.77 69.02 -19.06
C GLY T 19 -15.45 70.41 -18.51
N ASP T 20 -14.30 70.45 -17.87
CA ASP T 20 -13.73 71.65 -17.31
C ASP T 20 -12.25 71.56 -17.49
N VAL T 21 -11.74 72.46 -18.30
CA VAL T 21 -10.30 72.55 -18.54
C VAL T 21 -9.76 73.92 -18.12
N ASN T 22 -9.01 73.94 -16.99
CA ASN T 22 -8.46 75.20 -16.49
C ASN T 22 -9.57 76.24 -16.27
N GLY T 23 -10.71 75.79 -15.73
CA GLY T 23 -11.80 76.70 -15.49
C GLY T 23 -12.71 76.97 -16.67
N HIS T 24 -12.36 76.49 -17.87
CA HIS T 24 -13.24 76.66 -19.03
C HIS T 24 -14.19 75.46 -19.10
N LYS T 25 -15.46 75.71 -18.83
CA LYS T 25 -16.44 74.65 -18.80
C LYS T 25 -17.10 74.43 -20.13
N PHE T 26 -17.39 73.16 -20.43
CA PHE T 26 -18.03 72.87 -21.70
C PHE T 26 -18.76 71.53 -21.68
N SER T 27 -19.63 71.37 -22.69
CA SER T 27 -20.40 70.16 -22.84
C SER T 27 -20.41 69.70 -24.30
N VAL T 28 -20.32 68.38 -24.49
CA VAL T 28 -20.38 67.79 -25.82
C VAL T 28 -21.39 66.64 -25.91
N SER T 29 -22.09 66.63 -27.01
CA SER T 29 -23.01 65.55 -27.33
C SER T 29 -22.58 64.85 -28.65
N GLY T 30 -22.62 63.54 -28.65
CA GLY T 30 -22.33 62.83 -29.87
C GLY T 30 -23.31 61.68 -30.11
N GLU T 31 -23.54 61.41 -31.36
CA GLU T 31 -24.41 60.31 -31.78
C GLU T 31 -23.79 59.62 -33.00
N GLY T 32 -24.11 58.36 -33.17
CA GLY T 32 -23.67 57.62 -34.35
C GLY T 32 -23.94 56.16 -34.19
N GLU T 33 -23.13 55.34 -34.83
CA GLU T 33 -23.30 53.92 -34.72
C GLU T 33 -21.98 53.18 -34.79
N GLY T 34 -21.98 51.97 -34.30
CA GLY T 34 -20.81 51.12 -34.29
C GLY T 34 -21.19 49.75 -34.83
N ASP T 35 -20.24 49.09 -35.45
CA ASP T 35 -20.47 47.75 -35.99
C ASP T 35 -19.21 46.96 -35.72
N ALA T 36 -19.20 46.29 -34.60
CA ALA T 36 -18.08 45.55 -34.14
C ALA T 36 -17.66 44.45 -35.13
N THR T 37 -18.54 44.08 -36.04
CA THR T 37 -18.21 43.04 -37.03
C THR T 37 -17.05 43.46 -37.92
N TYR T 38 -16.99 44.75 -38.18
CA TYR T 38 -15.94 45.37 -38.95
C TYR T 38 -15.05 46.26 -38.09
N GLY T 39 -15.26 46.26 -36.76
CA GLY T 39 -14.53 47.14 -35.84
C GLY T 39 -14.70 48.62 -36.25
N LYS T 40 -15.86 48.93 -36.80
CA LYS T 40 -16.11 50.22 -37.32
C LYS T 40 -17.01 51.14 -36.43
N LEU T 41 -16.63 52.42 -36.36
CA LEU T 41 -17.36 53.46 -35.60
C LEU T 41 -17.62 54.69 -36.47
N THR T 42 -18.84 55.23 -36.47
CA THR T 42 -19.14 56.46 -37.22
C THR T 42 -19.87 57.43 -36.29
N LEU T 43 -19.28 58.60 -36.00
CA LEU T 43 -19.85 59.52 -35.02
C LEU T 43 -19.76 60.99 -35.42
N LYS T 44 -20.69 61.78 -34.88
CA LYS T 44 -20.68 63.21 -35.01
C LYS T 44 -20.84 63.83 -33.63
N PHE T 45 -19.93 64.72 -33.29
CA PHE T 45 -19.92 65.38 -32.00
C PHE T 45 -20.20 66.82 -32.20
N ILE T 46 -20.95 67.39 -31.26
CA ILE T 46 -21.35 68.79 -31.33
C ILE T 46 -21.10 69.48 -29.98
N CYS T 47 -20.46 70.62 -30.00
CA CYS T 47 -20.20 71.28 -28.73
C CYS T 47 -21.44 72.04 -28.39
N THR T 48 -22.15 71.60 -27.36
CA THR T 48 -23.43 72.20 -27.01
C THR T 48 -23.37 73.51 -26.26
N THR T 49 -22.27 73.74 -25.58
CA THR T 49 -22.12 74.97 -24.84
C THR T 49 -21.51 76.08 -25.68
N GLY T 50 -21.32 75.80 -27.00
CA GLY T 50 -20.73 76.78 -27.92
C GLY T 50 -19.37 76.31 -28.53
N LYS T 51 -18.34 77.17 -28.39
CA LYS T 51 -16.99 76.88 -28.92
C LYS T 51 -16.17 75.98 -28.01
N LEU T 52 -15.67 74.87 -28.58
CA LEU T 52 -14.85 74.00 -27.78
C LEU T 52 -13.57 74.74 -27.38
N PRO T 53 -13.22 74.71 -26.12
CA PRO T 53 -12.05 75.42 -25.58
C PRO T 53 -10.70 74.75 -25.78
N VAL T 54 -10.74 73.49 -26.20
CA VAL T 54 -9.54 72.73 -26.51
C VAL T 54 -9.70 72.22 -27.87
N PRO T 55 -8.66 71.66 -28.44
CA PRO T 55 -8.80 71.15 -29.78
C PRO T 55 -9.55 69.81 -29.85
N TRP T 56 -10.38 69.64 -30.87
CA TRP T 56 -11.14 68.40 -31.05
C TRP T 56 -10.30 67.11 -30.92
N PRO T 57 -9.17 67.06 -31.61
CA PRO T 57 -8.36 65.87 -31.55
C PRO T 57 -7.98 65.44 -30.19
N THR T 58 -7.86 66.40 -29.25
CA THR T 58 -7.48 65.98 -27.93
C THR T 58 -8.55 65.11 -27.22
N LEU T 59 -9.76 65.18 -27.71
CA LEU T 59 -10.85 64.44 -27.05
C LEU T 59 -11.19 63.07 -27.66
N VAL T 60 -10.57 62.73 -28.79
CA VAL T 60 -10.89 61.47 -29.48
C VAL T 60 -10.92 60.23 -28.62
N THR T 61 -9.84 60.01 -27.90
CA THR T 61 -9.70 58.85 -27.08
C THR T 61 -10.74 58.75 -25.98
N THR T 62 -11.15 59.92 -25.54
CA THR T 62 -12.16 60.01 -24.47
C THR T 62 -13.55 59.62 -25.00
N PHE T 63 -13.88 60.18 -26.15
CA PHE T 63 -15.15 59.88 -26.74
C PHE T 63 -15.22 58.45 -27.21
N1 CRO T 64 -14.14 57.99 -27.85
CA1 CRO T 64 -14.13 56.60 -28.36
CB1 CRO T 64 -14.14 56.62 -29.90
CG1 CRO T 64 -15.38 57.26 -30.45
OG1 CRO T 64 -12.99 57.28 -30.38
C1 CRO T 64 -12.92 55.97 -27.75
N2 CRO T 64 -11.66 55.84 -28.33
N3 CRO T 64 -12.87 55.40 -26.53
C2 CRO T 64 -11.61 55.02 -26.13
O2 CRO T 64 -11.25 54.35 -25.21
CA2 CRO T 64 -10.81 55.27 -27.36
CA3 CRO T 64 -13.96 55.54 -25.58
C3 CRO T 64 -14.92 54.40 -25.50
O3 CRO T 64 -15.42 54.13 -24.42
CB2 CRO T 64 -9.54 54.87 -27.54
CG2 CRO T 64 -8.64 55.24 -28.67
CD1 CRO T 64 -9.12 55.88 -29.84
CD2 CRO T 64 -7.24 54.83 -28.58
CE1 CRO T 64 -8.22 56.09 -30.94
CE2 CRO T 64 -6.37 55.08 -29.67
CZ CRO T 64 -6.84 55.70 -30.81
OH CRO T 64 -5.91 55.97 -31.93
N VAL T 65 -15.20 53.75 -26.63
CA VAL T 65 -16.14 52.64 -26.61
C VAL T 65 -15.50 51.40 -27.29
N GLN T 66 -14.49 50.91 -26.62
CA GLN T 66 -13.73 49.82 -26.98
C GLN T 66 -14.40 48.49 -27.19
N CYS T 67 -15.66 48.41 -26.79
CA CYS T 67 -16.43 47.21 -27.00
C CYS T 67 -16.77 47.05 -28.51
N PHE T 68 -16.50 48.10 -29.30
CA PHE T 68 -16.74 48.08 -30.75
C PHE T 68 -15.50 47.63 -31.57
N SER T 69 -14.49 47.17 -30.88
CA SER T 69 -13.30 46.68 -31.51
C SER T 69 -13.58 45.33 -32.16
N ARG T 70 -12.99 45.08 -33.33
CA ARG T 70 -13.18 43.79 -33.90
C ARG T 70 -12.21 42.79 -33.29
N TYR T 71 -12.73 41.74 -32.65
CA TYR T 71 -11.87 40.70 -32.12
C TYR T 71 -11.91 39.49 -33.07
N PRO T 72 -10.78 39.07 -33.57
CA PRO T 72 -10.78 37.91 -34.42
C PRO T 72 -11.30 36.68 -33.66
N ASP T 73 -11.89 35.75 -34.41
CA ASP T 73 -12.43 34.55 -33.84
C ASP T 73 -11.51 33.90 -32.86
N HIS T 74 -10.27 33.80 -33.20
CA HIS T 74 -9.40 33.13 -32.30
C HIS T 74 -9.07 33.89 -31.08
N MSE T 75 -9.45 35.15 -31.02
CA MSE T 75 -9.15 35.94 -29.85
C MSE T 75 -10.39 36.34 -29.02
O MSE T 75 -10.28 37.16 -28.11
CB MSE T 75 -8.43 37.18 -30.28
CG MSE T 75 -6.97 37.02 -30.55
SE MSE T 75 -6.17 38.67 -31.20
CE MSE T 75 -5.77 39.41 -29.47
N LYS T 76 -11.54 35.80 -29.36
CA LYS T 76 -12.77 36.12 -28.65
C LYS T 76 -12.71 35.97 -27.14
N ARG T 77 -11.92 35.04 -26.67
CA ARG T 77 -11.83 34.82 -25.25
C ARG T 77 -11.12 35.94 -24.50
N HIS T 78 -10.56 36.91 -25.25
CA HIS T 78 -9.79 37.98 -24.59
C HIS T 78 -10.53 39.31 -24.60
N ASP T 79 -11.79 39.27 -25.05
CA ASP T 79 -12.57 40.46 -25.24
C ASP T 79 -13.30 40.88 -23.97
N PHE T 80 -12.57 41.54 -23.07
CA PHE T 80 -13.13 42.03 -21.81
C PHE T 80 -14.32 42.94 -22.02
N PHE T 81 -14.14 43.88 -22.99
CA PHE T 81 -15.10 44.92 -23.28
C PHE T 81 -16.53 44.43 -23.46
N LYS T 82 -16.70 43.48 -24.34
CA LYS T 82 -18.00 42.93 -24.62
C LYS T 82 -18.52 42.04 -23.47
N SER T 83 -17.60 41.36 -22.74
CA SER T 83 -17.98 40.48 -21.66
C SER T 83 -18.61 41.21 -20.49
N ALA T 84 -18.34 42.51 -20.40
CA ALA T 84 -18.90 43.30 -19.31
C ALA T 84 -20.31 43.81 -19.59
N MSE T 85 -20.82 43.58 -20.80
CA MSE T 85 -22.13 44.05 -21.22
C MSE T 85 -23.28 43.07 -20.90
O MSE T 85 -23.04 41.88 -20.78
CB MSE T 85 -22.04 44.31 -22.71
CG MSE T 85 -21.03 45.37 -23.07
SE MSE T 85 -21.52 47.16 -22.40
CE MSE T 85 -19.79 47.84 -21.97
N PRO T 86 -24.52 43.54 -20.73
CA PRO T 86 -24.96 44.92 -20.89
C PRO T 86 -24.71 45.86 -19.69
N GLU T 87 -24.43 45.31 -18.48
CA GLU T 87 -24.19 46.11 -17.27
C GLU T 87 -23.11 47.18 -17.46
N GLY T 88 -22.10 46.87 -18.25
CA GLY T 88 -21.10 47.87 -18.59
C GLY T 88 -19.87 47.92 -17.72
N TYR T 89 -19.08 48.97 -17.95
CA TYR T 89 -17.87 49.14 -17.20
C TYR T 89 -17.56 50.58 -16.99
N VAL T 90 -16.70 50.78 -15.98
CA VAL T 90 -16.16 52.08 -15.65
C VAL T 90 -14.77 52.16 -16.27
N GLN T 91 -14.54 53.25 -16.95
CA GLN T 91 -13.27 53.48 -17.59
C GLN T 91 -12.71 54.75 -17.04
N GLU T 92 -11.53 54.67 -16.42
CA GLU T 92 -10.90 55.85 -15.90
C GLU T 92 -9.55 56.06 -16.53
N ARG T 93 -9.17 57.32 -16.69
CA ARG T 93 -7.88 57.63 -17.23
C ARG T 93 -7.23 58.84 -16.64
N THR T 94 -5.95 58.89 -16.87
CA THR T 94 -5.17 60.07 -16.71
C THR T 94 -4.40 60.23 -18.01
N ILE T 95 -4.47 61.38 -18.61
CA ILE T 95 -3.77 61.66 -19.86
C ILE T 95 -2.77 62.80 -19.67
N PHE T 96 -1.48 62.48 -19.81
CA PHE T 96 -0.46 63.48 -19.62
C PHE T 96 -0.02 64.09 -20.89
N PHE T 97 -0.22 65.39 -21.08
CA PHE T 97 0.29 66.04 -22.27
C PHE T 97 1.72 66.44 -22.01
N LYS T 98 2.62 65.99 -22.88
CA LYS T 98 4.01 66.29 -22.66
C LYS T 98 4.27 67.77 -22.59
N ASP T 99 4.95 68.19 -21.53
CA ASP T 99 5.28 69.62 -21.31
C ASP T 99 4.06 70.51 -21.24
N ASP T 100 2.94 69.93 -20.81
CA ASP T 100 1.69 70.66 -20.70
C ASP T 100 0.81 70.08 -19.59
N GLY T 101 -0.51 70.38 -19.61
CA GLY T 101 -1.41 69.89 -18.55
C GLY T 101 -1.83 68.43 -18.70
N ASN T 102 -2.72 68.00 -17.81
CA ASN T 102 -3.24 66.64 -17.89
C ASN T 102 -4.77 66.60 -17.83
N TYR T 103 -5.34 65.51 -18.34
CA TYR T 103 -6.75 65.26 -18.29
C TYR T 103 -7.02 64.10 -17.38
N LYS T 104 -8.07 64.22 -16.59
CA LYS T 104 -8.52 63.14 -15.73
C LYS T 104 -9.96 62.85 -16.14
N THR T 105 -10.22 61.62 -16.47
CA THR T 105 -11.54 61.27 -16.96
C THR T 105 -12.13 60.10 -16.21
N ARG T 106 -13.44 60.11 -16.17
CA ARG T 106 -14.18 59.03 -15.60
C ARG T 106 -15.43 58.83 -16.39
N ALA T 107 -15.68 57.61 -16.81
CA ALA T 107 -16.86 57.39 -17.61
C ALA T 107 -17.51 56.07 -17.31
N GLU T 108 -18.77 56.00 -17.68
CA GLU T 108 -19.53 54.78 -17.55
C GLU T 108 -19.99 54.39 -18.92
N VAL T 109 -19.68 53.14 -19.34
CA VAL T 109 -20.18 52.74 -20.62
C VAL T 109 -21.03 51.52 -20.49
N LYS T 110 -22.22 51.65 -20.97
CA LYS T 110 -23.16 50.57 -20.82
C LYS T 110 -24.34 50.81 -21.70
N PHE T 111 -25.25 49.84 -21.74
CA PHE T 111 -26.45 49.91 -22.53
C PHE T 111 -27.64 50.54 -21.78
N GLU T 112 -28.36 51.39 -22.45
CA GLU T 112 -29.60 51.98 -21.97
C GLU T 112 -30.60 51.54 -22.97
N GLY T 113 -31.28 50.46 -22.71
CA GLY T 113 -32.18 50.00 -23.74
C GLY T 113 -31.32 49.41 -24.84
N ASP T 114 -31.50 49.83 -26.04
CA ASP T 114 -30.68 49.26 -27.09
C ASP T 114 -29.54 50.14 -27.61
N THR T 115 -29.35 51.23 -26.91
CA THR T 115 -28.34 52.22 -27.23
C THR T 115 -27.16 52.08 -26.33
N LEU T 116 -25.99 52.15 -26.92
CA LEU T 116 -24.75 52.05 -26.14
C LEU T 116 -24.40 53.48 -25.75
N VAL T 117 -24.27 53.66 -24.42
CA VAL T 117 -24.02 54.98 -23.83
C VAL T 117 -22.65 55.13 -23.21
N ASN T 118 -22.00 56.23 -23.54
CA ASN T 118 -20.71 56.56 -22.96
C ASN T 118 -20.85 57.91 -22.25
N ARG T 119 -20.92 57.89 -20.94
CA ARG T 119 -21.08 59.10 -20.15
C ARG T 119 -19.79 59.43 -19.42
N ILE T 120 -19.23 60.60 -19.75
CA ILE T 120 -17.94 61.05 -19.27
C ILE T 120 -17.92 62.39 -18.51
N GLU T 121 -17.05 62.41 -17.51
CA GLU T 121 -16.73 63.59 -16.77
C GLU T 121 -15.25 63.83 -16.95
N LEU T 122 -14.92 64.99 -17.45
CA LEU T 122 -13.54 65.33 -17.71
C LEU T 122 -13.05 66.52 -16.94
N LYS T 123 -11.90 66.39 -16.35
CA LYS T 123 -11.27 67.47 -15.63
C LYS T 123 -9.81 67.70 -16.14
N GLY T 124 -9.52 68.90 -16.63
CA GLY T 124 -8.19 69.28 -17.18
C GLY T 124 -7.50 70.35 -16.32
N ILE T 125 -6.25 70.09 -15.91
CA ILE T 125 -5.51 71.07 -15.12
C ILE T 125 -4.08 71.25 -15.54
N ASP T 126 -3.57 72.39 -15.14
CA ASP T 126 -2.22 72.75 -15.36
C ASP T 126 -1.87 72.95 -16.78
N PHE T 127 -2.81 73.41 -17.57
CA PHE T 127 -2.52 73.67 -18.97
C PHE T 127 -1.90 75.04 -19.14
N LYS T 128 -0.98 75.15 -20.10
CA LYS T 128 -0.34 76.43 -20.36
C LYS T 128 -1.19 77.25 -21.27
N GLU T 129 -1.47 78.45 -20.83
CA GLU T 129 -2.33 79.31 -21.59
C GLU T 129 -1.86 79.49 -23.02
N ASP T 130 -0.57 79.32 -23.20
CA ASP T 130 0.07 79.51 -24.51
C ASP T 130 0.68 78.20 -25.10
N GLY T 131 0.28 77.04 -24.58
CA GLY T 131 0.80 75.76 -25.04
C GLY T 131 0.10 75.31 -26.29
N ASN T 132 0.36 74.07 -26.69
CA ASN T 132 -0.28 73.59 -27.91
C ASN T 132 -1.78 73.35 -27.79
N ILE T 133 -2.25 73.08 -26.56
CA ILE T 133 -3.67 72.77 -26.31
C ILE T 133 -4.59 74.01 -26.29
N LEU T 134 -4.31 74.86 -25.32
CA LEU T 134 -5.07 76.08 -25.16
C LEU T 134 -4.82 77.02 -26.28
N GLY T 135 -3.61 76.95 -26.82
CA GLY T 135 -3.23 77.81 -27.91
C GLY T 135 -3.77 77.33 -29.23
N HIS T 136 -4.42 76.17 -29.23
CA HIS T 136 -4.98 75.66 -30.48
C HIS T 136 -3.97 75.52 -31.67
N LYS T 137 -2.88 74.81 -31.41
CA LYS T 137 -1.82 74.61 -32.40
C LYS T 137 -1.82 73.21 -33.07
N LEU T 138 -2.79 72.35 -32.70
CA LEU T 138 -2.88 70.97 -33.21
C LEU T 138 -3.55 70.92 -34.54
N GLU T 139 -3.01 70.13 -35.50
CA GLU T 139 -3.67 69.99 -36.78
C GLU T 139 -4.93 69.15 -36.58
N TYR T 140 -5.83 69.29 -37.51
CA TYR T 140 -7.09 68.58 -37.48
C TYR T 140 -6.98 67.28 -38.21
N ASN T 141 -6.34 66.35 -37.59
CA ASN T 141 -6.16 65.04 -38.15
C ASN T 141 -5.79 64.10 -37.05
N TYR T 142 -5.62 62.83 -37.37
CA TYR T 142 -5.30 61.86 -36.38
C TYR T 142 -4.44 60.71 -36.93
N ASN T 143 -3.58 60.13 -36.09
CA ASN T 143 -2.67 59.02 -36.47
C ASN T 143 -3.18 57.65 -36.05
N SER T 144 -2.42 56.56 -36.40
CA SER T 144 -2.74 55.17 -36.01
C SER T 144 -1.94 54.82 -34.82
N HIS T 145 -2.51 54.03 -33.91
CA HIS T 145 -1.80 53.71 -32.72
C HIS T 145 -2.02 52.30 -32.34
N ASN T 146 -1.21 51.84 -31.42
CA ASN T 146 -1.37 50.54 -30.79
C ASN T 146 -1.71 50.79 -29.32
N VAL T 147 -2.69 50.08 -28.83
CA VAL T 147 -3.19 50.18 -27.48
C VAL T 147 -2.93 48.89 -26.78
N TYR T 148 -2.12 48.94 -25.73
CA TYR T 148 -1.72 47.76 -25.00
C TYR T 148 -2.62 47.40 -23.84
N ILE T 149 -3.09 46.18 -23.84
CA ILE T 149 -3.97 45.70 -22.83
C ILE T 149 -3.43 44.59 -22.01
N MSE T 150 -3.71 44.66 -20.72
CA MSE T 150 -3.31 43.63 -19.79
C MSE T 150 -4.34 43.45 -18.71
O MSE T 150 -5.07 44.39 -18.38
CB MSE T 150 -1.99 43.97 -19.19
CG MSE T 150 -1.08 44.66 -20.14
SE MSE T 150 0.37 45.48 -19.21
CE MSE T 150 0.22 44.42 -17.61
N ALA T 151 -4.38 42.23 -18.18
CA ALA T 151 -5.30 41.87 -17.15
C ALA T 151 -4.95 42.44 -15.79
N ASP T 152 -5.98 42.67 -15.01
CA ASP T 152 -5.79 43.14 -13.66
C ASP T 152 -6.60 42.25 -12.74
N LYS T 153 -6.00 41.12 -12.36
CA LYS T 153 -6.69 40.17 -11.54
C LYS T 153 -7.16 40.69 -10.17
N GLN T 154 -6.50 41.74 -9.65
CA GLN T 154 -6.87 42.30 -8.34
C GLN T 154 -8.17 43.13 -8.34
N LYS T 155 -8.40 43.82 -9.45
CA LYS T 155 -9.58 44.63 -9.59
C LYS T 155 -10.58 43.97 -10.53
N ASN T 156 -10.24 42.77 -11.02
CA ASN T 156 -11.13 42.08 -11.95
C ASN T 156 -11.36 42.96 -13.16
N GLY T 157 -10.27 43.59 -13.62
CA GLY T 157 -10.36 44.49 -14.73
C GLY T 157 -9.13 44.37 -15.56
N ILE T 158 -8.92 45.41 -16.33
CA ILE T 158 -7.78 45.47 -17.18
C ILE T 158 -7.10 46.78 -17.02
N LYS T 159 -5.83 46.81 -17.35
CA LYS T 159 -5.06 48.02 -17.32
C LYS T 159 -4.65 48.24 -18.75
N VAL T 160 -4.68 49.48 -19.18
CA VAL T 160 -4.37 49.79 -20.55
C VAL T 160 -3.43 50.98 -20.61
N ASN T 161 -2.45 50.91 -21.50
CA ASN T 161 -1.51 51.99 -21.67
C ASN T 161 -1.16 52.22 -23.14
N PHE T 162 -0.86 53.47 -23.47
CA PHE T 162 -0.50 53.86 -24.85
C PHE T 162 -0.19 55.31 -24.93
N LYS T 163 0.41 55.72 -26.07
CA LYS T 163 0.76 57.11 -26.33
C LYS T 163 0.16 57.55 -27.63
N ILE T 164 -0.42 58.72 -27.62
CA ILE T 164 -0.98 59.29 -28.77
C ILE T 164 -0.04 60.32 -29.23
N ARG T 165 0.06 60.43 -30.53
CA ARG T 165 0.87 61.40 -31.18
C ARG T 165 0.00 62.40 -31.95
N HIS T 166 -0.02 63.66 -31.48
CA HIS T 166 -0.79 64.72 -32.14
C HIS T 166 0.13 65.61 -32.96
N ASN T 167 -0.18 65.75 -34.21
CA ASN T 167 0.61 66.58 -35.05
C ASN T 167 0.36 68.05 -34.75
N ILE T 168 1.45 68.83 -34.64
CA ILE T 168 1.36 70.27 -34.46
C ILE T 168 1.53 70.97 -35.79
N GLU T 169 0.85 72.06 -35.98
CA GLU T 169 0.83 72.81 -37.21
C GLU T 169 2.21 73.18 -37.77
N ASP T 170 3.23 73.18 -36.93
CA ASP T 170 4.59 73.52 -37.37
C ASP T 170 5.39 72.31 -37.85
N GLY T 171 4.74 71.16 -37.90
CA GLY T 171 5.43 69.97 -38.34
C GLY T 171 5.89 69.11 -37.19
N SER T 172 5.82 69.67 -35.96
CA SER T 172 6.26 68.92 -34.80
C SER T 172 5.21 67.96 -34.24
N VAL T 173 5.46 67.43 -33.03
CA VAL T 173 4.54 66.48 -32.41
C VAL T 173 4.22 66.75 -30.94
N GLN T 174 2.95 66.52 -30.58
CA GLN T 174 2.50 66.62 -29.18
C GLN T 174 2.16 65.25 -28.63
N LEU T 175 2.94 64.79 -27.65
CA LEU T 175 2.72 63.51 -27.07
C LEU T 175 1.68 63.54 -25.98
N ALA T 176 0.88 62.48 -25.95
CA ALA T 176 -0.14 62.33 -24.93
C ALA T 176 -0.15 60.93 -24.36
N ASP T 177 0.46 60.77 -23.19
CA ASP T 177 0.56 59.51 -22.49
C ASP T 177 -0.73 59.14 -21.81
N HIS T 178 -1.26 57.99 -22.16
CA HIS T 178 -2.50 57.53 -21.59
C HIS T 178 -2.35 56.41 -20.60
N TYR T 179 -2.97 56.55 -19.41
CA TYR T 179 -2.99 55.53 -18.38
C TYR T 179 -4.43 55.22 -18.11
N GLN T 180 -4.80 53.96 -18.21
CA GLN T 180 -6.21 53.63 -18.13
C GLN T 180 -6.51 52.38 -17.34
N GLN T 181 -7.66 52.43 -16.64
CA GLN T 181 -8.22 51.30 -15.88
C GLN T 181 -9.72 51.12 -16.18
N ASN T 182 -10.11 49.88 -16.34
CA ASN T 182 -11.49 49.50 -16.59
C ASN T 182 -11.92 48.44 -15.60
N THR T 183 -13.08 48.65 -15.06
CA THR T 183 -13.62 47.71 -14.09
C THR T 183 -15.09 47.54 -14.36
N PRO T 184 -15.54 46.30 -14.15
CA PRO T 184 -16.92 45.97 -14.42
C PRO T 184 -17.87 46.68 -13.47
N ILE T 185 -19.04 46.94 -13.96
CA ILE T 185 -20.10 47.56 -13.13
C ILE T 185 -20.90 46.44 -12.46
N GLY T 186 -21.27 45.42 -13.22
CA GLY T 186 -22.00 44.28 -12.67
C GLY T 186 -21.10 43.37 -11.83
N ASP T 187 -21.70 42.37 -11.21
CA ASP T 187 -21.00 41.40 -10.37
C ASP T 187 -20.79 40.10 -11.11
N GLY T 188 -21.38 40.03 -12.31
CA GLY T 188 -21.32 38.86 -13.18
C GLY T 188 -19.89 38.61 -13.67
N PRO T 189 -19.67 37.44 -14.28
CA PRO T 189 -18.33 37.09 -14.78
C PRO T 189 -17.89 37.88 -16.05
N VAL T 190 -16.61 38.19 -16.11
CA VAL T 190 -16.01 38.87 -17.23
C VAL T 190 -14.80 38.09 -17.69
N LEU T 191 -14.39 38.39 -18.90
CA LEU T 191 -13.25 37.74 -19.50
C LEU T 191 -11.96 38.52 -19.24
N LEU T 192 -11.02 37.95 -18.52
CA LEU T 192 -9.74 38.60 -18.32
C LEU T 192 -8.79 38.08 -19.38
N PRO T 193 -8.23 39.01 -20.12
CA PRO T 193 -7.39 38.70 -21.27
C PRO T 193 -5.93 38.46 -20.98
N ASP T 194 -5.27 37.85 -21.96
CA ASP T 194 -3.83 37.78 -21.97
C ASP T 194 -3.37 39.04 -22.71
N ASN T 195 -2.13 39.44 -22.48
CA ASN T 195 -1.59 40.64 -23.10
C ASN T 195 -1.82 40.65 -24.55
N HIS T 196 -2.30 41.75 -25.04
CA HIS T 196 -2.56 41.89 -26.43
C HIS T 196 -2.72 43.33 -26.74
N TYR T 197 -3.04 43.67 -27.97
CA TYR T 197 -3.22 45.07 -28.29
C TYR T 197 -4.23 45.33 -29.38
N LEU T 198 -4.67 46.57 -29.43
CA LEU T 198 -5.60 47.05 -30.41
C LEU T 198 -4.89 48.01 -31.33
N SER T 199 -5.17 47.86 -32.63
CA SER T 199 -4.60 48.68 -33.66
C SER T 199 -5.68 49.61 -34.17
N THR T 200 -5.41 50.91 -34.12
CA THR T 200 -6.41 51.88 -34.43
C THR T 200 -6.09 52.75 -35.59
N GLN T 201 -7.14 53.19 -36.24
CA GLN T 201 -7.05 54.16 -37.30
C GLN T 201 -8.28 55.06 -37.30
N SER T 202 -8.09 56.38 -37.49
CA SER T 202 -9.20 57.33 -37.46
C SER T 202 -9.04 58.44 -38.45
N ALA T 203 -10.15 58.85 -39.01
CA ALA T 203 -10.23 59.97 -39.94
C ALA T 203 -11.21 61.03 -39.39
N LEU T 204 -10.78 62.30 -39.37
CA LEU T 204 -11.58 63.42 -38.92
C LEU T 204 -12.06 64.20 -40.09
N SER T 205 -13.31 64.62 -40.02
CA SER T 205 -13.87 65.44 -41.07
C SER T 205 -14.85 66.48 -40.49
N LYS T 206 -15.41 67.31 -41.37
CA LYS T 206 -16.38 68.32 -40.97
C LYS T 206 -17.64 68.19 -41.81
N ASP T 207 -18.79 68.60 -41.23
CA ASP T 207 -20.08 68.64 -41.92
C ASP T 207 -20.26 70.06 -42.46
N PRO T 208 -20.09 70.19 -43.76
CA PRO T 208 -20.13 71.48 -44.45
C PRO T 208 -21.38 72.32 -44.15
N ASN T 209 -22.48 71.66 -43.82
CA ASN T 209 -23.73 72.34 -43.55
C ASN T 209 -23.99 72.55 -42.06
N GLU T 210 -22.98 72.28 -41.26
CA GLU T 210 -23.10 72.40 -39.83
C GLU T 210 -22.46 73.70 -39.30
N LYS T 211 -23.23 74.55 -38.69
CA LYS T 211 -22.67 75.80 -38.17
C LYS T 211 -22.16 75.69 -36.75
N ARG T 212 -22.62 74.70 -36.02
CA ARG T 212 -22.10 74.61 -34.67
C ARG T 212 -20.67 74.08 -34.70
N ASP T 213 -19.96 74.19 -33.59
CA ASP T 213 -18.60 73.62 -33.48
C ASP T 213 -18.77 72.10 -33.35
N HIS T 214 -18.12 71.36 -34.23
CA HIS T 214 -18.32 69.93 -34.20
C HIS T 214 -17.16 69.18 -34.84
N MSE T 215 -17.25 67.85 -34.76
CA MSE T 215 -16.30 66.99 -35.39
C MSE T 215 -17.02 65.76 -35.89
O MSE T 215 -17.87 65.20 -35.17
CB MSE T 215 -15.19 66.55 -34.42
CG MSE T 215 -14.45 65.25 -34.76
SE MSE T 215 -12.96 64.84 -33.58
CE MSE T 215 -13.86 64.15 -32.02
N VAL T 216 -16.64 65.33 -37.09
CA VAL T 216 -17.12 64.08 -37.66
C VAL T 216 -15.98 63.08 -37.59
N LEU T 217 -16.28 61.86 -37.10
CA LEU T 217 -15.28 60.84 -36.86
C LEU T 217 -15.63 59.48 -37.43
N LEU T 218 -14.63 58.89 -38.15
CA LEU T 218 -14.67 57.51 -38.71
C LEU T 218 -13.47 56.74 -38.17
N GLU T 219 -13.70 55.60 -37.59
CA GLU T 219 -12.63 54.91 -36.95
C GLU T 219 -12.81 53.41 -37.05
N PHE T 220 -11.67 52.74 -37.20
CA PHE T 220 -11.57 51.29 -37.32
C PHE T 220 -10.61 50.78 -36.28
N VAL T 221 -11.00 49.70 -35.62
CA VAL T 221 -10.19 49.14 -34.60
C VAL T 221 -10.27 47.62 -34.59
N THR T 222 -9.11 47.01 -34.60
CA THR T 222 -9.04 45.58 -34.55
C THR T 222 -7.98 45.07 -33.58
N ALA T 223 -8.31 43.99 -32.89
CA ALA T 223 -7.42 43.40 -31.90
C ALA T 223 -6.38 42.51 -32.57
N ALA T 224 -5.23 42.42 -31.96
CA ALA T 224 -4.16 41.60 -32.50
C ALA T 224 -3.16 41.21 -31.43
N GLY T 225 -2.11 40.54 -31.88
CA GLY T 225 -1.00 40.20 -31.02
C GLY T 225 -1.05 38.85 -30.39
N ILE T 226 -2.01 38.05 -30.85
CA ILE T 226 -2.18 36.69 -30.37
C ILE T 226 -2.37 35.76 -31.56
N SER U 1 -11.42 -41.03 9.95
CA SER U 1 -12.86 -41.02 9.80
C SER U 1 -13.59 -41.95 10.76
N LYS U 2 -14.88 -42.05 10.50
CA LYS U 2 -15.86 -42.85 11.25
C LYS U 2 -15.61 -44.36 11.25
N GLY U 3 -15.94 -44.97 10.12
CA GLY U 3 -15.88 -46.40 9.95
C GLY U 3 -14.51 -47.02 10.07
N GLU U 4 -13.47 -46.27 9.67
CA GLU U 4 -12.08 -46.77 9.65
C GLU U 4 -11.80 -47.79 10.76
N GLU U 5 -12.00 -47.33 11.99
CA GLU U 5 -11.82 -48.11 13.21
C GLU U 5 -12.66 -49.41 13.26
N LEU U 6 -13.76 -49.45 12.51
CA LEU U 6 -14.63 -50.64 12.50
C LEU U 6 -14.04 -51.78 11.72
N PHE U 7 -13.08 -51.46 10.88
CA PHE U 7 -12.50 -52.44 9.96
C PHE U 7 -11.11 -52.97 10.29
N THR U 8 -10.66 -52.57 11.43
CA THR U 8 -9.39 -52.88 11.96
C THR U 8 -9.12 -54.39 12.17
N GLY U 9 -10.15 -55.22 12.16
CA GLY U 9 -9.94 -56.65 12.30
C GLY U 9 -10.86 -57.44 11.39
N VAL U 10 -10.94 -58.73 11.61
CA VAL U 10 -11.87 -59.57 10.87
C VAL U 10 -13.33 -59.24 11.29
N VAL U 11 -14.18 -58.96 10.30
CA VAL U 11 -15.60 -58.64 10.50
C VAL U 11 -16.49 -59.74 9.87
N PRO U 12 -17.45 -60.28 10.62
CA PRO U 12 -18.36 -61.25 10.04
C PRO U 12 -19.30 -60.57 9.04
N ILE U 13 -19.61 -61.27 7.96
CA ILE U 13 -20.47 -60.73 6.93
C ILE U 13 -21.71 -61.60 6.73
N LEU U 14 -22.83 -60.93 6.53
CA LEU U 14 -24.07 -61.60 6.25
C LEU U 14 -24.61 -61.02 4.94
N VAL U 15 -24.96 -61.90 4.02
CA VAL U 15 -25.51 -61.49 2.72
C VAL U 15 -26.90 -62.13 2.50
N GLU U 16 -27.88 -61.27 2.17
CA GLU U 16 -29.23 -61.67 1.90
C GLU U 16 -29.69 -61.12 0.58
N LEU U 17 -30.10 -62.01 -0.34
CA LEU U 17 -30.59 -61.55 -1.65
C LEU U 17 -31.97 -62.12 -2.02
N ASP U 18 -32.82 -61.24 -2.52
CA ASP U 18 -34.13 -61.60 -3.03
C ASP U 18 -34.14 -61.26 -4.52
N GLY U 19 -34.33 -62.24 -5.37
CA GLY U 19 -34.33 -61.89 -6.78
C GLY U 19 -35.45 -62.48 -7.62
N ASP U 20 -35.64 -61.82 -8.75
CA ASP U 20 -36.59 -62.20 -9.75
C ASP U 20 -35.98 -61.87 -11.09
N VAL U 21 -35.73 -62.93 -11.84
CA VAL U 21 -35.19 -62.79 -13.19
C VAL U 21 -36.15 -63.39 -14.23
N ASN U 22 -36.80 -62.50 -14.99
CA ASN U 22 -37.77 -62.96 -16.01
C ASN U 22 -38.85 -63.86 -15.38
N GLY U 23 -39.32 -63.46 -14.20
CA GLY U 23 -40.36 -64.24 -13.55
C GLY U 23 -39.86 -65.41 -12.72
N HIS U 24 -38.56 -65.74 -12.79
CA HIS U 24 -38.02 -66.82 -11.96
C HIS U 24 -37.55 -66.22 -10.62
N LYS U 25 -38.26 -66.55 -9.56
CA LYS U 25 -37.96 -65.99 -8.26
C LYS U 25 -36.99 -66.85 -7.48
N PHE U 26 -36.12 -66.19 -6.72
CA PHE U 26 -35.17 -66.94 -5.94
C PHE U 26 -34.62 -66.15 -4.76
N SER U 27 -34.01 -66.88 -3.84
CA SER U 27 -33.41 -66.28 -2.66
C SER U 27 -32.02 -66.88 -2.38
N VAL U 28 -31.10 -66.03 -1.96
CA VAL U 28 -29.76 -66.46 -1.60
C VAL U 28 -29.32 -65.93 -0.23
N SER U 29 -28.66 -66.79 0.50
CA SER U 29 -28.06 -66.43 1.76
C SER U 29 -26.52 -66.67 1.72
N GLY U 30 -25.77 -65.72 2.24
CA GLY U 30 -24.36 -65.92 2.32
C GLY U 30 -23.79 -65.48 3.66
N GLU U 31 -22.74 -66.12 4.06
CA GLU U 31 -22.03 -65.81 5.30
C GLU U 31 -20.52 -65.92 5.07
N GLY U 32 -19.76 -65.20 5.84
CA GLY U 32 -18.30 -65.30 5.79
C GLY U 32 -17.66 -64.21 6.57
N GLU U 33 -16.47 -63.83 6.17
CA GLU U 33 -15.79 -62.77 6.84
C GLU U 33 -14.93 -61.94 5.90
N GLY U 34 -14.61 -60.75 6.32
CA GLY U 34 -13.79 -59.84 5.55
C GLY U 34 -12.71 -59.28 6.44
N ASP U 35 -11.57 -58.95 5.86
CA ASP U 35 -10.45 -58.38 6.60
C ASP U 35 -9.84 -57.33 5.71
N ALA U 36 -10.31 -56.11 5.88
CA ALA U 36 -9.91 -55.00 5.08
C ALA U 36 -8.41 -54.73 5.16
N THR U 37 -7.75 -55.27 6.17
CA THR U 37 -6.30 -55.06 6.32
C THR U 37 -5.53 -55.64 5.15
N TYR U 38 -6.05 -56.75 4.63
CA TYR U 38 -5.52 -57.43 3.48
C TYR U 38 -6.45 -57.31 2.27
N GLY U 39 -7.52 -56.51 2.38
CA GLY U 39 -8.52 -56.37 1.31
C GLY U 39 -9.10 -57.76 0.95
N LYS U 40 -9.19 -58.62 1.95
CA LYS U 40 -9.61 -59.97 1.73
C LYS U 40 -11.07 -60.29 2.17
N LEU U 41 -11.76 -61.08 1.33
CA LEU U 41 -13.15 -61.53 1.58
C LEU U 41 -13.26 -63.04 1.41
N THR U 42 -13.93 -63.75 2.34
CA THR U 42 -14.14 -65.18 2.22
C THR U 42 -15.61 -65.47 2.47
N LEU U 43 -16.35 -66.01 1.46
CA LEU U 43 -17.79 -66.18 1.59
C LEU U 43 -18.31 -67.49 0.99
N LYS U 44 -19.45 -67.94 1.52
CA LYS U 44 -20.15 -69.07 0.99
C LYS U 44 -21.62 -68.68 0.83
N PHE U 45 -22.14 -68.87 -0.38
CA PHE U 45 -23.51 -68.55 -0.72
C PHE U 45 -24.25 -69.79 -0.97
N ILE U 46 -25.53 -69.78 -0.57
CA ILE U 46 -26.39 -70.95 -0.71
C ILE U 46 -27.74 -70.52 -1.28
N CYS U 47 -28.21 -71.22 -2.30
CA CYS U 47 -29.48 -70.82 -2.87
C CYS U 47 -30.53 -71.46 -2.02
N THR U 48 -31.27 -70.65 -1.27
CA THR U 48 -32.25 -71.17 -0.33
C THR U 48 -33.57 -71.64 -0.93
N THR U 49 -33.90 -71.10 -2.07
CA THR U 49 -35.14 -71.48 -2.72
C THR U 49 -34.96 -72.69 -3.63
N GLY U 50 -33.73 -73.28 -3.62
CA GLY U 50 -33.42 -74.44 -4.46
C GLY U 50 -32.29 -74.16 -5.52
N LYS U 51 -32.60 -74.43 -6.80
CA LYS U 51 -31.65 -74.23 -7.90
C LYS U 51 -31.58 -72.78 -8.39
N LEU U 52 -30.38 -72.23 -8.40
CA LEU U 52 -30.25 -70.87 -8.89
C LEU U 52 -30.61 -70.84 -10.39
N PRO U 53 -31.46 -69.93 -10.78
CA PRO U 53 -31.96 -69.81 -12.16
C PRO U 53 -31.02 -69.11 -13.15
N VAL U 54 -29.99 -68.48 -12.62
CA VAL U 54 -28.98 -67.83 -13.43
C VAL U 54 -27.68 -68.37 -12.99
N PRO U 55 -26.63 -68.07 -13.71
CA PRO U 55 -25.35 -68.59 -13.32
C PRO U 55 -24.73 -67.84 -12.11
N TRP U 56 -24.09 -68.57 -11.21
CA TRP U 56 -23.46 -67.97 -10.04
C TRP U 56 -22.57 -66.75 -10.34
N PRO U 57 -21.69 -66.87 -11.32
CA PRO U 57 -20.82 -65.77 -11.63
C PRO U 57 -21.52 -64.49 -11.93
N THR U 58 -22.74 -64.56 -12.44
CA THR U 58 -23.41 -63.32 -12.74
C THR U 58 -23.76 -62.49 -11.48
N LEU U 59 -23.77 -63.14 -10.34
CA LEU U 59 -24.16 -62.47 -9.10
C LEU U 59 -23.00 -61.94 -8.24
N VAL U 60 -21.77 -62.25 -8.61
CA VAL U 60 -20.60 -61.87 -7.80
C VAL U 60 -20.56 -60.41 -7.37
N THR U 61 -20.67 -59.53 -8.34
CA THR U 61 -20.58 -58.12 -8.09
C THR U 61 -21.68 -57.61 -7.17
N THR U 62 -22.79 -58.28 -7.24
CA THR U 62 -23.96 -57.90 -6.42
C THR U 62 -23.73 -58.30 -4.96
N PHE U 63 -23.26 -59.53 -4.77
CA PHE U 63 -23.01 -60.00 -3.45
C PHE U 63 -21.85 -59.27 -2.82
N1 CRO U 64 -20.77 -59.08 -3.60
CA1 CRO U 64 -19.58 -58.40 -3.07
CB1 CRO U 64 -18.41 -59.39 -2.96
CG1 CRO U 64 -18.72 -60.52 -2.02
OG1 CRO U 64 -18.10 -59.90 -4.23
C1 CRO U 64 -19.34 -57.25 -4.00
N2 CRO U 64 -18.45 -57.22 -5.07
N3 CRO U 64 -19.94 -56.05 -3.91
C2 CRO U 64 -19.65 -55.20 -4.96
O2 CRO U 64 -19.88 -54.03 -5.11
CA2 CRO U 64 -18.64 -55.97 -5.72
CA3 CRO U 64 -21.05 -55.81 -3.01
C3 CRO U 64 -20.73 -55.15 -1.71
O3 CRO U 64 -21.55 -54.39 -1.21
CB2 CRO U 64 -17.90 -55.48 -6.73
CG2 CRO U 64 -16.99 -56.26 -7.63
CD1 CRO U 64 -16.61 -57.58 -7.34
CD2 CRO U 64 -16.44 -55.56 -8.77
CE1 CRO U 64 -15.62 -58.21 -8.18
CE2 CRO U 64 -15.49 -56.21 -9.60
CZ CRO U 64 -15.10 -57.51 -9.32
OH CRO U 64 -14.12 -58.19 -10.21
N VAL U 65 -19.57 -55.47 -1.13
CA VAL U 65 -19.21 -54.88 0.15
C VAL U 65 -17.79 -54.26 0.07
N GLN U 66 -17.74 -53.22 -0.74
CA GLN U 66 -16.62 -52.48 -1.01
C GLN U 66 -15.89 -51.79 0.11
N CYS U 67 -16.51 -51.79 1.29
CA CYS U 67 -15.87 -51.24 2.45
C CYS U 67 -14.72 -52.18 2.93
N PHE U 68 -14.65 -53.39 2.34
CA PHE U 68 -13.59 -54.36 2.67
C PHE U 68 -12.35 -54.25 1.75
N SER U 69 -12.32 -53.22 0.94
CA SER U 69 -11.22 -52.98 0.05
C SER U 69 -10.02 -52.48 0.86
N ARG U 70 -8.81 -52.90 0.48
CA ARG U 70 -7.68 -52.37 1.18
C ARG U 70 -7.30 -51.01 0.61
N TYR U 71 -7.33 -49.96 1.44
CA TYR U 71 -6.90 -48.65 0.99
C TYR U 71 -5.48 -48.39 1.54
N PRO U 72 -4.54 -48.13 0.68
CA PRO U 72 -3.22 -47.82 1.17
C PRO U 72 -3.24 -46.57 2.06
N ASP U 73 -2.30 -46.52 3.00
CA ASP U 73 -2.21 -45.41 3.90
C ASP U 73 -2.31 -44.08 3.23
N HIS U 74 -1.64 -43.93 2.14
CA HIS U 74 -1.70 -42.64 1.53
C HIS U 74 -2.98 -42.34 0.85
N MSE U 75 -3.85 -43.31 0.74
CA MSE U 75 -5.12 -43.07 0.09
C MSE U 75 -6.34 -43.13 1.03
O MSE U 75 -7.48 -43.13 0.57
CB MSE U 75 -5.31 -44.08 -1.02
CG MSE U 75 -4.58 -43.77 -2.29
SE MSE U 75 -4.81 -45.18 -3.60
CE MSE U 75 -6.44 -44.52 -4.35
N LYS U 76 -6.10 -43.23 2.32
CA LYS U 76 -7.18 -43.32 3.29
C LYS U 76 -8.23 -42.23 3.19
N ARG U 77 -7.83 -41.06 2.77
CA ARG U 77 -8.77 -39.97 2.68
C ARG U 77 -9.77 -40.12 1.55
N HIS U 78 -9.60 -41.18 0.72
CA HIS U 78 -10.51 -41.35 -0.42
C HIS U 78 -11.47 -42.49 -0.23
N ASP U 79 -11.47 -43.08 0.97
CA ASP U 79 -12.23 -44.25 1.27
C ASP U 79 -13.66 -43.93 1.70
N PHE U 80 -14.52 -43.66 0.72
CA PHE U 80 -15.92 -43.34 0.98
C PHE U 80 -16.63 -44.43 1.75
N PHE U 81 -16.38 -45.69 1.31
CA PHE U 81 -17.02 -46.87 1.83
C PHE U 81 -17.02 -46.98 3.34
N LYS U 82 -15.84 -46.90 3.91
CA LYS U 82 -15.68 -47.00 5.34
C LYS U 82 -16.19 -45.73 6.08
N SER U 83 -16.10 -44.55 5.42
CA SER U 83 -16.53 -43.31 6.04
C SER U 83 -18.03 -43.26 6.27
N ALA U 84 -18.77 -44.08 5.53
CA ALA U 84 -20.21 -44.09 5.68
C ALA U 84 -20.71 -44.99 6.81
N MSE U 85 -19.78 -45.72 7.45
CA MSE U 85 -20.11 -46.66 8.53
C MSE U 85 -20.12 -46.01 9.92
O MSE U 85 -19.46 -45.02 10.15
CB MSE U 85 -19.10 -47.77 8.44
CG MSE U 85 -19.14 -48.53 7.13
SE MSE U 85 -20.82 -49.53 6.89
CE MSE U 85 -21.05 -49.32 5.00
N PRO U 86 -20.87 -46.56 10.89
CA PRO U 86 -21.68 -47.77 10.79
C PRO U 86 -23.06 -47.62 10.13
N GLU U 87 -23.58 -46.38 10.00
CA GLU U 87 -24.91 -46.13 9.41
C GLU U 87 -25.07 -46.76 8.02
N GLY U 88 -24.00 -46.80 7.26
CA GLY U 88 -24.03 -47.49 5.98
C GLY U 88 -24.37 -46.68 4.76
N TYR U 89 -24.58 -47.40 3.66
CA TYR U 89 -24.90 -46.75 2.42
C TYR U 89 -25.80 -47.58 1.58
N VAL U 90 -26.44 -46.88 0.65
CA VAL U 90 -27.29 -47.47 -0.35
C VAL U 90 -26.47 -47.59 -1.63
N GLN U 91 -26.51 -48.76 -2.21
CA GLN U 91 -25.79 -49.02 -3.42
C GLN U 91 -26.79 -49.47 -4.45
N GLU U 92 -26.87 -48.72 -5.55
CA GLU U 92 -27.77 -49.09 -6.61
C GLU U 92 -27.03 -49.32 -7.90
N ARG U 93 -27.52 -50.24 -8.71
CA ARG U 93 -26.91 -50.50 -9.98
C ARG U 93 -27.88 -50.84 -11.06
N THR U 94 -27.37 -50.70 -12.25
CA THR U 94 -27.94 -51.27 -13.42
C THR U 94 -26.82 -52.02 -14.12
N ILE U 95 -27.05 -53.26 -14.44
CA ILE U 95 -26.05 -54.10 -15.11
C ILE U 95 -26.56 -54.56 -16.47
N PHE U 96 -25.90 -54.10 -17.53
CA PHE U 96 -26.33 -54.46 -18.86
C PHE U 96 -25.58 -55.60 -19.42
N PHE U 97 -26.25 -56.73 -19.70
CA PHE U 97 -25.56 -57.83 -20.33
C PHE U 97 -25.58 -57.60 -21.82
N LYS U 98 -24.41 -57.62 -22.44
CA LYS U 98 -24.34 -57.34 -23.85
C LYS U 98 -25.18 -58.31 -24.64
N ASP U 99 -26.04 -57.77 -25.50
CA ASP U 99 -26.93 -58.59 -26.34
C ASP U 99 -27.84 -59.50 -25.55
N ASP U 100 -28.16 -59.08 -24.33
CA ASP U 100 -29.02 -59.85 -23.44
C ASP U 100 -29.79 -58.93 -22.49
N GLY U 101 -30.32 -59.49 -21.38
CA GLY U 101 -31.11 -58.67 -20.43
C GLY U 101 -30.28 -57.81 -19.49
N ASN U 102 -30.96 -57.14 -18.57
CA ASN U 102 -30.28 -56.34 -17.58
C ASN U 102 -30.73 -56.65 -16.14
N TYR U 103 -29.88 -56.31 -15.19
CA TYR U 103 -30.17 -56.45 -13.79
C TYR U 103 -30.27 -55.08 -13.17
N LYS U 104 -31.25 -54.92 -12.29
CA LYS U 104 -31.42 -53.70 -11.53
C LYS U 104 -31.35 -54.10 -10.07
N THR U 105 -30.46 -53.49 -9.35
CA THR U 105 -30.26 -53.87 -7.96
C THR U 105 -30.33 -52.68 -7.03
N ARG U 106 -30.73 -52.99 -5.83
CA ARG U 106 -30.77 -52.02 -4.78
C ARG U 106 -30.40 -52.69 -3.48
N ALA U 107 -29.45 -52.12 -2.77
CA ALA U 107 -29.05 -52.76 -1.55
C ALA U 107 -28.71 -51.78 -0.47
N GLU U 108 -28.74 -52.27 0.75
CA GLU U 108 -28.35 -51.49 1.89
C GLU U 108 -27.21 -52.19 2.56
N VAL U 109 -26.09 -51.48 2.75
CA VAL U 109 -25.01 -52.12 3.45
C VAL U 109 -24.66 -51.36 4.68
N LYS U 110 -24.70 -52.05 5.77
CA LYS U 110 -24.47 -51.40 7.03
C LYS U 110 -24.27 -52.43 8.10
N PHE U 111 -23.93 -51.96 9.30
CA PHE U 111 -23.71 -52.82 10.44
C PHE U 111 -24.99 -53.09 11.25
N GLU U 112 -25.17 -54.32 11.66
CA GLU U 112 -26.24 -54.74 12.55
C GLU U 112 -25.50 -55.30 13.71
N GLY U 113 -25.27 -54.53 14.72
CA GLY U 113 -24.48 -55.07 15.79
C GLY U 113 -23.04 -55.13 15.28
N ASP U 114 -22.43 -56.25 15.37
CA ASP U 114 -21.06 -56.30 14.90
C ASP U 114 -20.85 -57.00 13.55
N THR U 115 -21.95 -57.30 12.92
CA THR U 115 -21.98 -57.98 11.64
C THR U 115 -22.26 -57.01 10.54
N LEU U 116 -21.51 -57.14 9.47
CA LEU U 116 -21.69 -56.28 8.32
C LEU U 116 -22.71 -56.97 7.44
N VAL U 117 -23.81 -56.23 7.15
CA VAL U 117 -24.94 -56.75 6.39
C VAL U 117 -25.11 -56.13 5.03
N ASN U 118 -25.30 -56.97 4.04
CA ASN U 118 -25.57 -56.53 2.68
C ASN U 118 -26.93 -57.09 2.27
N ARG U 119 -27.95 -56.25 2.25
CA ARG U 119 -29.30 -56.67 1.90
C ARG U 119 -29.68 -56.13 0.53
N ILE U 120 -29.93 -57.06 -0.39
CA ILE U 120 -30.19 -56.76 -1.79
C ILE U 120 -31.54 -57.25 -2.36
N GLU U 121 -32.07 -56.41 -3.23
CA GLU U 121 -33.23 -56.71 -4.03
C GLU U 121 -32.81 -56.63 -5.47
N LEU U 122 -32.99 -57.72 -6.17
CA LEU U 122 -32.59 -57.79 -7.55
C LEU U 122 -33.74 -58.07 -8.51
N LYS U 123 -33.78 -57.29 -9.56
CA LYS U 123 -34.77 -57.47 -10.60
C LYS U 123 -34.09 -57.60 -11.99
N GLY U 124 -34.33 -58.73 -12.69
CA GLY U 124 -33.75 -59.02 -14.03
C GLY U 124 -34.83 -59.09 -15.11
N ILE U 125 -34.64 -58.32 -16.20
CA ILE U 125 -35.59 -58.35 -17.30
C ILE U 125 -34.97 -58.40 -18.66
N ASP U 126 -35.78 -58.86 -19.59
CA ASP U 126 -35.44 -58.93 -20.96
C ASP U 126 -34.36 -59.89 -21.26
N PHE U 127 -34.29 -60.95 -20.51
CA PHE U 127 -33.29 -61.97 -20.79
C PHE U 127 -33.77 -62.92 -21.85
N LYS U 128 -32.84 -63.39 -22.69
CA LYS U 128 -33.18 -64.33 -23.73
C LYS U 128 -33.20 -65.72 -23.19
N GLU U 129 -34.31 -66.38 -23.40
CA GLU U 129 -34.47 -67.71 -22.88
C GLU U 129 -33.35 -68.64 -23.28
N ASP U 130 -32.74 -68.32 -24.40
CA ASP U 130 -31.66 -69.13 -24.97
C ASP U 130 -30.29 -68.41 -25.03
N GLY U 131 -30.13 -67.32 -24.25
CA GLY U 131 -28.89 -66.56 -24.23
C GLY U 131 -27.87 -67.20 -23.33
N ASN U 132 -26.78 -66.48 -23.09
CA ASN U 132 -25.75 -67.07 -22.23
C ASN U 132 -26.14 -67.19 -20.76
N ILE U 133 -27.06 -66.32 -20.31
CA ILE U 133 -27.47 -66.29 -18.90
C ILE U 133 -28.45 -67.40 -18.51
N LEU U 134 -29.62 -67.34 -19.14
CA LEU U 134 -30.66 -68.31 -18.89
C LEU U 134 -30.26 -69.65 -19.41
N GLY U 135 -29.47 -69.64 -20.46
CA GLY U 135 -29.01 -70.87 -21.06
C GLY U 135 -27.89 -71.50 -20.30
N HIS U 136 -27.41 -70.83 -19.27
CA HIS U 136 -26.31 -71.38 -18.47
C HIS U 136 -25.03 -71.79 -19.28
N LYS U 137 -24.51 -70.85 -20.03
CA LYS U 137 -23.34 -71.06 -20.88
C LYS U 137 -22.02 -70.48 -20.31
N LEU U 138 -22.08 -69.85 -19.12
CA LEU U 138 -20.92 -69.20 -18.50
C LEU U 138 -20.06 -70.18 -17.77
N GLU U 139 -18.72 -70.08 -17.91
CA GLU U 139 -17.85 -70.96 -17.16
C GLU U 139 -17.88 -70.53 -15.70
N TYR U 140 -17.51 -71.45 -14.85
CA TYR U 140 -17.48 -71.22 -13.42
C TYR U 140 -16.14 -70.72 -12.99
N ASN U 141 -15.90 -69.48 -13.29
CA ASN U 141 -14.66 -68.84 -12.93
C ASN U 141 -14.86 -67.35 -13.00
N TYR U 142 -13.82 -66.60 -12.67
CA TYR U 142 -13.95 -65.18 -12.67
C TYR U 142 -12.61 -64.48 -13.00
N ASN U 143 -12.67 -63.30 -13.63
CA ASN U 143 -11.47 -62.53 -14.04
C ASN U 143 -11.17 -61.38 -13.09
N SER U 144 -10.05 -60.62 -13.36
CA SER U 144 -9.64 -59.44 -12.57
C SER U 144 -10.12 -58.22 -13.26
N HIS U 145 -10.53 -57.21 -12.51
CA HIS U 145 -11.06 -56.04 -13.13
C HIS U 145 -10.60 -54.82 -12.42
N ASN U 146 -10.80 -53.70 -13.07
CA ASN U 146 -10.58 -52.40 -12.47
C ASN U 146 -11.95 -51.72 -12.35
N VAL U 147 -12.19 -51.14 -11.20
CA VAL U 147 -13.43 -50.46 -10.88
C VAL U 147 -13.15 -49.01 -10.69
N TYR U 148 -13.75 -48.18 -11.52
CA TYR U 148 -13.52 -46.75 -11.50
C TYR U 148 -14.46 -45.97 -10.62
N ILE U 149 -13.88 -45.19 -9.73
CA ILE U 149 -14.64 -44.41 -8.80
C ILE U 149 -14.47 -42.96 -8.94
N MSE U 150 -15.58 -42.25 -8.80
CA MSE U 150 -15.58 -40.81 -8.84
C MSE U 150 -16.61 -40.24 -7.90
O MSE U 150 -17.60 -40.89 -7.59
CB MSE U 150 -15.87 -40.35 -10.24
CG MSE U 150 -15.28 -41.23 -11.27
SE MSE U 150 -16.03 -40.87 -12.97
CE MSE U 150 -16.70 -39.11 -12.56
N ALA U 151 -16.32 -39.01 -7.45
CA ALA U 151 -17.16 -38.33 -6.52
C ALA U 151 -18.44 -37.78 -7.15
N ASP U 152 -19.46 -37.70 -6.34
CA ASP U 152 -20.70 -37.13 -6.77
C ASP U 152 -21.13 -36.08 -5.76
N LYS U 153 -20.61 -34.90 -5.92
CA LYS U 153 -20.88 -33.84 -4.98
C LYS U 153 -22.36 -33.46 -4.83
N GLN U 154 -23.18 -33.73 -5.86
CA GLN U 154 -24.60 -33.39 -5.81
C GLN U 154 -25.46 -34.32 -4.92
N LYS U 155 -25.07 -35.58 -4.89
CA LYS U 155 -25.77 -36.55 -4.09
C LYS U 155 -24.96 -36.92 -2.86
N ASN U 156 -23.78 -36.28 -2.69
CA ASN U 156 -22.93 -36.58 -1.55
C ASN U 156 -22.58 -38.06 -1.57
N GLY U 157 -22.28 -38.54 -2.79
CA GLY U 157 -21.97 -39.92 -2.98
C GLY U 157 -20.91 -40.07 -4.01
N ILE U 158 -20.86 -41.27 -4.55
CA ILE U 158 -19.91 -41.57 -5.55
C ILE U 158 -20.61 -42.26 -6.69
N LYS U 159 -20.01 -42.17 -7.85
CA LYS U 159 -20.50 -42.85 -9.02
C LYS U 159 -19.43 -43.83 -9.39
N VAL U 160 -19.81 -45.02 -9.79
CA VAL U 160 -18.85 -46.05 -10.10
C VAL U 160 -19.23 -46.71 -11.40
N ASN U 161 -18.22 -46.99 -12.24
CA ASN U 161 -18.45 -47.65 -13.49
C ASN U 161 -17.35 -48.67 -13.80
N PHE U 162 -17.73 -49.73 -14.52
CA PHE U 162 -16.80 -50.80 -14.91
C PHE U 162 -17.48 -51.83 -15.73
N LYS U 163 -16.68 -52.71 -16.37
CA LYS U 163 -17.17 -53.81 -17.18
C LYS U 163 -16.60 -55.10 -16.70
N ILE U 164 -17.44 -56.09 -16.60
CA ILE U 164 -17.05 -57.38 -16.22
C ILE U 164 -17.03 -58.20 -17.44
N ARG U 165 -16.07 -59.08 -17.49
CA ARG U 165 -15.89 -60.01 -18.55
C ARG U 165 -16.13 -61.44 -18.06
N HIS U 166 -17.22 -62.06 -18.54
CA HIS U 166 -17.55 -63.45 -18.19
C HIS U 166 -17.16 -64.39 -19.31
N ASN U 167 -16.38 -65.37 -18.99
CA ASN U 167 -15.99 -66.32 -19.98
C ASN U 167 -17.14 -67.26 -20.31
N ILE U 168 -17.35 -67.49 -21.61
CA ILE U 168 -18.35 -68.44 -22.08
C ILE U 168 -17.68 -69.76 -22.40
N GLU U 169 -18.37 -70.85 -22.17
CA GLU U 169 -17.86 -72.18 -22.35
C GLU U 169 -17.25 -72.46 -23.72
N ASP U 170 -17.60 -71.68 -24.72
CA ASP U 170 -17.07 -71.87 -26.08
C ASP U 170 -15.77 -71.10 -26.34
N GLY U 171 -15.27 -70.45 -25.32
CA GLY U 171 -14.04 -69.71 -25.48
C GLY U 171 -14.30 -68.23 -25.66
N SER U 172 -15.58 -67.86 -25.89
CA SER U 172 -15.92 -66.47 -26.10
C SER U 172 -16.09 -65.67 -24.81
N VAL U 173 -16.64 -64.46 -24.92
CA VAL U 173 -16.83 -63.59 -23.76
C VAL U 173 -18.20 -62.92 -23.66
N GLN U 174 -18.71 -62.84 -22.42
CA GLN U 174 -19.97 -62.12 -22.14
C GLN U 174 -19.70 -60.85 -21.35
N LEU U 175 -19.96 -59.71 -21.96
CA LEU U 175 -19.73 -58.46 -21.32
C LEU U 175 -20.88 -58.03 -20.45
N ALA U 176 -20.53 -57.44 -19.31
CA ALA U 176 -21.50 -56.93 -18.38
C ALA U 176 -21.14 -55.55 -17.89
N ASP U 177 -21.77 -54.54 -18.47
CA ASP U 177 -21.56 -53.15 -18.15
C ASP U 177 -22.23 -52.75 -16.86
N HIS U 178 -21.46 -52.27 -15.92
CA HIS U 178 -21.98 -51.89 -14.63
C HIS U 178 -22.05 -50.39 -14.43
N TYR U 179 -23.21 -49.90 -13.98
CA TYR U 179 -23.42 -48.49 -13.65
C TYR U 179 -23.87 -48.44 -12.23
N GLN U 180 -23.17 -47.68 -11.40
CA GLN U 180 -23.45 -47.74 -9.99
C GLN U 180 -23.42 -46.40 -9.29
N GLN U 181 -24.31 -46.27 -8.29
CA GLN U 181 -24.40 -45.10 -7.40
C GLN U 181 -24.50 -45.53 -5.94
N ASN U 182 -23.77 -44.82 -5.09
CA ASN U 182 -23.75 -45.05 -3.66
C ASN U 182 -24.03 -43.75 -2.94
N THR U 183 -24.90 -43.84 -1.98
CA THR U 183 -25.25 -42.67 -1.19
C THR U 183 -25.36 -43.07 0.25
N PRO U 184 -24.94 -42.15 1.12
CA PRO U 184 -24.94 -42.42 2.53
C PRO U 184 -26.34 -42.56 3.09
N ILE U 185 -26.45 -43.36 4.11
CA ILE U 185 -27.75 -43.54 4.81
C ILE U 185 -27.85 -42.49 5.91
N GLY U 186 -26.78 -42.33 6.69
CA GLY U 186 -26.76 -41.32 7.75
C GLY U 186 -26.61 -39.89 7.20
N ASP U 187 -26.69 -38.92 8.08
CA ASP U 187 -26.58 -37.51 7.73
C ASP U 187 -25.20 -36.97 8.08
N GLY U 188 -24.40 -37.85 8.73
CA GLY U 188 -23.05 -37.53 9.16
C GLY U 188 -22.13 -37.30 7.96
N PRO U 189 -20.91 -36.80 8.24
CA PRO U 189 -19.96 -36.54 7.16
C PRO U 189 -19.31 -37.81 6.55
N VAL U 190 -19.07 -37.75 5.25
CA VAL U 190 -18.43 -38.82 4.51
C VAL U 190 -17.29 -38.25 3.71
N LEU U 191 -16.41 -39.14 3.30
CA LEU U 191 -15.26 -38.78 2.53
C LEU U 191 -15.53 -38.86 1.03
N LEU U 192 -15.49 -37.74 0.32
CA LEU U 192 -15.65 -37.79 -1.12
C LEU U 192 -14.27 -37.84 -1.74
N PRO U 193 -14.08 -38.85 -2.55
CA PRO U 193 -12.77 -39.15 -3.14
C PRO U 193 -12.45 -38.44 -4.42
N ASP U 194 -11.15 -38.46 -4.75
CA ASP U 194 -10.69 -38.06 -6.05
C ASP U 194 -10.72 -39.33 -6.89
N ASN U 195 -10.77 -39.18 -8.21
CA ASN U 195 -10.84 -40.31 -9.11
C ASN U 195 -9.80 -41.30 -8.80
N HIS U 196 -10.19 -42.54 -8.74
CA HIS U 196 -9.28 -43.59 -8.45
C HIS U 196 -9.92 -44.88 -8.82
N TYR U 197 -9.27 -45.99 -8.57
CA TYR U 197 -9.88 -47.27 -8.91
C TYR U 197 -9.48 -48.39 -7.99
N LEU U 198 -10.27 -49.45 -8.04
CA LEU U 198 -10.07 -50.65 -7.29
C LEU U 198 -9.72 -51.76 -8.24
N SER U 199 -8.73 -52.54 -7.85
CA SER U 199 -8.24 -53.66 -8.60
C SER U 199 -8.69 -54.93 -7.92
N THR U 200 -9.40 -55.79 -8.65
CA THR U 200 -10.01 -56.94 -8.06
C THR U 200 -9.52 -58.23 -8.61
N GLN U 201 -9.58 -59.22 -7.76
CA GLN U 201 -9.31 -60.59 -8.13
C GLN U 201 -10.17 -61.55 -7.32
N SER U 202 -10.73 -62.58 -7.97
CA SER U 202 -11.62 -63.52 -7.30
C SER U 202 -11.45 -64.93 -7.79
N ALA U 203 -11.58 -65.86 -6.87
CA ALA U 203 -11.53 -67.29 -7.16
C ALA U 203 -12.85 -67.96 -6.69
N LEU U 204 -13.46 -68.77 -7.56
CA LEU U 204 -14.68 -69.49 -7.26
C LEU U 204 -14.38 -70.91 -7.02
N SER U 205 -15.04 -71.49 -6.03
CA SER U 205 -14.86 -72.89 -5.74
C SER U 205 -16.19 -73.53 -5.26
N LYS U 206 -16.14 -74.83 -4.99
CA LYS U 206 -17.31 -75.55 -4.50
C LYS U 206 -16.95 -76.30 -3.22
N ASP U 207 -17.96 -76.50 -2.35
CA ASP U 207 -17.83 -77.30 -1.12
C ASP U 207 -18.28 -78.73 -1.45
N PRO U 208 -17.31 -79.61 -1.56
CA PRO U 208 -17.54 -80.99 -1.96
C PRO U 208 -18.61 -81.73 -1.14
N ASN U 209 -18.79 -81.30 0.12
CA ASN U 209 -19.75 -81.93 1.00
C ASN U 209 -21.08 -81.20 1.07
N GLU U 210 -21.26 -80.25 0.17
CA GLU U 210 -22.45 -79.45 0.14
C GLU U 210 -23.42 -79.89 -0.96
N LYS U 211 -24.60 -80.31 -0.61
CA LYS U 211 -25.56 -80.75 -1.63
C LYS U 211 -26.44 -79.65 -2.15
N ARG U 212 -26.56 -78.57 -1.41
CA ARG U 212 -27.40 -77.51 -1.95
C ARG U 212 -26.66 -76.78 -3.08
N ASP U 213 -27.37 -75.99 -3.85
CA ASP U 213 -26.74 -75.17 -4.91
C ASP U 213 -26.01 -74.02 -4.19
N HIS U 214 -24.73 -73.87 -4.46
CA HIS U 214 -24.00 -72.87 -3.74
C HIS U 214 -22.72 -72.44 -4.49
N MSE U 215 -22.05 -71.45 -3.92
CA MSE U 215 -20.80 -70.99 -4.44
C MSE U 215 -19.92 -70.58 -3.29
O MSE U 215 -20.38 -69.93 -2.34
CB MSE U 215 -20.96 -69.78 -5.37
CG MSE U 215 -19.75 -68.87 -5.55
SE MSE U 215 -19.99 -67.44 -6.86
CE MSE U 215 -21.05 -66.17 -5.88
N VAL U 216 -18.63 -70.96 -3.39
CA VAL U 216 -17.62 -70.53 -2.45
C VAL U 216 -16.76 -69.47 -3.14
N LEU U 217 -16.53 -68.35 -2.45
CA LEU U 217 -15.83 -67.20 -3.00
C LEU U 217 -14.72 -66.65 -2.14
N LEU U 218 -13.54 -66.44 -2.80
CA LEU U 218 -12.32 -65.80 -2.21
C LEU U 218 -11.95 -64.60 -3.08
N GLU U 219 -11.81 -63.46 -2.49
CA GLU U 219 -11.60 -62.28 -3.25
C GLU U 219 -10.71 -61.30 -2.53
N PHE U 220 -9.88 -60.63 -3.32
CA PHE U 220 -8.94 -59.62 -2.88
C PHE U 220 -9.16 -58.34 -3.64
N VAL U 221 -9.15 -57.24 -2.92
CA VAL U 221 -9.38 -55.98 -3.53
C VAL U 221 -8.54 -54.88 -2.90
N THR U 222 -7.84 -54.16 -3.74
CA THR U 222 -7.04 -53.06 -3.27
C THR U 222 -7.19 -51.82 -4.14
N ALA U 223 -7.18 -50.68 -3.48
CA ALA U 223 -7.35 -49.38 -4.15
C ALA U 223 -6.02 -48.90 -4.74
N ALA U 224 -6.12 -48.18 -5.81
CA ALA U 224 -4.93 -47.66 -6.47
C ALA U 224 -5.22 -46.44 -7.30
N GLY U 225 -4.20 -45.98 -8.00
CA GLY U 225 -4.35 -44.92 -8.97
C GLY U 225 -4.07 -43.55 -8.46
N ILE U 226 -3.53 -43.49 -7.24
CA ILE U 226 -3.17 -42.23 -6.62
C ILE U 226 -1.77 -42.36 -6.02
N SER V 1 8.05 37.89 28.09
CA SER V 1 7.75 37.43 29.45
C SER V 1 7.34 38.54 30.39
N LYS V 2 7.24 38.14 31.65
CA LYS V 2 6.83 38.96 32.80
C LYS V 2 7.78 40.13 33.13
N GLY V 3 8.91 39.77 33.73
CA GLY V 3 9.88 40.71 34.22
C GLY V 3 10.53 41.58 33.17
N GLU V 4 10.70 41.02 31.96
CA GLU V 4 11.40 41.73 30.86
C GLU V 4 11.22 43.25 30.90
N GLU V 5 9.96 43.66 30.84
CA GLU V 5 9.52 45.04 30.88
C GLU V 5 9.99 45.81 32.13
N LEU V 6 10.28 45.09 33.22
CA LEU V 6 10.72 45.73 34.47
C LEU V 6 12.15 46.22 34.40
N PHE V 7 12.88 45.68 33.44
CA PHE V 7 14.31 45.96 33.33
C PHE V 7 14.76 46.89 32.21
N THR V 8 13.78 47.43 31.57
CA THR V 8 13.92 48.32 30.48
C THR V 8 14.70 49.61 30.78
N GLY V 9 14.89 49.96 32.04
CA GLY V 9 15.67 51.14 32.36
C GLY V 9 16.56 50.91 33.57
N VAL V 10 17.11 51.98 34.12
CA VAL V 10 17.90 51.88 35.34
C VAL V 10 16.97 51.55 36.53
N VAL V 11 17.33 50.51 37.28
CA VAL V 11 16.58 50.06 38.46
C VAL V 11 17.44 50.22 39.75
N PRO V 12 16.91 50.87 40.78
CA PRO V 12 17.66 50.98 42.02
C PRO V 12 17.75 49.61 42.71
N ILE V 13 18.89 49.36 43.33
CA ILE V 13 19.13 48.09 44.00
C ILE V 13 19.43 48.30 45.47
N LEU V 14 18.87 47.41 46.27
CA LEU V 14 19.12 47.41 47.70
C LEU V 14 19.63 46.01 48.07
N VAL V 15 20.75 45.99 48.78
CA VAL V 15 21.35 44.72 49.22
C VAL V 15 21.49 44.70 50.77
N GLU V 16 20.96 43.63 51.37
CA GLU V 16 21.02 43.42 52.79
C GLU V 16 21.58 42.05 53.09
N LEU V 17 22.68 42.01 53.87
CA LEU V 17 23.29 40.72 54.25
C LEU V 17 23.50 40.56 55.75
N ASP V 18 23.13 39.38 56.25
CA ASP V 18 23.36 39.00 57.63
C ASP V 18 24.30 37.81 57.61
N GLY V 19 25.47 37.92 58.21
CA GLY V 19 26.35 36.77 58.17
C GLY V 19 27.00 36.38 59.49
N ASP V 20 27.43 35.14 59.49
CA ASP V 20 28.14 34.53 60.57
C ASP V 20 29.16 33.59 59.99
N VAL V 21 30.41 33.94 60.20
CA VAL V 21 31.52 33.11 59.73
C VAL V 21 32.39 32.65 60.91
N ASN V 22 32.28 31.35 61.24
CA ASN V 22 33.04 30.80 62.37
C ASN V 22 32.76 31.58 63.66
N GLY V 23 31.50 31.93 63.87
CA GLY V 23 31.15 32.67 65.08
C GLY V 23 31.34 34.18 65.00
N HIS V 24 31.95 34.69 63.92
CA HIS V 24 32.09 36.14 63.76
C HIS V 24 30.86 36.67 63.02
N LYS V 25 30.03 37.42 63.73
CA LYS V 25 28.80 37.92 63.16
C LYS V 25 28.97 39.27 62.52
N PHE V 26 28.26 39.49 61.42
CA PHE V 26 28.36 40.78 60.77
C PHE V 26 27.16 41.09 59.88
N SER V 27 27.05 42.36 59.53
CA SER V 27 25.97 42.83 58.67
C SER V 27 26.51 43.78 57.60
N VAL V 28 25.95 43.66 56.40
CA VAL V 28 26.31 44.53 55.29
C VAL V 28 25.08 45.12 54.59
N SER V 29 25.20 46.38 54.26
CA SER V 29 24.20 47.07 53.48
C SER V 29 24.81 47.60 52.15
N GLY V 30 24.08 47.43 51.07
CA GLY V 30 24.53 47.96 49.82
C GLY V 30 23.41 48.65 49.05
N GLU V 31 23.78 49.64 48.28
CA GLU V 31 22.85 50.37 47.43
C GLU V 31 23.53 50.67 46.09
N GLY V 32 22.74 50.83 45.06
CA GLY V 32 23.25 51.24 43.76
C GLY V 32 22.21 51.09 42.71
N GLU V 33 22.64 50.84 41.48
CA GLU V 33 21.71 50.67 40.42
C GLU V 33 22.20 49.67 39.38
N GLY V 34 21.28 49.15 38.61
CA GLY V 34 21.58 48.20 37.57
C GLY V 34 20.88 48.63 36.29
N ASP V 35 21.47 48.30 35.16
CA ASP V 35 20.89 48.63 33.86
C ASP V 35 21.14 47.45 32.96
N ALA V 36 20.18 46.55 32.94
CA ALA V 36 20.27 45.33 32.22
C ALA V 36 20.48 45.55 30.71
N THR V 37 20.20 46.76 30.24
CA THR V 37 20.38 47.06 28.81
C THR V 37 21.83 46.92 28.38
N TYR V 38 22.72 47.27 29.31
CA TYR V 38 24.14 47.16 29.15
C TYR V 38 24.74 46.07 30.04
N GLY V 39 23.89 45.29 30.73
CA GLY V 39 24.34 44.27 31.68
C GLY V 39 25.25 44.90 32.75
N LYS V 40 24.96 46.15 33.10
CA LYS V 40 25.77 46.88 33.99
C LYS V 40 25.21 47.03 35.44
N LEU V 41 26.11 46.90 36.43
CA LEU V 41 25.79 47.05 37.87
C LEU V 41 26.75 48.03 38.54
N THR V 42 26.25 48.97 39.36
CA THR V 42 27.11 49.89 40.10
C THR V 42 26.66 49.89 41.56
N LEU V 43 27.52 49.45 42.49
CA LEU V 43 27.12 49.31 43.89
C LEU V 43 28.19 49.75 44.90
N LYS V 44 27.72 50.14 46.08
CA LYS V 44 28.57 50.45 47.19
C LYS V 44 28.05 49.70 48.41
N PHE V 45 28.94 48.94 49.04
CA PHE V 45 28.62 48.15 50.21
C PHE V 45 29.31 48.71 51.38
N ILE V 46 28.63 48.65 52.52
CA ILE V 46 29.17 49.19 53.78
C ILE V 46 28.98 48.20 54.90
N CYS V 47 30.02 47.93 55.67
CA CYS V 47 29.87 46.96 56.74
C CYS V 47 29.29 47.71 57.89
N THR V 48 28.04 47.42 58.23
CA THR V 48 27.34 48.17 59.26
C THR V 48 27.69 47.80 60.69
N THR V 49 28.16 46.59 60.89
CA THR V 49 28.52 46.16 62.22
C THR V 49 29.97 46.49 62.55
N GLY V 50 30.65 47.23 61.64
CA GLY V 50 32.05 47.61 61.83
C GLY V 50 33.02 47.01 60.75
N LYS V 51 34.07 46.32 61.23
CA LYS V 51 35.07 45.69 60.34
C LYS V 51 34.64 44.34 59.79
N LEU V 52 34.66 44.23 58.46
CA LEU V 52 34.29 42.97 57.86
C LEU V 52 35.32 41.90 58.29
N PRO V 53 34.85 40.77 58.77
CA PRO V 53 35.70 39.68 59.27
C PRO V 53 36.32 38.77 58.22
N VAL V 54 35.84 38.90 56.99
CA VAL V 54 36.39 38.16 55.86
C VAL V 54 36.73 39.15 54.84
N PRO V 55 37.41 38.73 53.80
CA PRO V 55 37.77 39.69 52.78
C PRO V 55 36.59 40.04 51.85
N TRP V 56 36.51 41.32 51.47
CA TRP V 56 35.44 41.78 50.57
C TRP V 56 35.22 40.92 49.32
N PRO V 57 36.30 40.60 48.62
CA PRO V 57 36.15 39.80 47.43
C PRO V 57 35.44 38.53 47.61
N THR V 58 35.52 37.93 48.81
CA THR V 58 34.85 36.68 48.99
C THR V 58 33.30 36.81 48.92
N LEU V 59 32.80 38.00 49.09
CA LEU V 59 31.35 38.21 49.12
C LEU V 59 30.72 38.65 47.79
N VAL V 60 31.54 38.95 46.80
CA VAL V 60 31.01 39.47 45.52
C VAL V 60 29.87 38.69 44.90
N THR V 61 30.08 37.41 44.75
CA THR V 61 29.09 36.56 44.12
C THR V 61 27.78 36.51 44.89
N THR V 62 27.91 36.67 46.18
CA THR V 62 26.73 36.64 47.06
C THR V 62 25.90 37.93 46.90
N PHE V 63 26.60 39.05 46.91
CA PHE V 63 25.94 40.31 46.76
C PHE V 63 25.37 40.45 45.37
N1 CRO V 64 26.15 40.08 44.36
CA1 CRO V 64 25.70 40.22 42.97
CB1 CRO V 64 26.52 41.30 42.25
CG1 CRO V 64 26.36 42.65 42.88
OG1 CRO V 64 27.88 40.94 42.23
C1 CRO V 64 25.82 38.84 42.38
N2 CRO V 64 26.88 38.35 41.62
N3 CRO V 64 24.89 37.88 42.48
C2 CRO V 64 25.28 36.66 41.98
O2 CRO V 64 24.66 35.66 41.76
CA2 CRO V 64 26.60 36.99 41.37
CA3 CRO V 64 23.75 38.01 43.37
C3 CRO V 64 22.46 38.44 42.74
O3 CRO V 64 21.41 38.01 43.18
CB2 CRO V 64 27.30 36.16 40.58
CG2 CRO V 64 28.70 36.38 40.08
CD1 CRO V 64 29.35 37.63 40.19
CD2 CRO V 64 29.34 35.27 39.38
CE1 CRO V 64 30.64 37.79 39.57
CE2 CRO V 64 30.61 35.45 38.80
CZ CRO V 64 31.26 36.69 38.91
OH CRO V 64 32.61 36.84 38.31
N VAL V 65 22.53 39.33 41.75
CA VAL V 65 21.31 39.81 41.11
C VAL V 65 21.42 39.65 39.57
N GLN V 66 21.46 38.40 39.19
CA GLN V 66 21.55 37.95 37.89
C GLN V 66 20.51 38.35 36.88
N CYS V 67 19.43 38.96 37.38
CA CYS V 67 18.41 39.45 36.51
C CYS V 67 18.92 40.71 35.77
N PHE V 68 20.08 41.24 36.17
CA PHE V 68 20.69 42.41 35.54
C PHE V 68 21.68 42.06 34.41
N SER V 69 21.72 40.79 34.06
CA SER V 69 22.58 40.33 33.00
C SER V 69 22.01 40.77 31.66
N ARG V 70 22.89 41.13 30.72
CA ARG V 70 22.38 41.47 29.43
C ARG V 70 22.13 40.21 28.61
N TYR V 71 20.89 39.97 28.20
CA TYR V 71 20.61 38.84 27.34
C TYR V 71 20.44 39.34 25.89
N PRO V 72 21.21 38.84 24.98
CA PRO V 72 21.04 39.24 23.60
C PRO V 72 19.63 38.90 23.10
N ASP V 73 19.15 39.70 22.15
CA ASP V 73 17.85 39.49 21.60
C ASP V 73 17.57 38.06 21.25
N HIS V 74 18.50 37.42 20.63
CA HIS V 74 18.21 36.07 20.25
C HIS V 74 18.19 35.11 21.37
N MSE V 75 18.59 35.53 22.55
CA MSE V 75 18.59 34.62 23.68
C MSE V 75 17.56 34.98 24.77
O MSE V 75 17.58 34.40 25.85
CB MSE V 75 19.96 34.61 24.30
CG MSE V 75 20.97 33.74 23.60
SE MSE V 75 22.72 33.89 24.42
CE MSE V 75 22.45 32.52 25.74
N LYS V 76 16.69 35.94 24.49
CA LYS V 76 15.69 36.35 25.47
C LYS V 76 14.84 35.23 26.05
N ARG V 77 14.60 34.21 25.27
CA ARG V 77 13.78 33.13 25.74
C ARG V 77 14.44 32.28 26.80
N HIS V 78 15.74 32.55 27.09
CA HIS V 78 16.45 31.72 28.07
C HIS V 78 16.69 32.44 29.37
N ASP V 79 16.10 33.64 29.49
CA ASP V 79 16.33 34.50 30.62
C ASP V 79 15.40 34.18 31.80
N PHE V 80 15.76 33.15 32.56
CA PHE V 80 14.98 32.74 33.72
C PHE V 80 14.81 33.86 34.73
N PHE V 81 15.95 34.54 35.00
CA PHE V 81 16.04 35.58 36.00
C PHE V 81 14.95 36.63 35.93
N LYS V 82 14.80 37.23 34.77
CA LYS V 82 13.81 38.24 34.57
C LYS V 82 12.37 37.68 34.52
N SER V 83 12.22 36.41 34.05
CA SER V 83 10.91 35.79 33.94
C SER V 83 10.27 35.55 35.30
N ALA V 84 11.09 35.49 36.33
CA ALA V 84 10.58 35.23 37.67
C ALA V 84 10.09 36.49 38.38
N MSE V 85 10.28 37.67 37.75
CA MSE V 85 9.90 38.95 38.33
C MSE V 85 8.46 39.37 38.00
O MSE V 85 7.91 38.95 37.01
CB MSE V 85 10.90 39.96 37.81
CG MSE V 85 12.33 39.66 38.22
SE MSE V 85 12.61 39.82 40.16
CE MSE V 85 13.87 38.41 40.42
N PRO V 86 7.82 40.21 38.84
CA PRO V 86 8.36 40.83 40.04
C PRO V 86 8.39 39.95 41.32
N GLU V 87 7.63 38.84 41.35
CA GLU V 87 7.56 37.95 42.52
C GLU V 87 8.93 37.49 42.99
N GLY V 88 9.85 37.29 42.07
CA GLY V 88 11.22 36.97 42.45
C GLY V 88 11.58 35.51 42.53
N TYR V 89 12.78 35.28 43.07
CA TYR V 89 13.27 33.93 43.20
C TYR V 89 14.13 33.78 44.41
N VAL V 90 14.25 32.52 44.80
CA VAL V 90 15.12 32.10 45.87
C VAL V 90 16.40 31.59 45.24
N GLN V 91 17.50 32.04 45.75
CA GLN V 91 18.80 31.64 45.26
C GLN V 91 19.56 31.05 46.42
N GLU V 92 19.94 29.79 46.29
CA GLU V 92 20.72 29.16 47.34
C GLU V 92 22.04 28.68 46.82
N ARG V 93 23.05 28.72 47.67
CA ARG V 93 24.35 28.25 47.29
C ARG V 93 25.10 27.56 48.38
N THR V 94 26.08 26.82 47.94
CA THR V 94 27.14 26.35 48.76
C THR V 94 28.42 26.73 48.04
N ILE V 95 29.32 27.37 48.74
CA ILE V 95 30.61 27.80 48.17
C ILE V 95 31.76 27.14 48.90
N PHE V 96 32.50 26.29 48.20
CA PHE V 96 33.60 25.60 48.81
C PHE V 96 34.90 26.26 48.58
N PHE V 97 35.57 26.73 49.63
CA PHE V 97 36.89 27.30 49.45
C PHE V 97 37.89 26.18 49.48
N LYS V 98 38.70 26.08 48.43
CA LYS V 98 39.65 25.00 48.37
C LYS V 98 40.58 24.99 49.57
N ASP V 99 40.68 23.84 50.21
CA ASP V 99 41.54 23.68 51.40
C ASP V 99 41.19 24.62 52.52
N ASP V 100 39.92 25.02 52.58
CA ASP V 100 39.44 25.93 53.60
C ASP V 100 37.97 25.68 53.91
N GLY V 101 37.28 26.67 54.54
CA GLY V 101 35.86 26.49 54.91
C GLY V 101 34.89 26.66 53.75
N ASN V 102 33.60 26.60 54.08
CA ASN V 102 32.57 26.81 53.08
C ASN V 102 31.52 27.84 53.52
N TYR V 103 30.84 28.42 52.53
CA TYR V 103 29.76 29.34 52.77
C TYR V 103 28.47 28.72 52.32
N LYS V 104 27.43 28.93 53.10
CA LYS V 104 26.10 28.48 52.76
C LYS V 104 25.23 29.72 52.75
N THR V 105 24.57 29.95 51.64
CA THR V 105 23.78 31.16 51.50
C THR V 105 22.38 30.89 51.06
N ARG V 106 21.50 31.77 51.49
CA ARG V 106 20.14 31.72 51.08
C ARG V 106 19.64 33.13 50.91
N ALA V 107 19.04 33.41 49.77
CA ALA V 107 18.58 34.76 49.55
C ALA V 107 17.29 34.81 48.79
N GLU V 108 16.63 35.93 48.92
CA GLU V 108 15.41 36.20 48.19
C GLU V 108 15.64 37.41 47.36
N VAL V 109 15.39 37.30 46.04
CA VAL V 109 15.54 38.48 45.24
C VAL V 109 14.26 38.80 44.54
N LYS V 110 13.81 39.98 44.76
CA LYS V 110 12.54 40.38 44.23
C LYS V 110 12.37 41.86 44.35
N PHE V 111 11.28 42.37 43.79
CA PHE V 111 10.96 43.78 43.83
C PHE V 111 10.12 44.18 45.06
N GLU V 112 10.48 45.28 45.66
CA GLU V 112 9.73 45.90 46.74
C GLU V 112 9.38 47.23 46.19
N GLY V 113 8.22 47.37 45.62
CA GLY V 113 7.93 48.65 45.01
C GLY V 113 8.77 48.72 43.74
N ASP V 114 9.52 49.75 43.58
CA ASP V 114 10.31 49.81 42.36
C ASP V 114 11.80 49.52 42.51
N THR V 115 12.14 49.06 43.69
CA THR V 115 13.49 48.73 44.05
C THR V 115 13.70 47.24 44.02
N LEU V 116 14.81 46.85 43.45
CA LEU V 116 15.16 45.43 43.38
C LEU V 116 15.94 45.13 44.64
N VAL V 117 15.41 44.14 45.40
CA VAL V 117 15.97 43.75 46.69
C VAL V 117 16.61 42.39 46.71
N ASN V 118 17.80 42.32 47.27
CA ASN V 118 18.50 41.06 47.44
C ASN V 118 18.75 40.88 48.93
N ARG V 119 18.00 40.00 49.57
CA ARG V 119 18.12 39.75 51.00
C ARG V 119 18.75 38.38 51.24
N ILE V 120 19.91 38.41 51.88
CA ILE V 120 20.75 37.23 52.11
C ILE V 120 21.08 36.89 53.58
N GLU V 121 21.12 35.59 53.81
CA GLU V 121 21.57 35.02 55.05
C GLU V 121 22.74 34.15 54.72
N LEU V 122 23.86 34.44 55.35
CA LEU V 122 25.07 33.71 55.09
C LEU V 122 25.63 33.02 56.32
N LYS V 123 25.98 31.77 56.14
CA LYS V 123 26.60 31.00 57.20
C LYS V 123 27.93 30.36 56.71
N GLY V 124 29.04 30.68 57.39
CA GLY V 124 30.40 30.18 57.05
C GLY V 124 30.97 29.27 58.15
N ILE V 125 31.41 28.07 57.76
CA ILE V 125 32.00 27.15 58.73
C ILE V 125 33.25 26.46 58.26
N ASP V 126 33.98 26.01 59.24
CA ASP V 126 35.18 25.27 59.04
C ASP V 126 36.28 26.04 58.43
N PHE V 127 36.33 27.31 58.70
CA PHE V 127 37.41 28.13 58.17
C PHE V 127 38.64 28.02 59.04
N LYS V 128 39.80 28.06 58.41
CA LYS V 128 41.06 27.99 59.15
C LYS V 128 41.44 29.35 59.64
N GLU V 129 41.66 29.41 60.93
CA GLU V 129 41.98 30.68 61.53
C GLU V 129 43.14 31.37 60.86
N ASP V 130 43.99 30.58 60.26
CA ASP V 130 45.21 31.06 59.60
C ASP V 130 45.22 30.84 58.06
N GLY V 131 44.05 30.59 57.46
CA GLY V 131 43.94 30.35 56.03
C GLY V 131 43.92 31.64 55.27
N ASN V 132 43.63 31.54 53.97
CA ASN V 132 43.61 32.77 53.18
C ASN V 132 42.45 33.70 53.48
N ILE V 133 41.34 33.14 53.99
CA ILE V 133 40.11 33.91 54.26
C ILE V 133 40.17 34.73 55.56
N LEU V 134 40.30 33.99 56.66
CA LEU V 134 40.36 34.61 57.96
C LEU V 134 41.64 35.35 58.12
N GLY V 135 42.67 34.86 57.46
CA GLY V 135 43.98 35.48 57.54
C GLY V 135 44.06 36.71 56.68
N HIS V 136 43.03 36.99 55.91
CA HIS V 136 43.05 38.18 55.05
C HIS V 136 44.27 38.28 54.07
N LYS V 137 44.46 37.23 53.29
CA LYS V 137 45.56 37.13 52.34
C LYS V 137 45.17 37.39 50.86
N LEU V 138 43.88 37.68 50.60
CA LEU V 138 43.36 37.89 49.24
C LEU V 138 43.61 39.28 48.76
N GLU V 139 44.04 39.46 47.50
CA GLU V 139 44.22 40.79 46.97
C GLU V 139 42.84 41.40 46.74
N TYR V 140 42.83 42.70 46.68
CA TYR V 140 41.61 43.45 46.47
C TYR V 140 41.37 43.69 45.01
N ASN V 141 40.96 42.67 44.35
CA ASN V 141 40.67 42.74 42.95
C ASN V 141 39.81 41.56 42.58
N TYR V 142 39.42 41.47 41.32
CA TYR V 142 38.57 40.41 40.91
C TYR V 142 38.80 40.01 39.43
N ASN V 143 38.59 38.74 39.09
CA ASN V 143 38.79 38.20 37.73
C ASN V 143 37.50 38.05 36.95
N SER V 144 37.59 37.60 35.65
CA SER V 144 36.42 37.35 34.78
C SER V 144 36.11 35.90 34.82
N HIS V 145 34.84 35.55 34.78
CA HIS V 145 34.48 34.17 34.87
C HIS V 145 33.38 33.85 33.93
N ASN V 146 33.16 32.57 33.76
CA ASN V 146 32.02 32.05 33.03
C ASN V 146 31.15 31.29 34.04
N VAL V 147 29.86 31.54 33.97
CA VAL V 147 28.87 30.96 34.85
C VAL V 147 27.96 30.09 34.03
N TYR V 148 27.96 28.80 34.34
CA TYR V 148 27.18 27.83 33.59
C TYR V 148 25.79 27.60 34.12
N ILE V 149 24.83 27.75 33.24
CA ILE V 149 23.45 27.58 33.59
C ILE V 149 22.77 26.47 32.90
N MSE V 150 21.93 25.78 33.65
CA MSE V 150 21.14 24.70 33.13
C MSE V 150 19.79 24.63 33.80
O MSE V 150 19.65 25.06 34.94
CB MSE V 150 21.85 23.40 33.30
CG MSE V 150 23.33 23.53 33.16
SE MSE V 150 24.21 21.99 33.84
CE MSE V 150 22.69 20.81 33.78
N ALA V 151 18.83 24.10 33.05
CA ALA V 151 17.48 23.99 33.51
C ALA V 151 17.27 22.87 34.53
N ASP V 152 16.32 23.08 35.39
CA ASP V 152 15.97 22.09 36.37
C ASP V 152 14.47 21.86 36.31
N LYS V 153 14.06 21.02 35.37
CA LYS V 153 12.65 20.79 35.19
C LYS V 153 11.90 20.24 36.42
N GLN V 154 12.61 19.58 37.33
CA GLN V 154 11.97 19.00 38.53
C GLN V 154 11.57 20.04 39.60
N LYS V 155 12.39 21.09 39.71
CA LYS V 155 12.13 22.13 40.66
C LYS V 155 11.64 23.38 39.97
N ASN V 156 11.47 23.31 38.63
CA ASN V 156 11.02 24.47 37.87
C ASN V 156 11.98 25.62 38.10
N GLY V 157 13.28 25.27 38.08
CA GLY V 157 14.31 26.23 38.32
C GLY V 157 15.49 25.94 37.47
N ILE V 158 16.61 26.48 37.90
CA ILE V 158 17.82 26.29 37.20
C ILE V 158 18.89 25.90 38.17
N LYS V 159 19.90 25.24 37.67
CA LYS V 159 21.04 24.85 38.45
C LYS V 159 22.19 25.60 37.84
N VAL V 160 23.08 26.12 38.66
CA VAL V 160 24.18 26.90 38.18
C VAL V 160 25.46 26.46 38.86
N ASN V 161 26.55 26.39 38.09
CA ASN V 161 27.82 26.01 38.63
C ASN V 161 28.96 26.83 38.01
N PHE V 162 30.01 27.03 38.80
CA PHE V 162 31.18 27.79 38.36
C PHE V 162 32.22 27.85 39.43
N LYS V 163 33.44 28.29 39.06
CA LYS V 163 34.55 28.45 39.98
C LYS V 163 35.09 29.84 39.89
N ILE V 164 35.35 30.41 41.03
CA ILE V 164 35.91 31.70 41.12
C ILE V 164 37.32 31.52 41.49
N ARG V 165 38.14 32.37 40.92
CA ARG V 165 39.54 32.41 41.19
C ARG V 165 39.93 33.71 41.90
N HIS V 166 40.34 33.58 43.17
CA HIS V 166 40.77 34.73 43.97
C HIS V 166 42.28 34.79 44.03
N ASN V 167 42.83 35.91 43.66
CA ASN V 167 44.24 36.07 43.71
C ASN V 167 44.70 36.25 45.14
N ILE V 168 45.78 35.54 45.52
CA ILE V 168 46.40 35.69 46.83
C ILE V 168 47.60 36.61 46.72
N GLU V 169 47.85 37.37 47.74
CA GLU V 169 48.90 38.36 47.77
C GLU V 169 50.28 37.84 47.40
N ASP V 170 50.50 36.54 47.50
CA ASP V 170 51.80 35.95 47.17
C ASP V 170 51.92 35.53 45.71
N GLY V 171 50.92 35.85 44.93
CA GLY V 171 50.96 35.49 43.53
C GLY V 171 50.18 34.24 43.23
N SER V 172 49.78 33.51 44.30
CA SER V 172 49.04 32.28 44.11
C SER V 172 47.53 32.49 43.88
N VAL V 173 46.77 31.39 43.95
CA VAL V 173 45.32 31.45 43.72
C VAL V 173 44.47 30.70 44.74
N GLN V 174 43.33 31.29 45.10
CA GLN V 174 42.34 30.65 45.98
C GLN V 174 41.09 30.30 45.21
N LEU V 175 40.82 29.01 45.07
CA LEU V 175 39.68 28.56 44.34
C LEU V 175 38.43 28.52 45.19
N ALA V 176 37.33 28.91 44.58
CA ALA V 176 36.04 28.89 45.23
C ALA V 176 34.96 28.29 44.33
N ASP V 177 34.65 27.03 44.59
CA ASP V 177 33.66 26.27 43.86
C ASP V 177 32.26 26.64 44.25
N HIS V 178 31.49 27.08 43.29
CA HIS V 178 30.12 27.49 43.54
C HIS V 178 29.09 26.52 43.04
N TYR V 179 28.13 26.16 43.91
CA TYR V 179 27.00 25.30 43.55
C TYR V 179 25.76 26.06 43.86
N GLN V 180 24.89 26.21 42.87
CA GLN V 180 23.76 27.08 43.05
C GLN V 180 22.46 26.55 42.49
N GLN V 181 21.37 26.88 43.20
CA GLN V 181 19.98 26.58 42.78
C GLN V 181 19.08 27.81 42.94
N ASN V 182 18.24 28.00 41.95
CA ASN V 182 17.27 29.09 41.92
C ASN V 182 15.89 28.53 41.64
N THR V 183 14.96 29.00 42.41
CA THR V 183 13.58 28.58 42.26
C THR V 183 12.68 29.75 42.42
N PRO V 184 11.61 29.74 41.63
CA PRO V 184 10.67 30.84 41.63
C PRO V 184 9.93 30.96 42.94
N ILE V 185 9.57 32.16 43.27
CA ILE V 185 8.78 32.42 44.49
C ILE V 185 7.29 32.34 44.12
N GLY V 186 6.91 32.98 43.02
CA GLY V 186 5.53 32.92 42.56
C GLY V 186 5.17 31.57 41.93
N ASP V 187 3.92 31.42 41.58
CA ASP V 187 3.40 30.18 40.98
C ASP V 187 3.22 30.36 39.48
N GLY V 188 3.45 31.60 39.03
CA GLY V 188 3.33 31.98 37.63
C GLY V 188 4.38 31.28 36.77
N PRO V 189 4.23 31.38 35.44
CA PRO V 189 5.17 30.74 34.52
C PRO V 189 6.56 31.43 34.43
N VAL V 190 7.59 30.62 34.28
CA VAL V 190 8.95 31.08 34.14
C VAL V 190 9.56 30.44 32.92
N LEU V 191 10.64 31.03 32.47
CA LEU V 191 11.35 30.58 31.31
C LEU V 191 12.47 29.60 31.70
N LEU V 192 12.38 28.35 31.29
CA LEU V 192 13.46 27.42 31.55
C LEU V 192 14.36 27.40 30.33
N PRO V 193 15.62 27.66 30.59
CA PRO V 193 16.63 27.83 29.54
C PRO V 193 17.29 26.57 29.04
N ASP V 194 17.91 26.69 27.88
CA ASP V 194 18.81 25.68 27.39
C ASP V 194 20.18 26.06 27.94
N ASN V 195 21.10 25.09 28.03
CA ASN V 195 22.41 25.33 28.56
C ASN V 195 23.05 26.51 27.95
N HIS V 196 23.60 27.35 28.77
CA HIS V 196 24.24 28.53 28.29
C HIS V 196 25.08 29.07 29.39
N TYR V 197 25.72 30.21 29.19
CA TYR V 197 26.53 30.77 30.24
C TYR V 197 26.59 32.27 30.23
N LEU V 198 27.02 32.81 31.36
CA LEU V 198 27.19 34.22 31.57
C LEU V 198 28.66 34.51 31.71
N SER V 199 29.09 35.58 31.06
CA SER V 199 30.45 36.02 31.07
C SER V 199 30.53 37.28 31.92
N THR V 200 31.38 37.25 32.94
CA THR V 200 31.42 38.32 33.90
C THR V 200 32.72 39.03 33.96
N GLN V 201 32.62 40.29 34.33
CA GLN V 201 33.77 41.11 34.60
C GLN V 201 33.45 42.12 35.71
N SER V 202 34.39 42.31 36.64
CA SER V 202 34.17 43.21 37.78
C SER V 202 35.41 43.97 38.18
N ALA V 203 35.20 45.19 38.58
CA ALA V 203 36.25 46.06 39.09
C ALA V 203 35.89 46.53 40.52
N LEU V 204 36.85 46.41 41.44
CA LEU V 204 36.69 46.83 42.82
C LEU V 204 37.42 48.09 43.06
N SER V 205 36.80 48.98 43.81
CA SER V 205 37.44 50.23 44.15
C SER V 205 37.06 50.67 45.58
N LYS V 206 37.61 51.80 46.01
CA LYS V 206 37.32 52.36 47.32
C LYS V 206 36.88 53.81 47.19
N ASP V 207 36.04 54.28 48.14
CA ASP V 207 35.59 55.66 48.23
C ASP V 207 36.53 56.39 49.19
N PRO V 208 37.41 57.20 48.63
CA PRO V 208 38.44 57.89 49.38
C PRO V 208 37.93 58.69 50.59
N ASN V 209 36.67 59.13 50.52
CA ASN V 209 36.08 59.92 51.58
C ASN V 209 35.23 59.11 52.54
N GLU V 210 35.31 57.79 52.41
CA GLU V 210 34.53 56.90 53.22
C GLU V 210 35.36 56.28 54.36
N LYS V 211 35.00 56.53 55.59
CA LYS V 211 35.76 55.95 56.71
C LYS V 211 35.27 54.60 57.15
N ARG V 212 34.05 54.26 56.81
CA ARG V 212 33.62 52.94 57.22
C ARG V 212 34.27 51.87 56.35
N ASP V 213 34.20 50.62 56.76
CA ASP V 213 34.72 49.50 55.94
C ASP V 213 33.71 49.30 54.79
N HIS V 214 34.20 49.35 53.57
CA HIS V 214 33.29 49.25 52.46
C HIS V 214 33.98 48.77 51.18
N MSE V 215 33.17 48.57 50.16
CA MSE V 215 33.65 48.22 48.86
C MSE V 215 32.79 48.88 47.82
O MSE V 215 31.55 48.89 47.94
CB MSE V 215 33.62 46.69 48.62
CG MSE V 215 33.59 46.22 47.18
SE MSE V 215 33.70 44.29 46.96
CE MSE V 215 31.91 43.72 47.40
N VAL V 216 33.45 49.40 46.77
CA VAL V 216 32.77 49.94 45.61
C VAL V 216 32.93 48.93 44.47
N LEU V 217 31.83 48.62 43.79
CA LEU V 217 31.79 47.59 42.77
C LEU V 217 31.13 48.03 41.47
N LEU V 218 31.85 47.73 40.34
CA LEU V 218 31.38 47.95 38.94
C LEU V 218 31.46 46.61 38.21
N GLU V 219 30.39 46.19 37.61
CA GLU V 219 30.36 44.89 37.03
C GLU V 219 29.49 44.86 35.79
N PHE V 220 29.95 44.07 34.83
CA PHE V 220 29.30 43.86 33.55
C PHE V 220 29.08 42.38 33.33
N VAL V 221 27.89 42.04 32.86
CA VAL V 221 27.57 40.67 32.66
C VAL V 221 26.70 40.48 31.43
N THR V 222 27.13 39.59 30.57
CA THR V 222 26.37 39.28 29.39
C THR V 222 26.27 37.79 29.12
N ALA V 223 25.12 37.39 28.65
CA ALA V 223 24.83 35.97 28.37
C ALA V 223 25.39 35.57 27.00
N ALA V 224 25.76 34.33 26.89
CA ALA V 224 26.30 33.83 25.64
C ALA V 224 26.16 32.33 25.52
N GLY V 225 26.72 31.80 24.45
CA GLY V 225 26.80 30.37 24.25
C GLY V 225 25.71 29.77 23.45
N ILE V 226 24.90 30.64 22.84
CA ILE V 226 23.80 30.21 22.00
C ILE V 226 23.81 31.03 20.71
N SER W 1 -45.72 -3.22 -20.43
CA SER W 1 -46.58 -2.09 -20.07
C SER W 1 -48.06 -2.40 -20.17
N LYS W 2 -48.81 -1.32 -20.00
CA LYS W 2 -50.28 -1.29 -20.01
C LYS W 2 -50.94 -1.70 -21.35
N GLY W 3 -50.87 -0.77 -22.29
CA GLY W 3 -51.51 -0.90 -23.58
C GLY W 3 -51.02 -2.05 -24.43
N GLU W 4 -49.73 -2.38 -24.31
CA GLU W 4 -49.09 -3.42 -25.14
C GLU W 4 -50.05 -4.54 -25.54
N GLU W 5 -50.59 -5.18 -24.52
CA GLU W 5 -51.54 -6.27 -24.63
C GLU W 5 -52.82 -5.93 -25.43
N LEU W 6 -53.15 -4.63 -25.50
CA LEU W 6 -54.35 -4.20 -26.23
C LEU W 6 -54.18 -4.25 -27.73
N PHE W 7 -52.92 -4.29 -28.15
CA PHE W 7 -52.59 -4.20 -29.58
C PHE W 7 -52.14 -5.49 -30.26
N THR W 8 -52.24 -6.53 -29.51
CA THR W 8 -51.86 -7.84 -29.89
C THR W 8 -52.62 -8.40 -31.11
N GLY W 9 -53.74 -7.80 -31.51
CA GLY W 9 -54.44 -8.27 -32.69
C GLY W 9 -54.98 -7.10 -33.51
N VAL W 10 -55.85 -7.40 -34.45
CA VAL W 10 -56.51 -6.36 -35.23
C VAL W 10 -57.50 -5.58 -34.32
N VAL W 11 -57.37 -4.24 -34.31
CA VAL W 11 -58.23 -3.35 -33.53
C VAL W 11 -59.06 -2.44 -34.48
N PRO W 12 -60.38 -2.38 -34.29
CA PRO W 12 -61.18 -1.49 -35.11
C PRO W 12 -60.89 -0.02 -34.74
N ILE W 13 -60.89 0.83 -35.74
CA ILE W 13 -60.61 2.24 -35.54
C ILE W 13 -61.77 3.12 -35.99
N LEU W 14 -62.04 4.14 -35.20
CA LEU W 14 -63.05 5.10 -35.52
C LEU W 14 -62.39 6.48 -35.50
N VAL W 15 -62.59 7.24 -36.57
CA VAL W 15 -62.03 8.59 -36.69
C VAL W 15 -63.17 9.62 -36.91
N GLU W 16 -63.16 10.66 -36.07
CA GLU W 16 -64.11 11.74 -36.14
C GLU W 16 -63.39 13.07 -36.17
N LEU W 17 -63.65 13.86 -37.22
CA LEU W 17 -63.03 15.20 -37.33
C LEU W 17 -64.03 16.32 -37.57
N ASP W 18 -63.84 17.41 -36.83
CA ASP W 18 -64.61 18.63 -36.99
C ASP W 18 -63.64 19.72 -37.41
N GLY W 19 -63.83 20.29 -38.58
CA GLY W 19 -62.89 21.33 -38.96
C GLY W 19 -63.48 22.61 -39.51
N ASP W 20 -62.65 23.63 -39.45
CA ASP W 20 -62.93 24.94 -39.95
C ASP W 20 -61.64 25.49 -40.51
N VAL W 21 -61.65 25.69 -41.81
CA VAL W 21 -60.49 26.26 -42.50
C VAL W 21 -60.88 27.57 -43.21
N ASN W 22 -60.42 28.70 -42.65
CA ASN W 22 -60.75 30.01 -43.23
C ASN W 22 -62.27 30.20 -43.35
N GLY W 23 -63.00 29.77 -42.32
CA GLY W 23 -64.44 29.91 -42.36
C GLY W 23 -65.19 28.81 -43.08
N HIS W 24 -64.49 27.90 -43.76
CA HIS W 24 -65.17 26.77 -44.42
C HIS W 24 -65.26 25.61 -43.43
N LYS W 25 -66.46 25.32 -42.98
CA LYS W 25 -66.67 24.28 -41.99
C LYS W 25 -66.91 22.93 -42.61
N PHE W 26 -66.39 21.90 -41.96
CA PHE W 26 -66.61 20.56 -42.49
C PHE W 26 -66.45 19.49 -41.43
N SER W 27 -66.94 18.29 -41.78
CA SER W 27 -66.86 17.14 -40.89
C SER W 27 -66.43 15.89 -41.67
N VAL W 28 -65.60 15.08 -41.03
CA VAL W 28 -65.16 13.83 -41.61
C VAL W 28 -65.31 12.65 -40.65
N SER W 29 -65.75 11.55 -41.21
CA SER W 29 -65.84 10.29 -40.49
C SER W 29 -64.94 9.22 -41.16
N GLY W 30 -64.23 8.47 -40.34
CA GLY W 30 -63.45 7.39 -40.88
C GLY W 30 -63.57 6.12 -40.04
N GLU W 31 -63.45 5.01 -40.70
CA GLU W 31 -63.48 3.70 -40.06
C GLU W 31 -62.44 2.78 -40.71
N GLY W 32 -61.97 1.82 -39.96
CA GLY W 32 -61.06 0.82 -40.51
C GLY W 32 -60.47 0.00 -39.41
N GLU W 33 -59.26 -0.50 -39.64
CA GLU W 33 -58.61 -1.28 -38.63
C GLU W 33 -57.11 -1.11 -38.66
N GLY W 34 -56.48 -1.45 -37.56
CA GLY W 34 -55.04 -1.34 -37.42
C GLY W 34 -54.51 -2.65 -36.85
N ASP W 35 -53.29 -2.99 -37.19
CA ASP W 35 -52.65 -4.19 -36.69
C ASP W 35 -51.21 -3.84 -36.43
N ALA W 36 -50.95 -3.44 -35.19
CA ALA W 36 -49.66 -2.99 -34.77
C ALA W 36 -48.58 -4.07 -34.95
N THR W 37 -48.99 -5.32 -35.11
CA THR W 37 -48.02 -6.41 -35.30
C THR W 37 -47.20 -6.22 -36.56
N TYR W 38 -47.86 -5.66 -37.58
CA TYR W 38 -47.26 -5.34 -38.84
C TYR W 38 -47.15 -3.82 -39.05
N GLY W 39 -47.47 -3.02 -38.02
CA GLY W 39 -47.48 -1.56 -38.12
C GLY W 39 -48.41 -1.11 -39.27
N LYS W 40 -49.48 -1.88 -39.49
CA LYS W 40 -50.35 -1.64 -40.58
C LYS W 40 -51.70 -0.97 -40.20
N LEU W 41 -52.13 -0.01 -41.06
CA LEU W 41 -53.41 0.72 -40.91
C LEU W 41 -54.21 0.68 -42.20
N THR W 42 -55.52 0.39 -42.14
CA THR W 42 -56.38 0.41 -43.33
C THR W 42 -57.62 1.22 -43.02
N LEU W 43 -57.84 2.36 -43.72
CA LEU W 43 -58.94 3.26 -43.38
C LEU W 43 -59.66 3.83 -44.59
N LYS W 44 -60.93 4.20 -44.39
CA LYS W 44 -61.72 4.89 -45.37
C LYS W 44 -62.37 6.10 -44.69
N PHE W 45 -62.16 7.26 -45.27
CA PHE W 45 -62.69 8.51 -44.76
C PHE W 45 -63.71 9.03 -45.69
N ILE W 46 -64.75 9.63 -45.12
CA ILE W 46 -65.87 10.16 -45.89
C ILE W 46 -66.21 11.56 -45.42
N CYS W 47 -66.34 12.50 -46.34
CA CYS W 47 -66.65 13.85 -45.91
C CYS W 47 -68.13 13.90 -45.73
N THR W 48 -68.57 14.02 -44.48
CA THR W 48 -70.00 13.97 -44.18
C THR W 48 -70.78 15.23 -44.46
N THR W 49 -70.10 16.35 -44.46
CA THR W 49 -70.77 17.61 -44.73
C THR W 49 -70.80 17.94 -46.21
N GLY W 50 -70.33 16.98 -47.06
CA GLY W 50 -70.30 17.18 -48.51
C GLY W 50 -68.85 17.16 -49.11
N LYS W 51 -68.51 18.23 -49.85
CA LYS W 51 -67.20 18.36 -50.50
C LYS W 51 -66.11 18.88 -49.56
N LEU W 52 -65.02 18.12 -49.45
CA LEU W 52 -63.94 18.57 -48.60
C LEU W 52 -63.36 19.88 -49.18
N PRO W 53 -63.22 20.89 -48.37
CA PRO W 53 -62.73 22.21 -48.78
C PRO W 53 -61.23 22.35 -48.95
N VAL W 54 -60.49 21.36 -48.47
CA VAL W 54 -59.04 21.31 -48.62
C VAL W 54 -58.73 20.02 -49.24
N PRO W 55 -57.50 19.83 -49.64
CA PRO W 55 -57.16 18.56 -50.26
C PRO W 55 -57.00 17.42 -49.24
N TRP W 56 -57.47 16.23 -49.62
CA TRP W 56 -57.36 15.06 -48.74
C TRP W 56 -55.96 14.83 -48.13
N PRO W 57 -54.92 14.88 -48.96
CA PRO W 57 -53.60 14.66 -48.45
C PRO W 57 -53.21 15.54 -47.33
N THR W 58 -53.76 16.76 -47.27
CA THR W 58 -53.37 17.61 -46.19
C THR W 58 -53.83 17.10 -44.81
N LEU W 59 -54.79 16.21 -44.79
CA LEU W 59 -55.35 15.73 -43.52
C LEU W 59 -54.76 14.40 -43.01
N VAL W 60 -53.94 13.75 -43.82
CA VAL W 60 -53.41 12.42 -43.44
C VAL W 60 -52.82 12.31 -42.06
N THR W 61 -51.91 13.21 -41.76
CA THR W 61 -51.23 13.18 -40.50
C THR W 61 -52.14 13.38 -39.31
N THR W 62 -53.19 14.12 -39.57
CA THR W 62 -54.19 14.41 -38.53
C THR W 62 -55.05 13.17 -38.23
N PHE W 63 -55.50 12.53 -39.29
CA PHE W 63 -56.30 11.37 -39.13
C PHE W 63 -55.48 10.22 -38.58
N1 CRO W 64 -54.26 10.04 -39.09
CA1 CRO W 64 -53.42 8.93 -38.63
CB1 CRO W 64 -53.24 7.89 -39.75
CG1 CRO W 64 -54.56 7.28 -40.14
OG1 CRO W 64 -52.63 8.49 -40.87
C1 CRO W 64 -52.13 9.60 -38.19
N2 CRO W 64 -50.97 9.73 -38.94
N3 CRO W 64 -51.92 10.13 -36.97
C2 CRO W 64 -50.72 10.80 -36.86
O2 CRO W 64 -50.16 11.23 -35.90
CA2 CRO W 64 -50.07 10.49 -38.16
CA3 CRO W 64 -53.00 10.32 -36.03
C3 CRO W 64 -53.14 9.28 -34.95
O3 CRO W 64 -53.52 9.63 -33.85
CB2 CRO W 64 -48.79 10.76 -38.45
CG2 CRO W 64 -48.13 10.62 -39.79
CD1 CRO W 64 -48.75 9.96 -40.86
CD2 CRO W 64 -46.77 11.14 -39.93
CE1 CRO W 64 -48.00 9.75 -42.08
CE2 CRO W 64 -46.07 10.95 -41.13
CZ CRO W 64 -46.68 10.28 -42.20
OH CRO W 64 -45.93 10.12 -43.47
N VAL W 65 -52.86 8.02 -35.28
CA VAL W 65 -53.00 6.97 -34.29
C VAL W 65 -51.70 6.13 -34.23
N GLN W 66 -50.67 6.81 -33.77
CA GLN W 66 -49.40 6.33 -33.61
C GLN W 66 -49.16 5.13 -32.73
N CYS W 67 -50.18 4.74 -31.99
CA CYS W 67 -50.10 3.58 -31.16
C CYS W 67 -50.12 2.30 -32.05
N PHE W 68 -50.40 2.47 -33.36
CA PHE W 68 -50.41 1.35 -34.31
C PHE W 68 -49.05 1.14 -35.02
N SER W 69 -48.05 1.84 -34.57
CA SER W 69 -46.73 1.73 -35.12
C SER W 69 -46.11 0.40 -34.66
N ARG W 70 -45.35 -0.25 -35.55
CA ARG W 70 -44.71 -1.45 -35.11
C ARG W 70 -43.43 -1.11 -34.37
N TYR W 71 -43.32 -1.51 -33.10
CA TYR W 71 -42.10 -1.30 -32.36
C TYR W 71 -41.33 -2.63 -32.29
N PRO W 72 -40.12 -2.65 -32.76
CA PRO W 72 -39.35 -3.88 -32.66
C PRO W 72 -39.16 -4.29 -31.19
N ASP W 73 -39.03 -5.60 -30.98
CA ASP W 73 -38.86 -6.13 -29.66
C ASP W 73 -37.85 -5.38 -28.85
N HIS W 74 -36.74 -5.07 -29.44
CA HIS W 74 -35.76 -4.41 -28.64
C HIS W 74 -36.07 -2.99 -28.34
N MSE W 75 -37.10 -2.45 -28.95
CA MSE W 75 -37.44 -1.06 -28.68
C MSE W 75 -38.77 -0.88 -27.93
O MSE W 75 -39.27 0.23 -27.81
CB MSE W 75 -37.51 -0.33 -29.98
CG MSE W 75 -36.20 0.11 -30.56
SE MSE W 75 -36.40 0.95 -32.28
CE MSE W 75 -36.71 2.73 -31.62
N LYS W 76 -39.36 -1.96 -27.46
CA LYS W 76 -40.64 -1.90 -26.77
C LYS W 76 -40.69 -0.92 -25.59
N ARG W 77 -39.56 -0.73 -24.94
CA ARG W 77 -39.53 0.16 -23.80
C ARG W 77 -39.67 1.61 -24.18
N HIS W 78 -39.68 1.92 -25.50
CA HIS W 78 -39.74 3.33 -25.92
C HIS W 78 -41.09 3.70 -26.49
N ASP W 79 -42.04 2.76 -26.40
CA ASP W 79 -43.33 2.91 -27.00
C ASP W 79 -44.32 3.66 -26.12
N PHE W 80 -44.21 4.99 -26.11
CA PHE W 80 -45.08 5.83 -25.30
C PHE W 80 -46.55 5.63 -25.63
N PHE W 81 -46.82 5.58 -26.96
CA PHE W 81 -48.16 5.48 -27.50
C PHE W 81 -49.03 4.40 -26.87
N LYS W 82 -48.52 3.19 -26.88
CA LYS W 82 -49.23 2.08 -26.33
C LYS W 82 -49.29 2.12 -24.78
N SER W 83 -48.24 2.69 -24.14
CA SER W 83 -48.18 2.75 -22.69
C SER W 83 -49.25 3.64 -22.10
N ALA W 84 -49.77 4.55 -22.90
CA ALA W 84 -50.79 5.46 -22.42
C ALA W 84 -52.21 4.87 -22.48
N MSE W 85 -52.35 3.67 -23.05
CA MSE W 85 -53.64 3.02 -23.22
C MSE W 85 -54.04 2.14 -22.02
O MSE W 85 -53.20 1.68 -21.28
CB MSE W 85 -53.54 2.18 -24.48
CG MSE W 85 -53.27 3.01 -25.72
SE MSE W 85 -54.77 4.22 -26.17
CE MSE W 85 -53.80 5.73 -26.83
N PRO W 86 -55.35 1.91 -21.79
CA PRO W 86 -56.47 2.36 -22.60
C PRO W 86 -56.94 3.82 -22.38
N GLU W 87 -56.53 4.46 -21.27
CA GLU W 87 -56.95 5.85 -20.96
C GLU W 87 -56.65 6.83 -22.09
N GLY W 88 -55.56 6.61 -22.80
CA GLY W 88 -55.28 7.42 -23.98
C GLY W 88 -54.40 8.62 -23.77
N TYR W 89 -54.33 9.42 -24.84
CA TYR W 89 -53.52 10.61 -24.80
C TYR W 89 -54.11 11.70 -25.62
N VAL W 90 -53.65 12.91 -25.29
CA VAL W 90 -53.99 14.11 -26.02
C VAL W 90 -52.83 14.40 -26.97
N GLN W 91 -53.17 14.66 -28.19
CA GLN W 91 -52.20 14.95 -29.21
C GLN W 91 -52.53 16.31 -29.77
N GLU W 92 -51.59 17.25 -29.64
CA GLU W 92 -51.81 18.56 -30.19
C GLU W 92 -50.76 18.91 -31.21
N ARG W 93 -51.15 19.67 -32.22
CA ARG W 93 -50.21 20.10 -33.22
C ARG W 93 -50.44 21.47 -33.74
N THR W 94 -49.39 21.98 -34.34
CA THR W 94 -49.45 23.10 -35.20
C THR W 94 -48.76 22.68 -36.48
N ILE W 95 -49.40 22.87 -37.61
CA ILE W 95 -48.84 22.51 -38.91
C ILE W 95 -48.69 23.75 -39.78
N PHE W 96 -47.45 24.10 -40.11
CA PHE W 96 -47.21 25.28 -40.91
C PHE W 96 -47.04 24.96 -42.35
N PHE W 97 -47.93 25.46 -43.21
CA PHE W 97 -47.73 25.25 -44.63
C PHE W 97 -46.83 26.33 -45.15
N LYS W 98 -45.75 25.93 -45.80
CA LYS W 98 -44.80 26.91 -46.26
C LYS W 98 -45.44 27.91 -47.20
N ASP W 99 -45.25 29.19 -46.91
CA ASP W 99 -45.81 30.27 -47.72
C ASP W 99 -47.32 30.22 -47.82
N ASP W 100 -47.96 29.66 -46.80
CA ASP W 100 -49.40 29.53 -46.76
C ASP W 100 -49.92 29.55 -45.33
N GLY W 101 -51.16 29.06 -45.10
CA GLY W 101 -51.75 29.08 -43.74
C GLY W 101 -51.24 27.98 -42.83
N ASN W 102 -51.82 27.91 -41.63
CA ASN W 102 -51.47 26.86 -40.69
C ASN W 102 -52.70 26.13 -40.13
N TYR W 103 -52.48 24.91 -39.65
CA TYR W 103 -53.50 24.12 -39.01
C TYR W 103 -53.15 23.97 -37.55
N LYS W 104 -54.18 24.07 -36.72
CA LYS W 104 -54.04 23.85 -35.29
C LYS W 104 -54.99 22.72 -34.95
N THR W 105 -54.46 21.68 -34.35
CA THR W 105 -55.28 20.53 -34.07
C THR W 105 -55.18 20.10 -32.63
N ARG W 106 -56.27 19.51 -32.17
CA ARG W 106 -56.32 18.94 -30.87
C ARG W 106 -57.14 17.68 -30.91
N ALA W 107 -56.60 16.61 -30.39
CA ALA W 107 -57.34 15.37 -30.45
C ALA W 107 -57.16 14.53 -29.22
N GLU W 108 -58.10 13.63 -29.03
CA GLU W 108 -58.04 12.68 -27.96
C GLU W 108 -58.03 11.32 -28.56
N VAL W 109 -57.03 10.49 -28.21
CA VAL W 109 -57.05 9.15 -28.72
C VAL W 109 -57.06 8.17 -27.60
N LYS W 110 -58.05 7.33 -27.65
CA LYS W 110 -58.23 6.39 -26.58
C LYS W 110 -59.22 5.34 -26.98
N PHE W 111 -59.40 4.35 -26.12
CA PHE W 111 -60.33 3.27 -26.36
C PHE W 111 -61.74 3.56 -25.82
N GLU W 112 -62.73 3.22 -26.59
CA GLU W 112 -64.14 3.28 -26.19
C GLU W 112 -64.59 1.87 -26.33
N GLY W 113 -64.55 1.12 -25.26
CA GLY W 113 -64.91 -0.26 -25.44
C GLY W 113 -63.73 -0.92 -26.16
N ASP W 114 -63.99 -1.59 -27.22
CA ASP W 114 -62.87 -2.22 -27.89
C ASP W 114 -62.39 -1.55 -29.17
N THR W 115 -62.93 -0.38 -29.40
CA THR W 115 -62.63 0.44 -30.56
C THR W 115 -61.69 1.54 -30.20
N LEU W 116 -60.71 1.75 -31.04
CA LEU W 116 -59.74 2.81 -30.82
C LEU W 116 -60.30 4.03 -31.52
N VAL W 117 -60.47 5.11 -30.72
CA VAL W 117 -61.08 6.35 -31.18
C VAL W 117 -60.11 7.52 -31.26
N ASN W 118 -60.17 8.22 -32.37
CA ASN W 118 -59.38 9.42 -32.58
C ASN W 118 -60.35 10.57 -32.84
N ARG W 119 -60.54 11.42 -31.86
CA ARG W 119 -61.46 12.55 -31.97
C ARG W 119 -60.68 13.85 -32.07
N ILE W 120 -60.85 14.54 -33.20
CA ILE W 120 -60.11 15.73 -33.54
C ILE W 120 -60.94 17.01 -33.82
N GLU W 121 -60.36 18.11 -33.39
CA GLU W 121 -60.85 19.43 -33.67
C GLU W 121 -59.76 20.15 -34.42
N LEU W 122 -60.09 20.60 -35.60
CA LEU W 122 -59.14 21.28 -36.44
C LEU W 122 -59.50 22.70 -36.78
N LYS W 123 -58.56 23.59 -36.63
CA LYS W 123 -58.74 24.98 -36.99
C LYS W 123 -57.62 25.46 -37.95
N GLY W 124 -58.01 25.93 -39.15
CA GLY W 124 -57.08 26.41 -40.20
C GLY W 124 -57.23 27.91 -40.45
N ILE W 125 -56.11 28.65 -40.39
CA ILE W 125 -56.16 30.09 -40.67
C ILE W 125 -55.05 30.59 -41.54
N ASP W 126 -55.32 31.74 -42.11
CA ASP W 126 -54.41 32.44 -42.93
C ASP W 126 -54.06 31.75 -44.19
N PHE W 127 -54.99 31.01 -44.73
CA PHE W 127 -54.74 30.34 -46.00
C PHE W 127 -55.00 31.29 -47.16
N LYS W 128 -54.21 31.13 -48.21
CA LYS W 128 -54.38 31.97 -49.40
C LYS W 128 -55.42 31.40 -50.29
N GLU W 129 -56.39 32.22 -50.61
CA GLU W 129 -57.49 31.76 -51.41
C GLU W 129 -57.04 31.12 -52.69
N ASP W 130 -55.87 31.51 -53.14
CA ASP W 130 -55.30 31.03 -54.41
C ASP W 130 -53.99 30.22 -54.24
N GLY W 131 -53.72 29.74 -53.01
CA GLY W 131 -52.52 28.97 -52.74
C GLY W 131 -52.68 27.53 -53.14
N ASN W 132 -51.72 26.70 -52.76
CA ASN W 132 -51.82 25.30 -53.13
C ASN W 132 -52.94 24.53 -52.42
N ILE W 133 -53.31 24.98 -51.22
CA ILE W 133 -54.31 24.30 -50.39
C ILE W 133 -55.76 24.55 -50.83
N LEU W 134 -56.14 25.81 -50.75
CA LEU W 134 -57.47 26.23 -51.13
C LEU W 134 -57.66 26.10 -52.59
N GLY W 135 -56.58 26.28 -53.33
CA GLY W 135 -56.62 26.19 -54.76
C GLY W 135 -56.64 24.77 -55.24
N HIS W 136 -56.51 23.82 -54.34
CA HIS W 136 -56.53 22.41 -54.75
C HIS W 136 -55.49 22.02 -55.85
N LYS W 137 -54.23 22.32 -55.58
CA LYS W 137 -53.14 22.06 -56.51
C LYS W 137 -52.26 20.83 -56.14
N LEU W 138 -52.61 20.14 -55.04
CA LEU W 138 -51.83 18.98 -54.54
C LEU W 138 -52.19 17.72 -55.26
N GLU W 139 -51.20 16.90 -55.63
CA GLU W 139 -51.51 15.64 -56.26
C GLU W 139 -52.08 14.70 -55.20
N TYR W 140 -52.79 13.70 -55.67
CA TYR W 140 -53.41 12.73 -54.80
C TYR W 140 -52.50 11.57 -54.58
N ASN W 141 -51.52 11.79 -53.77
CA ASN W 141 -50.57 10.77 -53.43
C ASN W 141 -49.85 11.18 -52.17
N TYR W 142 -48.95 10.34 -51.70
CA TYR W 142 -48.26 10.65 -50.48
C TYR W 142 -46.83 10.05 -50.44
N ASN W 143 -45.90 10.72 -49.76
CA ASN W 143 -44.49 10.28 -49.66
C ASN W 143 -44.18 9.57 -48.35
N SER W 144 -42.90 9.09 -48.18
CA SER W 144 -42.42 8.43 -46.95
C SER W 144 -41.71 9.44 -46.13
N HIS W 145 -41.83 9.35 -44.81
CA HIS W 145 -41.21 10.33 -43.98
C HIS W 145 -40.63 9.70 -42.77
N ASN W 146 -39.82 10.46 -42.09
CA ASN W 146 -39.29 10.10 -40.79
C ASN W 146 -39.87 11.07 -39.77
N VAL W 147 -40.34 10.53 -38.67
CA VAL W 147 -40.95 11.27 -37.59
C VAL W 147 -40.09 11.16 -36.38
N TYR W 148 -39.58 12.29 -35.91
CA TYR W 148 -38.67 12.33 -34.79
C TYR W 148 -39.34 12.49 -33.45
N ILE W 149 -39.02 11.58 -32.54
CA ILE W 149 -39.59 11.59 -31.23
C ILE W 149 -38.62 11.79 -30.14
N MSE W 150 -39.03 12.58 -29.16
CA MSE W 150 -38.23 12.82 -27.99
C MSE W 150 -39.10 12.98 -26.76
O MSE W 150 -40.26 13.37 -26.86
CB MSE W 150 -37.42 14.07 -28.19
CG MSE W 150 -36.96 14.25 -29.59
SE MSE W 150 -36.34 16.02 -29.89
CE MSE W 150 -36.06 16.46 -28.03
N ALA W 151 -38.50 12.65 -25.62
CA ALA W 151 -39.16 12.70 -24.36
C ALA W 151 -39.35 14.10 -23.83
N ASP W 152 -40.42 14.28 -23.08
CA ASP W 152 -40.69 15.54 -22.45
C ASP W 152 -40.95 15.29 -20.98
N LYS W 153 -39.87 15.21 -20.21
CA LYS W 153 -39.99 14.92 -18.82
C LYS W 153 -40.82 15.92 -17.99
N GLN W 154 -40.94 17.16 -18.46
CA GLN W 154 -41.71 18.17 -17.74
C GLN W 154 -43.25 18.00 -17.84
N LYS W 155 -43.70 17.53 -18.98
CA LYS W 155 -45.11 17.31 -19.20
C LYS W 155 -45.43 15.83 -19.16
N ASN W 156 -44.42 14.98 -18.89
CA ASN W 156 -44.64 13.54 -18.85
C ASN W 156 -45.20 13.09 -20.19
N GLY W 157 -44.61 13.65 -21.26
CA GLY W 157 -45.06 13.36 -22.58
C GLY W 157 -43.89 13.32 -23.51
N ILE W 158 -44.22 13.47 -24.77
CA ILE W 158 -43.22 13.46 -25.78
C ILE W 158 -43.43 14.63 -26.68
N LYS W 159 -42.38 15.03 -27.35
CA LYS W 159 -42.44 16.09 -28.32
C LYS W 159 -42.06 15.45 -29.62
N VAL W 160 -42.74 15.81 -30.67
CA VAL W 160 -42.51 15.21 -31.96
C VAL W 160 -42.41 16.27 -33.03
N ASN W 161 -41.46 16.10 -33.95
CA ASN W 161 -41.30 17.04 -35.03
C ASN W 161 -40.97 16.33 -36.34
N PHE W 162 -41.39 16.94 -37.46
CA PHE W 162 -41.16 16.39 -38.79
C PHE W 162 -41.72 17.29 -39.85
N LYS W 163 -41.33 17.03 -41.11
CA LYS W 163 -41.81 17.78 -42.26
C LYS W 163 -42.39 16.85 -43.27
N ILE W 164 -43.53 17.22 -43.80
CA ILE W 164 -44.17 16.47 -44.80
C ILE W 164 -43.94 17.19 -46.06
N ARG W 165 -43.77 16.41 -47.10
CA ARG W 165 -43.59 16.89 -48.43
C ARG W 165 -44.78 16.50 -49.31
N HIS W 166 -45.55 17.51 -49.73
CA HIS W 166 -46.71 17.28 -50.61
C HIS W 166 -46.36 17.65 -52.05
N ASN W 167 -46.56 16.73 -52.94
CA ASN W 167 -46.29 17.00 -54.31
C ASN W 167 -47.36 17.89 -54.90
N ILE W 168 -46.93 18.92 -55.66
CA ILE W 168 -47.84 19.80 -56.38
C ILE W 168 -47.94 19.35 -57.82
N GLU W 169 -49.09 19.51 -58.41
CA GLU W 169 -49.39 19.07 -59.75
C GLU W 169 -48.41 19.54 -60.81
N ASP W 170 -47.68 20.62 -60.54
CA ASP W 170 -46.71 21.16 -61.50
C ASP W 170 -45.32 20.56 -61.36
N GLY W 171 -45.18 19.58 -60.49
CA GLY W 171 -43.90 18.95 -60.31
C GLY W 171 -43.17 19.47 -59.10
N SER W 172 -43.68 20.60 -58.53
CA SER W 172 -43.04 21.20 -57.37
C SER W 172 -43.41 20.53 -56.04
N VAL W 173 -43.06 21.18 -54.94
CA VAL W 173 -43.33 20.63 -53.60
C VAL W 173 -43.92 21.63 -52.60
N GLN W 174 -44.87 21.13 -51.78
CA GLN W 174 -45.45 21.92 -50.69
C GLN W 174 -45.01 21.38 -49.34
N LEU W 175 -44.24 22.17 -48.62
CA LEU W 175 -43.75 21.75 -47.34
C LEU W 175 -44.74 22.01 -46.22
N ALA W 176 -44.81 21.07 -45.31
CA ALA W 176 -45.67 21.18 -44.15
C ALA W 176 -44.94 20.79 -42.88
N ASP W 177 -44.50 21.80 -42.14
CA ASP W 177 -43.79 21.62 -40.89
C ASP W 177 -44.69 21.27 -39.75
N HIS W 178 -44.44 20.14 -39.13
CA HIS W 178 -45.26 19.66 -38.04
C HIS W 178 -44.60 19.79 -36.68
N TYR W 179 -45.34 20.38 -35.72
CA TYR W 179 -44.89 20.51 -34.34
C TYR W 179 -45.92 19.84 -33.49
N GLN W 180 -45.50 18.89 -32.68
CA GLN W 180 -46.47 18.08 -31.97
C GLN W 180 -46.10 17.79 -30.53
N GLN W 181 -47.14 17.74 -29.68
CA GLN W 181 -47.05 17.36 -28.26
C GLN W 181 -48.13 16.34 -27.89
N ASN W 182 -47.73 15.36 -27.11
CA ASN W 182 -48.61 14.30 -26.63
C ASN W 182 -48.47 14.19 -25.12
N THR W 183 -49.60 14.12 -24.49
CA THR W 183 -49.62 13.99 -23.04
C THR W 183 -50.69 13.01 -22.65
N PRO W 184 -50.38 12.25 -21.60
CA PRO W 184 -51.28 11.22 -21.15
C PRO W 184 -52.56 11.80 -20.58
N ILE W 185 -53.61 11.03 -20.73
CA ILE W 185 -54.93 11.43 -20.17
C ILE W 185 -55.02 10.89 -18.73
N GLY W 186 -54.65 9.63 -18.55
CA GLY W 186 -54.66 9.03 -17.21
C GLY W 186 -53.50 9.53 -16.34
N ASP W 187 -53.50 9.11 -15.09
CA ASP W 187 -52.48 9.50 -14.12
C ASP W 187 -51.48 8.37 -13.91
N GLY W 188 -51.79 7.23 -14.56
CA GLY W 188 -50.96 6.01 -14.49
C GLY W 188 -49.60 6.24 -15.15
N PRO W 189 -48.69 5.28 -14.95
CA PRO W 189 -47.35 5.40 -15.53
C PRO W 189 -47.28 5.18 -17.07
N VAL W 190 -46.40 5.93 -17.72
CA VAL W 190 -46.17 5.83 -19.14
C VAL W 190 -44.69 5.67 -19.38
N LEU W 191 -44.38 5.21 -20.57
CA LEU W 191 -43.03 4.99 -20.98
C LEU W 191 -42.44 6.22 -21.68
N LEU W 192 -41.43 6.85 -21.10
CA LEU W 192 -40.79 7.96 -21.78
C LEU W 192 -39.59 7.42 -22.53
N PRO W 193 -39.57 7.69 -23.81
CA PRO W 193 -38.58 7.14 -24.73
C PRO W 193 -37.29 7.91 -24.84
N ASP W 194 -36.29 7.23 -25.40
CA ASP W 194 -35.07 7.88 -25.81
C ASP W 194 -35.32 8.30 -27.26
N ASN W 195 -34.57 9.27 -27.76
CA ASN W 195 -34.74 9.77 -29.10
C ASN W 195 -34.76 8.67 -30.08
N HIS W 196 -35.72 8.72 -30.96
CA HIS W 196 -35.85 7.72 -31.96
C HIS W 196 -36.77 8.22 -33.02
N TYR W 197 -37.08 7.42 -34.01
CA TYR W 197 -37.98 7.89 -35.04
C TYR W 197 -38.82 6.81 -35.66
N LEU W 198 -39.88 7.24 -36.32
CA LEU W 198 -40.80 6.40 -37.02
C LEU W 198 -40.65 6.64 -38.50
N SER W 199 -40.64 5.55 -39.25
CA SER W 199 -40.53 5.56 -40.68
C SER W 199 -41.87 5.21 -41.27
N THR W 200 -42.39 6.09 -42.12
CA THR W 200 -43.73 5.92 -42.62
C THR W 200 -43.81 5.77 -44.09
N GLN W 201 -44.85 5.07 -44.49
CA GLN W 201 -45.20 4.93 -45.87
C GLN W 201 -46.73 4.82 -46.03
N SER W 202 -47.29 5.50 -47.04
CA SER W 202 -48.73 5.52 -47.23
C SER W 202 -49.12 5.54 -48.69
N ALA W 203 -50.20 4.85 -48.98
CA ALA W 203 -50.78 4.80 -50.32
C ALA W 203 -52.25 5.29 -50.26
N LEU W 204 -52.63 6.20 -51.15
CA LEU W 204 -53.96 6.73 -51.25
C LEU W 204 -54.66 6.14 -52.41
N SER W 205 -55.93 5.83 -52.21
CA SER W 205 -56.72 5.29 -53.29
C SER W 205 -58.18 5.79 -53.20
N LYS W 206 -59.00 5.38 -54.17
CA LYS W 206 -60.42 5.74 -54.18
C LYS W 206 -61.27 4.48 -54.31
N ASP W 207 -62.51 4.55 -53.77
CA ASP W 207 -63.50 3.48 -53.86
C ASP W 207 -64.40 3.81 -55.08
N PRO W 208 -64.18 3.07 -56.15
CA PRO W 208 -64.86 3.29 -57.42
C PRO W 208 -66.39 3.37 -57.32
N ASN W 209 -66.95 2.69 -56.31
CA ASN W 209 -68.39 2.65 -56.14
C ASN W 209 -68.90 3.64 -55.10
N GLU W 210 -68.01 4.54 -54.69
CA GLU W 210 -68.35 5.52 -53.69
C GLU W 210 -68.62 6.89 -54.30
N LYS W 211 -69.81 7.41 -54.13
CA LYS W 211 -70.13 8.74 -54.70
C LYS W 211 -69.81 9.88 -53.77
N ARG W 212 -69.71 9.62 -52.49
CA ARG W 212 -69.39 10.73 -51.62
C ARG W 212 -67.92 11.12 -51.78
N ASP W 213 -67.55 12.27 -51.28
CA ASP W 213 -66.12 12.68 -51.29
C ASP W 213 -65.41 11.84 -50.21
N HIS W 214 -64.36 11.16 -50.60
CA HIS W 214 -63.72 10.30 -49.64
C HIS W 214 -62.26 9.99 -50.02
N MSE W 215 -61.59 9.28 -49.12
CA MSE W 215 -60.26 8.83 -49.35
C MSE W 215 -60.08 7.47 -48.73
O MSE W 215 -60.53 7.24 -47.59
CB MSE W 215 -59.21 9.78 -48.75
CG MSE W 215 -57.84 9.20 -48.44
SE MSE W 215 -56.52 10.49 -47.81
CE MSE W 215 -57.05 10.74 -45.97
N VAL W 216 -59.39 6.59 -49.46
CA VAL W 216 -59.01 5.29 -48.96
C VAL W 216 -57.51 5.34 -48.67
N LEU W 217 -57.13 4.85 -47.48
CA LEU W 217 -55.76 4.93 -47.00
C LEU W 217 -55.21 3.62 -46.46
N LEU W 218 -53.97 3.29 -46.94
CA LEU W 218 -53.15 2.13 -46.50
C LEU W 218 -51.80 2.65 -46.02
N GLU W 219 -51.40 2.32 -44.83
CA GLU W 219 -50.22 2.88 -44.28
C GLU W 219 -49.50 1.90 -43.38
N PHE W 220 -48.18 1.98 -43.45
CA PHE W 220 -47.26 1.15 -42.69
C PHE W 220 -46.30 2.03 -41.92
N VAL W 221 -46.09 1.70 -40.67
CA VAL W 221 -45.24 2.48 -39.85
C VAL W 221 -44.43 1.61 -38.88
N THR W 222 -43.13 1.82 -38.89
CA THR W 222 -42.28 1.10 -38.00
C THR W 222 -41.24 2.00 -37.33
N ALA W 223 -40.97 1.70 -36.07
CA ALA W 223 -40.03 2.48 -35.28
C ALA W 223 -38.59 2.04 -35.55
N ALA W 224 -37.68 2.97 -35.43
CA ALA W 224 -36.28 2.66 -35.66
C ALA W 224 -35.37 3.64 -34.97
N GLY W 225 -34.08 3.48 -35.22
CA GLY W 225 -33.08 4.42 -34.75
C GLY W 225 -32.44 4.07 -33.46
N ILE W 226 -32.71 2.85 -32.99
CA ILE W 226 -32.13 2.36 -31.76
C ILE W 226 -31.61 0.94 -32.00
N SER X 1 -0.24 -17.51 47.86
CA SER X 1 -1.41 -18.31 48.22
C SER X 1 -1.58 -18.51 49.70
N LYS X 2 -2.54 -19.38 50.00
CA LYS X 2 -2.98 -19.77 51.34
C LYS X 2 -1.91 -20.49 52.19
N GLY X 3 -1.70 -21.75 51.85
CA GLY X 3 -0.82 -22.63 52.58
C GLY X 3 0.63 -22.23 52.60
N GLU X 4 1.10 -21.59 51.52
CA GLU X 4 2.52 -21.21 51.37
C GLU X 4 3.20 -20.88 52.70
N GLU X 5 2.63 -19.89 53.38
CA GLU X 5 3.08 -19.39 54.67
C GLU X 5 3.13 -20.47 55.78
N LEU X 6 2.34 -21.55 55.61
CA LEU X 6 2.30 -22.63 56.60
C LEU X 6 3.53 -23.51 56.55
N PHE X 7 4.23 -23.43 55.44
CA PHE X 7 5.36 -24.33 55.19
C PHE X 7 6.77 -23.72 55.31
N THR X 8 6.76 -22.50 55.73
CA THR X 8 7.92 -21.71 55.90
C THR X 8 8.96 -22.27 56.89
N GLY X 9 8.60 -23.22 57.72
CA GLY X 9 9.57 -23.81 58.63
C GLY X 9 9.37 -25.31 58.74
N VAL X 10 10.01 -25.91 59.73
CA VAL X 10 9.81 -27.34 60.00
C VAL X 10 8.39 -27.57 60.57
N VAL X 11 7.66 -28.50 59.96
CA VAL X 11 6.30 -28.86 60.37
C VAL X 11 6.26 -30.34 60.87
N PRO X 12 5.71 -30.59 62.05
CA PRO X 12 5.59 -31.96 62.51
C PRO X 12 4.54 -32.72 61.67
N ILE X 13 4.81 -33.98 61.43
CA ILE X 13 3.93 -34.80 60.63
C ILE X 13 3.44 -36.01 61.41
N LEU X 14 2.18 -36.32 61.23
CA LEU X 14 1.58 -37.49 61.83
C LEU X 14 0.96 -38.32 60.70
N VAL X 15 1.28 -39.60 60.69
CA VAL X 15 0.76 -40.52 59.68
C VAL X 15 0.01 -41.69 60.35
N GLU X 16 -1.22 -41.91 59.91
CA GLU X 16 -2.08 -42.97 60.39
C GLU X 16 -2.61 -43.78 59.23
N LEU X 17 -2.34 -45.09 59.26
CA LEU X 17 -2.84 -45.98 58.18
C LEU X 17 -3.60 -47.21 58.71
N ASP X 18 -4.73 -47.47 58.08
CA ASP X 18 -5.53 -48.64 58.35
C ASP X 18 -5.56 -49.48 57.08
N GLY X 19 -5.05 -50.70 57.12
CA GLY X 19 -5.09 -51.46 55.89
C GLY X 19 -5.57 -52.89 56.00
N ASP X 20 -5.97 -53.39 54.84
CA ASP X 20 -6.41 -54.73 54.65
C ASP X 20 -5.94 -55.18 53.29
N VAL X 21 -5.05 -56.16 53.31
CA VAL X 21 -4.53 -56.73 52.07
C VAL X 21 -4.86 -58.23 51.99
N ASN X 22 -5.80 -58.58 51.11
CA ASN X 22 -6.20 -59.98 50.97
C ASN X 22 -6.65 -60.57 52.32
N GLY X 23 -7.40 -59.78 53.08
CA GLY X 23 -7.87 -60.27 54.37
C GLY X 23 -6.90 -60.11 55.52
N HIS X 24 -5.64 -59.71 55.26
CA HIS X 24 -4.69 -59.48 56.34
C HIS X 24 -4.81 -58.02 56.79
N LYS X 25 -5.32 -57.83 57.98
CA LYS X 25 -5.54 -56.49 58.49
C LYS X 25 -4.36 -55.95 59.26
N PHE X 26 -4.12 -54.65 59.12
CA PHE X 26 -3.00 -54.07 59.85
C PHE X 26 -3.14 -52.57 60.03
N SER X 27 -2.34 -52.05 60.95
CA SER X 27 -2.33 -50.63 61.25
C SER X 27 -0.89 -50.11 61.37
N VAL X 28 -0.68 -48.90 60.86
CA VAL X 28 0.62 -48.25 60.95
C VAL X 28 0.51 -46.81 61.46
N SER X 29 1.45 -46.47 62.31
CA SER X 29 1.60 -45.13 62.82
C SER X 29 2.98 -44.55 62.43
N GLY X 30 3.00 -43.30 62.00
CA GLY X 30 4.25 -42.68 61.71
C GLY X 30 4.31 -41.24 62.24
N GLU X 31 5.49 -40.82 62.58
CA GLU X 31 5.74 -39.47 63.06
C GLU X 31 7.05 -38.96 62.47
N GLY X 32 7.18 -37.66 62.34
CA GLY X 32 8.43 -37.06 61.91
C GLY X 32 8.23 -35.61 61.59
N GLU X 33 9.04 -35.10 60.68
CA GLU X 33 8.91 -33.73 60.29
C GLU X 33 9.25 -33.51 58.84
N GLY X 34 8.79 -32.40 58.31
CA GLY X 34 9.02 -32.03 56.93
C GLY X 34 9.49 -30.58 56.89
N ASP X 35 10.30 -30.26 55.90
CA ASP X 35 10.80 -28.91 55.72
C ASP X 35 10.81 -28.62 54.24
N ALA X 36 9.71 -28.07 53.77
CA ALA X 36 9.49 -27.81 52.39
C ALA X 36 10.56 -26.88 51.79
N THR X 37 11.29 -26.17 52.64
CA THR X 37 12.32 -25.25 52.16
C THR X 37 13.42 -26.00 51.42
N TYR X 38 13.69 -27.22 51.89
CA TYR X 38 14.64 -28.12 51.30
C TYR X 38 13.97 -29.33 50.65
N GLY X 39 12.62 -29.32 50.59
CA GLY X 39 11.85 -30.46 50.06
C GLY X 39 12.21 -31.75 50.82
N LYS X 40 12.51 -31.59 52.11
CA LYS X 40 12.96 -32.68 52.90
C LYS X 40 11.90 -33.26 53.88
N LEU X 41 11.88 -34.60 53.98
CA LEU X 41 10.98 -35.37 54.89
C LEU X 41 11.77 -36.36 55.73
N THR X 42 11.51 -36.43 57.04
CA THR X 42 12.17 -37.41 57.92
C THR X 42 11.11 -38.11 58.74
N LEU X 43 10.93 -39.44 58.57
CA LEU X 43 9.84 -40.15 59.24
C LEU X 43 10.22 -41.52 59.76
N LYS X 44 9.50 -41.97 60.79
CA LYS X 44 9.62 -43.29 61.33
C LYS X 44 8.23 -43.90 61.44
N PHE X 45 8.06 -45.08 60.86
CA PHE X 45 6.80 -45.78 60.85
C PHE X 45 6.92 -47.00 61.66
N ILE X 46 5.84 -47.33 62.36
CA ILE X 46 5.81 -48.49 63.25
C ILE X 46 4.54 -49.29 63.01
N CYS X 47 4.66 -50.60 62.85
CA CYS X 47 3.47 -51.39 62.61
C CYS X 47 2.88 -51.67 63.95
N THR X 48 1.73 -51.07 64.24
CA THR X 48 1.12 -51.19 65.55
C THR X 48 0.38 -52.48 65.83
N THR X 49 -0.06 -53.13 64.79
CA THR X 49 -0.78 -54.38 64.95
C THR X 49 0.16 -55.57 64.96
N GLY X 50 1.49 -55.30 64.93
CA GLY X 50 2.51 -56.36 64.93
C GLY X 50 3.38 -56.39 63.63
N LYS X 51 3.44 -57.55 62.97
CA LYS X 51 4.24 -57.73 61.75
C LYS X 51 3.53 -57.25 60.48
N LEU X 52 4.19 -56.35 59.75
CA LEU X 52 3.59 -55.88 58.53
C LEU X 52 3.44 -57.05 57.55
N PRO X 53 2.28 -57.24 56.98
CA PRO X 53 1.97 -58.34 56.06
C PRO X 53 2.45 -58.18 54.63
N VAL X 54 2.87 -56.97 54.29
CA VAL X 54 3.43 -56.68 52.98
C VAL X 54 4.74 -56.06 53.21
N PRO X 55 5.50 -55.88 52.17
CA PRO X 55 6.80 -55.27 52.36
C PRO X 55 6.73 -53.74 52.57
N TRP X 56 7.56 -53.23 53.47
CA TRP X 56 7.60 -51.79 53.74
C TRP X 56 7.66 -50.89 52.49
N PRO X 57 8.57 -51.20 51.57
CA PRO X 57 8.68 -50.38 50.39
C PRO X 57 7.43 -50.22 49.63
N THR X 58 6.53 -51.19 49.69
CA THR X 58 5.31 -51.03 48.93
C THR X 58 4.42 -49.88 49.46
N LEU X 59 4.63 -49.48 50.68
CA LEU X 59 3.79 -48.44 51.29
C LEU X 59 4.33 -47.01 51.21
N VAL X 60 5.57 -46.85 50.74
CA VAL X 60 6.19 -45.51 50.72
C VAL X 60 5.36 -44.40 50.12
N THR X 61 4.88 -44.63 48.92
CA THR X 61 4.12 -43.64 48.21
C THR X 61 2.83 -43.26 48.92
N THR X 62 2.31 -44.22 49.63
CA THR X 62 1.05 -44.02 50.37
C THR X 62 1.30 -43.12 51.60
N PHE X 63 2.34 -43.45 52.33
CA PHE X 63 2.67 -42.69 53.49
C PHE X 63 3.13 -41.29 53.12
N1 CRO X 64 3.98 -41.20 52.10
CA1 CRO X 64 4.50 -39.89 51.69
CB1 CRO X 64 6.01 -39.80 51.99
CG1 CRO X 64 6.29 -39.92 53.46
OG1 CRO X 64 6.70 -40.80 51.28
C1 CRO X 64 4.16 -39.77 50.23
N2 CRO X 64 4.98 -40.06 49.15
N3 CRO X 64 2.98 -39.34 49.75
C2 CRO X 64 2.85 -39.45 48.38
O2 CRO X 64 2.02 -39.01 47.64
CA2 CRO X 64 4.21 -39.90 47.99
CA3 CRO X 64 1.83 -39.14 50.62
C3 CRO X 64 1.57 -37.72 51.06
O3 CRO X 64 0.41 -37.37 51.21
CB2 CRO X 64 4.64 -39.97 46.71
CG2 CRO X 64 5.93 -40.57 46.24
CD1 CRO X 64 6.97 -40.91 47.14
CD2 CRO X 64 6.12 -40.69 44.81
CE1 CRO X 64 8.23 -41.35 46.60
CE2 CRO X 64 7.36 -41.15 44.30
CZ CRO X 64 8.39 -41.49 45.18
OH CRO X 64 9.67 -42.01 44.64
N VAL X 65 2.62 -36.96 51.29
CA VAL X 65 2.43 -35.58 51.75
C VAL X 65 3.24 -34.61 50.85
N GLN X 66 2.79 -34.57 49.62
CA GLN X 66 3.31 -33.80 48.60
C GLN X 66 3.39 -32.30 48.77
N CYS X 67 2.75 -31.80 49.81
CA CYS X 67 2.82 -30.40 50.12
C CYS X 67 4.23 -30.04 50.66
N PHE X 68 5.05 -31.07 50.95
CA PHE X 68 6.42 -30.86 51.44
C PHE X 68 7.48 -30.84 50.31
N SER X 69 7.01 -30.80 49.08
CA SER X 69 7.87 -30.75 47.93
C SER X 69 8.47 -29.34 47.83
N ARG X 70 9.74 -29.25 47.43
CA ARG X 70 10.27 -27.94 47.24
C ARG X 70 9.88 -27.39 45.88
N TYR X 71 9.17 -26.27 45.86
CA TYR X 71 8.83 -25.65 44.58
C TYR X 71 9.76 -24.44 44.37
N PRO X 72 10.48 -24.43 43.29
CA PRO X 72 11.33 -23.29 43.02
C PRO X 72 10.49 -22.00 42.90
N ASP X 73 11.12 -20.87 43.25
CA ASP X 73 10.47 -19.60 43.20
C ASP X 73 9.70 -19.38 41.93
N HIS X 74 10.29 -19.71 40.83
CA HIS X 74 9.58 -19.44 39.62
C HIS X 74 8.45 -20.36 39.37
N MSE X 75 8.30 -21.39 40.16
CA MSE X 75 7.20 -22.31 39.94
C MSE X 75 6.14 -22.30 41.06
O MSE X 75 5.27 -23.16 41.09
CB MSE X 75 7.75 -23.71 39.82
CG MSE X 75 8.32 -24.07 38.48
SE MSE X 75 9.10 -25.83 38.47
CE MSE X 75 7.48 -26.78 38.05
N LYS X 76 6.24 -21.36 41.98
CA LYS X 76 5.30 -21.27 43.09
C LYS X 76 3.83 -21.25 42.69
N ARG X 77 3.54 -20.69 41.53
CA ARG X 77 2.17 -20.61 41.10
C ARG X 77 1.58 -21.94 40.71
N HIS X 78 2.41 -23.00 40.70
CA HIS X 78 1.90 -24.32 40.26
C HIS X 78 1.75 -25.29 41.41
N ASP X 79 1.94 -24.77 42.63
CA ASP X 79 1.95 -25.60 43.81
C ASP X 79 0.55 -25.81 44.39
N PHE X 80 -0.19 -26.75 43.79
CA PHE X 80 -1.54 -27.07 44.24
C PHE X 80 -1.59 -27.49 45.69
N PHE X 81 -0.62 -28.36 46.05
CA PHE X 81 -0.53 -28.97 47.36
C PHE X 81 -0.64 -28.00 48.53
N LYS X 82 0.20 -26.99 48.50
CA LYS X 82 0.22 -26.00 49.54
C LYS X 82 -1.00 -25.04 49.47
N SER X 83 -1.53 -24.80 48.25
CA SER X 83 -2.65 -23.91 48.07
C SER X 83 -3.93 -24.44 48.69
N ALA X 84 -3.98 -25.75 48.90
CA ALA X 84 -5.17 -26.35 49.47
C ALA X 84 -5.19 -26.32 51.00
N MSE X 85 -4.10 -25.84 51.61
CA MSE X 85 -3.96 -25.78 53.07
C MSE X 85 -4.49 -24.47 53.69
O MSE X 85 -4.54 -23.46 53.03
CB MSE X 85 -2.48 -25.96 53.37
CG MSE X 85 -1.94 -27.30 52.89
SE MSE X 85 -2.71 -28.82 53.87
CE MSE X 85 -2.80 -30.11 52.45
N PRO X 86 -4.91 -24.48 54.97
CA PRO X 86 -4.87 -25.60 55.89
C PRO X 86 -6.00 -26.65 55.77
N GLU X 87 -7.12 -26.30 55.08
CA GLU X 87 -8.26 -27.21 54.93
C GLU X 87 -7.88 -28.57 54.36
N GLY X 88 -6.89 -28.60 53.49
CA GLY X 88 -6.38 -29.87 53.01
C GLY X 88 -6.97 -30.41 51.73
N TYR X 89 -6.60 -31.66 51.44
CA TYR X 89 -7.09 -32.30 50.24
C TYR X 89 -7.25 -33.76 50.44
N VAL X 90 -8.07 -34.31 49.55
CA VAL X 90 -8.30 -35.74 49.46
C VAL X 90 -7.41 -36.26 48.34
N GLN X 91 -6.72 -37.33 48.65
CA GLN X 91 -5.83 -37.95 47.70
C GLN X 91 -6.28 -39.38 47.55
N GLU X 92 -6.64 -39.76 46.32
CA GLU X 92 -7.04 -41.12 46.07
C GLU X 92 -6.16 -41.77 45.04
N ARG X 93 -5.94 -43.06 45.18
CA ARG X 93 -5.14 -43.77 44.22
C ARG X 93 -5.61 -45.17 43.95
N THR X 94 -5.13 -45.66 42.85
CA THR X 94 -5.14 -47.04 42.53
C THR X 94 -3.73 -47.38 42.13
N ILE X 95 -3.16 -48.41 42.73
CA ILE X 95 -1.79 -48.83 42.44
C ILE X 95 -1.79 -50.25 41.89
N PHE X 96 -1.39 -50.42 40.64
CA PHE X 96 -1.38 -51.73 40.04
C PHE X 96 -0.05 -52.37 40.09
N PHE X 97 0.07 -53.50 40.78
CA PHE X 97 1.33 -54.22 40.78
C PHE X 97 1.36 -55.11 39.57
N LYS X 98 2.40 -54.97 38.75
CA LYS X 98 2.46 -55.74 37.55
C LYS X 98 2.43 -57.24 37.84
N ASP X 99 1.52 -57.93 37.16
CA ASP X 99 1.35 -59.38 37.34
C ASP X 99 1.04 -59.78 38.77
N ASP X 100 0.39 -58.88 39.49
CA ASP X 100 0.03 -59.11 40.88
C ASP X 100 -1.23 -58.33 41.25
N GLY X 101 -1.48 -58.13 42.57
CA GLY X 101 -2.69 -57.42 43.01
C GLY X 101 -2.62 -55.91 42.89
N ASN X 102 -3.66 -55.24 43.38
CA ASN X 102 -3.68 -53.79 43.38
C ASN X 102 -4.04 -53.21 44.75
N TYR X 103 -3.65 -51.96 44.96
CA TYR X 103 -3.98 -51.21 46.15
C TYR X 103 -4.90 -50.10 45.80
N LYS X 104 -5.89 -49.88 46.65
CA LYS X 104 -6.82 -48.77 46.51
C LYS X 104 -6.70 -47.97 47.79
N THR X 105 -6.41 -46.70 47.65
CA THR X 105 -6.20 -45.87 48.81
C THR X 105 -7.02 -44.62 48.79
N ARG X 106 -7.34 -44.17 49.98
CA ARG X 106 -8.03 -42.94 50.14
C ARG X 106 -7.51 -42.24 51.38
N ALA X 107 -7.13 -41.00 51.25
CA ALA X 107 -6.59 -40.32 52.39
C ALA X 107 -7.00 -38.88 52.45
N GLU X 108 -6.89 -38.33 53.65
CA GLU X 108 -7.15 -36.94 53.87
C GLU X 108 -5.90 -36.32 54.41
N VAL X 109 -5.41 -35.25 53.77
CA VAL X 109 -4.26 -34.61 54.32
C VAL X 109 -4.54 -33.18 54.63
N LYS X 110 -4.31 -32.84 55.84
CA LYS X 110 -4.64 -31.51 56.29
C LYS X 110 -4.01 -31.26 57.63
N PHE X 111 -4.15 -30.03 58.10
CA PHE X 111 -3.61 -29.62 59.38
C PHE X 111 -4.60 -29.83 60.54
N GLU X 112 -4.09 -30.31 61.64
CA GLU X 112 -4.83 -30.46 62.90
C GLU X 112 -4.04 -29.62 63.84
N GLY X 113 -4.41 -28.39 64.02
CA GLY X 113 -3.59 -27.59 64.87
C GLY X 113 -2.32 -27.28 64.08
N ASP X 114 -1.20 -27.53 64.63
CA ASP X 114 0.00 -27.22 63.87
C ASP X 114 0.73 -28.42 63.26
N THR X 115 0.08 -29.54 63.34
CA THR X 115 0.59 -30.80 62.84
C THR X 115 -0.06 -31.16 61.54
N LEU X 116 0.75 -31.59 60.60
CA LEU X 116 0.24 -31.99 59.30
C LEU X 116 -0.09 -33.47 59.41
N VAL X 117 -1.37 -33.77 59.12
CA VAL X 117 -1.90 -35.13 59.25
C VAL X 117 -2.24 -35.79 57.93
N ASN X 118 -1.80 -37.03 57.80
CA ASN X 118 -2.11 -37.84 56.63
C ASN X 118 -2.85 -39.08 57.11
N ARG X 119 -4.16 -39.13 56.92
CA ARG X 119 -4.97 -40.25 57.35
C ARG X 119 -5.43 -41.06 56.15
N ILE X 120 -5.01 -42.32 56.13
CA ILE X 120 -5.23 -43.24 55.02
C ILE X 120 -5.97 -44.55 55.35
N GLU X 121 -6.78 -44.93 54.37
CA GLU X 121 -7.45 -46.20 54.36
C GLU X 121 -6.99 -46.94 53.13
N LEU X 122 -6.44 -48.10 53.34
CA LEU X 122 -5.91 -48.89 52.26
C LEU X 122 -6.58 -50.24 52.10
N LYS X 123 -6.93 -50.55 50.89
CA LYS X 123 -7.51 -51.84 50.56
C LYS X 123 -6.73 -52.53 49.41
N GLY X 124 -6.20 -53.73 49.67
CA GLY X 124 -5.40 -54.53 48.70
C GLY X 124 -6.11 -55.83 48.31
N ILE X 125 -6.27 -56.05 46.99
CA ILE X 125 -6.90 -57.28 46.52
C ILE X 125 -6.20 -57.92 45.36
N ASP X 126 -6.50 -59.20 45.23
CA ASP X 126 -6.02 -60.01 44.17
C ASP X 126 -4.56 -60.23 44.19
N PHE X 127 -3.99 -60.27 45.37
CA PHE X 127 -2.55 -60.53 45.47
C PHE X 127 -2.29 -62.01 45.43
N LYS X 128 -1.17 -62.38 44.82
CA LYS X 128 -0.79 -63.79 44.75
C LYS X 128 -0.07 -64.20 45.99
N GLU X 129 -0.57 -65.24 46.60
CA GLU X 129 -0.01 -65.69 47.84
C GLU X 129 1.48 -65.94 47.76
N ASP X 130 1.92 -66.22 46.56
CA ASP X 130 3.33 -66.54 46.29
C ASP X 130 4.04 -65.51 45.37
N GLY X 131 3.46 -64.31 45.22
CA GLY X 131 4.03 -63.29 44.36
C GLY X 131 5.12 -62.54 45.08
N ASN X 132 5.58 -61.45 44.47
CA ASN X 132 6.65 -60.69 45.11
C ASN X 132 6.24 -59.95 46.38
N ILE X 133 4.94 -59.60 46.47
CA ILE X 133 4.41 -58.82 47.60
C ILE X 133 4.19 -59.65 48.88
N LEU X 134 3.30 -60.60 48.76
CA LEU X 134 2.96 -61.47 49.86
C LEU X 134 4.11 -62.36 50.18
N GLY X 135 4.87 -62.70 49.16
CA GLY X 135 6.01 -63.57 49.33
C GLY X 135 7.19 -62.85 49.90
N HIS X 136 7.09 -61.55 50.08
CA HIS X 136 8.20 -60.78 50.65
C HIS X 136 9.57 -60.94 49.90
N LYS X 137 9.55 -60.68 48.61
CA LYS X 137 10.73 -60.82 47.75
C LYS X 137 11.40 -59.47 47.38
N LEU X 138 10.85 -58.35 47.88
CA LEU X 138 11.35 -57.00 47.56
C LEU X 138 12.52 -56.62 48.41
N GLU X 139 13.58 -56.02 47.82
CA GLU X 139 14.70 -55.57 48.61
C GLU X 139 14.26 -54.36 49.42
N TYR X 140 14.99 -54.10 50.47
CA TYR X 140 14.71 -52.99 51.35
C TYR X 140 15.47 -51.78 50.93
N ASN X 141 15.00 -51.19 49.89
CA ASN X 141 15.60 -49.99 49.35
C ASN X 141 14.60 -49.31 48.46
N TYR X 142 14.97 -48.17 47.91
CA TYR X 142 14.07 -47.45 47.07
C TYR X 142 14.80 -46.64 45.97
N ASN X 143 14.16 -46.46 44.82
CA ASN X 143 14.73 -45.73 43.67
C ASN X 143 14.23 -44.30 43.56
N SER X 144 14.74 -43.52 42.53
CA SER X 144 14.31 -42.13 42.24
C SER X 144 13.31 -42.17 41.16
N HIS X 145 12.31 -41.30 41.22
CA HIS X 145 11.29 -41.33 40.23
C HIS X 145 10.89 -39.95 39.84
N ASN X 146 10.16 -39.87 38.76
CA ASN X 146 9.53 -38.64 38.32
C ASN X 146 8.02 -38.85 38.43
N VAL X 147 7.35 -37.86 38.98
CA VAL X 147 5.93 -37.86 39.21
C VAL X 147 5.30 -36.80 38.37
N TYR X 148 4.44 -37.19 37.45
CA TYR X 148 3.81 -36.29 36.52
C TYR X 148 2.51 -35.70 36.98
N ILE X 149 2.43 -34.39 36.97
CA ILE X 149 1.26 -33.70 37.40
C ILE X 149 0.58 -32.91 36.36
N MSE X 150 -0.74 -32.95 36.39
CA MSE X 150 -1.55 -32.19 35.48
C MSE X 150 -2.81 -31.73 36.13
O MSE X 150 -3.30 -32.36 37.08
CB MSE X 150 -1.88 -33.02 34.28
CG MSE X 150 -0.78 -33.94 33.88
SE MSE X 150 -1.39 -35.26 32.67
CE MSE X 150 -2.99 -34.32 32.11
N ALA X 151 -3.33 -30.62 35.63
CA ALA X 151 -4.52 -30.00 36.14
C ALA X 151 -5.79 -30.74 35.77
N ASP X 152 -6.77 -30.64 36.63
CA ASP X 152 -8.05 -31.22 36.38
C ASP X 152 -9.12 -30.17 36.61
N LYS X 153 -9.34 -29.36 35.60
CA LYS X 153 -10.28 -28.28 35.71
C LYS X 153 -11.73 -28.69 36.06
N GLN X 154 -12.11 -29.92 35.75
CA GLN X 154 -13.47 -30.39 36.03
C GLN X 154 -13.75 -30.71 37.52
N LYS X 155 -12.71 -31.20 38.20
CA LYS X 155 -12.82 -31.52 39.59
C LYS X 155 -12.10 -30.50 40.44
N ASN X 156 -11.53 -29.46 39.80
CA ASN X 156 -10.79 -28.44 40.54
C ASN X 156 -9.66 -29.11 41.31
N GLY X 157 -9.00 -30.06 40.62
CA GLY X 157 -7.94 -30.80 41.24
C GLY X 157 -6.88 -31.08 40.24
N ILE X 158 -6.10 -32.08 40.56
CA ILE X 158 -5.03 -32.47 39.71
C ILE X 158 -5.07 -33.95 39.54
N LYS X 159 -4.49 -34.41 38.45
CA LYS X 159 -4.38 -35.81 38.18
C LYS X 159 -2.91 -36.08 38.16
N VAL X 160 -2.50 -37.20 38.72
CA VAL X 160 -1.10 -37.52 38.82
C VAL X 160 -0.87 -38.94 38.40
N ASN X 161 0.21 -39.18 37.65
CA ASN X 161 0.54 -40.51 37.21
C ASN X 161 2.06 -40.76 37.27
N PHE X 162 2.42 -42.02 37.51
CA PHE X 162 3.84 -42.42 37.58
C PHE X 162 3.97 -43.88 37.84
N LYS X 163 5.20 -44.40 37.66
CA LYS X 163 5.52 -45.80 37.90
C LYS X 163 6.66 -45.92 38.86
N ILE X 164 6.52 -46.80 39.80
CA ILE X 164 7.53 -47.06 40.74
C ILE X 164 8.15 -48.33 40.35
N ARG X 165 9.45 -48.38 40.55
CA ARG X 165 10.23 -49.54 40.29
C ARG X 165 10.80 -50.11 41.59
N HIS X 166 10.33 -51.31 41.97
CA HIS X 166 10.80 -51.98 43.18
C HIS X 166 11.78 -53.09 42.82
N ASN X 167 12.94 -53.03 43.40
CA ASN X 167 13.91 -54.04 43.14
C ASN X 167 13.55 -55.32 43.84
N ILE X 168 13.66 -56.45 43.11
CA ILE X 168 13.44 -57.79 43.68
C ILE X 168 14.77 -58.40 44.04
N GLU X 169 14.80 -59.17 45.08
CA GLU X 169 16.00 -59.79 45.61
C GLU X 169 16.82 -60.58 44.60
N ASP X 170 16.20 -61.00 43.50
CA ASP X 170 16.91 -61.77 42.48
C ASP X 170 17.54 -60.90 41.39
N GLY X 171 17.48 -59.60 41.57
CA GLY X 171 18.06 -58.71 40.60
C GLY X 171 17.04 -58.14 39.65
N SER X 172 15.82 -58.72 39.68
CA SER X 172 14.77 -58.25 38.78
C SER X 172 14.03 -57.01 39.29
N VAL X 173 12.90 -56.69 38.64
CA VAL X 173 12.12 -55.51 39.01
C VAL X 173 10.61 -55.73 39.12
N GLN X 174 10.00 -55.08 40.12
CA GLN X 174 8.54 -55.11 40.29
C GLN X 174 7.95 -53.74 40.01
N LEU X 175 7.15 -53.66 38.95
CA LEU X 175 6.56 -52.43 38.57
C LEU X 175 5.28 -52.14 39.32
N ALA X 176 5.09 -50.88 39.66
CA ALA X 176 3.89 -50.44 40.33
C ALA X 176 3.36 -49.15 39.72
N ASP X 177 2.34 -49.31 38.90
CA ASP X 177 1.68 -48.21 38.21
C ASP X 177 0.76 -47.45 39.12
N HIS X 178 1.01 -46.17 39.25
CA HIS X 178 0.21 -45.32 40.12
C HIS X 178 -0.72 -44.40 39.37
N TYR X 179 -2.00 -44.38 39.77
CA TYR X 179 -3.01 -43.49 39.22
C TYR X 179 -3.57 -42.70 40.36
N GLN X 180 -3.52 -41.38 40.27
CA GLN X 180 -3.89 -40.59 41.41
C GLN X 180 -4.71 -39.36 41.09
N GLN X 181 -5.63 -39.04 42.02
CA GLN X 181 -6.47 -37.84 41.98
C GLN X 181 -6.47 -37.12 43.34
N ASN X 182 -6.39 -35.81 43.28
CA ASN X 182 -6.40 -34.94 44.45
C ASN X 182 -7.45 -33.87 44.26
N THR X 183 -8.22 -33.69 45.29
CA THR X 183 -9.26 -32.67 45.26
C THR X 183 -9.30 -31.98 46.58
N PRO X 184 -9.58 -30.67 46.51
CA PRO X 184 -9.59 -29.85 47.70
C PRO X 184 -10.72 -30.23 48.64
N ILE X 185 -10.48 -30.03 49.90
CA ILE X 185 -11.51 -30.28 50.93
C ILE X 185 -12.32 -28.99 51.12
N GLY X 186 -11.63 -27.86 51.24
CA GLY X 186 -12.31 -26.57 51.38
C GLY X 186 -12.94 -26.09 50.07
N ASP X 187 -13.65 -25.00 50.14
CA ASP X 187 -14.33 -24.40 48.99
C ASP X 187 -13.55 -23.19 48.47
N GLY X 188 -12.48 -22.86 49.22
CA GLY X 188 -11.61 -21.74 48.89
C GLY X 188 -10.84 -21.98 47.59
N PRO X 189 -10.18 -20.94 47.09
CA PRO X 189 -9.42 -21.06 45.85
C PRO X 189 -8.09 -21.86 45.97
N VAL X 190 -7.78 -22.60 44.92
CA VAL X 190 -6.57 -23.38 44.84
C VAL X 190 -5.87 -23.06 43.54
N LEU X 191 -4.60 -23.41 43.50
CA LEU X 191 -3.77 -23.17 42.36
C LEU X 191 -3.78 -24.38 41.41
N LEU X 192 -4.29 -24.22 40.20
CA LEU X 192 -4.23 -25.30 39.24
C LEU X 192 -3.00 -25.09 38.37
N PRO X 193 -2.17 -26.10 38.35
CA PRO X 193 -0.87 -26.05 37.68
C PRO X 193 -0.85 -26.37 36.22
N ASP X 194 0.24 -25.97 35.58
CA ASP X 194 0.54 -26.42 34.24
C ASP X 194 1.34 -27.71 34.42
N ASN X 195 1.37 -28.55 33.39
CA ASN X 195 2.06 -29.81 33.45
C ASN X 195 3.44 -29.65 33.95
N HIS X 196 3.81 -30.47 34.87
CA HIS X 196 5.12 -30.42 35.43
C HIS X 196 5.37 -31.70 36.17
N TYR X 197 6.51 -31.82 36.81
CA TYR X 197 6.77 -33.04 37.54
C TYR X 197 7.63 -32.85 38.76
N LEU X 198 7.58 -33.85 39.63
CA LEU X 198 8.34 -33.90 40.84
C LEU X 198 9.38 -34.99 40.71
N SER X 199 10.58 -34.68 41.16
CA SER X 199 11.71 -35.57 41.14
C SER X 199 11.98 -36.03 42.56
N THR X 200 11.96 -37.34 42.77
CA THR X 200 12.06 -37.87 44.11
C THR X 200 13.25 -38.72 44.34
N GLN X 201 13.67 -38.72 45.58
CA GLN X 201 14.71 -39.58 46.05
C GLN X 201 14.46 -39.98 47.51
N SER X 202 14.67 -41.27 47.85
CA SER X 202 14.40 -41.75 49.19
C SER X 202 15.40 -42.79 49.65
N ALA X 203 15.71 -42.74 50.91
CA ALA X 203 16.60 -43.69 51.57
C ALA X 203 15.85 -44.37 52.74
N LEU X 204 15.89 -45.71 52.81
CA LEU X 204 15.28 -46.49 53.85
C LEU X 204 16.31 -46.97 54.80
N SER X 205 15.99 -46.93 56.08
CA SER X 205 16.89 -47.43 57.08
C SER X 205 16.12 -48.09 58.25
N LYS X 206 16.86 -48.60 59.23
CA LYS X 206 16.26 -49.23 60.39
C LYS X 206 16.84 -48.60 61.67
N ASP X 207 16.03 -48.61 62.75
CA ASP X 207 16.44 -48.14 64.07
C ASP X 207 16.92 -49.36 64.86
N PRO X 208 18.23 -49.47 65.00
CA PRO X 208 18.87 -50.60 65.63
C PRO X 208 18.32 -50.97 67.02
N ASN X 209 17.78 -49.97 67.73
CA ASN X 209 17.26 -50.18 69.06
C ASN X 209 15.75 -50.37 69.09
N GLU X 210 15.17 -50.55 67.92
CA GLU X 210 13.74 -50.69 67.79
C GLU X 210 13.33 -52.16 67.57
N LYS X 211 12.58 -52.72 68.48
CA LYS X 211 12.16 -54.13 68.32
C LYS X 211 10.87 -54.29 67.54
N ARG X 212 10.08 -53.25 67.45
CA ARG X 212 8.87 -53.44 66.69
C ARG X 212 9.18 -53.45 65.19
N ASP X 213 8.23 -53.87 64.38
CA ASP X 213 8.41 -53.84 62.90
C ASP X 213 8.27 -52.37 62.49
N HIS X 214 9.27 -51.85 61.80
CA HIS X 214 9.21 -50.45 61.46
C HIS X 214 10.09 -50.12 60.25
N MSE X 215 10.01 -48.86 59.84
CA MSE X 215 10.83 -48.35 58.78
C MSE X 215 11.18 -46.92 59.08
O MSE X 215 10.32 -46.14 59.52
CB MSE X 215 10.11 -48.40 57.42
CG MSE X 215 10.61 -47.44 56.34
SE MSE X 215 9.75 -47.66 54.60
CE MSE X 215 8.05 -46.79 54.87
N VAL X 216 12.45 -46.57 58.82
CA VAL X 216 12.92 -45.21 58.91
C VAL X 216 13.10 -44.69 57.49
N LEU X 217 12.57 -43.49 57.23
CA LEU X 217 12.55 -42.90 55.91
C LEU X 217 13.05 -41.46 55.84
N LEU X 218 13.96 -41.23 54.85
CA LEU X 218 14.53 -39.89 54.49
C LEU X 218 14.24 -39.65 53.01
N GLU X 219 13.64 -38.54 52.69
CA GLU X 219 13.24 -38.31 51.35
C GLU X 219 13.31 -36.85 50.99
N PHE X 220 13.70 -36.62 49.74
CA PHE X 220 13.85 -35.31 49.15
C PHE X 220 13.03 -35.22 47.88
N VAL X 221 12.33 -34.12 47.73
CA VAL X 221 11.49 -33.95 46.59
C VAL X 221 11.48 -32.51 46.10
N THR X 222 11.74 -32.35 44.83
CA THR X 222 11.72 -31.05 44.24
C THR X 222 10.99 -31.01 42.90
N ALA X 223 10.26 -29.93 42.68
CA ALA X 223 9.48 -29.75 41.46
C ALA X 223 10.36 -29.26 40.32
N ALA X 224 9.99 -29.62 39.12
CA ALA X 224 10.74 -29.21 37.95
C ALA X 224 9.90 -29.25 36.69
N GLY X 225 10.56 -28.99 35.58
CA GLY X 225 9.94 -29.13 34.27
C GLY X 225 9.34 -27.89 33.72
N ILE X 226 9.61 -26.76 34.39
CA ILE X 226 9.11 -25.48 33.96
C ILE X 226 10.26 -24.47 34.02
N SER Y 1 -31.33 47.75 6.49
CA SER Y 1 -31.47 48.27 7.85
C SER Y 1 -32.55 49.33 7.98
N LYS Y 2 -32.55 49.91 9.17
CA LYS Y 2 -33.48 50.95 9.63
C LYS Y 2 -33.41 52.28 8.85
N GLY Y 3 -32.36 53.03 9.15
CA GLY Y 3 -32.16 54.35 8.62
C GLY Y 3 -32.00 54.43 7.11
N GLU Y 4 -31.40 53.39 6.52
CA GLU Y 4 -31.10 53.36 5.08
C GLU Y 4 -32.12 54.14 4.23
N GLU Y 5 -33.37 53.71 4.34
CA GLU Y 5 -34.52 54.29 3.67
C GLU Y 5 -34.72 55.79 3.95
N LEU Y 6 -34.21 56.27 5.08
CA LEU Y 6 -34.36 57.69 5.45
C LEU Y 6 -33.47 58.61 4.64
N PHE Y 7 -32.45 58.01 4.05
CA PHE Y 7 -31.42 58.78 3.34
C PHE Y 7 -31.46 58.75 1.81
N THR Y 8 -32.49 58.14 1.34
CA THR Y 8 -32.74 57.94 -0.04
C THR Y 8 -32.88 59.25 -0.86
N GLY Y 9 -33.07 60.39 -0.23
CA GLY Y 9 -33.15 61.63 -0.97
C GLY Y 9 -32.43 62.75 -0.24
N VAL Y 10 -32.65 63.98 -0.67
CA VAL Y 10 -32.10 65.14 0.02
C VAL Y 10 -32.81 65.32 1.38
N VAL Y 11 -32.01 65.43 2.45
CA VAL Y 11 -32.51 65.63 3.81
C VAL Y 11 -32.05 67.00 4.36
N PRO Y 12 -32.97 67.80 4.90
CA PRO Y 12 -32.57 69.08 5.48
C PRO Y 12 -31.79 68.83 6.78
N ILE Y 13 -30.80 69.67 7.02
CA ILE Y 13 -29.96 69.54 8.19
C ILE Y 13 -30.01 70.80 9.04
N LEU Y 14 -30.05 70.59 10.34
CA LEU Y 14 -30.02 71.68 11.29
C LEU Y 14 -28.85 71.41 12.25
N VAL Y 15 -28.00 72.41 12.42
CA VAL Y 15 -26.85 72.31 13.32
C VAL Y 15 -26.91 73.40 14.40
N GLU Y 16 -26.79 72.98 15.66
CA GLU Y 16 -26.80 73.85 16.80
C GLU Y 16 -25.59 73.57 17.68
N LEU Y 17 -24.78 74.61 17.91
CA LEU Y 17 -23.59 74.46 18.78
C LEU Y 17 -23.50 75.49 19.90
N ASP Y 18 -23.19 75.01 21.09
CA ASP Y 18 -22.95 75.83 22.25
C ASP Y 18 -21.50 75.63 22.67
N GLY Y 19 -20.69 76.66 22.65
CA GLY Y 19 -19.32 76.41 23.05
C GLY Y 19 -18.71 77.42 24.02
N ASP Y 20 -17.66 76.95 24.64
CA ASP Y 20 -16.87 77.69 25.57
C ASP Y 20 -15.43 77.27 25.39
N VAL Y 21 -14.63 78.21 24.93
CA VAL Y 21 -13.20 77.96 24.74
C VAL Y 21 -12.37 78.92 25.60
N ASN Y 22 -11.76 78.38 26.66
CA ASN Y 22 -10.96 79.22 27.56
C ASN Y 22 -11.78 80.40 28.12
N GLY Y 23 -13.04 80.12 28.46
CA GLY Y 23 -13.88 81.18 28.99
C GLY Y 23 -14.57 82.04 27.96
N HIS Y 24 -14.24 81.89 26.67
CA HIS Y 24 -14.94 82.65 25.62
C HIS Y 24 -16.15 81.84 25.16
N LYS Y 25 -17.33 82.34 25.48
CA LYS Y 25 -18.55 81.64 25.16
C LYS Y 25 -19.11 82.03 23.82
N PHE Y 26 -19.68 81.05 23.11
CA PHE Y 26 -20.26 81.37 21.82
C PHE Y 26 -21.30 80.36 21.37
N SER Y 27 -22.08 80.77 20.38
CA SER Y 27 -23.12 79.92 19.83
C SER Y 27 -23.10 79.97 18.29
N VAL Y 28 -23.34 78.82 17.68
CA VAL Y 28 -23.41 78.72 16.23
C VAL Y 28 -24.67 77.97 15.76
N SER Y 29 -25.25 78.50 14.70
CA SER Y 29 -26.37 77.88 14.04
C SER Y 29 -26.00 77.56 12.57
N GLY Y 30 -26.39 76.37 12.12
CA GLY Y 30 -26.17 76.04 10.75
C GLY Y 30 -27.38 75.34 10.13
N GLU Y 31 -27.55 75.55 8.85
CA GLU Y 31 -28.62 74.93 8.09
C GLU Y 31 -28.09 74.51 6.72
N GLY Y 32 -28.70 73.51 6.13
CA GLY Y 32 -28.36 73.10 4.78
C GLY Y 32 -29.00 71.79 4.45
N GLU Y 33 -28.37 71.04 3.57
CA GLU Y 33 -28.90 69.77 3.21
C GLU Y 33 -27.82 68.75 2.90
N GLY Y 34 -28.18 67.49 2.96
CA GLY Y 34 -27.27 66.40 2.69
C GLY Y 34 -27.93 65.43 1.73
N ASP Y 35 -27.14 64.76 0.93
CA ASP Y 35 -27.64 63.79 -0.03
C ASP Y 35 -26.66 62.64 -0.04
N ALA Y 36 -26.93 61.67 0.80
CA ALA Y 36 -26.09 60.54 1.00
C ALA Y 36 -25.86 59.75 -0.30
N THR Y 37 -26.71 59.95 -1.29
CA THR Y 37 -26.58 59.23 -2.57
C THR Y 37 -25.26 59.57 -3.25
N TYR Y 38 -24.85 60.82 -3.07
CA TYR Y 38 -23.61 61.33 -3.58
C TYR Y 38 -22.60 61.63 -2.47
N GLY Y 39 -22.94 61.25 -1.21
CA GLY Y 39 -22.10 61.56 -0.05
C GLY Y 39 -21.84 63.08 0.05
N LYS Y 40 -22.83 63.86 -0.38
CA LYS Y 40 -22.69 65.27 -0.44
C LYS Y 40 -23.41 66.06 0.69
N LEU Y 41 -22.71 67.10 1.20
CA LEU Y 41 -23.23 68.00 2.25
C LEU Y 41 -23.08 69.46 1.84
N THR Y 42 -24.11 70.29 2.02
CA THR Y 42 -24.03 71.72 1.71
C THR Y 42 -24.56 72.50 2.90
N LEU Y 43 -23.72 73.32 3.58
CA LEU Y 43 -24.13 73.99 4.80
C LEU Y 43 -23.63 75.43 4.91
N LYS Y 44 -24.38 76.23 5.68
CA LYS Y 44 -23.99 77.56 6.03
C LYS Y 44 -24.12 77.73 7.53
N PHE Y 45 -23.04 78.18 8.17
CA PHE Y 45 -22.99 78.37 9.60
C PHE Y 45 -22.88 79.82 9.88
N ILE Y 46 -23.54 80.24 10.96
CA ILE Y 46 -23.56 81.64 11.36
C ILE Y 46 -23.27 81.77 12.86
N CYS Y 47 -22.37 82.64 13.22
CA CYS Y 47 -22.06 82.77 14.64
C CYS Y 47 -23.10 83.68 15.20
N THR Y 48 -23.99 83.14 16.03
CA THR Y 48 -25.11 83.93 16.55
C THR Y 48 -24.78 84.86 17.69
N THR Y 49 -23.73 84.57 18.42
CA THR Y 49 -23.35 85.40 19.53
C THR Y 49 -22.40 86.51 19.10
N GLY Y 50 -22.15 86.63 17.77
CA GLY Y 50 -21.25 87.64 17.23
C GLY Y 50 -20.00 87.05 16.51
N LYS Y 51 -18.80 87.49 16.94
CA LYS Y 51 -17.53 87.03 16.35
C LYS Y 51 -17.05 85.69 16.91
N LEU Y 52 -16.81 84.74 16.01
CA LEU Y 52 -16.32 83.47 16.48
C LEU Y 52 -14.93 83.66 17.11
N PRO Y 53 -14.73 83.14 18.29
CA PRO Y 53 -13.47 83.29 19.05
C PRO Y 53 -12.33 82.37 18.64
N VAL Y 54 -12.65 81.37 17.82
CA VAL Y 54 -11.65 80.46 17.29
C VAL Y 54 -11.81 80.47 15.83
N PRO Y 55 -10.90 79.86 15.12
CA PRO Y 55 -11.03 79.87 13.68
C PRO Y 55 -12.09 78.86 13.17
N TRP Y 56 -12.83 79.27 12.14
CA TRP Y 56 -13.86 78.41 11.56
C TRP Y 56 -13.40 76.97 11.25
N PRO Y 57 -12.26 76.83 10.59
CA PRO Y 57 -11.79 75.51 10.26
C PRO Y 57 -11.67 74.59 11.40
N THR Y 58 -11.40 75.11 12.60
CA THR Y 58 -11.26 74.22 13.72
C THR Y 58 -12.58 73.50 14.09
N LEU Y 59 -13.69 74.04 13.65
CA LEU Y 59 -14.99 73.47 14.00
C LEU Y 59 -15.61 72.50 12.97
N VAL Y 60 -14.98 72.39 11.81
CA VAL Y 60 -15.56 71.56 10.74
C VAL Y 60 -15.98 70.16 11.13
N THR Y 61 -15.07 69.44 11.74
CA THR Y 61 -15.31 68.08 12.13
C THR Y 61 -16.44 67.92 13.13
N THR Y 62 -16.58 68.96 13.92
CA THR Y 62 -17.63 68.98 14.96
C THR Y 62 -19.01 69.17 14.32
N PHE Y 63 -19.08 70.14 13.43
CA PHE Y 63 -20.31 70.41 12.77
C PHE Y 63 -20.70 69.26 11.84
N1 CRO Y 64 -19.73 68.76 11.09
CA1 CRO Y 64 -20.02 67.67 10.15
CB1 CRO Y 64 -19.88 68.16 8.70
CG1 CRO Y 64 -20.85 69.27 8.38
OG1 CRO Y 64 -18.55 68.61 8.48
C1 CRO Y 64 -19.07 66.56 10.53
N2 CRO Y 64 -17.84 66.28 9.94
N3 CRO Y 64 -19.29 65.65 11.49
C2 CRO Y 64 -18.22 64.83 11.74
O2 CRO Y 64 -18.13 63.83 12.39
CA2 CRO Y 64 -17.27 65.23 10.67
CA3 CRO Y 64 -20.40 65.77 12.41
C3 CRO Y 64 -21.62 64.96 12.11
O3 CRO Y 64 -22.28 64.52 13.03
CB2 CRO Y 64 -16.13 64.57 10.38
CG2 CRO Y 64 -15.06 65.03 9.44
CD1 CRO Y 64 -15.25 66.10 8.55
CD2 CRO Y 64 -13.83 64.25 9.41
CE1 CRO Y 64 -14.22 66.39 7.59
CE2 CRO Y 64 -12.82 64.57 8.46
CZ CRO Y 64 -13.01 65.63 7.58
OH CRO Y 64 -11.93 65.97 6.62
N VAL Y 65 -21.95 64.81 10.83
CA VAL Y 65 -23.14 64.05 10.47
C VAL Y 65 -22.78 62.98 9.41
N GLN Y 66 -21.99 62.04 9.89
CA GLN Y 66 -21.51 60.96 9.20
C GLN Y 66 -22.47 59.99 8.55
N CYS Y 67 -23.74 60.14 8.89
CA CYS Y 67 -24.76 59.33 8.29
C CYS Y 67 -24.98 59.76 6.82
N PHE Y 68 -24.37 60.89 6.42
CA PHE Y 68 -24.48 61.40 5.04
C PHE Y 68 -23.33 60.91 4.13
N SER Y 69 -22.54 59.99 4.63
CA SER Y 69 -21.45 59.44 3.88
C SER Y 69 -22.01 58.49 2.82
N ARG Y 70 -21.39 58.47 1.64
CA ARG Y 70 -21.85 57.54 0.66
C ARG Y 70 -21.24 56.17 0.92
N TYR Y 71 -22.07 55.16 1.16
CA TYR Y 71 -21.55 53.81 1.33
C TYR Y 71 -21.81 53.02 0.03
N PRO Y 72 -20.78 52.49 -0.57
CA PRO Y 72 -20.99 51.70 -1.75
C PRO Y 72 -21.89 50.48 -1.46
N ASP Y 73 -22.62 50.05 -2.48
CA ASP Y 73 -23.50 48.92 -2.34
C ASP Y 73 -22.87 47.77 -1.63
N HIS Y 74 -21.67 47.45 -1.97
CA HIS Y 74 -21.10 46.31 -1.34
C HIS Y 74 -20.70 46.52 0.07
N MSE Y 75 -20.75 47.75 0.54
CA MSE Y 75 -20.37 48.02 1.91
C MSE Y 75 -21.54 48.46 2.81
O MSE Y 75 -21.32 48.89 3.94
CB MSE Y 75 -19.32 49.09 1.92
CG MSE Y 75 -17.92 48.63 1.62
SE MSE Y 75 -16.68 50.11 1.56
CE MSE Y 75 -16.27 50.12 3.44
N LYS Y 76 -22.75 48.38 2.31
CA LYS Y 76 -23.93 48.79 3.07
C LYS Y 76 -24.06 48.16 4.45
N ARG Y 77 -23.57 46.95 4.58
CA ARG Y 77 -23.68 46.27 5.86
C ARG Y 77 -22.78 46.84 6.93
N HIS Y 78 -21.92 47.82 6.56
CA HIS Y 78 -20.97 48.38 7.55
C HIS Y 78 -21.35 49.77 7.97
N ASP Y 79 -22.52 50.24 7.52
CA ASP Y 79 -22.95 51.58 7.73
C ASP Y 79 -23.67 51.77 9.07
N PHE Y 80 -22.88 51.89 10.14
CA PHE Y 80 -23.42 52.07 11.49
C PHE Y 80 -24.31 53.29 11.59
N PHE Y 81 -23.80 54.40 10.99
CA PHE Y 81 -24.44 55.70 11.04
C PHE Y 81 -25.91 55.72 10.71
N LYS Y 82 -26.24 55.18 9.55
CA LYS Y 82 -27.60 55.12 9.10
C LYS Y 82 -28.44 54.08 9.88
N SER Y 83 -27.80 52.98 10.36
CA SER Y 83 -28.49 51.95 11.08
C SER Y 83 -29.03 52.42 12.42
N ALA Y 84 -28.45 53.49 12.94
CA ALA Y 84 -28.88 54.01 14.23
C ALA Y 84 -30.09 54.95 14.13
N MSE Y 85 -30.52 55.27 12.90
CA MSE Y 85 -31.62 56.19 12.66
C MSE Y 85 -33.00 55.50 12.63
O MSE Y 85 -33.10 54.33 12.34
CB MSE Y 85 -31.32 56.87 11.34
CG MSE Y 85 -30.04 57.67 11.36
SE MSE Y 85 -30.13 59.21 12.58
CE MSE Y 85 -28.32 59.23 13.23
N PRO Y 86 -34.09 56.22 12.93
CA PRO Y 86 -34.14 57.64 13.24
C PRO Y 86 -33.78 58.04 14.69
N GLU Y 87 -33.76 57.08 15.64
CA GLU Y 87 -33.45 57.37 17.05
C GLU Y 87 -32.13 58.09 17.24
N GLY Y 88 -31.16 57.79 16.39
CA GLY Y 88 -29.91 58.53 16.42
C GLY Y 88 -28.80 57.96 17.25
N TYR Y 89 -27.75 58.78 17.39
CA TYR Y 89 -26.60 58.36 18.17
C TYR Y 89 -25.95 59.51 18.85
N VAL Y 90 -25.18 59.15 19.86
CA VAL Y 90 -24.36 60.07 20.61
C VAL Y 90 -22.95 59.96 20.06
N GLN Y 91 -22.37 61.10 19.79
CA GLN Y 91 -21.04 61.17 19.27
C GLN Y 91 -20.22 62.00 20.22
N GLU Y 92 -19.18 61.39 20.78
CA GLU Y 92 -18.31 62.13 21.67
C GLU Y 92 -16.90 62.16 21.16
N ARG Y 93 -16.20 63.25 21.43
CA ARG Y 93 -14.82 63.35 21.02
C ARG Y 93 -13.95 64.08 21.99
N THR Y 94 -12.68 63.85 21.80
CA THR Y 94 -11.64 64.65 22.35
C THR Y 94 -10.74 64.99 21.18
N ILE Y 95 -10.45 66.26 20.99
CA ILE Y 95 -9.58 66.72 19.91
C ILE Y 95 -8.35 67.40 20.48
N PHE Y 96 -7.18 66.82 20.25
CA PHE Y 96 -5.96 67.39 20.77
C PHE Y 96 -5.25 68.22 19.78
N PHE Y 97 -5.10 69.52 20.03
CA PHE Y 97 -4.32 70.35 19.13
C PHE Y 97 -2.87 70.23 19.51
N LYS Y 98 -2.03 69.87 18.55
CA LYS Y 98 -0.64 69.67 18.86
C LYS Y 98 -0.01 70.93 19.42
N ASP Y 99 0.64 70.79 20.57
CA ASP Y 99 1.29 71.92 21.25
C ASP Y 99 0.34 73.04 21.60
N ASP Y 100 -0.92 72.69 21.82
CA ASP Y 100 -1.95 73.66 22.14
C ASP Y 100 -3.05 73.02 23.00
N GLY Y 101 -4.24 73.65 23.07
CA GLY Y 101 -5.34 73.12 23.90
C GLY Y 101 -6.09 71.96 23.28
N ASN Y 102 -7.15 71.53 23.96
CA ASN Y 102 -7.99 70.47 23.44
C ASN Y 102 -9.48 70.83 23.46
N TYR Y 103 -10.25 70.15 22.62
CA TYR Y 103 -11.68 70.29 22.57
C TYR Y 103 -12.32 69.02 23.04
N LYS Y 104 -13.38 69.17 23.82
CA LYS Y 104 -14.18 68.04 24.27
C LYS Y 104 -15.59 68.30 23.78
N THR Y 105 -16.12 67.36 23.05
CA THR Y 105 -17.43 67.56 22.47
C THR Y 105 -18.37 66.41 22.77
N ARG Y 106 -19.62 66.78 22.82
CA ARG Y 106 -20.67 65.82 22.98
C ARG Y 106 -21.87 66.23 22.16
N ALA Y 107 -22.37 65.33 21.37
CA ALA Y 107 -23.49 65.69 20.53
C ALA Y 107 -24.48 64.58 20.37
N GLU Y 108 -25.67 64.98 19.99
CA GLU Y 108 -26.72 64.04 19.70
C GLU Y 108 -27.14 64.25 18.27
N VAL Y 109 -27.12 63.18 17.47
CA VAL Y 109 -27.58 63.35 16.13
C VAL Y 109 -28.72 62.43 15.84
N LYS Y 110 -29.78 63.02 15.42
CA LYS Y 110 -30.98 62.26 15.20
C LYS Y 110 -31.97 63.08 14.44
N PHE Y 111 -33.09 62.45 14.07
CA PHE Y 111 -34.15 63.11 13.34
C PHE Y 111 -35.20 63.76 14.26
N GLU Y 112 -35.61 64.94 13.89
CA GLU Y 112 -36.71 65.66 14.55
C GLU Y 112 -37.68 65.85 13.44
N GLY Y 113 -38.64 64.98 13.32
CA GLY Y 113 -39.52 65.13 12.20
C GLY Y 113 -38.72 64.72 10.96
N ASP Y 114 -38.68 65.54 9.97
CA ASP Y 114 -37.94 65.12 8.80
C ASP Y 114 -36.57 65.78 8.61
N THR Y 115 -36.17 66.49 9.64
CA THR Y 115 -34.91 67.22 9.66
C THR Y 115 -33.90 66.48 10.48
N LEU Y 116 -32.70 66.40 9.96
CA LEU Y 116 -31.62 65.73 10.66
C LEU Y 116 -30.95 66.80 11.51
N VAL Y 117 -30.91 66.51 12.82
CA VAL Y 117 -30.39 67.45 13.81
C VAL Y 117 -29.09 67.01 14.45
N ASN Y 118 -28.15 67.94 14.51
CA ASN Y 118 -26.88 67.71 15.18
C ASN Y 118 -26.75 68.74 16.30
N ARG Y 119 -26.94 68.33 17.54
CA ARG Y 119 -26.86 69.21 18.68
C ARG Y 119 -25.60 68.93 19.49
N ILE Y 120 -24.75 69.94 19.56
CA ILE Y 120 -23.43 69.85 20.18
C ILE Y 120 -23.13 70.82 21.34
N GLU Y 121 -22.40 70.28 22.29
CA GLU Y 121 -21.85 71.02 23.39
C GLU Y 121 -20.35 70.89 23.31
N LEU Y 122 -19.69 72.01 23.22
CA LEU Y 122 -18.26 72.03 23.09
C LEU Y 122 -17.55 72.74 24.22
N LYS Y 123 -16.54 72.10 24.75
CA LYS Y 123 -15.71 72.69 25.79
C LYS Y 123 -14.21 72.66 25.39
N GLY Y 124 -13.57 73.83 25.33
CA GLY Y 124 -12.14 73.99 24.95
C GLY Y 124 -11.29 74.50 26.11
N ILE Y 125 -10.20 73.79 26.43
CA ILE Y 125 -9.31 74.22 27.50
C ILE Y 125 -7.85 74.14 27.18
N ASP Y 126 -7.10 74.90 27.93
CA ASP Y 126 -5.69 74.93 27.85
C ASP Y 126 -5.16 75.47 26.58
N PHE Y 127 -5.88 76.39 25.99
CA PHE Y 127 -5.39 76.99 24.75
C PHE Y 127 -4.43 78.12 25.06
N LYS Y 128 -3.43 78.27 24.20
CA LYS Y 128 -2.46 79.34 24.37
C LYS Y 128 -2.97 80.61 23.79
N GLU Y 129 -2.98 81.64 24.60
CA GLU Y 129 -3.51 82.90 24.16
C GLU Y 129 -2.88 83.38 22.88
N ASP Y 130 -1.67 82.93 22.65
CA ASP Y 130 -0.87 83.35 21.49
C ASP Y 130 -0.56 82.18 20.50
N GLY Y 131 -1.30 81.07 20.61
CA GLY Y 131 -1.07 79.91 19.76
C GLY Y 131 -1.74 80.09 18.42
N ASN Y 132 -1.78 79.01 17.63
CA ASN Y 132 -2.40 79.14 16.31
C ASN Y 132 -3.90 79.31 16.35
N ILE Y 133 -4.54 78.80 17.41
CA ILE Y 133 -6.02 78.82 17.53
C ILE Y 133 -6.59 80.19 17.95
N LEU Y 134 -6.20 80.59 19.15
CA LEU Y 134 -6.64 81.85 19.70
C LEU Y 134 -6.04 82.98 18.96
N GLY Y 135 -4.84 82.76 18.44
CA GLY Y 135 -4.15 83.79 17.69
C GLY Y 135 -4.67 83.91 16.30
N HIS Y 136 -5.58 83.05 15.90
CA HIS Y 136 -6.14 83.13 14.55
C HIS Y 136 -5.09 83.11 13.38
N LYS Y 137 -4.24 82.09 13.39
CA LYS Y 137 -3.18 81.93 12.41
C LYS Y 137 -3.48 80.87 11.31
N LEU Y 138 -4.66 80.24 11.37
CA LEU Y 138 -5.06 79.17 10.42
C LEU Y 138 -5.59 79.73 9.15
N GLU Y 139 -5.17 79.18 7.99
CA GLU Y 139 -5.72 79.63 6.73
C GLU Y 139 -7.16 79.16 6.63
N TYR Y 140 -7.91 79.82 5.79
CA TYR Y 140 -9.30 79.51 5.57
C TYR Y 140 -9.46 78.53 4.46
N ASN Y 141 -9.14 77.32 4.74
CA ASN Y 141 -9.25 76.26 3.77
C ASN Y 141 -9.24 74.95 4.50
N TYR Y 142 -9.36 73.85 3.77
CA TYR Y 142 -9.40 72.58 4.40
C TYR Y 142 -8.82 71.45 3.50
N ASN Y 143 -8.21 70.43 4.10
CA ASN Y 143 -7.59 69.31 3.38
C ASN Y 143 -8.47 68.07 3.32
N SER Y 144 -7.99 66.97 2.63
CA SER Y 144 -8.69 65.67 2.53
C SER Y 144 -8.13 64.76 3.54
N HIS Y 145 -8.96 63.92 4.14
CA HIS Y 145 -8.48 63.05 5.15
C HIS Y 145 -9.09 61.70 5.05
N ASN Y 146 -8.51 60.78 5.76
CA ASN Y 146 -9.06 59.45 5.92
C ASN Y 146 -9.47 59.29 7.39
N VAL Y 147 -10.65 58.77 7.60
CA VAL Y 147 -11.22 58.56 8.91
C VAL Y 147 -11.37 57.10 9.14
N TYR Y 148 -10.68 56.58 10.15
CA TYR Y 148 -10.68 55.17 10.45
C TYR Y 148 -11.74 54.73 11.42
N ILE Y 149 -12.50 53.74 11.01
CA ILE Y 149 -13.57 53.23 11.80
C ILE Y 149 -13.42 51.82 12.21
N MSE Y 150 -13.79 51.54 13.45
CA MSE Y 150 -13.76 50.21 13.98
C MSE Y 150 -14.89 49.98 14.93
O MSE Y 150 -15.40 50.92 15.55
CB MSE Y 150 -12.46 49.96 14.67
CG MSE Y 150 -11.32 50.64 14.01
SE MSE Y 150 -9.80 50.68 15.16
CE MSE Y 150 -10.37 49.26 16.32
N ALA Y 151 -15.30 48.71 15.04
CA ALA Y 151 -16.38 48.31 15.87
C ALA Y 151 -16.03 48.29 17.34
N ASP Y 152 -17.04 48.53 18.16
CA ASP Y 152 -16.87 48.47 19.59
C ASP Y 152 -17.96 47.60 20.16
N LYS Y 153 -17.71 46.31 20.14
CA LYS Y 153 -18.70 45.35 20.60
C LYS Y 153 -19.14 45.53 22.06
N GLN Y 154 -18.30 46.12 22.90
CA GLN Y 154 -18.63 46.32 24.32
C GLN Y 154 -19.67 47.42 24.59
N LYS Y 155 -19.61 48.47 23.76
CA LYS Y 155 -20.52 49.58 23.90
C LYS Y 155 -21.56 49.55 22.79
N ASN Y 156 -21.50 48.52 21.92
CA ASN Y 156 -22.44 48.42 20.81
C ASN Y 156 -22.33 49.69 19.96
N GLY Y 157 -21.07 50.10 19.74
CA GLY Y 157 -20.81 51.30 19.00
C GLY Y 157 -19.58 51.12 18.18
N ILE Y 158 -19.03 52.26 17.80
CA ILE Y 158 -17.84 52.26 17.03
C ILE Y 158 -16.87 53.22 17.62
N LYS Y 159 -15.61 52.99 17.33
CA LYS Y 159 -14.56 53.87 17.77
C LYS Y 159 -13.97 54.42 16.50
N VAL Y 160 -13.64 55.69 16.50
CA VAL Y 160 -13.13 56.33 15.31
C VAL Y 160 -11.92 57.16 15.66
N ASN Y 161 -10.90 57.13 14.79
CA ASN Y 161 -9.71 57.90 15.01
C ASN Y 161 -9.18 58.48 13.70
N PHE Y 162 -8.53 59.64 13.81
CA PHE Y 162 -7.95 60.32 12.64
C PHE Y 162 -7.27 61.59 13.04
N LYS Y 163 -6.48 62.15 12.11
CA LYS Y 163 -5.77 63.41 12.33
C LYS Y 163 -6.11 64.38 11.24
N ILE Y 164 -6.36 65.59 11.64
CA ILE Y 164 -6.64 66.64 10.73
C ILE Y 164 -5.43 67.46 10.66
N ARG Y 165 -5.18 67.95 9.46
CA ARG Y 165 -4.10 68.81 9.18
C ARG Y 165 -4.60 70.20 8.77
N HIS Y 166 -4.34 71.20 9.64
CA HIS Y 166 -4.74 72.58 9.37
C HIS Y 166 -3.55 73.40 8.89
N ASN Y 167 -3.69 74.02 7.77
CA ASN Y 167 -2.64 74.83 7.26
C ASN Y 167 -2.54 76.12 8.02
N ILE Y 168 -1.30 76.50 8.39
CA ILE Y 168 -1.03 77.78 9.04
C ILE Y 168 -0.57 78.78 8.01
N GLU Y 169 -0.92 80.03 8.20
CA GLU Y 169 -0.62 81.10 7.29
C GLU Y 169 0.84 81.23 6.89
N ASP Y 170 1.75 80.69 7.69
CA ASP Y 170 3.18 80.77 7.40
C ASP Y 170 3.70 79.60 6.55
N GLY Y 171 2.78 78.75 6.12
CA GLY Y 171 3.18 77.62 5.31
C GLY Y 171 3.29 76.36 6.11
N SER Y 172 3.25 76.48 7.46
CA SER Y 172 3.37 75.31 8.31
C SER Y 172 2.06 74.55 8.50
N VAL Y 173 2.04 73.63 9.47
CA VAL Y 173 0.85 72.81 9.73
C VAL Y 173 0.48 72.67 11.21
N GLN Y 174 -0.84 72.69 11.46
CA GLN Y 174 -1.38 72.47 12.81
C GLN Y 174 -2.11 71.13 12.87
N LEU Y 175 -1.58 70.20 13.65
CA LEU Y 175 -2.17 68.91 13.77
C LEU Y 175 -3.27 68.86 14.80
N ALA Y 176 -4.31 68.13 14.48
CA ALA Y 176 -5.43 67.94 15.37
C ALA Y 176 -5.85 66.49 15.45
N ASP Y 177 -5.42 65.82 16.50
CA ASP Y 177 -5.71 64.43 16.75
C ASP Y 177 -7.11 64.21 17.26
N HIS Y 178 -7.88 63.43 16.54
CA HIS Y 178 -9.26 63.17 16.91
C HIS Y 178 -9.49 61.79 17.47
N TYR Y 179 -10.17 61.72 18.63
CA TYR Y 179 -10.55 60.47 19.27
C TYR Y 179 -12.04 60.49 19.42
N GLN Y 180 -12.71 59.48 18.89
CA GLN Y 180 -14.15 59.54 18.86
C GLN Y 180 -14.84 58.24 19.19
N GLN Y 181 -16.00 58.37 19.86
CA GLN Y 181 -16.90 57.25 20.20
C GLN Y 181 -18.36 57.61 19.84
N ASN Y 182 -19.05 56.64 19.28
CA ASN Y 182 -20.44 56.75 18.90
C ASN Y 182 -21.22 55.60 19.48
N THR Y 183 -22.33 55.92 20.06
CA THR Y 183 -23.19 54.92 20.65
C THR Y 183 -24.61 55.24 20.34
N PRO Y 184 -25.39 54.17 20.12
CA PRO Y 184 -26.78 54.33 19.74
C PRO Y 184 -27.59 54.93 20.87
N ILE Y 185 -28.61 55.65 20.48
CA ILE Y 185 -29.55 56.24 21.46
C ILE Y 185 -30.67 55.23 21.73
N GLY Y 186 -31.22 54.65 20.65
CA GLY Y 186 -32.26 53.63 20.80
C GLY Y 186 -31.71 52.29 21.29
N ASP Y 187 -32.60 51.35 21.54
CA ASP Y 187 -32.25 50.02 22.03
C ASP Y 187 -32.32 49.01 20.88
N GLY Y 188 -32.79 49.50 19.72
CA GLY Y 188 -32.94 48.69 18.51
C GLY Y 188 -31.59 48.22 17.98
N PRO Y 189 -31.61 47.30 17.02
CA PRO Y 189 -30.37 46.78 16.44
C PRO Y 189 -29.62 47.78 15.50
N VAL Y 190 -28.30 47.72 15.57
CA VAL Y 190 -27.44 48.54 14.73
C VAL Y 190 -26.44 47.65 14.05
N LEU Y 191 -25.84 48.19 13.02
CA LEU Y 191 -24.86 47.49 12.23
C LEU Y 191 -23.44 47.75 12.75
N LEU Y 192 -22.75 46.75 13.25
CA LEU Y 192 -21.37 46.93 13.66
C LEU Y 192 -20.49 46.52 12.50
N PRO Y 193 -19.65 47.45 12.11
CA PRO Y 193 -18.80 47.31 10.92
C PRO Y 193 -17.49 46.60 11.12
N ASP Y 194 -16.91 46.18 10.00
CA ASP Y 194 -15.55 45.72 9.98
C ASP Y 194 -14.71 46.97 9.71
N ASN Y 195 -13.43 46.93 10.06
CA ASN Y 195 -12.55 48.06 9.88
C ASN Y 195 -12.63 48.60 8.51
N HIS Y 196 -12.76 49.88 8.41
CA HIS Y 196 -12.84 50.52 7.15
C HIS Y 196 -12.60 51.99 7.34
N TYR Y 197 -12.69 52.77 6.29
CA TYR Y 197 -12.48 54.19 6.45
C TYR Y 197 -13.28 55.04 5.50
N LEU Y 198 -13.39 56.31 5.86
CA LEU Y 198 -14.06 57.32 5.09
C LEU Y 198 -13.04 58.28 4.55
N SER Y 199 -13.22 58.64 3.28
CA SER Y 199 -12.36 59.55 2.57
C SER Y 199 -13.12 60.85 2.40
N THR Y 200 -12.52 61.94 2.89
CA THR Y 200 -13.22 63.21 2.90
C THR Y 200 -12.57 64.26 2.09
N GLN Y 201 -13.40 65.16 1.63
CA GLN Y 201 -12.96 66.36 0.96
C GLN Y 201 -13.92 67.51 1.24
N SER Y 202 -13.38 68.71 1.50
CA SER Y 202 -14.21 69.86 1.84
C SER Y 202 -13.67 71.15 1.27
N ALA Y 203 -14.58 72.01 0.88
CA ALA Y 203 -14.28 73.34 0.37
C ALA Y 203 -15.01 74.40 1.24
N LEU Y 204 -14.27 75.43 1.67
CA LEU Y 204 -14.80 76.51 2.47
C LEU Y 204 -14.95 77.72 1.63
N SER Y 205 -16.05 78.43 1.83
CA SER Y 205 -16.28 79.65 1.11
C SER Y 205 -17.01 80.69 1.99
N LYS Y 206 -17.25 81.87 1.43
CA LYS Y 206 -17.96 82.93 2.14
C LYS Y 206 -19.13 83.42 1.29
N ASP Y 207 -20.19 83.92 1.97
CA ASP Y 207 -21.35 84.53 1.33
C ASP Y 207 -21.11 86.05 1.28
N PRO Y 208 -20.78 86.52 0.11
CA PRO Y 208 -20.43 87.92 -0.12
C PRO Y 208 -21.44 88.94 0.44
N ASN Y 209 -22.71 88.53 0.52
CA ASN Y 209 -23.76 89.40 1.00
C ASN Y 209 -24.10 89.19 2.47
N GLU Y 210 -23.27 88.42 3.15
CA GLU Y 210 -23.49 88.11 4.53
C GLU Y 210 -22.60 88.94 5.46
N LYS Y 211 -23.19 89.73 6.32
CA LYS Y 211 -22.37 90.55 7.23
C LYS Y 211 -22.05 89.86 8.53
N ARG Y 212 -22.81 88.85 8.89
CA ARG Y 212 -22.46 88.20 10.14
C ARG Y 212 -21.23 87.33 9.94
N ASP Y 213 -20.63 86.89 11.04
CA ASP Y 213 -19.46 85.97 10.95
C ASP Y 213 -20.04 84.58 10.56
N HIS Y 214 -19.52 84.01 9.50
CA HIS Y 214 -20.08 82.77 9.06
C HIS Y 214 -19.10 81.96 8.19
N MSE Y 215 -19.52 80.76 7.84
CA MSE Y 215 -18.77 79.92 6.96
C MSE Y 215 -19.73 79.15 6.08
O MSE Y 215 -20.76 78.65 6.56
CB MSE Y 215 -17.91 78.90 7.73
CG MSE Y 215 -17.49 77.65 6.99
SE MSE Y 215 -16.28 76.48 7.97
CE MSE Y 215 -17.47 75.61 9.21
N VAL Y 216 -19.36 79.05 4.79
CA VAL Y 216 -20.09 78.23 3.84
C VAL Y 216 -19.25 76.98 3.58
N LEU Y 217 -19.90 75.81 3.63
CA LEU Y 217 -19.22 74.54 3.53
C LEU Y 217 -19.86 73.57 2.54
N LEU Y 218 -18.97 72.99 1.67
CA LEU Y 218 -19.31 71.92 0.68
C LEU Y 218 -18.39 70.73 0.95
N GLU Y 219 -18.96 69.57 1.12
CA GLU Y 219 -18.18 68.45 1.50
C GLU Y 219 -18.72 67.16 0.90
N PHE Y 220 -17.79 66.30 0.55
CA PHE Y 220 -18.04 65.00 -0.04
C PHE Y 220 -17.35 63.93 0.77
N VAL Y 221 -18.07 62.85 1.03
CA VAL Y 221 -17.54 61.80 1.81
C VAL Y 221 -18.00 60.43 1.32
N THR Y 222 -17.04 59.57 1.10
CA THR Y 222 -17.34 58.23 0.68
C THR Y 222 -16.55 57.17 1.44
N ALA Y 223 -17.21 56.07 1.71
CA ALA Y 223 -16.60 54.96 2.46
C ALA Y 223 -15.76 54.08 1.54
N ALA Y 224 -14.74 53.51 2.10
CA ALA Y 224 -13.86 52.64 1.33
C ALA Y 224 -13.12 51.66 2.20
N GLY Y 225 -12.23 50.91 1.57
CA GLY Y 225 -11.33 50.02 2.27
C GLY Y 225 -11.78 48.62 2.42
N ILE Y 226 -12.87 48.30 1.70
CA ILE Y 226 -13.43 46.95 1.71
C ILE Y 226 -13.73 46.54 0.27
N SER Z 1 -46.10 -33.89 13.83
CA SER Z 1 -47.47 -33.44 13.68
C SER Z 1 -48.50 -34.39 14.27
N LYS Z 2 -49.74 -34.05 13.98
CA LYS Z 2 -50.96 -34.75 14.42
C LYS Z 2 -51.11 -36.19 13.92
N GLY Z 3 -51.47 -36.29 12.64
CA GLY Z 3 -51.76 -37.55 12.00
C GLY Z 3 -50.61 -38.53 11.93
N GLU Z 4 -49.38 -37.99 11.80
CA GLU Z 4 -48.18 -38.83 11.63
C GLU Z 4 -48.27 -40.19 12.34
N GLU Z 5 -48.47 -40.11 13.65
CA GLU Z 5 -48.61 -41.25 14.54
C GLU Z 5 -49.75 -42.21 14.16
N LEU Z 6 -50.75 -41.71 13.42
CA LEU Z 6 -51.89 -42.55 13.01
C LEU Z 6 -51.54 -43.50 11.90
N PHE Z 7 -50.45 -43.20 11.22
CA PHE Z 7 -50.06 -43.97 10.03
C PHE Z 7 -48.89 -44.93 10.18
N THR Z 8 -48.46 -45.04 11.39
CA THR Z 8 -47.37 -45.84 11.79
C THR Z 8 -47.52 -47.36 11.49
N GLY Z 9 -48.72 -47.82 11.19
CA GLY Z 9 -48.89 -49.22 10.86
C GLY Z 9 -49.90 -49.39 9.72
N VAL Z 10 -50.33 -50.62 9.50
CA VAL Z 10 -51.37 -50.90 8.52
C VAL Z 10 -52.72 -50.33 9.02
N VAL Z 11 -53.38 -49.53 8.17
CA VAL Z 11 -54.68 -48.92 8.46
C VAL Z 11 -55.76 -49.46 7.49
N PRO Z 12 -56.89 -49.93 8.02
CA PRO Z 12 -57.95 -50.38 7.13
C PRO Z 12 -58.59 -49.17 6.41
N ILE Z 13 -58.97 -49.39 5.16
CA ILE Z 13 -59.56 -48.35 4.36
C ILE Z 13 -60.95 -48.73 3.88
N LEU Z 14 -61.83 -47.75 3.91
CA LEU Z 14 -63.18 -47.93 3.40
C LEU Z 14 -63.42 -46.84 2.37
N VAL Z 15 -63.89 -47.24 1.20
CA VAL Z 15 -64.19 -46.31 0.11
C VAL Z 15 -65.67 -46.44 -0.31
N GLU Z 16 -66.35 -45.30 -0.35
CA GLU Z 16 -67.73 -45.20 -0.74
C GLU Z 16 -67.90 -44.15 -1.82
N LEU Z 17 -68.44 -44.55 -2.98
CA LEU Z 17 -68.67 -43.59 -4.07
C LEU Z 17 -70.10 -43.61 -4.61
N ASP Z 18 -70.65 -42.42 -4.80
CA ASP Z 18 -71.94 -42.22 -5.41
C ASP Z 18 -71.73 -41.44 -6.70
N GLY Z 19 -72.08 -42.02 -7.83
CA GLY Z 19 -71.86 -41.24 -9.03
C GLY Z 19 -73.00 -41.20 -10.04
N ASP Z 20 -72.90 -40.19 -10.88
CA ASP Z 20 -73.82 -39.95 -11.95
C ASP Z 20 -73.02 -39.40 -13.11
N VAL Z 21 -72.98 -40.19 -14.17
CA VAL Z 21 -72.29 -39.78 -15.39
C VAL Z 21 -73.27 -39.73 -16.58
N ASN Z 22 -73.59 -38.50 -17.01
CA ASN Z 22 -74.54 -38.34 -18.12
C ASN Z 22 -75.87 -39.05 -17.83
N GLY Z 23 -76.34 -38.93 -16.59
CA GLY Z 23 -77.59 -39.57 -16.24
C GLY Z 23 -77.50 -41.03 -15.85
N HIS Z 24 -76.32 -41.66 -16.01
CA HIS Z 24 -76.16 -43.06 -15.58
C HIS Z 24 -75.69 -43.08 -14.12
N LYS Z 25 -76.56 -43.51 -13.24
CA LYS Z 25 -76.25 -43.51 -11.82
C LYS Z 25 -75.62 -44.78 -11.37
N PHE Z 26 -74.68 -44.67 -10.43
CA PHE Z 26 -74.03 -45.87 -9.93
C PHE Z 26 -73.40 -45.67 -8.56
N SER Z 27 -73.10 -46.79 -7.92
CA SER Z 27 -72.49 -46.79 -6.60
C SER Z 27 -71.34 -47.81 -6.54
N VAL Z 28 -70.27 -47.41 -5.85
CA VAL Z 28 -69.13 -48.29 -5.64
C VAL Z 28 -68.70 -48.35 -4.18
N SER Z 29 -68.36 -49.55 -3.77
CA SER Z 29 -67.81 -49.80 -2.45
C SER Z 29 -66.39 -50.41 -2.57
N GLY Z 30 -65.48 -49.94 -1.75
CA GLY Z 30 -64.17 -50.51 -1.74
C GLY Z 30 -63.64 -50.70 -0.31
N GLU Z 31 -62.84 -51.71 -0.15
CA GLU Z 31 -62.20 -52.01 1.13
C GLU Z 31 -60.75 -52.45 0.88
N GLY Z 32 -59.90 -52.25 1.85
CA GLY Z 32 -58.53 -52.72 1.78
C GLY Z 32 -57.71 -52.14 2.89
N GLU Z 33 -56.42 -52.00 2.64
CA GLU Z 33 -55.56 -51.44 3.63
C GLU Z 33 -54.44 -50.62 3.02
N GLY Z 34 -53.86 -49.76 3.82
CA GLY Z 34 -52.76 -48.91 3.41
C GLY Z 34 -51.66 -48.98 4.44
N ASP Z 35 -50.43 -48.82 4.00
CA ASP Z 35 -49.28 -48.83 4.89
C ASP Z 35 -48.33 -47.77 4.41
N ALA Z 36 -48.50 -46.59 4.97
CA ALA Z 36 -47.76 -45.44 4.59
C ALA Z 36 -46.24 -45.63 4.76
N THR Z 37 -45.84 -46.63 5.55
CA THR Z 37 -44.41 -46.88 5.78
C THR Z 37 -43.71 -47.24 4.48
N TYR Z 38 -44.44 -47.93 3.61
CA TYR Z 38 -44.00 -48.33 2.30
C TYR Z 38 -44.73 -47.59 1.19
N GLY Z 39 -45.58 -46.60 1.56
CA GLY Z 39 -46.40 -45.87 0.59
C GLY Z 39 -47.28 -46.84 -0.22
N LYS Z 40 -47.68 -47.93 0.44
CA LYS Z 40 -48.40 -48.96 -0.21
C LYS Z 40 -49.94 -48.99 0.08
N LEU Z 41 -50.72 -49.26 -0.98
CA LEU Z 41 -52.20 -49.36 -0.91
C LEU Z 41 -52.67 -50.66 -1.56
N THR Z 42 -53.58 -51.41 -0.92
CA THR Z 42 -54.15 -52.62 -1.51
C THR Z 42 -55.66 -52.56 -1.38
N LEU Z 43 -56.41 -52.51 -2.52
CA LEU Z 43 -57.85 -52.32 -2.46
C LEU Z 43 -58.62 -53.17 -3.47
N LYS Z 44 -59.89 -53.45 -3.13
CA LYS Z 44 -60.81 -54.10 -4.01
C LYS Z 44 -62.10 -53.30 -4.05
N PHE Z 45 -62.53 -52.95 -5.25
CA PHE Z 45 -63.73 -52.16 -5.47
C PHE Z 45 -64.75 -53.01 -6.12
N ILE Z 46 -66.00 -52.79 -5.75
CA ILE Z 46 -67.12 -53.56 -6.28
C ILE Z 46 -68.26 -52.63 -6.68
N CYS Z 47 -68.79 -52.81 -7.88
CA CYS Z 47 -69.86 -51.92 -8.29
C CYS Z 47 -71.11 -52.47 -7.71
N THR Z 48 -71.69 -51.78 -6.74
CA THR Z 48 -72.86 -52.29 -6.03
C THR Z 48 -74.18 -52.16 -6.75
N THR Z 49 -74.26 -51.22 -7.66
CA THR Z 49 -75.48 -51.03 -8.41
C THR Z 49 -75.52 -51.87 -9.67
N GLY Z 50 -74.50 -52.75 -9.85
CA GLY Z 50 -74.41 -53.62 -11.02
C GLY Z 50 -73.16 -53.33 -11.92
N LYS Z 51 -73.40 -53.09 -13.22
CA LYS Z 51 -72.32 -52.82 -14.18
C LYS Z 51 -71.84 -51.37 -14.17
N LEU Z 52 -70.53 -51.19 -13.98
CA LEU Z 52 -70.02 -49.84 -13.99
C LEU Z 52 -70.22 -49.23 -15.39
N PRO Z 53 -70.77 -48.05 -15.47
CA PRO Z 53 -71.07 -47.36 -16.73
C PRO Z 53 -69.91 -46.68 -17.43
N VAL Z 54 -68.80 -46.55 -16.71
CA VAL Z 54 -67.58 -45.98 -17.26
C VAL Z 54 -66.51 -46.96 -17.01
N PRO Z 55 -65.36 -46.75 -17.59
CA PRO Z 55 -64.30 -47.70 -17.37
C PRO Z 55 -63.62 -47.56 -15.98
N TRP Z 56 -63.29 -48.69 -15.38
CA TRP Z 56 -62.64 -48.70 -14.07
C TRP Z 56 -61.44 -47.73 -13.94
N PRO Z 57 -60.54 -47.77 -14.90
CA PRO Z 57 -59.38 -46.90 -14.82
C PRO Z 57 -59.70 -45.47 -14.67
N THR Z 58 -60.84 -45.03 -15.19
CA THR Z 58 -61.13 -43.62 -15.06
C THR Z 58 -61.38 -43.18 -13.60
N LEU Z 59 -61.67 -44.14 -12.75
CA LEU Z 59 -61.99 -43.81 -11.35
C LEU Z 59 -60.82 -43.91 -10.35
N VAL Z 60 -59.69 -44.42 -10.81
CA VAL Z 60 -58.55 -44.65 -9.90
C VAL Z 60 -58.17 -43.48 -9.01
N THR Z 61 -57.96 -42.34 -9.64
CA THR Z 61 -57.54 -41.16 -8.93
C THR Z 61 -58.54 -40.69 -7.89
N THR Z 62 -59.79 -40.96 -8.20
CA THR Z 62 -60.89 -40.57 -7.30
C THR Z 62 -60.91 -41.47 -6.06
N PHE Z 63 -60.80 -42.76 -6.28
CA PHE Z 63 -60.80 -43.68 -5.20
C PHE Z 63 -59.55 -43.53 -4.35
N1 CRO Z 64 -58.40 -43.41 -5.01
CA1 CRO Z 64 -57.13 -43.28 -4.28
CB1 CRO Z 64 -56.27 -44.54 -4.50
CG1 CRO Z 64 -56.94 -45.78 -3.99
OG1 CRO Z 64 -55.98 -44.68 -5.88
C1 CRO Z 64 -56.52 -42.01 -4.78
N2 CRO Z 64 -55.56 -41.88 -5.78
N3 CRO Z 64 -56.79 -40.78 -4.29
C2 CRO Z 64 -56.21 -39.75 -5.01
O2 CRO Z 64 -56.10 -38.59 -4.75
CA2 CRO Z 64 -55.35 -40.50 -5.96
CA3 CRO Z 64 -57.89 -40.55 -3.38
C3 CRO Z 64 -57.54 -40.46 -1.93
O3 CRO Z 64 -58.18 -39.70 -1.22
CB2 CRO Z 64 -54.42 -39.93 -6.75
CG2 CRO Z 64 -53.65 -40.59 -7.85
CD1 CRO Z 64 -53.65 -42.00 -8.02
CD2 CRO Z 64 -52.83 -39.75 -8.69
CE1 CRO Z 64 -52.78 -42.58 -9.02
CE2 CRO Z 64 -52.00 -40.34 -9.69
CZ CRO Z 64 -51.99 -41.72 -9.86
OH CRO Z 64 -51.14 -42.32 -10.92
N VAL Z 65 -56.56 -41.24 -1.49
CA VAL Z 65 -56.19 -41.22 -0.08
C VAL Z 65 -54.66 -41.01 0.06
N GLN Z 66 -54.26 -39.83 -0.35
CA GLN Z 66 -52.97 -39.37 -0.36
C GLN Z 66 -52.19 -39.31 0.94
N CYS Z 67 -52.90 -39.52 2.04
CA CYS Z 67 -52.27 -39.56 3.32
C CYS Z 67 -51.45 -40.88 3.47
N PHE Z 68 -51.62 -41.81 2.51
CA PHE Z 68 -50.89 -43.08 2.52
C PHE Z 68 -49.58 -43.03 1.69
N SER Z 69 -49.21 -41.84 1.27
CA SER Z 69 -48.01 -41.64 0.51
C SER Z 69 -46.81 -41.77 1.45
N ARG Z 70 -45.71 -42.37 0.96
CA ARG Z 70 -44.56 -42.42 1.80
C ARG Z 70 -43.79 -41.11 1.73
N TYR Z 71 -43.63 -40.42 2.85
CA TYR Z 71 -42.83 -39.20 2.86
C TYR Z 71 -41.46 -39.52 3.48
N PRO Z 72 -40.41 -39.26 2.76
CA PRO Z 72 -39.10 -39.51 3.34
C PRO Z 72 -38.89 -38.65 4.59
N ASP Z 73 -38.06 -39.16 5.50
CA ASP Z 73 -37.77 -38.47 6.72
C ASP Z 73 -37.47 -37.02 6.52
N HIS Z 74 -36.68 -36.71 5.56
CA HIS Z 74 -36.34 -35.34 5.41
C HIS Z 74 -37.44 -34.49 4.86
N MSE Z 75 -38.51 -35.10 4.43
CA MSE Z 75 -39.61 -34.33 3.89
C MSE Z 75 -40.89 -34.35 4.74
O MSE Z 75 -41.94 -33.89 4.30
CB MSE Z 75 -39.94 -34.84 2.51
CG MSE Z 75 -39.04 -34.35 1.41
SE MSE Z 75 -39.49 -35.16 -0.29
CE MSE Z 75 -40.82 -33.88 -0.80
N LYS Z 76 -40.81 -34.92 5.93
CA LYS Z 76 -41.96 -35.02 6.81
C LYS Z 76 -42.70 -33.71 7.07
N ARG Z 77 -41.96 -32.62 7.06
CA ARG Z 77 -42.58 -31.34 7.33
C ARG Z 77 -43.47 -30.86 6.22
N HIS Z 78 -43.50 -31.59 5.08
CA HIS Z 78 -44.30 -31.13 3.94
C HIS Z 78 -45.54 -31.97 3.73
N ASP Z 79 -45.79 -32.88 4.68
CA ASP Z 79 -46.86 -33.83 4.56
C ASP Z 79 -48.20 -33.29 5.07
N PHE Z 80 -48.86 -32.50 4.22
CA PHE Z 80 -50.15 -31.90 4.57
C PHE Z 80 -51.19 -32.95 4.93
N PHE Z 81 -51.22 -34.02 4.09
CA PHE Z 81 -52.19 -35.08 4.19
C PHE Z 81 -52.37 -35.67 5.57
N LYS Z 82 -51.26 -36.10 6.15
CA LYS Z 82 -51.28 -36.67 7.46
C LYS Z 82 -51.52 -35.63 8.58
N SER Z 83 -51.07 -34.36 8.36
CA SER Z 83 -51.22 -33.32 9.34
C SER Z 83 -52.67 -32.94 9.57
N ALA Z 84 -53.52 -33.25 8.60
CA ALA Z 84 -54.92 -32.90 8.72
C ALA Z 84 -55.74 -33.95 9.49
N MSE Z 85 -55.10 -35.07 9.85
CA MSE Z 85 -55.76 -36.17 10.55
C MSE Z 85 -55.74 -36.03 12.09
O MSE Z 85 -54.87 -35.38 12.63
CB MSE Z 85 -55.06 -37.43 10.11
CG MSE Z 85 -55.17 -37.69 8.62
SE MSE Z 85 -57.02 -38.06 8.05
CE MSE Z 85 -57.00 -37.21 6.34
N PRO Z 86 -56.70 -36.63 12.81
CA PRO Z 86 -57.77 -37.47 12.31
C PRO Z 86 -59.00 -36.75 11.73
N GLU Z 87 -59.17 -35.44 12.01
CA GLU Z 87 -60.33 -34.66 11.53
C GLU Z 87 -60.51 -34.75 10.01
N GLY Z 88 -59.41 -34.83 9.28
CA GLY Z 88 -59.51 -35.05 7.85
C GLY Z 88 -59.50 -33.83 6.97
N TYR Z 89 -59.78 -34.07 5.68
CA TYR Z 89 -59.80 -33.00 4.73
C TYR Z 89 -60.80 -33.24 3.66
N VAL Z 90 -61.15 -32.13 3.02
CA VAL Z 90 -62.02 -32.13 1.86
C VAL Z 90 -61.13 -32.05 0.63
N GLN Z 91 -61.41 -32.90 -0.30
CA GLN Z 91 -60.67 -32.97 -1.53
C GLN Z 91 -61.64 -32.76 -2.66
N GLU Z 92 -61.43 -31.71 -3.45
CA GLU Z 92 -62.28 -31.46 -4.58
C GLU Z 92 -61.51 -31.46 -5.86
N ARG Z 93 -62.14 -31.91 -6.93
CA ARG Z 93 -61.49 -31.91 -8.21
C ARG Z 93 -62.41 -31.61 -9.37
N THR Z 94 -61.76 -31.24 -10.44
CA THR Z 94 -62.35 -31.23 -11.74
C THR Z 94 -61.40 -32.00 -12.62
N ILE Z 95 -61.90 -32.97 -13.35
CA ILE Z 95 -61.08 -33.78 -14.25
C ILE Z 95 -61.56 -33.62 -15.68
N PHE Z 96 -60.71 -33.05 -16.53
CA PHE Z 96 -61.09 -32.84 -17.91
C PHE Z 96 -60.61 -33.91 -18.81
N PHE Z 97 -61.51 -34.65 -19.46
CA PHE Z 97 -61.07 -35.64 -20.42
C PHE Z 97 -60.88 -34.95 -21.74
N LYS Z 98 -59.70 -35.09 -22.32
CA LYS Z 98 -59.43 -34.41 -23.56
C LYS Z 98 -60.40 -34.82 -24.64
N ASP Z 99 -61.01 -33.82 -25.27
CA ASP Z 99 -62.00 -34.04 -26.34
C ASP Z 99 -63.19 -34.87 -25.90
N ASP Z 100 -63.51 -34.79 -24.61
CA ASP Z 100 -64.61 -35.54 -24.03
C ASP Z 100 -65.21 -34.79 -22.84
N GLY Z 101 -65.97 -35.50 -21.98
CA GLY Z 101 -66.61 -34.85 -20.82
C GLY Z 101 -65.68 -34.59 -19.65
N ASN Z 102 -66.26 -34.10 -18.55
CA ASN Z 102 -65.49 -33.87 -17.35
C ASN Z 102 -66.15 -34.48 -16.11
N TYR Z 103 -65.33 -34.72 -15.08
CA TYR Z 103 -65.78 -35.20 -13.81
C TYR Z 103 -65.59 -34.14 -12.77
N LYS Z 104 -66.58 -34.00 -11.90
CA LYS Z 104 -66.50 -33.09 -10.78
C LYS Z 104 -66.67 -33.94 -9.53
N THR Z 105 -65.73 -33.86 -8.64
CA THR Z 105 -65.77 -34.69 -7.46
C THR Z 105 -65.61 -33.90 -6.19
N ARG Z 106 -66.21 -34.44 -5.15
CA ARG Z 106 -66.09 -33.88 -3.85
C ARG Z 106 -66.04 -35.01 -2.84
N ALA Z 107 -65.05 -34.99 -1.98
CA ALA Z 107 -64.94 -36.06 -1.03
C ALA Z 107 -64.47 -35.61 0.31
N GLU Z 108 -64.75 -36.43 1.30
CA GLU Z 108 -64.28 -36.19 2.64
C GLU Z 108 -63.42 -37.35 3.04
N VAL Z 109 -62.18 -37.08 3.47
CA VAL Z 109 -61.39 -38.18 3.92
C VAL Z 109 -60.96 -37.97 5.34
N LYS Z 110 -61.29 -38.94 6.13
CA LYS Z 110 -61.02 -38.81 7.54
C LYS Z 110 -61.19 -40.13 8.20
N PHE Z 111 -60.87 -40.19 9.49
CA PHE Z 111 -60.99 -41.40 10.28
C PHE Z 111 -62.36 -41.54 10.95
N GLU Z 112 -62.89 -42.74 10.92
CA GLU Z 112 -64.12 -43.12 11.63
C GLU Z 112 -63.66 -44.19 12.53
N GLY Z 113 -63.33 -43.87 13.75
CA GLY Z 113 -62.82 -44.92 14.58
C GLY Z 113 -61.40 -45.21 14.09
N ASP Z 114 -61.11 -46.43 13.81
CA ASP Z 114 -59.76 -46.69 13.34
C ASP Z 114 -59.60 -46.96 11.85
N THR Z 115 -60.68 -46.73 11.14
CA THR Z 115 -60.76 -46.93 9.72
C THR Z 115 -60.67 -45.62 8.99
N LEU Z 116 -59.88 -45.60 7.95
CA LEU Z 116 -59.72 -44.40 7.14
C LEU Z 116 -60.80 -44.47 6.08
N VAL Z 117 -61.63 -43.41 6.05
CA VAL Z 117 -62.78 -43.34 5.15
C VAL Z 117 -62.65 -42.29 4.07
N ASN Z 118 -62.96 -42.69 2.85
CA ASN Z 118 -62.98 -41.78 1.72
C ASN Z 118 -64.39 -41.79 1.14
N ARG Z 119 -65.15 -40.74 1.40
CA ARG Z 119 -66.52 -40.64 0.91
C ARG Z 119 -66.61 -39.62 -0.20
N ILE Z 120 -67.01 -40.08 -1.38
CA ILE Z 120 -67.05 -39.30 -2.60
C ILE Z 120 -68.41 -39.19 -3.31
N GLU Z 121 -68.62 -38.01 -3.86
CA GLU Z 121 -69.74 -37.72 -4.72
C GLU Z 121 -69.17 -37.30 -6.05
N LEU Z 122 -69.56 -38.02 -7.07
CA LEU Z 122 -69.06 -37.75 -8.40
C LEU Z 122 -70.13 -37.38 -9.39
N LYS Z 123 -69.88 -36.34 -10.13
CA LYS Z 123 -70.78 -35.89 -11.18
C LYS Z 123 -70.02 -35.75 -12.53
N GLY Z 124 -70.47 -36.48 -13.56
CA GLY Z 124 -69.86 -36.49 -14.91
C GLY Z 124 -70.81 -35.91 -15.97
N ILE Z 125 -70.33 -34.92 -16.74
CA ILE Z 125 -71.15 -34.33 -17.79
C ILE Z 125 -70.43 -34.11 -19.09
N ASP Z 126 -71.23 -34.01 -20.11
CA ASP Z 126 -70.79 -33.74 -21.43
C ASP Z 126 -69.97 -34.80 -22.04
N PHE Z 127 -70.25 -36.03 -21.68
CA PHE Z 127 -69.51 -37.14 -22.26
C PHE Z 127 -70.12 -37.53 -23.59
N LYS Z 128 -69.26 -37.95 -24.53
CA LYS Z 128 -69.74 -38.37 -25.83
C LYS Z 128 -70.16 -39.81 -25.78
N GLU Z 129 -71.37 -40.04 -26.21
CA GLU Z 129 -71.92 -41.36 -26.15
C GLU Z 129 -71.04 -42.38 -26.84
N ASP Z 130 -70.26 -41.90 -27.78
CA ASP Z 130 -69.38 -42.75 -28.59
C ASP Z 130 -67.87 -42.46 -28.38
N GLY Z 131 -67.51 -41.77 -27.29
CA GLY Z 131 -66.13 -41.41 -27.01
C GLY Z 131 -65.40 -42.55 -26.37
N ASN Z 132 -64.19 -42.29 -25.90
CA ASN Z 132 -63.43 -43.37 -25.28
C ASN Z 132 -63.98 -43.84 -23.94
N ILE Z 133 -64.69 -42.95 -23.23
CA ILE Z 133 -65.21 -43.25 -21.89
C ILE Z 133 -66.48 -44.12 -21.89
N LEU Z 134 -67.52 -43.54 -22.48
CA LEU Z 134 -68.79 -44.21 -22.57
C LEU Z 134 -68.70 -45.37 -23.50
N GLY Z 135 -67.84 -45.24 -24.49
CA GLY Z 135 -67.66 -46.30 -25.47
C GLY Z 135 -66.81 -47.42 -24.94
N HIS Z 136 -66.27 -47.26 -23.75
CA HIS Z 136 -65.44 -48.33 -23.17
C HIS Z 136 -64.23 -48.79 -24.06
N LYS Z 137 -63.41 -47.83 -24.46
CA LYS Z 137 -62.26 -48.09 -25.32
C LYS Z 137 -60.90 -48.09 -24.59
N LEU Z 138 -60.91 -47.88 -23.25
CA LEU Z 138 -59.69 -47.81 -22.43
C LEU Z 138 -59.19 -49.17 -22.06
N GLU Z 139 -57.86 -49.40 -22.16
CA GLU Z 139 -57.32 -50.67 -21.74
C GLU Z 139 -57.38 -50.74 -20.22
N TYR Z 140 -57.33 -51.94 -19.72
CA TYR Z 140 -57.38 -52.20 -18.31
C TYR Z 140 -56.02 -52.25 -17.72
N ASN Z 141 -55.44 -51.10 -17.59
CA ASN Z 141 -54.12 -50.97 -17.03
C ASN Z 141 -53.92 -49.55 -16.59
N TYR Z 142 -52.76 -49.25 -16.03
CA TYR Z 142 -52.52 -47.92 -15.55
C TYR Z 142 -51.02 -47.54 -15.62
N ASN Z 143 -50.72 -46.26 -15.84
CA ASN Z 143 -49.34 -45.76 -15.95
C ASN Z 143 -48.84 -45.10 -14.68
N SER Z 144 -47.54 -44.63 -14.67
CA SER Z 144 -46.92 -43.92 -13.53
C SER Z 144 -47.00 -42.46 -13.78
N HIS Z 145 -47.21 -41.68 -12.73
CA HIS Z 145 -47.35 -40.27 -12.93
C HIS Z 145 -46.67 -39.52 -11.85
N ASN Z 146 -46.52 -38.24 -12.09
CA ASN Z 146 -46.03 -37.30 -11.10
C ASN Z 146 -47.18 -36.35 -10.77
N VAL Z 147 -47.38 -36.12 -9.49
CA VAL Z 147 -48.43 -35.28 -8.97
C VAL Z 147 -47.80 -34.10 -8.30
N TYR Z 148 -48.09 -32.91 -8.81
CA TYR Z 148 -47.50 -31.68 -8.32
C TYR Z 148 -48.29 -31.01 -7.24
N ILE Z 149 -47.63 -30.74 -6.14
CA ILE Z 149 -48.25 -30.12 -5.00
C ILE Z 149 -47.70 -28.79 -4.65
N MSE Z 150 -48.60 -27.89 -4.29
CA MSE Z 150 -48.23 -26.57 -3.85
C MSE Z 150 -49.16 -26.08 -2.78
O MSE Z 150 -50.31 -26.49 -2.71
CB MSE Z 150 -48.25 -25.64 -5.01
CG MSE Z 150 -47.81 -26.27 -6.28
SE MSE Z 150 -48.27 -25.19 -7.78
CE MSE Z 150 -48.51 -23.55 -6.80
N ALA Z 151 -48.62 -25.19 -1.95
CA ALA Z 151 -49.33 -24.62 -0.85
C ALA Z 151 -50.36 -23.58 -1.26
N ASP Z 152 -51.40 -23.49 -0.48
CA ASP Z 152 -52.41 -22.50 -0.71
C ASP Z 152 -52.66 -21.76 0.59
N LYS Z 153 -51.83 -20.76 0.84
CA LYS Z 153 -51.92 -20.02 2.07
C LYS Z 153 -53.26 -19.32 2.33
N GLN Z 154 -54.01 -19.02 1.26
CA GLN Z 154 -55.30 -18.34 1.41
C GLN Z 154 -56.44 -19.23 1.94
N LYS Z 155 -56.40 -20.50 1.56
CA LYS Z 155 -57.40 -21.44 1.98
C LYS Z 155 -56.83 -22.38 3.02
N ASN Z 156 -55.55 -22.18 3.40
CA ASN Z 156 -54.91 -23.05 4.39
C ASN Z 156 -54.97 -24.48 3.87
N GLY Z 157 -54.67 -24.61 2.57
CA GLY Z 157 -54.71 -25.89 1.93
C GLY Z 157 -53.64 -25.99 0.91
N ILE Z 158 -53.84 -26.92 0.01
CA ILE Z 158 -52.91 -27.13 -1.04
C ILE Z 158 -53.64 -27.21 -2.33
N LYS Z 159 -52.93 -26.92 -3.41
CA LYS Z 159 -53.47 -27.02 -4.73
C LYS Z 159 -52.65 -28.09 -5.40
N VAL Z 160 -53.28 -28.93 -6.17
CA VAL Z 160 -52.59 -30.03 -6.80
C VAL Z 160 -53.00 -30.12 -8.26
N ASN Z 161 -52.02 -30.39 -9.12
CA ASN Z 161 -52.29 -30.52 -10.53
C ASN Z 161 -51.47 -31.66 -11.16
N PHE Z 162 -52.03 -32.27 -12.19
CA PHE Z 162 -51.37 -33.38 -12.90
C PHE Z 162 -52.20 -33.86 -14.03
N LYS Z 163 -51.60 -34.68 -14.91
CA LYS Z 163 -52.28 -35.29 -16.05
C LYS Z 163 -52.11 -36.77 -16.02
N ILE Z 164 -53.18 -37.46 -16.26
CA ILE Z 164 -53.16 -38.87 -16.32
C ILE Z 164 -53.24 -39.23 -17.75
N ARG Z 165 -52.53 -40.28 -18.08
CA ARG Z 165 -52.50 -40.82 -19.39
C ARG Z 165 -53.13 -42.22 -19.42
N HIS Z 166 -54.30 -42.33 -20.08
CA HIS Z 166 -55.01 -43.61 -20.21
C HIS Z 166 -54.76 -44.21 -21.58
N ASN Z 167 -54.30 -45.42 -21.60
CA ASN Z 167 -54.08 -46.07 -22.84
C ASN Z 167 -55.38 -46.50 -23.47
N ILE Z 168 -55.52 -46.24 -24.78
CA ILE Z 168 -56.69 -46.69 -25.55
C ILE Z 168 -56.34 -47.97 -26.29
N GLU Z 169 -57.30 -48.84 -26.43
CA GLU Z 169 -57.13 -50.14 -27.04
C GLU Z 169 -56.49 -50.12 -28.43
N ASP Z 170 -56.53 -48.99 -29.11
CA ASP Z 170 -55.94 -48.88 -30.45
C ASP Z 170 -54.47 -48.44 -30.44
N GLY Z 171 -53.91 -48.32 -29.25
CA GLY Z 171 -52.53 -47.93 -29.14
C GLY Z 171 -52.38 -46.46 -28.83
N SER Z 172 -53.50 -45.71 -28.93
CA SER Z 172 -53.45 -44.29 -28.66
C SER Z 172 -53.53 -43.93 -27.18
N VAL Z 173 -53.74 -42.63 -26.89
CA VAL Z 173 -53.81 -42.16 -25.49
C VAL Z 173 -54.97 -41.22 -25.19
N GLN Z 174 -55.56 -41.39 -24.00
CA GLN Z 174 -56.61 -40.49 -23.51
C GLN Z 174 -56.10 -39.66 -22.34
N LEU Z 175 -56.00 -38.36 -22.53
CA LEU Z 175 -55.52 -37.49 -21.52
C LEU Z 175 -56.60 -37.06 -20.56
N ALA Z 176 -56.23 -36.99 -19.29
CA ALA Z 176 -57.13 -36.56 -18.25
C ALA Z 176 -56.46 -35.56 -17.32
N ASP Z 177 -56.76 -34.28 -17.54
CA ASP Z 177 -56.24 -33.18 -16.77
C ASP Z 177 -56.90 -33.04 -15.43
N HIS Z 178 -56.13 -33.12 -14.38
CA HIS Z 178 -56.66 -33.04 -13.04
C HIS Z 178 -56.35 -31.72 -12.35
N TYR Z 179 -57.40 -31.11 -11.77
CA TYR Z 179 -57.27 -29.88 -10.99
C TYR Z 179 -57.82 -30.16 -9.64
N GLN Z 180 -57.03 -29.93 -8.60
CA GLN Z 180 -57.45 -30.35 -7.29
C GLN Z 180 -57.15 -29.36 -6.19
N GLN Z 181 -58.08 -29.31 -5.21
CA GLN Z 181 -57.95 -28.51 -3.97
C GLN Z 181 -58.29 -29.34 -2.74
N ASN Z 182 -57.50 -29.17 -1.70
CA ASN Z 182 -57.67 -29.84 -0.43
C ASN Z 182 -57.67 -28.82 0.68
N THR Z 183 -58.63 -28.96 1.55
CA THR Z 183 -58.74 -28.06 2.69
C THR Z 183 -59.09 -28.84 3.91
N PRO Z 184 -58.54 -28.41 5.03
CA PRO Z 184 -58.73 -29.10 6.29
C PRO Z 184 -60.18 -29.02 6.74
N ILE Z 185 -60.59 -30.03 7.44
CA ILE Z 185 -61.95 -30.07 8.03
C ILE Z 185 -61.88 -29.45 9.43
N GLY Z 186 -60.89 -29.83 10.21
CA GLY Z 186 -60.71 -29.26 11.55
C GLY Z 186 -60.15 -27.83 11.51
N ASP Z 187 -60.06 -27.22 12.67
CA ASP Z 187 -59.57 -25.84 12.80
C ASP Z 187 -58.13 -25.84 13.32
N GLY Z 188 -57.66 -27.06 13.65
CA GLY Z 188 -56.31 -27.29 14.17
C GLY Z 188 -55.25 -26.95 13.12
N PRO Z 189 -53.98 -26.91 13.55
CA PRO Z 189 -52.89 -26.59 12.63
C PRO Z 189 -52.53 -27.73 11.64
N VAL Z 190 -52.17 -27.33 10.43
CA VAL Z 190 -51.75 -28.24 9.38
C VAL Z 190 -50.43 -27.78 8.83
N LEU Z 191 -49.78 -28.69 8.14
CA LEU Z 191 -48.50 -28.44 7.55
C LEU Z 191 -48.64 -27.96 6.10
N LEU Z 192 -48.24 -26.73 5.81
CA LEU Z 192 -48.27 -26.27 4.44
C LEU Z 192 -46.90 -26.50 3.84
N PRO Z 193 -46.89 -27.22 2.75
CA PRO Z 193 -45.66 -27.66 2.09
C PRO Z 193 -45.03 -26.69 1.12
N ASP Z 194 -43.76 -26.96 0.82
CA ASP Z 194 -43.09 -26.30 -0.27
C ASP Z 194 -43.37 -27.18 -1.49
N ASN Z 195 -43.25 -26.61 -2.69
CA ASN Z 195 -43.51 -27.33 -3.91
C ASN Z 195 -42.79 -28.62 -3.94
N HIS Z 196 -43.49 -29.66 -4.29
CA HIS Z 196 -42.91 -30.95 -4.37
C HIS Z 196 -43.83 -31.84 -5.15
N TYR Z 197 -43.50 -33.09 -5.28
CA TYR Z 197 -44.38 -33.97 -6.02
C TYR Z 197 -44.38 -35.40 -5.53
N LEU Z 198 -45.42 -36.12 -5.93
CA LEU Z 198 -45.60 -37.51 -5.62
C LEU Z 198 -45.44 -38.30 -6.89
N SER Z 199 -44.73 -39.42 -6.77
CA SER Z 199 -44.47 -40.32 -7.85
C SER Z 199 -45.30 -41.57 -7.63
N THR Z 200 -46.13 -41.91 -8.62
CA THR Z 200 -47.07 -43.00 -8.44
C THR Z 200 -46.87 -44.12 -9.38
N GLN Z 201 -47.27 -45.28 -8.91
CA GLN Z 201 -47.32 -46.47 -9.72
C GLN Z 201 -48.48 -47.37 -9.28
N SER Z 202 -49.21 -47.95 -10.24
CA SER Z 202 -50.37 -48.77 -9.93
C SER Z 202 -50.53 -49.94 -10.86
N ALA Z 203 -50.98 -51.04 -10.31
CA ALA Z 203 -51.27 -52.25 -11.05
C ALA Z 203 -52.75 -52.65 -10.83
N LEU Z 204 -53.46 -52.94 -11.92
CA LEU Z 204 -54.85 -53.35 -11.89
C LEU Z 204 -54.95 -54.81 -12.14
N SER Z 205 -55.83 -55.46 -11.40
CA SER Z 205 -56.04 -56.88 -11.59
C SER Z 205 -57.52 -57.24 -11.36
N LYS Z 206 -57.85 -58.53 -11.54
CA LYS Z 206 -59.20 -59.02 -11.32
C LYS Z 206 -59.17 -60.20 -10.37
N ASP Z 207 -60.28 -60.39 -9.62
CA ASP Z 207 -60.47 -61.53 -8.72
C ASP Z 207 -61.24 -62.61 -9.51
N PRO Z 208 -60.51 -63.64 -9.90
CA PRO Z 208 -61.06 -64.70 -10.74
C PRO Z 208 -62.35 -65.33 -10.21
N ASN Z 209 -62.54 -65.30 -8.89
CA ASN Z 209 -63.71 -65.89 -8.28
C ASN Z 209 -64.81 -64.89 -7.97
N GLU Z 210 -64.65 -63.68 -8.51
CA GLU Z 210 -65.59 -62.62 -8.27
C GLU Z 210 -66.53 -62.41 -9.48
N LYS Z 211 -67.81 -62.59 -9.28
CA LYS Z 211 -68.74 -62.40 -10.40
C LYS Z 211 -69.26 -60.98 -10.53
N ARG Z 212 -69.17 -60.21 -9.47
CA ARG Z 212 -69.64 -58.85 -9.63
C ARG Z 212 -68.65 -58.03 -10.45
N ASP Z 213 -69.06 -56.87 -10.91
CA ASP Z 213 -68.13 -55.97 -11.64
C ASP Z 213 -67.20 -55.35 -10.57
N HIS Z 214 -65.90 -55.48 -10.77
CA HIS Z 214 -65.01 -55.00 -9.76
C HIS Z 214 -63.61 -54.72 -10.32
N MSE Z 215 -62.77 -54.18 -9.45
CA MSE Z 215 -61.39 -53.95 -9.77
C MSE Z 215 -60.55 -54.19 -8.55
O MSE Z 215 -60.92 -53.76 -7.44
CB MSE Z 215 -61.15 -52.50 -10.25
CG MSE Z 215 -59.73 -51.96 -10.11
SE MSE Z 215 -59.47 -50.17 -10.87
CE MSE Z 215 -60.26 -49.04 -9.53
N VAL Z 216 -59.40 -54.84 -8.76
CA VAL Z 216 -58.40 -55.02 -7.72
C VAL Z 216 -57.25 -54.08 -8.02
N LEU Z 217 -56.80 -53.35 -6.98
CA LEU Z 217 -55.79 -52.32 -7.13
C LEU Z 217 -54.66 -52.41 -6.12
N LEU Z 218 -53.41 -52.32 -6.67
CA LEU Z 218 -52.13 -52.26 -5.89
C LEU Z 218 -51.38 -51.00 -6.31
N GLU Z 219 -51.01 -50.18 -5.37
CA GLU Z 219 -50.43 -48.94 -5.70
C GLU Z 219 -49.39 -48.51 -4.68
N PHE Z 220 -48.35 -47.88 -5.20
CA PHE Z 220 -47.22 -47.37 -4.44
C PHE Z 220 -47.03 -45.90 -4.73
N VAL Z 221 -46.81 -45.13 -3.69
CA VAL Z 221 -46.66 -43.73 -3.84
C VAL Z 221 -45.63 -43.17 -2.88
N THR Z 222 -44.69 -42.44 -3.44
CA THR Z 222 -43.68 -41.81 -2.62
C THR Z 222 -43.42 -40.36 -3.02
N ALA Z 223 -43.19 -39.54 -2.02
CA ALA Z 223 -42.95 -38.11 -2.22
C ALA Z 223 -41.51 -37.85 -2.62
N ALA Z 224 -41.31 -36.82 -3.39
CA ALA Z 224 -39.96 -36.46 -3.82
C ALA Z 224 -39.86 -35.00 -4.21
N GLY Z 225 -38.69 -34.65 -4.71
CA GLY Z 225 -38.46 -33.33 -5.26
C GLY Z 225 -37.89 -32.33 -4.32
N ILE Z 226 -37.47 -32.81 -3.16
CA ILE Z 226 -36.87 -31.97 -2.15
C ILE Z 226 -35.61 -32.66 -1.62
N SER AA 1 -8.94 26.65 57.31
CA SER AA 1 -9.47 25.89 58.43
C SER AA 1 -9.67 26.70 59.68
N LYS AA 2 -10.00 25.97 60.74
CA LYS AA 2 -10.29 26.45 62.09
C LYS AA 2 -9.10 27.15 62.80
N GLY AA 3 -8.18 26.32 63.25
CA GLY AA 3 -7.05 26.75 64.03
C GLY AA 3 -6.10 27.70 63.34
N GLU AA 4 -5.95 27.53 62.02
CA GLU AA 4 -5.00 28.33 61.21
C GLU AA 4 -4.79 29.74 61.76
N GLU AA 5 -5.89 30.48 61.82
CA GLU AA 5 -5.96 31.84 62.32
C GLU AA 5 -5.43 32.02 63.76
N LEU AA 6 -5.45 30.94 64.55
CA LEU AA 6 -4.98 31.01 65.94
C LEU AA 6 -3.48 31.08 66.05
N PHE AA 7 -2.82 30.69 64.97
CA PHE AA 7 -1.35 30.59 64.97
C PHE AA 7 -0.58 31.67 64.23
N THR AA 8 -1.32 32.63 63.80
CA THR AA 8 -0.85 33.75 63.06
C THR AA 8 0.20 34.61 63.78
N GLY AA 9 0.36 34.47 65.09
CA GLY AA 9 1.37 35.23 65.79
C GLY AA 9 2.05 34.39 66.85
N VAL AA 10 2.80 35.03 67.73
CA VAL AA 10 3.42 34.35 68.86
C VAL AA 10 2.33 33.91 69.87
N VAL AA 11 2.33 32.63 70.23
CA VAL AA 11 1.37 32.06 71.18
C VAL AA 11 2.12 31.56 72.46
N PRO AA 12 1.67 31.97 73.65
CA PRO AA 12 2.31 31.46 74.86
C PRO AA 12 1.98 29.97 75.05
N ILE AA 13 2.95 29.23 75.55
CA ILE AA 13 2.80 27.82 75.77
C ILE AA 13 2.99 27.44 77.23
N LEU AA 14 2.16 26.54 77.69
CA LEU AA 14 2.25 26.01 79.03
C LEU AA 14 2.35 24.49 78.92
N VAL AA 15 3.35 23.93 79.59
CA VAL AA 15 3.56 22.49 79.58
C VAL AA 15 3.54 21.94 81.04
N GLU AA 16 2.71 20.91 81.24
CA GLU AA 16 2.56 20.26 82.51
C GLU AA 16 2.73 18.76 82.35
N LEU AA 17 3.69 18.18 83.08
CA LEU AA 17 3.91 16.72 83.01
C LEU AA 17 3.93 16.04 84.38
N ASP AA 18 3.22 14.91 84.45
CA ASP AA 18 3.21 14.06 85.62
C ASP AA 18 3.82 12.73 85.22
N GLY AA 19 4.91 12.33 85.83
CA GLY AA 19 5.45 11.06 85.42
C GLY AA 19 5.87 10.10 86.53
N ASP AA 20 5.96 8.85 86.13
CA ASP AA 20 6.39 7.77 86.95
C ASP AA 20 7.18 6.82 86.09
N VAL AA 21 8.45 6.72 86.41
CA VAL AA 21 9.36 5.82 85.70
C VAL AA 21 9.96 4.78 86.67
N ASN AA 22 9.49 3.53 86.54
CA ASN AA 22 9.97 2.47 87.43
C ASN AA 22 9.78 2.83 88.91
N GLY AA 23 8.63 3.43 89.22
CA GLY AA 23 8.38 3.82 90.60
C GLY AA 23 8.94 5.15 91.02
N HIS AA 24 9.77 5.80 90.18
CA HIS AA 24 10.29 7.13 90.51
C HIS AA 24 9.31 8.19 89.99
N LYS AA 25 8.64 8.86 90.90
CA LYS AA 25 7.64 9.84 90.52
C LYS AA 25 8.20 11.22 90.37
N PHE AA 26 7.69 11.97 89.39
CA PHE AA 26 8.18 13.32 89.21
C PHE AA 26 7.20 14.20 88.47
N SER AA 27 7.44 15.50 88.55
CA SER AA 27 6.60 16.49 87.90
C SER AA 27 7.47 17.55 87.20
N VAL AA 28 7.02 17.98 86.03
CA VAL AA 28 7.69 19.02 85.28
C VAL AA 28 6.73 20.12 84.81
N SER AA 29 7.20 21.33 84.91
CA SER AA 29 6.50 22.49 84.41
C SER AA 29 7.35 23.21 83.34
N GLY AA 30 6.70 23.61 82.25
CA GLY AA 30 7.40 24.37 81.26
C GLY AA 30 6.57 25.54 80.74
N GLU AA 31 7.25 26.58 80.36
CA GLU AA 31 6.63 27.76 79.79
C GLU AA 31 7.48 28.29 78.63
N GLY AA 32 6.86 28.97 77.70
CA GLY AA 32 7.59 29.61 76.62
C GLY AA 32 6.64 30.10 75.57
N GLU AA 33 7.12 30.15 74.34
CA GLU AA 33 6.27 30.58 73.26
C GLU AA 33 6.60 29.88 71.96
N GLY AA 34 5.65 29.91 71.05
CA GLY AA 34 5.80 29.29 69.76
C GLY AA 34 5.36 30.28 68.69
N ASP AA 35 5.95 30.17 67.52
CA ASP AA 35 5.61 31.05 66.40
C ASP AA 35 5.63 30.19 65.16
N ALA AA 36 4.48 29.64 64.84
CA ALA AA 36 4.32 28.74 63.74
C ALA AA 36 4.73 29.37 62.40
N THR AA 37 4.81 30.70 62.35
CA THR AA 37 5.20 31.37 61.11
C THR AA 37 6.60 30.98 60.67
N TYR AA 38 7.45 30.76 61.67
CA TYR AA 38 8.81 30.32 61.49
C TYR AA 38 9.02 28.89 61.97
N GLY AA 39 7.93 28.19 62.36
CA GLY AA 39 8.02 26.83 62.92
C GLY AA 39 8.95 26.82 64.14
N LYS AA 40 8.96 27.92 64.88
CA LYS AA 40 9.85 28.08 65.98
C LYS AA 40 9.20 27.91 67.39
N LEU AA 41 9.93 27.23 68.28
CA LEU AA 41 9.52 27.00 69.68
C LEU AA 41 10.63 27.41 70.65
N THR AA 42 10.31 28.14 71.72
CA THR AA 42 11.30 28.50 72.74
C THR AA 42 10.73 28.17 74.11
N LEU AA 43 11.37 27.23 74.86
CA LEU AA 43 10.80 26.77 76.13
C LEU AA 43 11.84 26.55 77.22
N LYS AA 44 11.38 26.67 78.47
CA LYS AA 44 12.17 26.35 79.63
C LYS AA 44 11.36 25.42 80.53
N PHE AA 45 11.96 24.29 80.88
CA PHE AA 45 11.34 23.29 81.71
C PHE AA 45 12.03 23.24 83.01
N ILE AA 46 11.26 23.00 84.06
CA ILE AA 46 11.78 22.96 85.42
C ILE AA 46 11.24 21.74 86.15
N CYS AA 47 12.10 20.98 86.79
CA CYS AA 47 11.60 19.79 87.48
C CYS AA 47 11.12 20.27 88.81
N THR AA 48 9.81 20.24 89.02
CA THR AA 48 9.23 20.77 90.24
C THR AA 48 9.33 19.89 91.47
N THR AA 49 9.46 18.61 91.26
CA THR AA 49 9.57 17.69 92.36
C THR AA 49 11.02 17.49 92.81
N GLY AA 50 11.95 18.27 92.19
CA GLY AA 50 13.37 18.16 92.51
C GLY AA 50 14.25 17.70 91.30
N LYS AA 51 15.03 16.63 91.51
CA LYS AA 51 15.93 16.09 90.49
C LYS AA 51 15.22 15.15 89.50
N LEU AA 52 15.35 15.45 88.21
CA LEU AA 52 14.73 14.60 87.24
C LEU AA 52 15.39 13.21 87.29
N PRO AA 53 14.61 12.17 87.36
CA PRO AA 53 15.10 10.78 87.48
C PRO AA 53 15.57 10.12 86.19
N VAL AA 54 15.27 10.76 85.07
CA VAL AA 54 15.70 10.30 83.76
C VAL AA 54 16.38 11.43 83.12
N PRO AA 55 17.03 11.20 82.01
CA PRO AA 55 17.72 12.29 81.37
C PRO AA 55 16.77 13.23 80.60
N TRP AA 56 17.05 14.53 80.67
CA TRP AA 56 16.24 15.53 79.99
C TRP AA 56 15.92 15.21 78.51
N PRO AA 57 16.94 14.84 77.74
CA PRO AA 57 16.71 14.55 76.36
C PRO AA 57 15.68 13.51 76.10
N THR AA 58 15.50 12.57 77.03
CA THR AA 58 14.50 11.57 76.77
C THR AA 58 13.06 12.13 76.74
N LEU AA 59 12.87 13.29 77.31
CA LEU AA 59 11.52 13.87 77.39
C LEU AA 59 11.16 14.87 76.28
N VAL AA 60 12.12 15.23 75.45
CA VAL AA 60 11.87 16.25 74.41
C VAL AA 60 10.64 16.06 73.57
N THR AA 61 10.52 14.88 73.00
CA THR AA 61 9.42 14.58 72.12
C THR AA 61 8.07 14.65 72.81
N THR AA 62 8.10 14.35 74.08
CA THR AA 62 6.87 14.36 74.90
C THR AA 62 6.43 15.81 75.17
N PHE AA 63 7.38 16.63 75.56
CA PHE AA 63 7.08 18.00 75.83
C PHE AA 63 6.70 18.73 74.57
N1 CRO AA 64 7.46 18.50 73.49
CA1 CRO AA 64 7.19 19.21 72.22
CB1 CRO AA 64 8.34 20.18 71.90
CG1 CRO AA 64 8.47 21.25 72.96
OG1 CRO AA 64 9.55 19.48 71.78
C1 CRO AA 64 7.01 18.10 71.21
N2 CRO AA 64 7.98 17.61 70.34
N3 CRO AA 64 5.86 17.45 70.98
C2 CRO AA 64 5.98 16.40 70.10
O2 CRO AA 64 5.15 15.72 69.56
CA2 CRO AA 64 7.39 16.53 69.65
CA3 CRO AA 64 4.71 17.60 71.84
C3 CRO AA 64 3.65 18.55 71.40
O3 CRO AA 64 2.49 18.29 71.66
CB2 CRO AA 64 7.94 15.84 68.63
CG2 CRO AA 64 9.38 15.81 68.24
CD1 CRO AA 64 10.31 16.73 68.76
CD2 CRO AA 64 9.78 14.86 67.21
CE1 CRO AA 64 11.66 16.72 68.24
CE2 CRO AA 64 11.11 14.86 66.74
CZ CRO AA 64 12.03 15.76 67.25
OH CRO AA 64 13.43 15.73 66.75
N VAL AA 65 4.04 19.64 70.75
CA VAL AA 65 3.06 20.62 70.31
C VAL AA 65 3.27 20.93 68.80
N GLN AA 66 3.02 19.90 68.02
CA GLN AA 66 3.12 19.88 66.65
C GLN AA 66 2.32 20.86 65.83
N CYS AA 67 1.39 21.54 66.48
CA CYS AA 67 0.61 22.55 65.83
C CYS AA 67 1.50 23.80 65.55
N PHE AA 68 2.72 23.82 66.12
CA PHE AA 68 3.66 24.93 65.91
C PHE AA 68 4.63 24.69 64.73
N SER AA 69 4.38 23.64 63.98
CA SER AA 69 5.19 23.32 62.84
C SER AA 69 4.89 24.31 61.72
N ARG AA 70 5.91 24.70 60.95
CA ARG AA 70 5.63 25.55 59.85
C ARG AA 70 5.15 24.73 58.65
N TYR AA 71 3.94 24.99 58.18
CA TYR AA 71 3.46 24.31 56.99
C TYR AA 71 3.56 25.27 55.79
N PRO AA 72 4.27 24.88 54.77
CA PRO AA 72 4.34 25.75 53.60
C PRO AA 72 2.95 25.98 53.01
N ASP AA 73 2.78 27.13 52.37
CA ASP AA 73 1.52 27.49 51.77
C ASP AA 73 0.93 26.38 50.96
N HIS AA 74 1.72 25.73 50.18
CA HIS AA 74 1.14 24.72 49.38
C HIS AA 74 0.76 23.48 50.11
N MSE AA 75 1.13 23.38 51.36
CA MSE AA 75 0.79 22.20 52.12
C MSE AA 75 -0.22 22.46 53.26
O MSE AA 75 -0.45 21.59 54.09
CB MSE AA 75 2.04 21.61 52.71
CG MSE AA 75 2.86 20.78 51.77
SE MSE AA 75 4.50 20.17 52.59
CE MSE AA 75 3.77 18.58 53.39
N LYS AA 76 -0.78 23.65 53.31
CA LYS AA 76 -1.73 24.00 54.36
C LYS AA 76 -2.89 23.03 54.54
N ARG AA 77 -3.30 22.41 53.46
CA ARG AA 77 -4.42 21.50 53.53
C ARG AA 77 -4.10 20.21 54.26
N HIS AA 78 -2.81 20.02 54.63
CA HIS AA 78 -2.43 18.75 55.29
C HIS AA 78 -2.14 18.93 56.75
N ASP AA 79 -2.42 20.14 57.27
CA ASP AA 79 -2.08 20.49 58.62
C ASP AA 79 -3.17 20.09 59.61
N PHE AA 80 -3.17 18.81 59.99
CA PHE AA 80 -4.14 18.28 60.94
C PHE AA 80 -4.11 19.02 62.27
N PHE AA 81 -2.86 19.26 62.75
CA PHE AA 81 -2.60 19.85 64.04
C PHE AA 81 -3.38 21.12 64.32
N LYS AA 82 -3.26 22.08 63.42
CA LYS AA 82 -3.94 23.33 63.56
C LYS AA 82 -5.45 23.22 63.33
N SER AA 83 -5.89 22.27 62.45
CA SER AA 83 -7.29 22.10 62.14
C SER AA 83 -8.10 21.61 63.33
N ALA AA 84 -7.42 21.01 64.30
CA ALA AA 84 -8.11 20.49 65.46
C ALA AA 84 -8.33 21.54 66.55
N MSE AA 85 -7.78 22.75 66.35
CA MSE AA 85 -7.88 23.83 67.32
C MSE AA 85 -9.12 24.72 67.15
O MSE AA 85 -9.66 24.80 66.07
CB MSE AA 85 -6.60 24.65 67.18
CG MSE AA 85 -5.34 23.87 67.47
SE MSE AA 85 -5.23 23.31 69.36
CE MSE AA 85 -4.40 21.59 69.14
N PRO AA 86 -9.61 25.39 68.21
CA PRO AA 86 -9.04 25.42 69.55
C PRO AA 86 -9.36 24.22 70.46
N GLU AA 87 -10.39 23.40 70.12
CA GLU AA 87 -10.79 22.24 70.93
C GLU AA 87 -9.63 21.29 71.23
N GLY AA 88 -8.71 21.15 70.30
CA GLY AA 88 -7.52 20.37 70.56
C GLY AA 88 -7.55 18.93 70.15
N TYR AA 89 -6.50 18.21 70.59
CA TYR AA 89 -6.39 16.82 70.27
C TYR AA 89 -5.72 16.06 71.36
N VAL AA 90 -5.96 14.75 71.32
CA VAL AA 90 -5.33 13.80 72.19
C VAL AA 90 -4.17 13.18 71.43
N GLN AA 91 -3.04 13.13 72.07
CA GLN AA 91 -1.85 12.57 71.49
C GLN AA 91 -1.39 11.46 72.39
N GLU AA 92 -1.33 10.25 71.85
CA GLU AA 92 -0.85 9.12 72.63
C GLU AA 92 0.35 8.50 71.99
N ARG AA 93 1.25 7.98 72.82
CA ARG AA 93 2.42 7.32 72.31
C ARG AA 93 2.86 6.14 73.11
N THR AA 94 3.66 5.35 72.46
CA THR AA 94 4.48 4.37 73.08
C THR AA 94 5.86 4.59 72.54
N ILE AA 95 6.84 4.71 73.41
CA ILE AA 95 8.23 4.93 73.02
C ILE AA 95 9.10 3.78 73.50
N PHE AA 96 9.67 3.03 72.56
CA PHE AA 96 10.49 1.90 72.92
C PHE AA 96 11.93 2.22 72.92
N PHE AA 97 12.60 2.14 74.08
CA PHE AA 97 14.03 2.34 74.11
C PHE AA 97 14.71 1.05 73.77
N LYS AA 98 15.56 1.07 72.76
CA LYS AA 98 16.20 -0.15 72.34
C LYS AA 98 16.98 -0.79 73.47
N ASP AA 99 16.71 -2.06 73.70
CA ASP AA 99 17.38 -2.84 74.77
C ASP AA 99 17.18 -2.24 76.15
N ASP AA 100 16.06 -1.56 76.32
CA ASP AA 100 15.74 -0.92 77.59
C ASP AA 100 14.22 -0.83 77.79
N GLY AA 101 13.75 0.04 78.70
CA GLY AA 101 12.30 0.15 78.97
C GLY AA 101 11.52 0.95 77.94
N ASN AA 102 10.23 1.14 78.22
CA ASN AA 102 9.40 1.93 77.34
C ASN AA 102 8.61 3.01 78.09
N TYR AA 103 8.20 4.04 77.35
CA TYR AA 103 7.37 5.10 77.87
C TYR AA 103 6.02 5.03 77.23
N LYS AA 104 4.99 5.25 78.03
CA LYS AA 104 3.62 5.31 77.55
C LYS AA 104 3.11 6.69 77.95
N THR AA 105 2.65 7.43 76.98
CA THR AA 105 2.22 8.78 77.25
C THR AA 105 0.83 9.06 76.72
N ARG AA 106 0.18 9.96 77.41
CA ARG AA 106 -1.10 10.43 77.00
C ARG AA 106 -1.21 11.90 77.31
N ALA AA 107 -1.61 12.68 76.32
CA ALA AA 107 -1.68 14.09 76.56
C ALA AA 107 -2.84 14.73 75.86
N GLU AA 108 -3.20 15.90 76.36
CA GLU AA 108 -4.23 16.69 75.75
C GLU AA 108 -3.62 18.00 75.36
N VAL AA 109 -3.76 18.39 74.08
CA VAL AA 109 -3.25 19.68 73.72
C VAL AA 109 -4.33 20.53 73.16
N LYS AA 110 -4.47 21.67 73.76
CA LYS AA 110 -5.55 22.54 73.37
C LYS AA 110 -5.34 23.89 73.99
N PHE AA 111 -6.20 24.83 73.62
CA PHE AA 111 -6.15 26.19 74.12
C PHE AA 111 -6.97 26.39 75.41
N GLU AA 112 -6.41 27.11 76.34
CA GLU AA 112 -7.08 27.53 77.57
C GLU AA 112 -7.02 29.01 77.49
N GLY AA 113 -8.04 29.63 76.99
CA GLY AA 113 -7.93 31.06 76.84
C GLY AA 113 -6.98 31.29 75.67
N ASP AA 114 -5.98 32.08 75.87
CA ASP AA 114 -5.09 32.31 74.74
C ASP AA 114 -3.75 31.58 74.79
N THR AA 115 -3.65 30.70 75.76
CA THR AA 115 -2.47 29.91 76.00
C THR AA 115 -2.64 28.52 75.48
N LEU AA 116 -1.62 28.03 74.82
CA LEU AA 116 -1.65 26.69 74.27
C LEU AA 116 -1.10 25.79 75.37
N VAL AA 117 -1.93 24.79 75.75
CA VAL AA 117 -1.61 23.88 76.85
C VAL AA 117 -1.36 22.45 76.41
N ASN AA 118 -0.28 21.89 76.92
CA ASN AA 118 0.06 20.50 76.67
C ASN AA 118 0.11 19.79 78.02
N ARG AA 119 -0.91 19.00 78.33
CA ARG AA 119 -0.99 18.28 79.59
C ARG AA 119 -0.76 16.80 79.36
N ILE AA 120 0.31 16.30 79.99
CA ILE AA 120 0.78 14.93 79.81
C ILE AA 120 0.87 14.07 81.08
N GLU AA 121 0.56 12.80 80.88
CA GLU AA 121 0.73 11.77 81.86
C GLU AA 121 1.66 10.75 81.27
N LEU AA 122 2.75 10.52 81.96
CA LEU AA 122 3.75 9.60 81.49
C LEU AA 122 3.99 8.43 82.41
N LYS AA 123 4.03 7.26 81.84
CA LYS AA 123 4.32 6.05 82.58
C LYS AA 123 5.50 5.27 81.92
N GLY AA 124 6.58 5.03 82.67
CA GLY AA 124 7.80 4.32 82.20
C GLY AA 124 7.99 2.99 82.93
N ILE AA 125 8.15 1.90 82.17
CA ILE AA 125 8.39 0.59 82.78
C ILE AA 125 9.46 -0.22 82.12
N ASP AA 126 9.96 -1.15 82.89
CA ASP AA 126 10.93 -2.08 82.47
C ASP AA 126 12.24 -1.48 82.14
N PHE AA 127 12.60 -0.43 82.84
CA PHE AA 127 13.90 0.19 82.61
C PHE AA 127 14.97 -0.53 83.40
N LYS AA 128 16.17 -0.61 82.82
CA LYS AA 128 17.28 -1.25 83.51
C LYS AA 128 17.94 -0.28 84.43
N GLU AA 129 18.05 -0.69 85.67
CA GLU AA 129 18.62 0.18 86.66
C GLU AA 129 19.98 0.70 86.27
N ASP AA 130 20.66 -0.05 85.44
CA ASP AA 130 22.01 0.26 84.99
C ASP AA 130 22.11 0.55 83.46
N GLY AA 131 20.98 0.83 82.80
CA GLY AA 131 20.96 1.09 81.37
C GLY AA 131 21.33 2.51 81.08
N ASN AA 132 21.17 2.92 79.83
CA ASN AA 132 21.53 4.29 79.49
C ASN AA 132 20.61 5.35 80.08
N ILE AA 133 19.36 4.98 80.35
CA ILE AA 133 18.36 5.94 80.87
C ILE AA 133 18.50 6.25 82.36
N LEU AA 134 18.31 5.20 83.15
CA LEU AA 134 18.41 5.31 84.59
C LEU AA 134 19.82 5.59 85.00
N GLY AA 135 20.75 5.07 84.22
CA GLY AA 135 22.16 5.27 84.50
C GLY AA 135 22.63 6.63 84.09
N HIS AA 136 21.79 7.41 83.46
CA HIS AA 136 22.19 8.75 83.04
C HIS AA 136 23.49 8.82 82.16
N LYS AA 137 23.47 8.07 81.08
CA LYS AA 137 24.61 7.99 80.16
C LYS AA 137 24.44 8.80 78.85
N LEU AA 138 23.30 9.49 78.70
CA LEU AA 138 22.98 10.27 77.48
C LEU AA 138 23.62 11.61 77.50
N GLU AA 139 24.20 12.05 76.36
CA GLU AA 139 24.77 13.38 76.30
C GLU AA 139 23.63 14.39 76.28
N TYR AA 140 23.95 15.59 76.66
CA TYR AA 140 23.00 16.67 76.71
C TYR AA 140 22.97 17.42 75.40
N ASN AA 141 22.37 16.81 74.44
CA ASN AA 141 22.25 17.39 73.14
C ASN AA 141 21.15 16.68 72.39
N TYR AA 142 20.88 17.11 71.17
CA TYR AA 142 19.82 16.51 70.42
C TYR AA 142 20.08 16.55 68.89
N ASN AA 143 19.60 15.55 68.16
CA ASN AA 143 19.78 15.46 66.70
C ASN AA 143 18.57 15.92 65.90
N SER AA 144 18.67 15.90 64.53
CA SER AA 144 17.57 16.27 63.61
C SER AA 144 16.90 15.02 63.17
N HIS AA 145 15.58 15.07 63.00
CA HIS AA 145 14.88 13.89 62.63
C HIS AA 145 13.82 14.19 61.64
N ASN AA 146 13.31 13.14 61.04
CA ASN AA 146 12.15 13.22 60.18
C ASN AA 146 11.02 12.45 60.87
N VAL AA 147 9.85 13.05 60.88
CA VAL AA 147 8.66 12.51 61.51
C VAL AA 147 7.65 12.23 60.44
N TYR AA 148 7.28 10.96 60.30
CA TYR AA 148 6.37 10.53 59.27
C TYR AA 148 4.92 10.54 59.68
N ILE AA 149 4.11 11.21 58.88
CA ILE AA 149 2.71 11.33 59.15
C ILE AA 149 1.83 10.72 58.13
N MSE AA 150 0.78 10.08 58.61
CA MSE AA 150 -0.21 9.49 57.75
C MSE AA 150 -1.58 9.58 58.35
O MSE AA 150 -1.73 9.64 59.57
CB MSE AA 150 0.13 8.05 57.49
CG MSE AA 150 1.60 7.81 57.41
SE MSE AA 150 2.00 5.96 57.54
CE MSE AA 150 0.23 5.33 57.08
N ALA AA 151 -2.58 9.60 57.47
CA ALA AA 151 -3.95 9.72 57.85
C ALA AA 151 -4.53 8.45 58.44
N ASP AA 152 -5.47 8.62 59.31
CA ASP AA 152 -6.16 7.50 59.90
C ASP AA 152 -7.65 7.73 59.77
N LYS AA 153 -8.18 7.37 58.61
CA LYS AA 153 -9.57 7.60 58.34
C LYS AA 153 -10.56 6.92 59.31
N GLN AA 154 -10.13 5.83 59.96
CA GLN AA 154 -11.01 5.11 60.89
C GLN AA 154 -11.22 5.82 62.24
N LYS AA 155 -10.19 6.50 62.70
CA LYS AA 155 -10.25 7.22 63.94
C LYS AA 155 -10.34 8.72 63.70
N ASN AA 156 -10.39 9.13 62.41
CA ASN AA 156 -10.46 10.55 62.09
C ASN AA 156 -9.26 11.24 62.70
N GLY AA 157 -8.09 10.58 62.56
CA GLY AA 157 -6.89 11.10 63.12
C GLY AA 157 -5.75 10.77 62.22
N ILE AA 158 -4.58 10.82 62.82
CA ILE AA 158 -3.38 10.54 62.10
C ILE AA 158 -2.55 9.59 62.89
N LYS AA 159 -1.70 8.87 62.19
CA LYS AA 159 -0.78 7.97 62.82
C LYS AA 159 0.58 8.52 62.50
N VAL AA 160 1.48 8.49 63.45
CA VAL AA 160 2.79 9.05 63.27
C VAL AA 160 3.84 8.08 63.77
N ASN AA 161 4.94 7.97 63.02
CA ASN AA 161 6.02 7.10 63.42
C ASN AA 161 7.38 7.72 63.11
N PHE AA 162 8.38 7.37 63.93
CA PHE AA 162 9.74 7.89 63.77
C PHE AA 162 10.65 7.31 64.81
N LYS AA 163 11.97 7.50 64.61
CA LYS AA 163 12.99 7.05 65.54
C LYS AA 163 13.88 8.19 65.93
N ILE AA 164 14.15 8.27 67.20
CA ILE AA 164 15.02 9.26 67.72
C ILE AA 164 16.29 8.59 68.01
N ARG AA 165 17.35 9.32 67.77
CA ARG AA 165 18.68 8.88 68.03
C ARG AA 165 19.32 9.73 69.14
N HIS AA 166 19.56 9.10 70.30
CA HIS AA 166 20.18 9.78 71.43
C HIS AA 166 21.66 9.40 71.53
N ASN AA 167 22.50 10.38 71.54
CA ASN AA 167 23.89 10.12 71.66
C ASN AA 167 24.25 9.71 73.07
N ILE AA 168 25.06 8.64 73.19
CA ILE AA 168 25.58 8.19 74.49
C ILE AA 168 26.98 8.74 74.70
N GLU AA 169 27.31 9.05 75.91
CA GLU AA 169 28.57 9.63 76.28
C GLU AA 169 29.81 8.91 75.77
N ASP AA 170 29.67 7.63 75.43
CA ASP AA 170 30.80 6.85 74.93
C ASP AA 170 30.97 6.90 73.41
N GLY AA 171 30.14 7.71 72.77
CA GLY AA 171 30.23 7.81 71.34
C GLY AA 171 29.19 7.00 70.63
N SER AA 172 28.51 6.10 71.40
CA SER AA 172 27.50 5.25 70.80
C SER AA 172 26.13 5.91 70.65
N VAL AA 173 25.11 5.11 70.35
CA VAL AA 173 23.75 5.64 70.14
C VAL AA 173 22.64 4.85 70.85
N GLN AA 174 21.66 5.60 71.38
CA GLN AA 174 20.46 5.01 71.98
C GLN AA 174 19.24 5.27 71.13
N LEU AA 175 18.67 4.22 70.57
CA LEU AA 175 17.53 4.35 69.74
C LEU AA 175 16.23 4.40 70.51
N ALA AA 176 15.33 5.24 70.05
CA ALA AA 176 14.02 5.36 70.65
C ALA AA 176 12.93 5.40 69.60
N ASP AA 177 12.28 4.25 69.43
CA ASP AA 177 11.20 4.08 68.48
C ASP AA 177 9.91 4.66 68.95
N HIS AA 178 9.37 5.59 68.19
CA HIS AA 178 8.14 6.26 68.56
C HIS AA 178 6.94 5.81 67.76
N TYR AA 179 5.84 5.48 68.45
CA TYR AA 179 4.58 5.11 67.82
C TYR AA 179 3.54 6.05 68.35
N GLN AA 180 2.84 6.73 67.46
CA GLN AA 180 1.96 7.78 67.92
C GLN AA 180 0.63 7.83 67.20
N GLN AA 181 -0.41 8.20 67.97
CA GLN AA 181 -1.78 8.43 67.47
C GLN AA 181 -2.34 9.75 68.02
N ASN AA 182 -3.01 10.48 67.15
CA ASN AA 182 -3.65 11.74 67.48
C ASN AA 182 -5.09 11.70 67.02
N THR AA 183 -5.95 12.12 67.90
CA THR AA 183 -7.36 12.17 67.61
C THR AA 183 -7.95 13.43 68.14
N PRO AA 184 -8.91 13.96 67.38
CA PRO AA 184 -9.52 15.22 67.74
C PRO AA 184 -10.34 15.10 69.01
N ILE AA 185 -10.40 16.19 69.73
CA ILE AA 185 -11.22 16.26 70.96
C ILE AA 185 -12.63 16.71 70.57
N GLY AA 186 -12.73 17.75 69.74
CA GLY AA 186 -14.03 18.22 69.27
C GLY AA 186 -14.66 17.29 68.24
N ASP AA 187 -15.88 17.60 67.85
CA ASP AA 187 -16.63 16.81 66.87
C ASP AA 187 -16.62 17.50 65.50
N GLY AA 188 -16.03 18.72 65.50
CA GLY AA 188 -15.91 19.54 64.30
C GLY AA 188 -15.00 18.89 63.26
N PRO AA 189 -14.99 19.44 62.04
CA PRO AA 189 -14.16 18.89 60.97
C PRO AA 189 -12.64 19.17 61.13
N VAL AA 190 -11.84 18.20 60.72
CA VAL AA 190 -10.40 18.30 60.75
C VAL AA 190 -9.86 17.93 59.39
N LEU AA 191 -8.63 18.32 59.17
CA LEU AA 191 -7.95 18.08 57.92
C LEU AA 191 -7.15 16.77 57.98
N LEU AA 192 -7.53 15.78 57.17
CA LEU AA 192 -6.75 14.55 57.12
C LEU AA 192 -5.77 14.68 55.97
N PRO AA 193 -4.51 14.50 56.31
CA PRO AA 193 -3.40 14.72 55.37
C PRO AA 193 -3.04 13.55 54.50
N ASP AA 194 -2.29 13.85 53.44
CA ASP AA 194 -1.64 12.84 52.65
C ASP AA 194 -0.28 12.64 53.31
N ASN AA 195 0.34 11.48 53.07
CA ASN AA 195 1.62 11.17 53.66
C ASN AA 195 2.59 12.26 53.48
N HIS AA 196 3.25 12.61 54.53
CA HIS AA 196 4.23 13.65 54.47
C HIS AA 196 5.07 13.58 55.71
N TYR AA 197 5.99 14.49 55.88
CA TYR AA 197 6.81 14.44 57.08
C TYR AA 197 7.26 15.80 57.57
N LEU AA 198 7.69 15.80 58.82
CA LEU AA 198 8.20 16.97 59.49
C LEU AA 198 9.67 16.78 59.72
N SER AA 199 10.43 17.84 59.47
CA SER AA 199 11.85 17.87 59.63
C SER AA 199 12.16 18.72 60.85
N THR AA 200 12.87 18.13 61.81
CA THR AA 200 13.09 18.81 63.07
C THR AA 200 14.52 19.07 63.37
N GLN AA 201 14.71 20.12 64.13
CA GLN AA 201 16.00 20.46 64.68
C GLN AA 201 15.85 21.11 66.06
N SER AA 202 16.70 20.73 67.01
CA SER AA 202 16.61 21.25 68.37
C SER AA 202 17.95 21.47 69.01
N ALA AA 203 18.03 22.51 69.80
CA ALA AA 203 19.23 22.85 70.58
C ALA AA 203 18.86 22.91 72.07
N LEU AA 204 19.65 22.25 72.92
CA LEU AA 204 19.47 22.22 74.35
C LEU AA 204 20.47 23.11 75.00
N SER AA 205 20.03 23.85 76.01
CA SER AA 205 20.93 24.70 76.74
C SER AA 205 20.55 24.75 78.24
N LYS AA 206 21.33 25.49 79.02
CA LYS AA 206 21.06 25.65 80.44
C LYS AA 206 21.02 27.14 80.79
N ASP AA 207 20.24 27.48 81.84
CA ASP AA 207 20.15 28.84 82.38
C ASP AA 207 21.15 28.94 83.55
N PRO AA 208 22.25 29.60 83.28
CA PRO AA 208 23.35 29.71 84.23
C PRO AA 208 22.95 30.20 85.63
N ASN AA 209 21.85 30.96 85.71
CA ASN AA 209 21.40 31.50 86.97
C ASN AA 209 20.27 30.69 87.59
N GLU AA 210 20.03 29.51 87.04
CA GLU AA 210 18.98 28.66 87.50
C GLU AA 210 19.50 27.50 88.37
N LYS AA 211 19.09 27.44 89.60
CA LYS AA 211 19.58 26.36 90.48
C LYS AA 211 18.71 25.12 90.43
N ARG AA 212 17.48 25.25 90.00
CA ARG AA 212 16.68 24.04 89.94
C ARG AA 212 17.13 23.17 88.77
N ASP AA 213 16.69 21.92 88.75
CA ASP AA 213 16.99 21.03 87.60
C ASP AA 213 16.08 21.49 86.44
N HIS AA 214 16.68 21.78 85.30
CA HIS AA 214 15.89 22.29 84.23
C HIS AA 214 16.55 22.08 82.86
N MSE AA 215 15.82 22.45 81.83
CA MSE AA 215 16.32 22.41 80.49
C MSE AA 215 15.76 23.57 79.72
O MSE AA 215 14.57 23.89 79.83
CB MSE AA 215 15.92 21.11 79.76
CG MSE AA 215 15.91 21.15 78.23
SE MSE AA 215 15.55 19.43 77.39
CE MSE AA 215 13.63 19.27 77.60
N VAL AA 216 16.63 24.20 78.91
CA VAL AA 216 16.23 25.24 77.98
C VAL AA 216 16.24 24.65 76.59
N LEU AA 217 15.16 24.88 75.83
CA LEU AA 217 14.97 24.30 74.53
C LEU AA 217 14.56 25.28 73.44
N LEU AA 218 15.29 25.18 72.28
CA LEU AA 218 15.03 25.94 71.03
C LEU AA 218 14.83 24.93 69.90
N GLU AA 219 13.75 25.04 69.18
CA GLU AA 219 13.45 24.06 68.21
C GLU AA 219 12.72 24.65 67.02
N PHE AA 220 13.06 24.11 65.86
CA PHE AA 220 12.50 24.51 64.58
C PHE AA 220 11.93 23.30 63.87
N VAL AA 221 10.75 23.46 63.31
CA VAL AA 221 10.11 22.37 62.66
C VAL AA 221 9.34 22.84 61.43
N THR AA 222 9.61 22.18 60.33
CA THR AA 222 8.92 22.49 59.11
C THR AA 222 8.46 21.24 58.36
N ALA AA 223 7.30 21.34 57.77
CA ALA AA 223 6.69 20.23 57.03
C ALA AA 223 7.25 20.15 55.62
N ALA AA 224 7.31 18.95 55.10
CA ALA AA 224 7.82 18.74 53.76
C ALA AA 224 7.31 17.46 53.14
N GLY AA 225 7.83 17.17 51.96
CA GLY AA 225 7.56 15.91 51.30
C GLY AA 225 6.42 15.92 50.34
N ILE AA 226 5.93 17.12 50.06
CA ILE AA 226 4.84 17.31 49.11
C ILE AA 226 5.19 18.46 48.17
N SER BA 1 -4.84 15.05 -50.38
CA SER BA 1 -5.34 16.16 -49.57
C SER BA 1 -6.81 16.45 -49.78
N LYS BA 2 -7.21 17.57 -49.17
CA LYS BA 2 -8.57 18.11 -49.15
C LYS BA 2 -9.13 18.52 -50.52
N GLY BA 3 -8.65 19.65 -51.00
CA GLY BA 3 -9.11 20.28 -52.22
C GLY BA 3 -8.89 19.47 -53.47
N GLU BA 4 -7.80 18.70 -53.51
CA GLU BA 4 -7.42 17.92 -54.71
C GLU BA 4 -8.62 17.45 -55.54
N GLU BA 5 -9.48 16.68 -54.87
CA GLU BA 5 -10.70 16.12 -55.43
C GLU BA 5 -11.67 17.19 -56.00
N LEU BA 6 -11.57 18.43 -55.52
CA LEU BA 6 -12.45 19.51 -55.98
C LEU BA 6 -12.10 20.00 -57.37
N PHE BA 7 -10.87 19.69 -57.77
CA PHE BA 7 -10.33 20.22 -59.03
C PHE BA 7 -10.23 19.24 -60.20
N THR BA 8 -10.76 18.09 -59.95
CA THR BA 8 -10.77 17.00 -60.85
C THR BA 8 -11.50 17.27 -62.20
N GLY BA 9 -12.29 18.33 -62.29
CA GLY BA 9 -12.94 18.63 -63.55
C GLY BA 9 -12.95 20.13 -63.80
N VAL BA 10 -13.74 20.56 -64.77
CA VAL BA 10 -13.92 21.99 -65.03
C VAL BA 10 -14.73 22.63 -63.88
N VAL BA 11 -14.19 23.71 -63.31
CA VAL BA 11 -14.81 24.46 -62.21
C VAL BA 11 -15.18 25.89 -62.69
N PRO BA 12 -16.42 26.33 -62.48
CA PRO BA 12 -16.77 27.69 -62.84
C PRO BA 12 -16.08 28.70 -61.89
N ILE BA 13 -15.68 29.82 -62.44
CA ILE BA 13 -15.00 30.84 -61.67
C ILE BA 13 -15.74 32.16 -61.70
N LEU BA 14 -15.78 32.80 -60.56
CA LEU BA 14 -16.38 34.11 -60.44
C LEU BA 14 -15.32 35.05 -59.84
N VAL BA 15 -15.13 36.19 -60.50
CA VAL BA 15 -14.16 37.18 -60.04
C VAL BA 15 -14.86 38.54 -59.80
N GLU BA 16 -14.64 39.09 -58.60
CA GLU BA 16 -15.18 40.36 -58.20
C GLU BA 16 -14.08 41.25 -57.68
N LEU BA 17 -13.93 42.43 -58.30
CA LEU BA 17 -12.91 43.40 -57.85
C LEU BA 17 -13.45 44.80 -57.57
N ASP BA 18 -13.03 45.36 -56.45
CA ASP BA 18 -13.34 46.72 -56.07
C ASP BA 18 -12.03 47.49 -56.01
N GLY BA 19 -11.86 48.51 -56.83
CA GLY BA 19 -10.59 49.21 -56.74
C GLY BA 19 -10.67 50.73 -56.70
N ASP BA 20 -9.57 51.28 -56.22
CA ASP BA 20 -9.35 52.69 -56.14
C ASP BA 20 -7.89 52.94 -56.42
N VAL BA 21 -7.66 53.62 -57.52
CA VAL BA 21 -6.29 53.98 -57.91
C VAL BA 21 -6.15 55.51 -58.00
N ASN BA 22 -5.44 56.09 -57.03
CA ASN BA 22 -5.25 57.54 -56.99
C ASN BA 22 -6.60 58.29 -57.01
N GLY BA 23 -7.56 57.75 -56.26
CA GLY BA 23 -8.87 58.39 -56.22
C GLY BA 23 -9.81 58.01 -57.32
N HIS BA 24 -9.35 57.26 -58.34
CA HIS BA 24 -10.25 56.79 -59.40
C HIS BA 24 -10.85 55.44 -58.99
N LYS BA 25 -12.13 55.44 -58.69
CA LYS BA 25 -12.79 54.23 -58.23
C LYS BA 25 -13.36 53.41 -59.35
N PHE BA 26 -13.29 52.09 -59.20
CA PHE BA 26 -13.84 51.25 -60.24
C PHE BA 26 -14.19 49.85 -59.73
N SER BA 27 -14.98 49.15 -60.55
CA SER BA 27 -15.39 47.80 -60.23
C SER BA 27 -15.28 46.89 -61.46
N VAL BA 28 -14.84 45.66 -61.23
CA VAL BA 28 -14.74 44.67 -62.28
C VAL BA 28 -15.40 43.34 -61.90
N SER BA 29 -16.08 42.77 -62.87
CA SER BA 29 -16.66 41.46 -62.74
C SER BA 29 -16.07 40.50 -63.81
N GLY BA 30 -15.76 39.29 -63.39
CA GLY BA 30 -15.29 38.32 -64.34
C GLY BA 30 -15.92 36.94 -64.11
N GLU BA 31 -16.07 36.22 -65.17
CA GLU BA 31 -16.61 34.86 -65.14
C GLU BA 31 -15.83 33.98 -66.12
N GLY BA 32 -15.80 32.71 -65.86
CA GLY BA 32 -15.18 31.75 -66.78
C GLY BA 32 -15.04 30.41 -66.13
N GLU BA 33 -14.04 29.67 -66.56
CA GLU BA 33 -13.81 28.37 -65.98
C GLU BA 33 -12.34 28.02 -65.94
N GLY BA 34 -12.01 27.07 -65.09
CA GLY BA 34 -10.65 26.61 -64.93
C GLY BA 34 -10.65 25.10 -64.96
N ASP BA 35 -9.56 24.52 -65.43
CA ASP BA 35 -9.41 23.08 -65.49
C ASP BA 35 -7.98 22.76 -65.11
N ALA BA 36 -7.78 22.53 -63.83
CA ALA BA 36 -6.49 22.29 -63.27
C ALA BA 36 -5.79 21.08 -63.90
N THR BA 37 -6.55 20.22 -64.56
CA THR BA 37 -5.96 19.02 -65.19
C THR BA 37 -4.96 19.41 -66.27
N TYR BA 38 -5.26 20.52 -66.95
CA TYR BA 38 -4.42 21.08 -67.96
C TYR BA 38 -3.82 22.41 -67.52
N GLY BA 39 -4.00 22.80 -66.24
CA GLY BA 39 -3.53 24.09 -65.72
C GLY BA 39 -4.10 25.24 -66.57
N LYS BA 40 -5.31 25.05 -67.08
CA LYS BA 40 -5.91 25.99 -67.96
C LYS BA 40 -7.01 26.88 -67.33
N LEU BA 41 -7.00 28.17 -67.70
CA LEU BA 41 -7.99 29.18 -67.25
C LEU BA 41 -8.57 29.94 -68.43
N THR BA 42 -9.90 30.12 -68.48
CA THR BA 42 -10.54 30.90 -69.55
C THR BA 42 -11.48 31.90 -68.91
N LEU BA 43 -11.24 33.22 -69.07
CA LEU BA 43 -12.03 34.23 -68.38
C LEU BA 43 -12.35 35.46 -69.23
N LYS BA 44 -13.46 36.12 -68.89
CA LYS BA 44 -13.83 37.37 -69.47
C LYS BA 44 -14.16 38.35 -68.35
N PHE BA 45 -13.51 39.51 -68.39
CA PHE BA 45 -13.69 40.54 -67.40
C PHE BA 45 -14.35 41.70 -68.01
N ILE BA 46 -15.21 42.35 -67.23
CA ILE BA 46 -15.98 43.50 -67.70
C ILE BA 46 -15.92 44.62 -66.68
N CYS BA 47 -15.62 45.83 -67.12
CA CYS BA 47 -15.54 46.91 -66.16
C CYS BA 47 -16.94 47.39 -65.96
N THR BA 48 -17.49 47.16 -64.78
CA THR BA 48 -18.89 47.48 -64.51
C THR BA 48 -19.18 48.94 -64.23
N THR BA 49 -18.18 49.66 -63.77
CA THR BA 49 -18.38 51.07 -63.48
C THR BA 49 -18.10 51.94 -64.69
N GLY BA 50 -17.85 51.30 -65.86
CA GLY BA 50 -17.55 52.03 -67.09
C GLY BA 50 -16.12 51.76 -67.66
N LYS BA 51 -15.35 52.84 -67.89
CA LYS BA 51 -13.99 52.75 -68.43
C LYS BA 51 -12.93 52.44 -67.37
N LEU BA 52 -12.17 51.38 -67.59
CA LEU BA 52 -11.13 51.06 -66.64
C LEU BA 52 -10.10 52.19 -66.63
N PRO BA 53 -9.75 52.68 -65.46
CA PRO BA 53 -8.82 53.80 -65.29
C PRO BA 53 -7.33 53.46 -65.40
N VAL BA 54 -7.03 52.18 -65.39
CA VAL BA 54 -5.67 51.70 -65.56
C VAL BA 54 -5.69 50.73 -66.66
N PRO BA 55 -4.55 50.31 -67.12
CA PRO BA 55 -4.55 49.36 -68.21
C PRO BA 55 -4.90 47.92 -67.77
N TRP BA 56 -5.66 47.22 -68.60
CA TRP BA 56 -6.05 45.85 -68.31
C TRP BA 56 -4.90 44.92 -67.86
N PRO BA 57 -3.80 44.94 -68.60
CA PRO BA 57 -2.69 44.09 -68.24
C PRO BA 57 -2.21 44.26 -66.86
N THR BA 58 -2.35 45.46 -66.29
CA THR BA 58 -1.85 45.62 -64.94
C THR BA 58 -2.64 44.80 -63.90
N LEU BA 59 -3.82 44.38 -64.26
CA LEU BA 59 -4.68 43.65 -63.31
C LEU BA 59 -4.62 42.11 -63.41
N VAL BA 60 -3.94 41.59 -64.42
CA VAL BA 60 -3.92 40.14 -64.64
C VAL BA 60 -3.59 39.29 -63.43
N THR BA 61 -2.50 39.61 -62.80
CA THR BA 61 -2.03 38.86 -61.66
C THR BA 61 -3.00 38.88 -60.49
N THR BA 62 -3.71 39.97 -60.42
CA THR BA 62 -4.69 40.15 -59.33
C THR BA 62 -5.93 39.27 -59.58
N PHE BA 63 -6.42 39.30 -60.80
CA PHE BA 63 -7.56 38.53 -61.15
C PHE BA 63 -7.23 37.05 -61.12
N1 CRO BA 64 -6.08 36.68 -61.68
CA1 CRO BA 64 -5.70 35.26 -61.73
CB1 CRO BA 64 -5.71 34.76 -63.19
CG1 CRO BA 64 -7.08 34.85 -63.79
OG1 CRO BA 64 -4.79 35.50 -63.95
C1 CRO BA 64 -4.34 35.20 -61.06
N2 CRO BA 64 -3.10 35.22 -61.70
N3 CRO BA 64 -4.14 35.11 -59.74
C2 CRO BA 64 -2.82 35.22 -59.37
O2 CRO BA 64 -2.28 35.00 -58.31
CA2 CRO BA 64 -2.13 35.24 -60.68
CA3 CRO BA 64 -5.22 35.27 -58.78
C3 CRO BA 64 -5.83 34.01 -58.25
O3 CRO BA 64 -6.23 34.00 -57.10
CB2 CRO BA 64 -0.80 35.13 -60.84
CG2 CRO BA 64 -0.04 35.33 -62.12
CD1 CRO BA 64 -0.68 35.40 -63.37
CD2 CRO BA 64 1.42 35.35 -62.04
CE1 CRO BA 64 0.12 35.45 -64.57
CE2 CRO BA 64 2.18 35.43 -63.23
CZ CRO BA 64 1.55 35.49 -64.46
OH CRO BA 64 2.37 35.60 -65.69
N VAL BA 65 -5.93 32.98 -59.08
CA VAL BA 65 -6.53 31.73 -58.62
C VAL BA 65 -5.58 30.54 -58.93
N GLN BA 66 -4.47 30.58 -58.24
CA GLN BA 66 -3.45 29.67 -58.31
C GLN BA 66 -3.72 28.22 -58.01
N CYS BA 67 -4.91 27.95 -57.49
CA CYS BA 67 -5.31 26.60 -57.23
C CYS BA 67 -5.61 25.88 -58.57
N PHE BA 68 -5.64 26.64 -59.69
CA PHE BA 68 -5.88 26.07 -61.02
C PHE BA 68 -4.57 25.70 -61.76
N SER BA 69 -3.48 25.77 -61.06
CA SER BA 69 -2.19 25.43 -61.62
C SER BA 69 -2.10 23.91 -61.77
N ARG BA 70 -1.47 23.44 -62.86
CA ARG BA 70 -1.30 22.02 -62.97
C ARG BA 70 -0.10 21.58 -62.17
N TYR BA 71 -0.31 20.70 -61.18
CA TYR BA 71 0.81 20.16 -60.43
C TYR BA 71 1.10 18.73 -60.94
N PRO BA 72 2.29 18.48 -61.38
CA PRO BA 72 2.61 17.13 -61.81
C PRO BA 72 2.45 16.14 -60.66
N ASP BA 73 2.13 14.90 -61.01
CA ASP BA 73 1.94 13.86 -60.04
C ASP BA 73 3.01 13.83 -59.00
N HIS BA 74 4.23 13.94 -59.41
CA HIS BA 74 5.25 13.85 -58.42
C HIS BA 74 5.37 15.04 -57.55
N MSE BA 75 4.66 16.10 -57.86
CA MSE BA 75 4.74 17.29 -57.03
C MSE BA 75 3.45 17.62 -56.26
O MSE BA 75 3.33 18.68 -55.68
CB MSE BA 75 5.09 18.46 -57.90
CG MSE BA 75 6.55 18.60 -58.25
SE MSE BA 75 6.86 20.07 -59.47
CE MSE BA 75 7.04 21.43 -58.11
N LYS BA 76 2.49 16.70 -56.29
CA LYS BA 76 1.22 16.92 -55.61
C LYS BA 76 1.32 17.31 -54.14
N ARG BA 77 2.35 16.82 -53.48
CA ARG BA 77 2.50 17.12 -52.08
C ARG BA 77 2.89 18.56 -51.80
N HIS BA 78 3.16 19.34 -52.87
CA HIS BA 78 3.60 20.73 -52.67
C HIS BA 78 2.53 21.73 -53.03
N ASP BA 79 1.33 21.23 -53.31
CA ASP BA 79 0.25 22.04 -53.80
C ASP BA 79 -0.56 22.67 -52.66
N PHE BA 80 -0.03 23.76 -52.09
CA PHE BA 80 -0.70 24.46 -51.01
C PHE BA 80 -2.09 24.93 -51.38
N PHE BA 81 -2.18 25.49 -52.60
CA PHE BA 81 -3.39 26.09 -53.12
C PHE BA 81 -4.64 25.23 -53.00
N LYS BA 82 -4.55 24.03 -53.51
CA LYS BA 82 -5.64 23.11 -53.47
C LYS BA 82 -5.90 22.54 -52.06
N SER BA 83 -4.82 22.41 -51.24
CA SER BA 83 -4.94 21.87 -49.90
C SER BA 83 -5.75 22.77 -48.98
N ALA BA 84 -5.84 24.05 -49.33
CA ALA BA 84 -6.57 24.98 -48.49
C ALA BA 84 -8.08 24.99 -48.79
N MSE BA 85 -8.51 24.25 -49.81
CA MSE BA 85 -9.91 24.20 -50.22
C MSE BA 85 -10.73 23.12 -49.50
O MSE BA 85 -10.19 22.14 -49.03
CB MSE BA 85 -9.90 23.96 -51.72
CG MSE BA 85 -9.22 25.07 -52.50
SE MSE BA 85 -10.18 26.78 -52.39
CE MSE BA 85 -8.70 27.99 -52.37
N PRO BA 86 -12.06 23.29 -49.38
CA PRO BA 86 -12.86 24.38 -49.91
C PRO BA 86 -12.86 25.69 -49.10
N GLU BA 87 -12.43 25.66 -47.82
CA GLU BA 87 -12.43 26.85 -46.96
C GLU BA 87 -11.68 28.03 -47.58
N GLY BA 88 -10.63 27.75 -48.32
CA GLY BA 88 -9.94 28.81 -49.06
C GLY BA 88 -8.77 29.44 -48.37
N TYR BA 89 -8.30 30.54 -49.00
CA TYR BA 89 -7.17 31.24 -48.47
C TYR BA 89 -7.26 32.70 -48.76
N VAL BA 90 -6.50 33.44 -47.96
CA VAL BA 90 -6.32 34.86 -48.10
C VAL BA 90 -5.02 35.08 -48.85
N GLN BA 91 -5.09 35.91 -49.85
CA GLN BA 91 -3.94 36.23 -50.66
C GLN BA 91 -3.74 37.72 -50.60
N GLU BA 92 -2.59 38.14 -50.10
CA GLU BA 92 -2.29 39.55 -50.05
C GLU BA 92 -1.06 39.88 -50.84
N ARG BA 93 -1.04 41.07 -51.43
CA ARG BA 93 0.11 41.50 -52.17
C ARG BA 93 0.41 42.96 -52.06
N THR BA 94 1.62 43.26 -52.41
CA THR BA 94 2.05 44.58 -52.71
C THR BA 94 2.74 44.48 -54.05
N ILE BA 95 2.36 45.32 -54.98
CA ILE BA 95 2.95 45.34 -56.32
C ILE BA 95 3.60 46.68 -56.60
N PHE BA 96 4.93 46.68 -56.76
CA PHE BA 96 5.63 47.91 -56.99
C PHE BA 96 5.89 48.15 -58.43
N PHE BA 97 5.34 49.23 -59.00
CA PHE BA 97 5.64 49.55 -60.38
C PHE BA 97 6.91 50.36 -60.40
N LYS BA 98 7.89 49.90 -61.16
CA LYS BA 98 9.15 50.59 -61.18
C LYS BA 98 9.00 52.04 -61.63
N ASP BA 99 9.54 52.94 -60.82
CA ASP BA 99 9.47 54.38 -61.09
C ASP BA 99 8.05 54.91 -61.19
N ASP BA 100 7.13 54.24 -60.50
CA ASP BA 100 5.73 54.62 -60.51
C ASP BA 100 5.05 54.24 -59.19
N GLY BA 101 3.71 54.16 -59.17
CA GLY BA 101 2.97 53.84 -57.93
C GLY BA 101 2.97 52.36 -57.57
N ASN BA 102 2.24 52.03 -56.51
CA ASN BA 102 2.10 50.65 -56.10
C ASN BA 102 0.64 50.24 -55.88
N TYR BA 103 0.40 48.93 -55.96
CA TYR BA 103 -0.89 48.36 -55.69
C TYR BA 103 -0.82 47.54 -54.44
N LYS BA 104 -1.86 47.64 -53.64
CA LYS BA 104 -2.00 46.83 -52.44
C LYS BA 104 -3.30 46.07 -52.59
N THR BA 105 -3.22 44.77 -52.49
CA THR BA 105 -4.39 43.96 -52.71
C THR BA 105 -4.64 42.98 -51.59
N ARG BA 106 -5.90 42.68 -51.41
CA ARG BA 106 -6.31 41.70 -50.46
C ARG BA 106 -7.48 40.93 -51.02
N ALA BA 107 -7.38 39.63 -51.00
CA ALA BA 107 -8.46 38.85 -51.57
C ALA BA 107 -8.73 37.58 -50.81
N GLU BA 108 -9.92 37.08 -51.01
CA GLU BA 108 -10.31 35.82 -50.43
C GLU BA 108 -10.66 34.90 -51.55
N VAL BA 109 -10.03 33.71 -51.58
CA VAL BA 109 -10.40 32.78 -52.61
C VAL BA 109 -10.88 31.50 -52.01
N LYS BA 110 -12.06 31.15 -52.39
CA LYS BA 110 -12.68 29.99 -51.82
C LYS BA 110 -13.89 29.61 -52.61
N PHE BA 111 -14.49 28.48 -52.25
CA PHE BA 111 -15.68 27.97 -52.92
C PHE BA 111 -16.98 28.49 -52.28
N GLU BA 112 -17.91 28.85 -53.12
CA GLU BA 112 -19.26 29.23 -52.73
C GLU BA 112 -20.11 28.25 -53.44
N GLY BA 113 -20.47 27.17 -52.78
CA GLY BA 113 -21.22 26.19 -53.52
C GLY BA 113 -20.23 25.51 -54.46
N ASP BA 114 -20.53 25.45 -55.71
CA ASP BA 114 -19.59 24.79 -56.59
C ASP BA 114 -18.74 25.71 -57.47
N THR BA 115 -18.85 26.98 -57.18
CA THR BA 115 -18.15 28.03 -57.90
C THR BA 115 -16.97 28.51 -57.11
N LEU BA 116 -15.87 28.67 -57.80
CA LEU BA 116 -14.65 29.15 -57.17
C LEU BA 116 -14.70 30.66 -57.27
N VAL BA 117 -14.62 31.31 -56.10
CA VAL BA 117 -14.73 32.77 -55.98
C VAL BA 117 -13.45 33.46 -55.58
N ASN BA 118 -13.13 34.51 -56.30
CA ASN BA 118 -11.97 35.34 -55.98
C ASN BA 118 -12.47 36.75 -55.73
N ARG BA 119 -12.52 37.16 -54.48
CA ARG BA 119 -13.01 38.48 -54.11
C ARG BA 119 -11.85 39.36 -53.65
N ILE BA 120 -11.63 40.44 -54.38
CA ILE BA 120 -10.51 41.35 -54.20
C ILE BA 120 -10.85 42.83 -53.91
N GLU BA 121 -10.02 43.39 -53.06
CA GLU BA 121 -10.02 44.80 -52.77
C GLU BA 121 -8.67 45.33 -53.16
N LEU BA 122 -8.67 46.30 -54.03
CA LEU BA 122 -7.44 46.87 -54.51
C LEU BA 122 -7.29 48.35 -54.22
N LYS BA 123 -6.14 48.71 -53.72
CA LYS BA 123 -5.82 50.09 -53.46
C LYS BA 123 -4.49 50.50 -54.15
N GLY BA 124 -4.54 51.52 -55.03
CA GLY BA 124 -3.36 52.02 -55.79
C GLY BA 124 -3.00 53.44 -55.39
N ILE BA 125 -1.72 53.67 -55.03
CA ILE BA 125 -1.27 55.01 -54.68
C ILE BA 125 0.06 55.39 -55.26
N ASP BA 126 0.24 56.69 -55.31
CA ASP BA 126 1.43 57.30 -55.76
C ASP BA 126 1.71 57.10 -57.20
N PHE BA 127 0.68 57.01 -57.99
CA PHE BA 127 0.88 56.85 -59.43
C PHE BA 127 1.09 58.20 -60.08
N LYS BA 128 1.94 58.21 -61.11
CA LYS BA 128 2.20 59.45 -61.83
C LYS BA 128 1.16 59.67 -62.87
N GLU BA 129 0.56 60.83 -62.80
CA GLU BA 129 -0.50 61.15 -63.72
C GLU BA 129 -0.11 60.96 -65.16
N ASP BA 130 1.17 61.07 -65.41
CA ASP BA 130 1.73 60.96 -66.76
C ASP BA 130 2.67 59.75 -66.96
N GLY BA 131 2.60 58.76 -66.06
CA GLY BA 131 3.46 57.58 -66.13
C GLY BA 131 2.90 56.57 -67.10
N ASN BA 132 3.48 55.38 -67.11
CA ASN BA 132 2.99 54.37 -68.05
C ASN BA 132 1.61 53.82 -67.71
N ILE BA 133 1.24 53.87 -66.42
CA ILE BA 133 -0.03 53.30 -65.95
C ILE BA 133 -1.24 54.19 -66.24
N LEU BA 134 -1.22 55.36 -65.62
CA LEU BA 134 -2.29 56.32 -65.78
C LEU BA 134 -2.30 56.86 -67.16
N GLY BA 135 -1.13 56.93 -67.76
CA GLY BA 135 -0.99 57.45 -69.11
C GLY BA 135 -1.39 56.44 -70.14
N HIS BA 136 -1.70 55.22 -69.71
CA HIS BA 136 -2.11 54.19 -70.68
C HIS BA 136 -1.10 53.94 -71.85
N LYS BA 137 0.13 53.65 -71.49
CA LYS BA 137 1.20 53.42 -72.45
C LYS BA 137 1.58 51.92 -72.65
N LEU BA 138 0.89 51.02 -71.93
CA LEU BA 138 1.18 49.57 -71.96
C LEU BA 138 0.53 48.91 -73.14
N GLU BA 139 1.26 48.01 -73.84
CA GLU BA 139 0.65 47.29 -74.94
C GLU BA 139 -0.32 46.28 -74.36
N TYR BA 140 -1.24 45.86 -75.19
CA TYR BA 140 -2.25 44.90 -74.82
C TYR BA 140 -1.80 43.51 -75.11
N ASN BA 141 -0.92 43.05 -74.29
CA ASN BA 141 -0.40 41.71 -74.42
C ASN BA 141 0.23 41.31 -73.11
N TYR BA 142 0.75 40.09 -73.04
CA TYR BA 142 1.32 39.63 -71.81
C TYR BA 142 2.46 38.62 -72.04
N ASN BA 143 3.45 38.59 -71.16
CA ASN BA 143 4.62 37.69 -71.27
C ASN BA 143 4.51 36.46 -70.37
N SER BA 144 5.54 35.55 -70.43
CA SER BA 144 5.61 34.32 -69.59
C SER BA 144 6.48 34.61 -68.43
N HIS BA 145 6.16 34.07 -67.27
CA HIS BA 145 6.93 34.34 -66.11
C HIS BA 145 7.11 33.13 -65.28
N ASN BA 146 8.02 33.23 -64.35
CA ASN BA 146 8.23 32.22 -63.33
C ASN BA 146 7.85 32.84 -61.98
N VAL BA 147 7.09 32.11 -61.20
CA VAL BA 147 6.60 32.53 -59.92
C VAL BA 147 7.21 31.65 -58.86
N TYR BA 148 7.98 32.25 -57.97
CA TYR BA 148 8.69 31.53 -56.94
C TYR BA 148 7.92 31.36 -55.66
N ILE BA 149 7.81 30.13 -55.22
CA ILE BA 149 7.10 29.81 -54.02
C ILE BA 149 7.93 29.21 -52.95
N MSE BA 150 7.65 29.63 -51.74
CA MSE BA 150 8.32 29.11 -50.57
C MSE BA 150 7.39 29.05 -49.39
O MSE BA 150 6.43 29.81 -49.30
CB MSE BA 150 9.50 29.95 -50.24
CG MSE BA 150 10.18 30.50 -51.44
SE MSE BA 150 11.37 31.91 -50.97
CE MSE BA 150 11.52 31.45 -49.10
N ALA BA 151 7.69 28.10 -48.50
CA ALA BA 151 6.90 27.88 -47.32
C ALA BA 151 7.10 28.93 -46.26
N ASP BA 152 6.05 29.14 -45.49
CA ASP BA 152 6.11 30.06 -44.39
C ASP BA 152 5.58 29.36 -43.15
N LYS BA 153 6.47 28.61 -42.50
CA LYS BA 153 6.07 27.85 -41.35
C LYS BA 153 5.49 28.66 -40.18
N GLN BA 154 5.83 29.94 -40.09
CA GLN BA 154 5.33 30.79 -39.00
C GLN BA 154 3.86 31.22 -39.13
N LYS BA 155 3.44 31.41 -40.38
CA LYS BA 155 2.08 31.80 -40.66
C LYS BA 155 1.30 30.65 -41.23
N ASN BA 156 1.94 29.46 -41.36
CA ASN BA 156 1.28 28.30 -41.92
C ASN BA 156 0.79 28.65 -43.32
N GLY BA 157 1.68 29.34 -44.06
CA GLY BA 157 1.34 29.77 -45.38
C GLY BA 157 2.55 29.70 -46.25
N ILE BA 158 2.47 30.44 -47.32
CA ILE BA 158 3.54 30.50 -48.25
C ILE BA 158 3.83 31.92 -48.59
N LYS BA 159 5.04 32.16 -49.02
CA LYS BA 159 5.46 33.46 -49.46
C LYS BA 159 5.78 33.30 -50.91
N VAL BA 160 5.41 34.26 -51.72
CA VAL BA 160 5.61 34.17 -53.14
C VAL BA 160 6.19 35.47 -53.66
N ASN BA 161 7.15 35.37 -54.58
CA ASN BA 161 7.75 36.53 -55.17
C ASN BA 161 8.01 36.34 -56.67
N PHE BA 162 7.97 37.45 -57.41
CA PHE BA 162 8.20 37.43 -58.85
C PHE BA 162 8.10 38.80 -59.43
N LYS BA 163 8.55 38.95 -60.69
CA LYS BA 163 8.50 40.21 -61.42
C LYS BA 163 7.80 40.02 -62.73
N ILE BA 164 6.93 40.94 -63.03
CA ILE BA 164 6.22 40.92 -64.24
C ILE BA 164 6.84 41.95 -65.09
N ARG BA 165 6.89 41.64 -66.37
CA ARG BA 165 7.40 42.52 -67.37
C ARG BA 165 6.29 42.95 -68.33
N HIS BA 166 5.93 44.24 -68.28
CA HIS BA 166 4.91 44.79 -69.16
C HIS BA 166 5.54 45.55 -70.32
N ASN BA 167 5.19 45.19 -71.51
CA ASN BA 167 5.72 45.88 -72.64
C ASN BA 167 5.07 47.23 -72.80
N ILE BA 168 5.91 48.25 -73.06
CA ILE BA 168 5.43 49.61 -73.33
C ILE BA 168 5.39 49.84 -74.83
N GLU BA 169 4.44 50.60 -75.28
CA GLU BA 169 4.22 50.86 -76.68
C GLU BA 169 5.43 51.35 -77.46
N ASP BA 170 6.42 51.89 -76.76
CA ASP BA 170 7.63 52.41 -77.42
C ASP BA 170 8.73 51.36 -77.56
N GLY BA 171 8.42 50.14 -77.18
CA GLY BA 171 9.41 49.09 -77.28
C GLY BA 171 10.09 48.80 -75.97
N SER BA 172 9.88 49.71 -74.98
CA SER BA 172 10.52 49.52 -73.69
C SER BA 172 9.77 48.57 -72.76
N VAL BA 173 10.16 48.55 -71.47
CA VAL BA 173 9.54 47.66 -70.50
C VAL BA 173 9.17 48.30 -69.17
N GLN BA 174 8.01 47.90 -68.62
CA GLN BA 174 7.57 48.34 -67.29
C GLN BA 174 7.62 47.18 -66.30
N LEU BA 175 8.49 47.30 -65.32
CA LEU BA 175 8.64 46.28 -64.35
C LEU BA 175 7.64 46.39 -63.21
N ALA BA 176 7.16 45.25 -62.77
CA ALA BA 176 6.23 45.19 -61.66
C ALA BA 176 6.61 44.09 -60.68
N ASP BA 177 7.24 44.50 -59.59
CA ASP BA 177 7.68 43.62 -58.54
C ASP BA 177 6.56 43.18 -57.65
N HIS BA 178 6.36 41.89 -57.56
CA HIS BA 178 5.28 41.33 -56.76
C HIS BA 178 5.75 40.68 -55.48
N TYR BA 179 5.12 41.05 -54.35
CA TYR BA 179 5.38 40.46 -53.06
C TYR BA 179 4.09 39.90 -52.55
N GLN BA 180 4.07 38.62 -52.21
CA GLN BA 180 2.81 38.00 -51.90
C GLN BA 180 2.86 37.04 -50.73
N GLN BA 181 1.76 37.03 -49.96
CA GLN BA 181 1.52 36.11 -48.84
C GLN BA 181 0.13 35.47 -48.92
N ASN BA 182 0.09 34.19 -48.63
CA ASN BA 182 -1.14 33.41 -48.63
C ASN BA 182 -1.25 32.66 -47.31
N THR BA 183 -2.42 32.74 -46.75
CA THR BA 183 -2.68 32.07 -45.49
C THR BA 183 -4.04 31.45 -45.54
N PRO BA 184 -4.14 30.27 -44.91
CA PRO BA 184 -5.37 29.53 -44.92
C PRO BA 184 -6.47 30.25 -44.16
N ILE BA 185 -7.68 30.03 -44.60
CA ILE BA 185 -8.86 30.59 -43.91
C ILE BA 185 -9.32 29.60 -42.84
N GLY BA 186 -9.40 28.32 -43.20
CA GLY BA 186 -9.78 27.28 -42.24
C GLY BA 186 -8.67 26.96 -41.25
N ASP BA 187 -8.97 26.11 -40.29
CA ASP BA 187 -8.02 25.70 -39.25
C ASP BA 187 -7.47 24.31 -39.56
N GLY BA 188 -8.03 23.70 -40.61
CA GLY BA 188 -7.65 22.37 -41.07
C GLY BA 188 -6.21 22.34 -41.58
N PRO BA 189 -5.68 21.14 -41.82
CA PRO BA 189 -4.31 21.00 -42.30
C PRO BA 189 -4.11 21.40 -43.80
N VAL BA 190 -2.96 21.99 -44.07
CA VAL BA 190 -2.57 22.39 -45.40
C VAL BA 190 -1.20 21.84 -45.70
N LEU BA 191 -0.89 21.81 -46.98
CA LEU BA 191 0.37 21.32 -47.46
C LEU BA 191 1.40 22.44 -47.58
N LEU BA 192 2.47 22.40 -46.80
CA LEU BA 192 3.52 23.39 -46.96
C LEU BA 192 4.57 22.80 -47.87
N PRO BA 193 4.85 23.54 -48.93
CA PRO BA 193 5.74 23.09 -49.99
C PRO BA 193 7.21 23.34 -49.79
N ASP BA 194 8.01 22.64 -50.59
CA ASP BA 194 9.41 22.93 -50.70
C ASP BA 194 9.50 23.95 -51.84
N ASN BA 195 10.59 24.71 -51.88
CA ASN BA 195 10.78 25.73 -52.89
C ASN BA 195 10.54 25.19 -54.24
N HIS BA 196 9.78 25.91 -55.02
CA HIS BA 196 9.48 25.51 -56.35
C HIS BA 196 8.92 26.68 -57.08
N TYR BA 197 8.52 26.49 -58.32
CA TYR BA 197 7.97 27.61 -59.04
C TYR BA 197 6.91 27.22 -60.06
N LEU BA 198 6.16 28.23 -60.46
CA LEU BA 198 5.11 28.10 -61.45
C LEU BA 198 5.53 28.83 -62.69
N SER BA 199 5.30 28.21 -63.83
CA SER BA 199 5.61 28.74 -65.13
C SER BA 199 4.32 29.15 -65.79
N THR BA 200 4.22 30.41 -66.19
CA THR BA 200 2.98 30.93 -66.70
C THR BA 200 3.06 31.42 -68.10
N GLN BA 201 1.92 31.33 -68.75
CA GLN BA 201 1.73 31.89 -70.06
C GLN BA 201 0.30 32.39 -70.24
N SER BA 202 0.13 33.57 -70.85
CA SER BA 202 -1.20 34.15 -71.01
C SER BA 202 -1.36 34.88 -72.32
N ALA BA 203 -2.54 34.78 -72.87
CA ALA BA 203 -2.93 35.46 -74.10
C ALA BA 203 -4.15 36.36 -73.82
N LEU BA 204 -4.10 37.63 -74.26
CA LEU BA 204 -5.16 38.59 -74.10
C LEU BA 204 -5.85 38.79 -75.40
N SER BA 205 -7.17 38.88 -75.35
CA SER BA 205 -7.93 39.13 -76.54
C SER BA 205 -9.16 40.01 -76.24
N LYS BA 206 -9.93 40.33 -77.28
CA LYS BA 206 -11.13 41.13 -77.13
C LYS BA 206 -12.32 40.41 -77.76
N ASP BA 207 -13.53 40.68 -77.23
CA ASP BA 207 -14.79 40.16 -77.77
C ASP BA 207 -15.36 41.22 -78.72
N PRO BA 208 -15.23 40.95 -80.00
CA PRO BA 208 -15.63 41.88 -81.05
C PRO BA 208 -17.06 42.43 -80.92
N ASN BA 209 -17.94 41.64 -80.28
CA ASN BA 209 -19.32 42.04 -80.13
C ASN BA 209 -19.63 42.65 -78.77
N GLU BA 210 -18.57 42.95 -78.03
CA GLU BA 210 -18.71 43.49 -76.71
C GLU BA 210 -18.45 45.01 -76.68
N LYS BA 211 -19.42 45.79 -76.30
CA LYS BA 211 -19.22 47.25 -76.25
C LYS BA 211 -18.69 47.74 -74.94
N ARG BA 212 -18.85 46.98 -73.88
CA ARG BA 212 -18.32 47.48 -72.64
C ARG BA 212 -16.79 47.35 -72.63
N ASP BA 213 -16.14 48.01 -71.68
CA ASP BA 213 -14.67 47.87 -71.54
C ASP BA 213 -14.43 46.48 -70.92
N HIS BA 214 -13.60 45.68 -71.57
CA HIS BA 214 -13.41 44.35 -71.06
C HIS BA 214 -12.09 43.74 -71.55
N MSE BA 215 -11.81 42.55 -71.04
CA MSE BA 215 -10.67 41.80 -71.45
C MSE BA 215 -11.02 40.33 -71.45
O MSE BA 215 -11.67 39.84 -70.52
CB MSE BA 215 -9.46 42.00 -70.51
CG MSE BA 215 -8.40 40.91 -70.49
SE MSE BA 215 -6.85 41.31 -69.39
CE MSE BA 215 -7.51 40.96 -67.60
N VAL BA 216 -10.55 39.64 -72.50
CA VAL BA 216 -10.67 38.19 -72.59
C VAL BA 216 -9.29 37.60 -72.31
N LEU BA 217 -9.25 36.58 -71.44
CA LEU BA 217 -8.02 35.98 -70.99
C LEU BA 217 -7.98 34.47 -71.05
N LEU BA 218 -6.86 33.95 -71.64
CA LEU BA 218 -6.52 32.50 -71.72
C LEU BA 218 -5.15 32.29 -71.09
N GLU BA 219 -5.05 31.39 -70.15
CA GLU BA 219 -3.84 31.25 -69.43
C GLU BA 219 -3.60 29.81 -69.03
N PHE BA 220 -2.32 29.45 -69.07
CA PHE BA 220 -1.83 28.12 -68.73
C PHE BA 220 -0.76 28.24 -67.68
N VAL BA 221 -0.84 27.38 -66.68
CA VAL BA 221 0.10 27.42 -65.62
C VAL BA 221 0.45 26.03 -65.11
N THR BA 222 1.73 25.76 -65.05
CA THR BA 222 2.18 24.50 -64.55
C THR BA 222 3.35 24.64 -63.57
N ALA BA 223 3.33 23.79 -62.56
CA ALA BA 223 4.35 23.81 -61.52
C ALA BA 223 5.60 23.05 -61.96
N ALA BA 224 6.73 23.48 -61.47
CA ALA BA 224 7.98 22.83 -61.82
C ALA BA 224 9.05 23.07 -60.78
N GLY BA 225 10.24 22.58 -61.09
CA GLY BA 225 11.41 22.85 -60.28
C GLY BA 225 11.73 21.82 -59.26
N ILE BA 226 11.03 20.69 -59.35
CA ILE BA 226 11.24 19.59 -58.44
C ILE BA 226 11.31 18.29 -59.25
N SER CA 1 51.96 12.16 10.45
CA SER CA 1 51.35 11.34 11.50
C SER CA 1 51.19 12.05 12.82
N LYS CA 2 50.79 11.25 13.79
CA LYS CA 2 50.51 11.63 15.18
C LYS CA 2 51.73 12.16 15.97
N GLY CA 3 52.58 11.23 16.36
CA GLY CA 3 53.73 11.49 17.19
C GLY CA 3 54.76 12.42 16.59
N GLU CA 4 54.91 12.38 15.26
CA GLU CA 4 55.94 13.17 14.55
C GLU CA 4 56.25 14.51 15.22
N GLU CA 5 55.20 15.31 15.35
CA GLU CA 5 55.23 16.63 15.97
C GLU CA 5 55.74 16.63 17.43
N LEU CA 6 55.63 15.48 18.11
CA LEU CA 6 56.07 15.38 19.50
C LEU CA 6 57.58 15.32 19.64
N PHE CA 7 58.23 15.00 18.54
CA PHE CA 7 59.68 14.77 18.54
C PHE CA 7 60.54 15.86 17.91
N THR CA 8 59.89 16.91 17.57
CA THR CA 8 60.45 18.05 16.94
C THR CA 8 61.55 18.76 17.76
N GLY CA 9 61.67 18.49 19.05
CA GLY CA 9 62.73 19.10 19.82
C GLY CA 9 63.33 18.11 20.81
N VAL CA 10 64.11 18.61 21.75
CA VAL CA 10 64.65 17.77 22.82
C VAL CA 10 63.50 17.34 23.77
N VAL CA 11 63.40 16.04 24.01
CA VAL CA 11 62.39 15.44 24.90
C VAL CA 11 63.08 14.78 26.13
N PRO CA 12 62.64 15.10 27.34
CA PRO CA 12 63.21 14.44 28.51
C PRO CA 12 62.77 12.97 28.56
N ILE CA 13 63.67 12.12 29.00
CA ILE CA 13 63.40 10.70 29.07
C ILE CA 13 63.54 10.18 30.50
N LEU CA 14 62.63 9.30 30.86
CA LEU CA 14 62.66 8.64 32.15
C LEU CA 14 62.65 7.14 31.90
N VAL CA 15 63.59 6.44 32.52
CA VAL CA 15 63.70 4.99 32.39
C VAL CA 15 63.60 4.31 33.77
N GLU CA 16 62.69 3.34 33.88
CA GLU CA 16 62.48 2.58 35.08
C GLU CA 16 62.53 1.09 34.77
N LEU CA 17 63.44 0.38 35.46
CA LEU CA 17 63.54 -1.08 35.24
C LEU CA 17 63.49 -1.88 36.55
N ASP CA 18 62.70 -2.95 36.51
CA ASP CA 18 62.60 -3.91 37.59
C ASP CA 18 63.10 -5.24 37.07
N GLY CA 19 64.16 -5.78 37.65
CA GLY CA 19 64.62 -7.05 37.13
C GLY CA 19 64.93 -8.14 38.15
N ASP CA 20 64.94 -9.34 37.63
CA ASP CA 20 65.26 -10.53 38.36
C ASP CA 20 66.00 -11.44 37.41
N VAL CA 21 67.26 -11.67 37.74
CA VAL CA 21 68.10 -12.57 36.96
C VAL CA 21 68.60 -13.74 37.83
N ASN CA 22 68.04 -14.93 37.58
CA ASN CA 22 68.43 -16.11 38.37
C ASN CA 22 68.24 -15.86 39.88
N GLY CA 23 67.13 -15.21 40.23
CA GLY CA 23 66.87 -14.94 41.63
C GLY CA 23 67.54 -13.70 42.19
N HIS CA 24 68.42 -13.04 41.42
CA HIS CA 24 69.03 -11.79 41.89
C HIS CA 24 68.15 -10.62 41.45
N LYS CA 25 67.51 -9.99 42.41
CA LYS CA 25 66.60 -8.89 42.11
C LYS CA 25 67.27 -7.55 42.10
N PHE CA 26 66.83 -6.69 41.20
CA PHE CA 26 67.43 -5.37 41.15
C PHE CA 26 66.52 -4.34 40.49
N SER CA 27 66.87 -3.07 40.70
CA SER CA 27 66.12 -1.97 40.13
C SER CA 27 67.08 -0.91 39.55
N VAL CA 28 66.68 -0.36 38.41
CA VAL CA 28 67.45 0.71 37.77
C VAL CA 28 66.58 1.91 37.39
N SER CA 29 67.14 3.07 37.62
CA SER CA 29 66.53 4.32 37.21
C SER CA 29 67.45 5.07 36.22
N GLY CA 30 66.85 5.62 35.17
CA GLY CA 30 67.63 6.40 34.26
C GLY CA 30 66.90 7.69 33.85
N GLU CA 31 67.67 8.69 33.58
CA GLU CA 31 67.14 9.98 33.11
C GLU CA 31 68.06 10.53 32.03
N GLY CA 32 67.51 11.35 31.16
CA GLY CA 32 68.30 12.03 30.14
C GLY CA 32 67.41 12.69 29.13
N GLU CA 33 67.91 12.82 27.92
CA GLU CA 33 67.13 13.41 26.89
C GLU CA 33 67.43 12.81 25.53
N GLY CA 34 66.49 12.99 24.61
CA GLY CA 34 66.62 12.49 23.26
C GLY CA 34 66.28 13.60 22.29
N ASP CA 35 66.88 13.56 21.13
CA ASP CA 35 66.63 14.56 20.09
C ASP CA 35 66.61 13.82 18.77
N ALA CA 36 65.42 13.41 18.38
CA ALA CA 36 65.21 12.63 17.21
C ALA CA 36 65.69 13.34 15.94
N THR CA 37 65.88 14.65 16.01
CA THR CA 37 66.34 15.41 14.84
C THR CA 37 67.72 14.96 14.39
N TYR CA 38 68.53 14.57 15.37
CA TYR CA 38 69.85 14.05 15.16
C TYR CA 38 69.94 12.57 15.51
N GLY CA 39 68.80 11.92 15.82
CA GLY CA 39 68.77 10.52 16.25
C GLY CA 39 69.68 10.31 17.48
N LYS CA 40 69.76 11.35 18.32
CA LYS CA 40 70.63 11.33 19.43
C LYS CA 40 69.95 11.09 20.81
N LEU CA 41 70.62 10.27 21.65
CA LEU CA 41 70.16 9.93 23.02
C LEU CA 41 71.28 10.16 24.03
N THR CA 42 70.99 10.82 25.16
CA THR CA 42 71.99 11.00 26.22
C THR CA 42 71.38 10.59 27.55
N LEU CA 43 71.92 9.54 28.21
CA LEU CA 43 71.30 9.00 29.42
C LEU CA 43 72.30 8.62 30.50
N LYS CA 44 71.82 8.64 31.75
CA LYS CA 44 72.57 8.17 32.88
C LYS CA 44 71.67 7.21 33.68
N PHE CA 45 72.18 6.02 33.93
CA PHE CA 45 71.46 4.99 34.66
C PHE CA 45 72.13 4.77 35.95
N ILE CA 46 71.32 4.49 36.97
CA ILE CA 46 71.82 4.28 38.33
C ILE CA 46 71.17 3.04 38.94
N CYS CA 47 71.96 2.16 39.51
CA CYS CA 47 71.36 0.96 40.07
C CYS CA 47 70.89 1.34 41.43
N THR CA 48 69.58 1.39 41.63
CA THR CA 48 69.01 1.86 42.89
C THR CA 48 69.03 0.87 44.02
N THR CA 49 69.07 -0.40 43.70
CA THR CA 49 69.08 -1.42 44.72
C THR CA 49 70.50 -1.77 45.15
N GLY CA 50 71.50 -1.02 44.62
CA GLY CA 50 72.91 -1.26 44.95
C GLY CA 50 73.77 -1.68 43.71
N LYS CA 51 74.47 -2.82 43.84
CA LYS CA 51 75.33 -3.34 42.76
C LYS CA 51 74.58 -4.11 41.70
N LEU CA 52 74.75 -3.70 40.44
CA LEU CA 52 74.08 -4.41 39.38
C LEU CA 52 74.65 -5.84 39.31
N PRO CA 53 73.79 -6.83 39.28
CA PRO CA 53 74.16 -8.25 39.26
C PRO CA 53 74.61 -8.82 37.92
N VAL CA 54 74.37 -8.06 36.86
CA VAL CA 54 74.80 -8.43 35.53
C VAL CA 54 75.58 -7.30 35.00
N PRO CA 55 76.22 -7.48 33.88
CA PRO CA 55 77.00 -6.39 33.35
C PRO CA 55 76.14 -5.30 32.67
N TRP CA 56 76.52 -4.04 32.86
CA TRP CA 56 75.79 -2.93 32.26
C TRP CA 56 75.48 -3.08 30.76
N PRO CA 57 76.48 -3.45 29.97
CA PRO CA 57 76.26 -3.60 28.56
C PRO CA 57 75.17 -4.52 28.21
N THR CA 58 74.89 -5.52 29.04
CA THR CA 58 73.83 -6.42 28.68
C THR CA 58 72.43 -5.76 28.68
N LEU CA 59 72.32 -4.64 29.35
CA LEU CA 59 71.02 -3.97 29.47
C LEU CA 59 70.75 -2.84 28.46
N VAL CA 60 71.76 -2.48 27.67
CA VAL CA 60 71.60 -1.36 26.74
C VAL CA 60 70.37 -1.37 25.87
N THR CA 61 70.17 -2.48 25.18
CA THR CA 61 69.07 -2.61 24.27
C THR CA 61 67.72 -2.51 24.95
N THR CA 62 67.71 -2.92 26.19
CA THR CA 62 66.47 -2.89 26.99
C THR CA 62 66.13 -1.44 27.38
N PHE CA 63 67.13 -0.74 27.86
CA PHE CA 63 66.93 0.61 28.26
C PHE CA 63 66.63 1.50 27.06
N1 CRO CA 64 67.40 1.31 25.98
CA1 CRO CA 64 67.20 2.14 24.78
CB1 CRO CA 64 68.42 3.06 24.57
CG1 CRO CA 64 68.61 4.00 25.72
OG1 CRO CA 64 69.59 2.28 24.40
C1 CRO CA 64 66.96 1.16 23.67
N2 CRO CA 64 67.90 0.67 22.76
N3 CRO CA 64 65.77 0.62 23.36
C2 CRO CA 64 65.82 -0.35 22.39
O2 CRO CA 64 64.95 -0.90 21.78
CA2 CRO CA 64 67.24 -0.29 21.96
CA3 CRO CA 64 64.62 0.77 24.23
C3 CRO CA 64 63.63 1.83 23.85
O3 CRO CA 64 62.45 1.66 24.08
CB2 CRO CA 64 67.75 -0.91 20.89
CG2 CRO CA 64 69.20 -1.03 20.52
CD1 CRO CA 64 70.19 -0.24 21.14
CD2 CRO CA 64 69.55 -1.90 19.42
CE1 CRO CA 64 71.54 -0.29 20.64
CE2 CRO CA 64 70.88 -1.97 18.95
CZ CRO CA 64 71.86 -1.18 19.56
OH CRO CA 64 73.26 -1.28 19.08
N VAL CA 65 64.12 2.96 23.32
CA VAL CA 65 63.22 4.04 22.96
C VAL CA 65 63.48 4.48 21.49
N GLN CA 66 63.17 3.55 20.62
CA GLN CA 66 63.30 3.64 19.25
C GLN CA 66 62.59 4.76 18.52
N CYS CA 67 61.70 5.44 19.23
CA CYS CA 67 61.02 6.56 18.66
C CYS CA 67 62.00 7.76 18.51
N PHE CA 68 63.20 7.64 19.09
CA PHE CA 68 64.23 8.68 19.00
C PHE CA 68 65.20 8.48 17.81
N SER CA 69 64.88 7.53 16.97
CA SER CA 69 65.69 7.25 15.80
C SER CA 69 65.48 8.36 14.78
N ARG CA 70 66.55 8.74 14.07
CA ARG CA 70 66.35 9.71 13.04
C ARG CA 70 65.84 9.05 11.77
N TYR CA 71 64.65 9.45 11.31
CA TYR CA 71 64.15 8.91 10.06
C TYR CA 71 64.34 9.98 8.96
N PRO CA 72 65.04 9.64 7.91
CA PRO CA 72 65.20 10.60 6.84
C PRO CA 72 63.84 10.99 6.25
N ASP CA 73 63.77 12.21 5.72
CA ASP CA 73 62.55 12.71 5.14
C ASP CA 73 61.89 11.73 4.23
N HIS CA 74 62.64 11.10 3.39
CA HIS CA 74 62.00 10.20 2.49
C HIS CA 74 61.52 8.95 3.10
N MSE CA 75 61.86 8.70 4.33
CA MSE CA 75 61.42 7.48 4.99
C MSE CA 75 60.41 7.71 6.13
O MSE CA 75 60.10 6.78 6.87
CB MSE CA 75 62.62 6.75 5.53
CG MSE CA 75 63.38 5.94 4.52
SE MSE CA 75 64.96 5.14 5.31
CE MSE CA 75 64.09 3.54 5.94
N LYS CA 76 59.94 8.93 6.29
CA LYS CA 76 59.00 9.25 7.36
C LYS CA 76 57.77 8.37 7.43
N ARG CA 77 57.33 7.89 6.29
CA ARG CA 77 56.14 7.05 6.26
C ARG CA 77 56.35 5.69 6.87
N HIS CA 78 57.61 5.36 7.23
CA HIS CA 78 57.88 4.02 7.76
C HIS CA 78 58.16 4.03 9.25
N ASP CA 79 57.96 5.20 9.87
CA ASP CA 79 58.30 5.40 11.25
C ASP CA 79 57.17 4.99 12.19
N PHE CA 80 57.07 3.69 12.45
CA PHE CA 80 56.05 3.15 13.34
C PHE CA 80 56.10 3.76 14.73
N PHE CA 81 57.35 3.84 15.24
CA PHE CA 81 57.64 4.30 16.59
C PHE CA 81 56.96 5.59 16.99
N LYS CA 82 57.16 6.61 16.18
CA LYS CA 82 56.58 7.90 16.43
C LYS CA 82 55.06 7.93 16.16
N SER CA 83 54.57 7.10 15.20
CA SER CA 83 53.17 7.07 14.86
C SER CA 83 52.31 6.55 15.98
N ALA CA 84 52.92 5.80 16.90
CA ALA CA 84 52.17 5.23 18.00
C ALA CA 84 52.01 6.20 19.18
N MSE CA 85 52.65 7.36 19.11
CA MSE CA 85 52.62 8.36 20.17
C MSE CA 85 51.45 9.35 20.07
O MSE CA 85 50.93 9.58 18.99
CB MSE CA 85 53.95 9.08 20.12
CG MSE CA 85 55.14 8.17 20.35
SE MSE CA 85 55.19 7.44 22.18
CE MSE CA 85 55.88 5.69 21.81
N PRO CA 86 50.99 9.94 21.18
CA PRO CA 86 51.54 9.81 22.53
C PRO CA 86 51.11 8.56 23.32
N GLU CA 87 50.03 7.86 22.88
CA GLU CA 87 49.53 6.66 23.58
C GLU CA 87 50.61 5.60 23.80
N GLY CA 88 51.53 5.48 22.87
CA GLY CA 88 52.66 4.59 23.07
C GLY CA 88 52.52 3.19 22.53
N TYR CA 89 53.51 2.36 22.91
CA TYR CA 89 53.51 1.00 22.46
C TYR CA 89 54.11 0.09 23.48
N VAL CA 90 53.77 -1.18 23.31
CA VAL CA 90 54.31 -2.26 24.11
C VAL CA 90 55.43 -2.89 23.29
N GLN CA 91 56.54 -3.08 23.94
CA GLN CA 91 57.69 -3.68 23.32
C GLN CA 91 58.06 -4.90 24.12
N GLU CA 92 58.03 -6.06 23.47
CA GLU CA 92 58.41 -7.28 24.15
C GLU CA 92 59.57 -7.93 23.46
N ARG CA 93 60.42 -8.59 24.24
CA ARG CA 93 61.54 -9.29 23.68
C ARG CA 93 61.88 -10.57 24.39
N THR CA 94 62.62 -11.36 23.66
CA THR CA 94 63.35 -12.46 24.20
C THR CA 94 64.77 -12.29 23.71
N ILE CA 95 65.73 -12.33 24.60
CA ILE CA 95 67.15 -12.19 24.25
C ILE CA 95 67.91 -13.44 24.62
N PHE CA 96 68.44 -14.14 23.61
CA PHE CA 96 69.17 -15.36 23.88
C PHE CA 96 70.63 -15.14 23.93
N PHE CA 97 71.26 -15.40 25.08
CA PHE CA 97 72.71 -15.30 25.15
C PHE CA 97 73.29 -16.60 24.69
N LYS CA 98 74.16 -16.55 23.70
CA LYS CA 98 74.71 -17.78 23.18
C LYS CA 98 75.43 -18.58 24.24
N ASP CA 99 75.05 -19.84 24.35
CA ASP CA 99 75.65 -20.75 25.35
C ASP CA 99 75.47 -20.28 26.78
N ASP CA 100 74.39 -19.53 27.00
CA ASP CA 100 74.09 -18.99 28.32
C ASP CA 100 72.59 -18.82 28.51
N GLY CA 101 72.17 -17.99 29.49
CA GLY CA 101 70.73 -17.79 29.76
C GLY CA 101 70.03 -16.86 28.80
N ASN CA 102 68.76 -16.59 29.08
CA ASN CA 102 68.00 -15.65 28.27
C ASN CA 102 67.28 -14.59 29.11
N TYR CA 103 66.96 -13.47 28.47
CA TYR CA 103 66.21 -12.40 29.08
C TYR CA 103 64.87 -12.31 28.41
N LYS CA 104 63.85 -12.08 29.22
CA LYS CA 104 62.50 -11.86 28.73
C LYS CA 104 62.08 -10.51 29.25
N THR CA 105 61.69 -9.64 28.35
CA THR CA 105 61.36 -8.29 28.74
C THR CA 105 60.01 -7.86 28.23
N ARG CA 106 59.41 -6.97 29.00
CA ARG CA 106 58.18 -6.38 28.63
C ARG CA 106 58.17 -4.94 29.06
N ALA CA 107 57.86 -4.05 28.15
CA ALA CA 107 57.89 -2.66 28.52
C ALA CA 107 56.79 -1.86 27.87
N GLU CA 108 56.51 -0.73 28.47
CA GLU CA 108 55.56 0.20 27.92
C GLU CA 108 56.26 1.49 27.67
N VAL CA 109 56.19 2.01 26.43
CA VAL CA 109 56.81 3.27 26.20
C VAL CA 109 55.80 4.26 25.71
N LYS CA 110 55.72 5.34 26.41
CA LYS CA 110 54.73 6.33 26.10
C LYS CA 110 55.02 7.59 26.84
N PHE CA 111 54.25 8.63 26.55
CA PHE CA 111 54.39 9.92 27.18
C PHE CA 111 53.57 10.06 28.47
N GLU CA 112 54.16 10.65 29.48
CA GLU CA 112 53.51 11.00 30.73
C GLU CA 112 53.68 12.48 30.79
N GLY CA 113 52.71 13.22 30.33
CA GLY CA 113 52.93 14.64 30.33
C GLY CA 113 53.92 14.91 29.20
N ASP CA 114 54.97 15.59 29.47
CA ASP CA 114 55.90 15.86 28.39
C ASP CA 114 57.18 15.03 28.38
N THR CA 115 57.20 14.05 29.27
CA THR CA 115 58.31 13.16 29.44
C THR CA 115 58.04 11.84 28.79
N LEU CA 116 59.03 11.35 28.10
CA LEU CA 116 58.91 10.05 27.43
C LEU CA 116 59.37 9.02 28.44
N VAL CA 117 58.47 8.06 28.72
CA VAL CA 117 58.69 7.04 29.72
C VAL CA 117 58.85 5.64 29.15
N ASN CA 118 59.87 4.95 29.63
CA ASN CA 118 60.11 3.57 29.26
C ASN CA 118 60.07 2.72 30.53
N ARG CA 119 59.01 1.99 30.75
CA ARG CA 119 58.84 1.17 31.93
C ARG CA 119 58.97 -0.30 31.58
N ILE CA 120 59.97 -0.94 32.16
CA ILE CA 120 60.35 -2.31 31.87
C ILE CA 120 60.35 -3.30 33.05
N GLU CA 121 59.94 -4.51 32.71
CA GLU CA 121 60.01 -5.64 33.60
C GLU CA 121 60.88 -6.67 32.92
N LEU CA 122 61.94 -7.05 33.61
CA LEU CA 122 62.87 -7.99 33.06
C LEU CA 122 63.01 -9.26 33.87
N LYS CA 123 62.96 -10.37 33.19
CA LYS CA 123 63.15 -11.66 33.81
C LYS CA 123 64.27 -12.46 33.10
N GLY CA 124 65.33 -12.85 33.84
CA GLY CA 124 66.49 -13.61 33.32
C GLY CA 124 66.58 -15.02 33.92
N ILE CA 125 66.67 -16.04 33.06
CA ILE CA 125 66.79 -17.41 33.55
C ILE CA 125 67.81 -18.23 32.82
N ASP CA 126 68.22 -19.27 33.51
CA ASP CA 126 69.13 -20.23 33.02
C ASP CA 126 70.49 -19.71 32.76
N PHE CA 127 70.91 -18.76 33.55
CA PHE CA 127 72.26 -18.22 33.40
C PHE CA 127 73.25 -19.09 34.14
N LYS CA 128 74.45 -19.21 33.56
CA LYS CA 128 75.50 -20.00 34.20
C LYS CA 128 76.22 -19.17 35.22
N GLU CA 129 76.27 -19.70 36.41
CA GLU CA 129 76.89 -18.97 37.49
C GLU CA 129 78.30 -18.52 37.16
N ASP CA 130 78.92 -19.25 36.27
CA ASP CA 130 80.31 -19.00 35.86
C ASP CA 130 80.46 -18.58 34.37
N GLY CA 131 79.36 -18.15 33.74
CA GLY CA 131 79.39 -17.76 32.33
C GLY CA 131 79.88 -16.35 32.19
N ASN CA 132 79.76 -15.81 30.97
CA ASN CA 132 80.23 -14.45 30.77
C ASN CA 132 79.39 -13.37 31.45
N ILE CA 133 78.10 -13.66 31.67
CA ILE CA 133 77.17 -12.70 32.26
C ILE CA 133 77.31 -12.54 33.77
N LEU CA 134 77.03 -13.64 34.47
CA LEU CA 134 77.11 -13.66 35.91
C LEU CA 134 78.52 -13.54 36.35
N GLY CA 135 79.42 -14.05 35.54
CA GLY CA 135 80.84 -13.99 35.86
C GLY CA 135 81.43 -12.64 35.59
N HIS CA 136 80.65 -11.74 35.02
CA HIS CA 136 81.17 -10.39 34.74
C HIS CA 136 82.48 -10.35 33.88
N LYS CA 137 82.43 -10.99 32.73
CA LYS CA 137 83.57 -11.07 31.82
C LYS CA 137 83.49 -10.13 30.59
N LEU CA 138 82.40 -9.34 30.49
CA LEU CA 138 82.16 -8.44 29.35
C LEU CA 138 82.90 -7.15 29.50
N GLU CA 139 83.54 -6.66 28.41
CA GLU CA 139 84.20 -5.38 28.49
C GLU CA 139 83.15 -4.29 28.55
N TYR CA 140 83.55 -3.15 29.04
CA TYR CA 140 82.68 -2.01 29.18
C TYR CA 140 82.74 -1.15 27.96
N ASN CA 141 82.11 -1.61 26.94
CA ASN CA 141 82.05 -0.90 25.69
C ASN CA 141 80.93 -1.46 24.87
N TYR CA 142 80.71 -0.90 23.69
CA TYR CA 142 79.62 -1.34 22.88
C TYR CA 142 79.91 -1.18 21.37
N ASN CA 143 79.37 -2.05 20.53
CA ASN CA 143 79.58 -2.04 19.07
C ASN CA 143 78.42 -1.40 18.31
N SER CA 144 78.54 -1.31 16.94
CA SER CA 144 77.48 -0.77 16.04
C SER CA 144 76.73 -1.91 15.48
N HIS CA 145 75.42 -1.75 15.31
CA HIS CA 145 74.64 -2.84 14.81
C HIS CA 145 73.63 -2.36 13.85
N ASN CA 146 73.05 -3.30 13.15
CA ASN CA 146 71.91 -3.06 12.28
C ASN CA 146 70.71 -3.80 12.88
N VAL CA 147 69.60 -3.12 12.94
CA VAL CA 147 68.36 -3.62 13.50
C VAL CA 147 67.35 -3.72 12.40
N TYR CA 148 66.89 -4.94 12.14
CA TYR CA 148 65.96 -5.19 11.06
C TYR CA 148 64.51 -5.11 11.45
N ILE CA 149 63.77 -4.31 10.72
CA ILE CA 149 62.37 -4.11 10.98
C ILE CA 149 61.47 -4.55 9.89
N MSE CA 150 60.37 -5.15 10.30
CA MSE CA 150 59.36 -5.58 9.37
C MSE CA 150 57.98 -5.44 9.97
O MSE CA 150 57.82 -5.48 11.19
CB MSE CA 150 59.59 -7.01 8.98
CG MSE CA 150 61.04 -7.35 8.89
SE MSE CA 150 61.29 -9.23 8.85
CE MSE CA 150 59.49 -9.68 8.32
N ALA CA 151 57.01 -5.26 9.07
CA ALA CA 151 55.64 -5.08 9.45
C ALA CA 151 54.96 -6.35 9.91
N ASP CA 152 54.01 -6.19 10.79
CA ASP CA 152 53.23 -7.30 11.26
C ASP CA 152 51.76 -6.95 11.13
N LYS CA 153 51.24 -7.15 9.95
CA LYS CA 153 49.87 -6.80 9.68
C LYS CA 153 48.82 -7.49 10.57
N GLN CA 154 49.14 -8.66 11.11
CA GLN CA 154 48.19 -9.39 11.96
C GLN CA 154 48.01 -8.80 13.37
N LYS CA 155 49.09 -8.24 13.91
CA LYS CA 155 49.06 -7.64 15.22
C LYS CA 155 49.08 -6.13 15.11
N ASN CA 156 49.09 -5.60 13.87
CA ASN CA 156 49.13 -4.15 13.67
C ASN CA 156 50.38 -3.60 14.36
N GLY CA 157 51.48 -4.35 14.17
CA GLY CA 157 52.72 -3.98 14.79
C GLY CA 157 53.86 -4.29 13.89
N ILE CA 158 55.01 -4.39 14.50
CA ILE CA 158 56.19 -4.70 13.77
C ILE CA 158 56.93 -5.79 14.48
N LYS CA 159 57.74 -6.50 13.73
CA LYS CA 159 58.58 -7.52 14.27
C LYS CA 159 59.98 -7.05 14.02
N VAL CA 160 60.86 -7.24 14.97
CA VAL CA 160 62.22 -6.76 14.86
C VAL CA 160 63.18 -7.84 15.28
N ASN CA 161 64.28 -7.98 14.53
CA ASN CA 161 65.28 -8.96 14.85
C ASN CA 161 66.69 -8.42 14.63
N PHE CA 162 67.64 -8.92 15.42
CA PHE CA 162 69.04 -8.50 15.33
C PHE CA 162 69.88 -9.24 16.32
N LYS CA 163 71.22 -9.14 16.15
CA LYS CA 163 72.19 -9.75 17.05
C LYS CA 163 73.15 -8.72 17.56
N ILE CA 164 73.41 -8.78 18.83
CA ILE CA 164 74.33 -7.91 19.44
C ILE CA 164 75.54 -8.71 19.68
N ARG CA 165 76.67 -8.03 19.53
CA ARG CA 165 77.95 -8.59 19.77
C ARG CA 165 78.63 -7.91 20.96
N HIS CA 166 78.80 -8.66 22.05
CA HIS CA 166 79.46 -8.14 23.25
C HIS CA 166 80.89 -8.64 23.33
N ASN CA 167 81.81 -7.73 23.45
CA ASN CA 167 83.18 -8.11 23.55
C ASN CA 167 83.47 -8.67 24.92
N ILE CA 168 84.20 -9.81 24.95
CA ILE CA 168 84.66 -10.41 26.21
C ILE CA 168 86.08 -10.01 26.48
N GLU CA 169 86.42 -9.83 27.72
CA GLU CA 169 87.72 -9.38 28.16
C GLU CA 169 88.91 -10.16 27.60
N ASP CA 170 88.68 -11.37 27.14
CA ASP CA 170 89.76 -12.20 26.58
C ASP CA 170 89.95 -12.02 25.08
N GLY CA 171 89.20 -11.10 24.50
CA GLY CA 171 89.33 -10.85 23.09
C GLY CA 171 88.24 -11.53 22.30
N SER CA 172 87.48 -12.43 22.96
CA SER CA 172 86.42 -13.15 22.28
C SER CA 172 85.11 -12.37 22.18
N VAL CA 173 84.03 -13.06 21.78
CA VAL CA 173 82.73 -12.41 21.62
C VAL CA 173 81.54 -13.16 22.23
N GLN CA 174 80.61 -12.39 22.82
CA GLN CA 174 79.36 -12.96 23.35
C GLN CA 174 78.18 -12.51 22.52
N LEU CA 175 77.54 -13.46 21.85
CA LEU CA 175 76.43 -13.17 21.01
C LEU CA 175 75.13 -13.10 21.78
N ALA CA 176 74.30 -12.15 21.39
CA ALA CA 176 72.99 -11.98 21.99
C ALA CA 176 71.92 -11.76 20.93
N ASP CA 177 71.19 -12.83 20.65
CA ASP CA 177 70.13 -12.83 19.67
C ASP CA 177 68.87 -12.19 20.19
N HIS CA 178 68.41 -11.17 19.51
CA HIS CA 178 67.23 -10.44 19.92
C HIS CA 178 66.02 -10.71 19.06
N TYR CA 179 64.88 -11.03 19.71
CA TYR CA 179 63.61 -11.24 19.04
C TYR CA 179 62.64 -10.28 19.64
N GLN CA 180 62.01 -9.46 18.82
CA GLN CA 180 61.20 -8.39 19.36
C GLN CA 180 59.90 -8.18 18.64
N GLN CA 181 58.87 -7.80 19.43
CA GLN CA 181 57.53 -7.42 18.93
C GLN CA 181 57.06 -6.12 19.60
N ASN CA 182 56.46 -5.26 18.79
CA ASN CA 182 55.91 -4.00 19.23
C ASN CA 182 54.48 -3.88 18.76
N THR CA 183 53.65 -3.46 19.66
CA THR CA 183 52.24 -3.29 19.35
C THR CA 183 51.74 -2.04 20.00
N PRO CA 184 50.84 -1.37 19.29
CA PRO CA 184 50.31 -0.11 19.75
C PRO CA 184 49.48 -0.28 21.00
N ILE CA 185 49.48 0.74 21.81
CA ILE CA 185 48.65 0.76 23.04
C ILE CA 185 47.28 1.34 22.68
N GLY CA 186 47.28 2.46 21.95
CA GLY CA 186 46.02 3.08 21.52
C GLY CA 186 45.34 2.30 20.38
N ASP CA 187 44.16 2.73 20.01
CA ASP CA 187 43.37 2.10 18.96
C ASP CA 187 43.46 2.92 17.67
N GLY CA 188 44.14 4.07 17.78
CA GLY CA 188 44.34 4.99 16.67
C GLY CA 188 45.22 4.38 15.58
N PRO CA 189 45.29 5.04 14.42
CA PRO CA 189 46.10 4.52 13.31
C PRO CA 189 47.64 4.67 13.51
N VAL CA 190 48.37 3.68 13.02
CA VAL CA 190 49.81 3.66 13.08
C VAL CA 190 50.34 3.39 11.69
N LEU CA 191 51.60 3.71 11.52
CA LEU CA 191 52.29 3.51 10.27
C LEU CA 191 52.98 2.15 10.21
N LEU CA 192 52.55 1.27 9.31
CA LEU CA 192 53.23 0.01 9.15
C LEU CA 192 54.24 0.16 8.02
N PRO CA 193 55.47 -0.14 8.36
CA PRO CA 193 56.60 0.07 7.46
C PRO CA 193 56.90 -1.04 6.49
N ASP CA 194 57.69 -0.69 5.48
CA ASP CA 194 58.27 -1.67 4.60
C ASP CA 194 59.60 -2.04 5.25
N ASN CA 195 60.14 -3.20 4.91
CA ASN CA 195 61.38 -3.68 5.48
C ASN CA 195 62.43 -2.66 5.41
N HIS CA 196 63.11 -2.45 6.50
CA HIS CA 196 64.16 -1.49 6.56
C HIS CA 196 64.96 -1.74 7.79
N TYR CA 197 65.95 -0.92 8.06
CA TYR CA 197 66.74 -1.15 9.25
C TYR CA 197 67.28 0.12 9.87
N LEU CA 198 67.69 -0.03 11.12
CA LEU CA 198 68.27 1.03 11.90
C LEU CA 198 69.72 0.71 12.13
N SER CA 199 70.56 1.73 12.00
CA SER CA 199 71.98 1.64 12.18
C SER CA 199 72.32 2.34 13.47
N THR CA 200 72.97 1.61 14.38
CA THR CA 200 73.22 2.14 15.70
C THR CA 200 74.66 2.27 16.04
N GLN CA 201 74.92 3.22 16.91
CA GLN CA 201 76.22 3.41 17.49
C GLN CA 201 76.08 3.94 18.92
N SER CA 202 76.90 3.41 19.85
CA SER CA 202 76.81 3.80 21.25
C SER CA 202 78.16 3.85 21.92
N ALA CA 203 78.30 4.81 22.80
CA ALA CA 203 79.50 4.99 23.62
C ALA CA 203 79.11 4.94 25.12
N LEU CA 204 79.84 4.14 25.91
CA LEU CA 204 79.64 4.00 27.33
C LEU CA 204 80.69 4.73 28.07
N SER CA 205 80.28 5.41 29.13
CA SER CA 205 81.23 6.11 29.95
C SER CA 205 80.83 6.05 31.45
N LYS CA 206 81.65 6.66 32.30
CA LYS CA 206 81.36 6.71 33.73
C LYS CA 206 81.43 8.16 34.22
N ASP CA 207 80.65 8.45 35.28
CA ASP CA 207 80.66 9.76 35.95
C ASP CA 207 81.64 9.66 37.13
N PRO CA 208 82.80 10.27 36.95
CA PRO CA 208 83.89 10.21 37.91
C PRO CA 208 83.49 10.58 39.34
N ASN CA 209 82.46 11.43 39.48
CA ASN CA 209 82.02 11.88 40.78
C ASN CA 209 80.82 11.10 41.31
N GLU CA 210 80.51 10.01 40.64
CA GLU CA 210 79.38 9.19 41.01
C GLU CA 210 79.80 7.93 41.78
N LYS CA 211 79.37 7.78 43.00
CA LYS CA 211 79.75 6.58 43.77
C LYS CA 211 78.79 5.42 43.60
N ARG CA 212 77.58 5.70 43.16
CA ARG CA 212 76.70 4.56 42.99
C ARG CA 212 77.10 3.77 41.74
N ASP CA 213 76.57 2.57 41.60
CA ASP CA 213 76.83 1.77 40.38
C ASP CA 213 75.97 2.40 39.25
N HIS CA 214 76.62 2.75 38.16
CA HIS CA 214 75.88 3.42 37.12
C HIS CA 214 76.55 3.28 35.75
N MSE CA 215 75.87 3.81 34.75
CA MSE CA 215 76.39 3.85 33.42
C MSE CA 215 75.94 5.12 32.75
O MSE CA 215 74.76 5.51 32.88
CB MSE CA 215 75.91 2.65 32.57
CG MSE CA 215 75.93 2.84 31.05
SE MSE CA 215 75.45 1.24 30.04
CE MSE CA 215 73.53 1.21 30.22
N VAL CA 216 76.87 5.75 32.02
CA VAL CA 216 76.56 6.90 31.20
C VAL CA 216 76.55 6.44 29.73
N LEU CA 217 75.50 6.83 29.00
CA LEU CA 217 75.29 6.38 27.64
C LEU CA 217 74.98 7.49 26.65
N LEU CA 218 75.73 7.44 25.49
CA LEU CA 218 75.55 8.34 24.32
C LEU CA 218 75.30 7.46 23.09
N GLU CA 219 74.24 7.72 22.38
CA GLU CA 219 73.88 6.85 21.31
C GLU CA 219 73.22 7.61 20.18
N PHE CA 220 73.54 7.16 18.98
CA PHE CA 220 73.04 7.72 17.73
C PHE CA 220 72.39 6.61 16.91
N VAL CA 221 71.24 6.93 16.36
CA VAL CA 221 70.53 5.96 15.60
C VAL CA 221 69.82 6.59 14.41
N THR CA 222 70.06 6.02 13.25
CA THR CA 222 69.41 6.49 12.05
C THR CA 222 68.88 5.36 11.19
N ALA CA 223 67.73 5.61 10.59
CA ALA CA 223 67.06 4.61 9.75
C ALA CA 223 67.64 4.62 8.34
N ALA CA 224 67.61 3.48 7.71
CA ALA CA 224 68.13 3.36 6.36
C ALA CA 224 67.54 2.18 5.63
N GLY CA 225 68.05 1.96 4.43
CA GLY CA 225 67.70 0.80 3.65
C GLY CA 225 66.59 0.98 2.67
N ILE CA 226 66.19 2.24 2.50
CA ILE CA 226 65.14 2.60 1.57
C ILE CA 226 65.60 3.80 0.75
N SER DA 1 11.14 -41.01 -38.96
CA SER DA 1 9.80 -40.45 -39.09
C SER DA 1 8.70 -41.36 -38.60
N LYS DA 2 7.49 -40.91 -38.87
CA LYS DA 2 6.21 -41.54 -38.51
C LYS DA 2 5.97 -42.92 -39.15
N GLY DA 3 5.62 -42.87 -40.43
CA GLY DA 3 5.25 -44.03 -41.19
C GLY DA 3 6.32 -45.09 -41.34
N GLU DA 4 7.59 -44.65 -41.40
CA GLU DA 4 8.73 -45.56 -41.64
C GLU DA 4 8.53 -46.96 -41.06
N GLU DA 5 8.31 -46.98 -39.76
CA GLU DA 5 8.07 -48.19 -38.97
C GLU DA 5 6.86 -49.03 -39.47
N LEU DA 6 5.91 -48.38 -40.16
CA LEU DA 6 4.72 -49.08 -40.66
C LEU DA 6 5.02 -49.96 -41.85
N PHE DA 7 6.14 -49.68 -42.48
CA PHE DA 7 6.50 -50.35 -43.74
C PHE DA 7 7.59 -51.42 -43.67
N THR DA 8 7.98 -51.67 -42.47
CA THR DA 8 9.00 -52.59 -42.14
C THR DA 8 8.74 -54.04 -42.57
N GLY DA 9 7.52 -54.40 -42.92
CA GLY DA 9 7.24 -55.75 -43.40
C GLY DA 9 6.25 -55.73 -44.55
N VAL DA 10 5.73 -56.89 -44.89
CA VAL DA 10 4.69 -56.99 -45.91
C VAL DA 10 3.38 -56.37 -45.38
N VAL DA 11 2.80 -55.44 -46.15
CA VAL DA 11 1.55 -54.77 -45.82
C VAL DA 11 0.44 -55.13 -46.85
N PRO DA 12 -0.73 -55.56 -46.39
CA PRO DA 12 -1.81 -55.84 -47.32
C PRO DA 12 -2.34 -54.53 -47.93
N ILE DA 13 -2.70 -54.60 -49.19
CA ILE DA 13 -3.20 -53.44 -49.90
C ILE DA 13 -4.60 -53.67 -50.43
N LEU DA 14 -5.42 -52.64 -50.32
CA LEU DA 14 -6.76 -52.66 -50.85
C LEU DA 14 -6.90 -51.46 -51.79
N VAL DA 15 -7.38 -51.73 -53.00
CA VAL DA 15 -7.59 -50.68 -54.00
C VAL DA 15 -9.06 -50.65 -54.45
N GLU DA 16 -9.65 -49.46 -54.38
CA GLU DA 16 -11.02 -49.22 -54.78
C GLU DA 16 -11.08 -48.05 -55.75
N LEU DA 17 -11.63 -48.31 -56.94
CA LEU DA 17 -11.77 -47.23 -57.95
C LEU DA 17 -13.19 -47.09 -58.51
N ASP DA 18 -13.64 -45.85 -58.59
CA ASP DA 18 -14.91 -45.49 -59.19
C ASP DA 18 -14.61 -44.62 -60.40
N GLY DA 19 -14.98 -45.05 -61.58
CA GLY DA 19 -14.68 -44.20 -62.70
C GLY DA 19 -15.80 -43.97 -63.71
N ASP DA 20 -15.61 -42.89 -64.46
CA ASP DA 20 -16.49 -42.49 -65.51
C ASP DA 20 -15.62 -41.90 -66.60
N VAL DA 21 -15.63 -42.58 -67.74
CA VAL DA 21 -14.88 -42.12 -68.90
C VAL DA 21 -15.83 -41.88 -70.08
N ASN DA 22 -16.06 -40.60 -70.41
CA ASN DA 22 -16.96 -40.26 -71.50
C ASN DA 22 -18.35 -40.88 -71.30
N GLY DA 23 -18.83 -40.86 -70.06
CA GLY DA 23 -20.14 -41.43 -69.79
C GLY DA 23 -20.16 -42.91 -69.54
N HIS DA 24 -19.04 -43.62 -69.74
CA HIS DA 24 -18.99 -45.05 -69.45
C HIS DA 24 -18.54 -45.24 -67.99
N LYS DA 25 -19.46 -45.69 -67.16
CA LYS DA 25 -19.18 -45.84 -65.75
C LYS DA 25 -18.65 -47.20 -65.40
N PHE DA 26 -17.72 -47.25 -64.45
CA PHE DA 26 -17.18 -48.54 -64.06
C PHE DA 26 -16.57 -48.51 -62.67
N SER DA 27 -16.36 -49.72 -62.13
CA SER DA 27 -15.77 -49.88 -60.82
C SER DA 27 -14.70 -50.98 -60.83
N VAL DA 28 -13.62 -50.74 -60.10
CA VAL DA 28 -12.55 -51.72 -59.97
C VAL DA 28 -12.16 -51.95 -58.51
N SER DA 29 -11.92 -53.21 -58.21
CA SER DA 29 -11.41 -53.61 -56.91
C SER DA 29 -10.05 -54.32 -57.08
N GLY DA 30 -9.11 -54.00 -56.20
CA GLY DA 30 -7.85 -54.68 -56.23
C GLY DA 30 -7.36 -55.03 -54.82
N GLU DA 31 -6.64 -56.10 -54.75
CA GLU DA 31 -6.05 -56.57 -53.50
C GLU DA 31 -4.63 -57.09 -53.76
N GLY DA 32 -3.79 -57.05 -52.77
CA GLY DA 32 -2.46 -57.63 -52.87
C GLY DA 32 -1.62 -57.22 -51.71
N GLU DA 33 -0.32 -57.15 -51.92
CA GLU DA 33 0.56 -56.74 -50.88
C GLU DA 33 1.76 -55.98 -51.39
N GLY DA 34 2.39 -55.24 -50.51
CA GLY DA 34 3.54 -54.44 -50.84
C GLY DA 34 4.62 -54.69 -49.80
N ASP DA 35 5.87 -54.58 -50.20
CA ASP DA 35 6.99 -54.77 -49.31
C ASP DA 35 8.03 -53.74 -49.67
N ALA DA 36 7.94 -52.61 -49.01
CA ALA DA 36 8.78 -51.49 -49.27
C ALA DA 36 10.27 -51.80 -49.10
N THR DA 37 10.58 -52.90 -48.41
CA THR DA 37 11.98 -53.28 -48.19
C THR DA 37 12.68 -53.58 -49.51
N TYR DA 38 11.91 -54.13 -50.44
CA TYR DA 38 12.36 -54.43 -51.77
C TYR DA 38 11.69 -53.53 -52.81
N GLY DA 39 10.92 -52.53 -52.37
CA GLY DA 39 10.18 -51.64 -53.27
C GLY DA 39 9.24 -52.47 -54.18
N LYS DA 40 8.74 -53.58 -53.64
CA LYS DA 40 7.96 -54.49 -54.39
C LYS DA 40 6.42 -54.42 -54.12
N LEU DA 41 5.64 -54.53 -55.21
CA LEU DA 41 4.15 -54.53 -55.16
C LEU DA 41 3.60 -55.71 -55.94
N THR DA 42 2.62 -56.45 -55.38
CA THR DA 42 1.97 -57.55 -56.10
C THR DA 42 0.47 -57.39 -55.98
N LEU DA 43 -0.25 -57.18 -57.11
CA LEU DA 43 -1.68 -56.88 -57.05
C LEU DA 43 -2.49 -57.58 -58.14
N LYS DA 44 -3.77 -57.78 -57.84
CA LYS DA 44 -4.73 -58.28 -58.79
C LYS DA 44 -5.96 -57.38 -58.77
N PHE DA 45 -6.34 -56.89 -59.94
CA PHE DA 45 -7.47 -56.00 -60.10
C PHE DA 45 -8.53 -56.69 -60.84
N ILE DA 46 -9.77 -56.42 -60.45
CA ILE DA 46 -10.94 -57.05 -61.07
C ILE DA 46 -11.99 -56.00 -61.39
N CYS DA 47 -12.51 -56.01 -62.61
CA CYS DA 47 -13.50 -55.01 -62.95
C CYS DA 47 -14.81 -55.53 -62.44
N THR DA 48 -15.35 -54.88 -61.42
CA THR DA 48 -16.56 -55.36 -60.77
C THR DA 48 -17.86 -55.07 -61.49
N THR DA 49 -17.85 -54.04 -62.31
CA THR DA 49 -19.04 -53.69 -63.04
C THR DA 49 -19.12 -54.40 -64.38
N GLY DA 50 -18.17 -55.34 -64.63
CA GLY DA 50 -18.13 -56.09 -65.89
C GLY DA 50 -16.84 -55.82 -66.73
N LYS DA 51 -17.03 -55.45 -68.01
CA LYS DA 51 -15.92 -55.17 -68.93
C LYS DA 51 -15.34 -53.76 -68.77
N LEU DA 52 -14.02 -53.71 -68.55
CA LEU DA 52 -13.40 -52.41 -68.43
C LEU DA 52 -13.53 -51.66 -69.77
N PRO DA 53 -13.99 -50.43 -69.74
CA PRO DA 53 -14.22 -49.61 -70.94
C PRO DA 53 -12.99 -48.96 -71.55
N VAL DA 54 -11.89 -48.98 -70.81
CA VAL DA 54 -10.62 -48.46 -71.28
C VAL DA 54 -9.64 -49.54 -71.13
N PRO DA 55 -8.46 -49.36 -71.66
CA PRO DA 55 -7.47 -50.41 -71.53
C PRO DA 55 -6.82 -50.45 -70.12
N TRP DA 56 -6.58 -51.66 -69.63
CA TRP DA 56 -5.96 -51.83 -68.32
C TRP DA 56 -4.69 -50.98 -68.08
N PRO DA 57 -3.77 -51.00 -69.03
CA PRO DA 57 -2.57 -50.24 -68.86
C PRO DA 57 -2.77 -48.80 -68.58
N THR DA 58 -3.87 -48.22 -69.07
CA THR DA 58 -4.06 -46.82 -68.81
C THR DA 58 -4.30 -46.50 -67.31
N LEU DA 59 -4.67 -47.50 -66.56
CA LEU DA 59 -5.00 -47.29 -65.14
C LEU DA 59 -3.85 -47.57 -64.15
N VAL DA 60 -2.76 -48.13 -64.64
CA VAL DA 60 -1.66 -48.51 -63.74
C VAL DA 60 -1.20 -47.47 -62.74
N THR DA 61 -0.90 -46.30 -63.25
CA THR DA 61 -0.40 -45.22 -62.43
C THR DA 61 -1.39 -44.77 -61.37
N THR DA 62 -2.64 -44.93 -61.71
CA THR DA 62 -3.73 -44.54 -60.80
C THR DA 62 -3.84 -45.53 -59.64
N PHE DA 63 -3.82 -46.81 -59.99
CA PHE DA 63 -3.91 -47.83 -58.99
C PHE DA 63 -2.67 -47.85 -58.12
N1 CRO DA 64 -1.50 -47.75 -58.76
CA1 CRO DA 64 -0.24 -47.80 -58.00
CB1 CRO DA 64 0.53 -49.09 -58.34
CG1 CRO DA 64 -0.25 -50.32 -57.94
OG1 CRO DA 64 0.83 -49.13 -59.71
C1 CRO DA 64 0.48 -46.52 -58.37
N2 CRO DA 64 1.47 -46.39 -59.33
N3 CRO DA 64 0.29 -45.34 -57.78
C2 CRO DA 64 0.97 -44.30 -58.38
O2 CRO DA 64 1.15 -43.17 -58.02
CA2 CRO DA 64 1.78 -45.01 -59.39
CA3 CRO DA 64 -0.81 -45.11 -56.85
C3 CRO DA 64 -0.47 -45.18 -55.39
O3 CRO DA 64 -1.06 -44.45 -54.62
CB2 CRO DA 64 2.76 -44.45 -60.12
CG2 CRO DA 64 3.50 -45.06 -61.27
CD1 CRO DA 64 3.40 -46.44 -61.57
CD2 CRO DA 64 4.41 -44.22 -62.02
CE1 CRO DA 64 4.24 -46.99 -62.59
CE2 CRO DA 64 5.20 -44.76 -63.05
CZ CRO DA 64 5.11 -46.12 -63.34
OH CRO DA 64 5.93 -46.68 -64.45
N VAL DA 65 0.43 -46.08 -55.02
CA VAL DA 65 0.78 -46.22 -53.61
C VAL DA 65 2.32 -46.14 -53.43
N GLN DA 66 2.81 -44.96 -53.73
CA GLN DA 66 4.13 -44.60 -53.68
C GLN DA 66 4.88 -44.72 -52.38
N CYS DA 67 4.14 -44.98 -51.31
CA CYS DA 67 4.75 -45.19 -50.02
C CYS DA 67 5.46 -46.56 -50.00
N PHE DA 68 5.24 -47.39 -51.04
CA PHE DA 68 5.87 -48.72 -51.15
C PHE DA 68 7.20 -48.68 -51.95
N SER DA 69 7.66 -47.49 -52.26
CA SER DA 69 8.90 -47.32 -52.97
C SER DA 69 10.06 -47.63 -52.04
N ARG DA 70 11.12 -48.25 -52.56
CA ARG DA 70 12.25 -48.47 -51.72
C ARG DA 70 13.12 -47.23 -51.67
N TYR DA 71 13.31 -46.66 -50.47
CA TYR DA 71 14.19 -45.52 -50.34
C TYR DA 71 15.52 -45.99 -49.74
N PRO DA 72 16.61 -45.76 -50.42
CA PRO DA 72 17.89 -46.14 -49.86
C PRO DA 72 18.13 -45.43 -48.53
N ASP DA 73 18.91 -46.08 -47.66
CA ASP DA 73 19.22 -45.53 -46.38
C ASP DA 73 19.64 -44.10 -46.43
N HIS DA 74 20.47 -43.77 -47.36
CA HIS DA 74 20.91 -42.41 -47.37
C HIS DA 74 19.89 -41.44 -47.85
N MSE DA 75 18.78 -41.92 -48.35
CA MSE DA 75 17.76 -41.02 -48.83
C MSE DA 75 16.46 -41.02 -47.99
O MSE DA 75 15.46 -40.45 -48.39
CB MSE DA 75 17.42 -41.37 -50.25
CG MSE DA 75 18.37 -40.86 -51.29
SE MSE DA 75 17.89 -41.47 -53.06
CE MSE DA 75 16.66 -40.04 -53.46
N LYS DA 76 16.49 -41.71 -46.86
CA LYS DA 76 15.30 -41.80 -46.01
C LYS DA 76 14.67 -40.47 -45.63
N ARG DA 77 15.48 -39.43 -45.53
CA ARG DA 77 14.97 -38.14 -45.14
C ARG DA 77 14.12 -37.49 -46.22
N HIS DA 78 14.07 -38.12 -47.42
CA HIS DA 78 13.31 -37.49 -48.53
C HIS DA 78 12.03 -38.21 -48.82
N ASP DA 79 11.68 -39.18 -47.97
CA ASP DA 79 10.55 -40.03 -48.19
C ASP DA 79 9.25 -39.43 -47.65
N PHE DA 80 8.67 -38.52 -48.42
CA PHE DA 80 7.42 -37.87 -48.04
C PHE DA 80 6.30 -38.86 -47.79
N PHE DA 81 6.20 -39.84 -48.73
CA PHE DA 81 5.15 -40.83 -48.74
C PHE DA 81 4.91 -41.52 -47.42
N LYS DA 82 5.96 -42.09 -46.87
CA LYS DA 82 5.88 -42.78 -45.62
C LYS DA 82 5.70 -41.84 -44.42
N SER DA 83 6.25 -40.59 -44.51
CA SER DA 83 6.16 -39.63 -43.43
C SER DA 83 4.73 -39.16 -43.19
N ALA DA 84 3.88 -39.31 -44.19
CA ALA DA 84 2.50 -38.88 -44.05
C ALA DA 84 1.60 -39.92 -43.39
N MSE DA 85 2.14 -41.13 -43.13
CA MSE DA 85 1.39 -42.22 -42.55
C MSE DA 85 1.39 -42.23 -41.01
O MSE DA 85 2.30 -41.71 -40.39
CB MSE DA 85 2.00 -43.50 -43.10
CG MSE DA 85 1.90 -43.60 -44.61
SE MSE DA 85 0.04 -43.77 -45.23
CE MSE DA 85 0.15 -42.77 -46.86
N PRO DA 86 0.38 -42.82 -40.35
CA PRO DA 86 -0.74 -43.53 -40.94
C PRO DA 86 -1.91 -42.66 -41.47
N GLU DA 87 -1.98 -41.38 -41.06
CA GLU DA 87 -3.07 -40.47 -41.49
C GLU DA 87 -3.23 -40.40 -43.01
N GLY DA 88 -2.12 -40.50 -43.72
CA GLY DA 88 -2.20 -40.58 -45.18
C GLY DA 88 -2.09 -39.28 -45.93
N TYR DA 89 -2.36 -39.38 -47.24
CA TYR DA 89 -2.28 -38.22 -48.08
C TYR DA 89 -3.28 -38.29 -49.19
N VAL DA 90 -3.54 -37.10 -49.73
CA VAL DA 90 -4.38 -36.92 -50.89
C VAL DA 90 -3.46 -36.80 -52.10
N GLN DA 91 -3.79 -37.55 -53.11
CA GLN DA 91 -3.04 -37.54 -54.33
C GLN DA 91 -3.97 -37.16 -55.45
N GLU DA 92 -3.66 -36.06 -56.13
CA GLU DA 92 -4.48 -35.64 -57.24
C GLU DA 92 -3.68 -35.58 -58.51
N ARG DA 93 -4.33 -35.88 -59.63
CA ARG DA 93 -3.66 -35.81 -60.90
C ARG DA 93 -4.52 -35.33 -62.02
N THR DA 94 -3.84 -34.91 -63.05
CA THR DA 94 -4.39 -34.73 -64.34
C THR DA 94 -3.49 -35.49 -65.28
N ILE DA 95 -4.05 -36.35 -66.11
CA ILE DA 95 -3.28 -37.13 -67.07
C ILE DA 95 -3.72 -36.81 -68.49
N PHE DA 96 -2.81 -36.22 -69.27
CA PHE DA 96 -3.15 -35.85 -70.63
C PHE DA 96 -2.72 -36.86 -71.62
N PHE DA 97 -3.67 -37.47 -72.34
CA PHE DA 97 -3.29 -38.40 -73.38
C PHE DA 97 -3.03 -37.61 -74.64
N LYS DA 98 -1.84 -37.79 -75.21
CA LYS DA 98 -1.50 -37.02 -76.37
C LYS DA 98 -2.49 -37.24 -77.51
N ASP DA 99 -3.01 -36.14 -78.04
CA ASP DA 99 -3.98 -36.20 -79.14
C ASP DA 99 -5.24 -36.97 -78.79
N ASP DA 100 -5.57 -36.98 -77.51
CA ASP DA 100 -6.74 -37.69 -77.02
C ASP DA 100 -7.31 -37.02 -75.77
N GLY DA 101 -8.13 -37.75 -74.98
CA GLY DA 101 -8.75 -37.16 -73.78
C GLY DA 101 -7.82 -37.08 -72.57
N ASN DA 102 -8.38 -36.64 -71.44
CA ASN DA 102 -7.62 -36.60 -70.21
C ASN DA 102 -8.34 -37.27 -69.04
N TYR DA 103 -7.56 -37.67 -68.04
CA TYR DA 103 -8.08 -38.22 -66.82
C TYR DA 103 -7.82 -37.28 -65.68
N LYS DA 104 -8.81 -37.15 -64.81
CA LYS DA 104 -8.69 -36.35 -63.60
C LYS DA 104 -8.95 -37.30 -62.45
N THR DA 105 -8.01 -37.37 -61.54
CA THR DA 105 -8.14 -38.31 -60.45
C THR DA 105 -7.95 -37.65 -59.11
N ARG DA 106 -8.60 -38.24 -58.14
CA ARG DA 106 -8.47 -37.82 -56.79
C ARG DA 106 -8.52 -39.03 -55.89
N ALA DA 107 -7.55 -39.16 -55.01
CA ALA DA 107 -7.55 -40.33 -54.18
C ALA DA 107 -7.06 -40.03 -52.79
N GLU DA 108 -7.41 -40.92 -51.89
CA GLU DA 108 -6.96 -40.85 -50.53
C GLU DA 108 -6.20 -42.10 -50.23
N VAL DA 109 -4.95 -41.98 -49.76
CA VAL DA 109 -4.25 -43.16 -49.40
C VAL DA 109 -3.83 -43.13 -47.96
N LYS DA 110 -4.25 -44.13 -47.27
CA LYS DA 110 -3.99 -44.16 -45.85
C LYS DA 110 -4.28 -45.53 -45.32
N PHE DA 111 -3.99 -45.73 -44.04
CA PHE DA 111 -4.21 -46.99 -43.36
C PHE DA 111 -5.61 -47.09 -42.73
N GLU DA 112 -6.22 -48.23 -42.88
CA GLU DA 112 -7.48 -48.58 -42.23
C GLU DA 112 -7.13 -49.77 -41.43
N GLY DA 113 -6.80 -49.59 -40.18
CA GLY DA 113 -6.38 -50.75 -39.44
C GLY DA 113 -4.98 -51.10 -39.95
N ASP DA 114 -4.78 -52.30 -40.34
CA ASP DA 114 -3.44 -52.63 -40.81
C ASP DA 114 -3.27 -52.76 -42.31
N THR DA 115 -4.32 -52.39 -43.01
CA THR DA 115 -4.39 -52.45 -44.45
C THR DA 115 -4.19 -51.08 -45.05
N LEU DA 116 -3.38 -51.03 -46.08
CA LEU DA 116 -3.12 -49.78 -46.76
C LEU DA 116 -4.17 -49.67 -47.84
N VAL DA 117 -4.93 -48.55 -47.77
CA VAL DA 117 -6.05 -48.29 -48.68
C VAL DA 117 -5.82 -47.16 -49.65
N ASN DA 118 -6.14 -47.42 -50.90
CA ASN DA 118 -6.06 -46.41 -51.95
C ASN DA 118 -7.45 -46.26 -52.54
N ARG DA 119 -8.15 -45.19 -52.20
CA ARG DA 119 -9.49 -44.94 -52.69
C ARG DA 119 -9.49 -43.80 -53.70
N ILE DA 120 -9.90 -44.13 -54.92
CA ILE DA 120 -9.85 -43.24 -56.06
C ILE DA 120 -11.19 -42.96 -56.78
N GLU DA 121 -11.30 -41.72 -57.21
CA GLU DA 121 -12.38 -41.26 -58.05
C GLU DA 121 -11.76 -40.77 -59.33
N LEU DA 122 -12.18 -41.35 -60.42
CA LEU DA 122 -11.64 -41.00 -61.71
C LEU DA 122 -12.66 -40.46 -62.68
N LYS DA 123 -12.31 -39.37 -63.31
CA LYS DA 123 -13.16 -38.77 -64.32
C LYS DA 123 -12.37 -38.56 -65.65
N GLY DA 124 -12.85 -39.16 -66.74
CA GLY DA 124 -12.22 -39.08 -68.09
C GLY DA 124 -13.10 -38.33 -69.09
N ILE DA 125 -12.53 -37.32 -69.76
CA ILE DA 125 -13.29 -36.58 -70.77
C ILE DA 125 -12.52 -36.29 -72.02
N ASP DA 126 -13.30 -36.03 -73.05
CA ASP DA 126 -12.81 -35.67 -74.32
C ASP DA 126 -12.07 -36.74 -75.01
N PHE DA 127 -12.45 -37.96 -74.78
CA PHE DA 127 -11.79 -39.07 -75.47
C PHE DA 127 -12.40 -39.29 -76.83
N LYS DA 128 -11.55 -39.69 -77.79
CA LYS DA 128 -12.04 -39.94 -79.13
C LYS DA 128 -12.57 -41.34 -79.22
N GLU DA 129 -13.79 -41.42 -79.68
CA GLU DA 129 -14.43 -42.71 -79.76
C GLU DA 129 -13.62 -43.73 -80.53
N ASP DA 130 -12.79 -43.23 -81.42
CA ASP DA 130 -11.95 -44.06 -82.28
C ASP DA 130 -10.43 -43.90 -82.04
N GLY DA 131 -10.05 -43.34 -80.88
CA GLY DA 131 -8.65 -43.12 -80.55
C GLY DA 131 -8.02 -44.38 -80.02
N ASN DA 132 -6.80 -44.25 -79.50
CA ASN DA 132 -6.14 -45.44 -78.98
C ASN DA 132 -6.75 -45.99 -77.70
N ILE DA 133 -7.40 -45.12 -76.92
CA ILE DA 133 -7.97 -45.50 -75.61
C ILE DA 133 -9.29 -46.26 -75.72
N LEU DA 134 -10.28 -45.56 -76.26
CA LEU DA 134 -11.60 -46.12 -76.43
C LEU DA 134 -11.58 -47.19 -77.46
N GLY DA 135 -10.69 -47.04 -78.42
CA GLY DA 135 -10.57 -48.01 -79.49
C GLY DA 135 -9.82 -49.23 -79.06
N HIS DA 136 -9.29 -49.23 -77.86
CA HIS DA 136 -8.56 -50.40 -77.38
C HIS DA 136 -7.37 -50.87 -78.29
N LYS DA 137 -6.48 -49.95 -78.59
CA LYS DA 137 -5.33 -50.21 -79.45
C LYS DA 137 -3.99 -50.39 -78.71
N LEU DA 138 -4.01 -50.30 -77.37
CA LEU DA 138 -2.80 -50.40 -76.53
C LEU DA 138 -2.41 -51.82 -76.28
N GLU DA 139 -1.10 -52.14 -76.38
CA GLU DA 139 -0.66 -53.49 -76.08
C GLU DA 139 -0.76 -53.70 -74.57
N TYR DA 140 -0.81 -54.95 -74.18
CA TYR DA 140 -0.91 -55.33 -72.80
C TYR DA 140 0.45 -55.52 -72.21
N ASN DA 141 1.10 -54.45 -71.96
CA ASN DA 141 2.42 -54.48 -71.38
C ASN DA 141 2.71 -53.11 -70.81
N TYR DA 142 3.88 -52.96 -70.21
CA TYR DA 142 4.21 -51.71 -69.61
C TYR DA 142 5.74 -51.44 -69.62
N ASN DA 143 6.14 -50.17 -69.71
CA ASN DA 143 7.57 -49.77 -69.76
C ASN DA 143 8.09 -49.27 -68.42
N SER DA 144 9.41 -48.91 -68.37
CA SER DA 144 10.07 -48.36 -67.15
C SER DA 144 10.10 -46.89 -67.26
N HIS DA 145 9.93 -46.18 -66.16
CA HIS DA 145 9.89 -44.76 -66.22
C HIS DA 145 10.61 -44.15 -65.07
N ASN DA 146 10.86 -42.88 -65.18
CA ASN DA 146 11.40 -42.08 -64.10
C ASN DA 146 10.33 -41.07 -63.69
N VAL DA 147 10.12 -40.95 -62.40
CA VAL DA 147 9.12 -40.09 -61.81
C VAL DA 147 9.83 -39.02 -61.03
N TYR DA 148 9.64 -37.77 -61.44
CA TYR DA 148 10.31 -36.65 -60.82
C TYR DA 148 9.56 -36.01 -59.68
N ILE DA 149 10.22 -35.90 -58.55
CA ILE DA 149 9.63 -35.35 -57.38
C ILE DA 149 10.27 -34.11 -56.89
N MSE DA 150 9.43 -33.18 -56.46
CA MSE DA 150 9.89 -31.94 -55.89
C MSE DA 150 8.98 -31.47 -54.79
O MSE DA 150 7.80 -31.80 -54.78
CB MSE DA 150 9.97 -30.89 -56.96
CG MSE DA 150 10.38 -31.44 -58.28
SE MSE DA 150 10.03 -30.20 -59.68
CE MSE DA 150 9.90 -28.64 -58.55
N ALA DA 151 9.57 -30.71 -53.88
CA ALA DA 151 8.89 -30.20 -52.73
C ALA DA 151 7.95 -29.05 -53.05
N ASP DA 152 6.90 -28.94 -52.28
CA ASP DA 152 5.97 -27.87 -52.43
C ASP DA 152 5.76 -27.23 -51.07
N LYS DA 153 6.66 -26.33 -50.71
CA LYS DA 153 6.60 -25.71 -49.42
C LYS DA 153 5.31 -24.93 -49.12
N GLN DA 154 4.60 -24.46 -50.16
CA GLN DA 154 3.37 -23.71 -49.96
C GLN DA 154 2.15 -24.55 -49.53
N LYS DA 155 2.11 -25.77 -50.03
CA LYS DA 155 1.03 -26.68 -49.70
C LYS DA 155 1.51 -27.76 -48.75
N ASN DA 156 2.79 -27.69 -48.34
CA ASN DA 156 3.34 -28.69 -47.44
C ASN DA 156 3.19 -30.06 -48.09
N GLY DA 157 3.50 -30.09 -49.40
CA GLY DA 157 3.37 -31.30 -50.15
C GLY DA 157 4.46 -31.38 -51.16
N ILE DA 158 4.20 -32.20 -52.15
CA ILE DA 158 5.13 -32.39 -53.20
C ILE DA 158 4.43 -32.29 -54.50
N LYS DA 159 5.17 -31.96 -55.53
CA LYS DA 159 4.65 -31.90 -56.87
C LYS DA 159 5.40 -32.95 -57.62
N VAL DA 160 4.72 -33.68 -58.48
CA VAL DA 160 5.34 -34.76 -59.21
C VAL DA 160 4.96 -34.68 -60.66
N ASN DA 161 5.92 -34.94 -61.55
CA ASN DA 161 5.67 -34.92 -62.96
C ASN DA 161 6.42 -36.05 -63.68
N PHE DA 162 5.83 -36.52 -64.78
CA PHE DA 162 6.42 -37.60 -65.58
C PHE DA 162 5.56 -37.92 -66.76
N LYS DA 163 6.12 -38.69 -67.71
CA LYS DA 163 5.42 -39.14 -68.91
C LYS DA 163 5.48 -40.63 -69.01
N ILE DA 164 4.36 -41.21 -69.33
CA ILE DA 164 4.27 -42.60 -69.53
C ILE DA 164 4.20 -42.81 -70.98
N ARG DA 165 4.83 -43.88 -71.41
CA ARG DA 165 4.84 -44.31 -72.76
C ARG DA 165 4.10 -45.64 -72.92
N HIS DA 166 2.95 -45.60 -73.61
CA HIS DA 166 2.15 -46.80 -73.86
C HIS DA 166 2.37 -47.30 -75.28
N ASN DA 167 2.74 -48.52 -75.41
CA ASN DA 167 2.94 -49.07 -76.71
C ASN DA 167 1.62 -49.33 -77.38
N ILE DA 168 1.52 -48.95 -78.67
CA ILE DA 168 0.34 -49.23 -79.49
C ILE DA 168 0.60 -50.46 -80.34
N GLU DA 169 -0.42 -51.23 -80.58
CA GLU DA 169 -0.34 -52.47 -81.30
C GLU DA 169 0.33 -52.38 -82.67
N ASP DA 170 0.39 -51.19 -83.25
CA ASP DA 170 1.01 -51.01 -84.56
C ASP DA 170 2.50 -50.69 -84.50
N GLY DA 171 3.05 -50.73 -83.29
CA GLY DA 171 4.45 -50.45 -83.14
C GLY DA 171 4.71 -49.03 -82.68
N SER DA 172 3.65 -48.19 -82.73
CA SER DA 172 3.80 -46.80 -82.33
C SER DA 172 3.72 -46.58 -80.81
N VAL DA 173 3.61 -45.30 -80.40
CA VAL DA 173 3.55 -44.96 -78.98
C VAL DA 173 2.46 -43.97 -78.60
N GLN DA 174 1.84 -44.20 -77.43
CA GLN DA 174 0.84 -43.28 -76.87
C GLN DA 174 1.40 -42.60 -75.62
N LEU DA 175 1.59 -41.30 -75.70
CA LEU DA 175 2.12 -40.57 -74.59
C LEU DA 175 1.06 -40.14 -73.61
N ALA DA 176 1.41 -40.22 -72.34
CA ALA DA 176 0.53 -39.82 -71.27
C ALA DA 176 1.25 -38.96 -70.25
N ASP DA 177 1.05 -37.66 -70.35
CA ASP DA 177 1.65 -36.68 -69.47
C ASP DA 177 0.97 -36.61 -68.13
N HIS DA 178 1.71 -36.85 -67.09
CA HIS DA 178 1.17 -36.85 -65.74
C HIS DA 178 1.56 -35.64 -64.93
N TYR DA 179 0.56 -34.99 -64.31
CA TYR DA 179 0.76 -33.86 -63.41
C TYR DA 179 0.16 -34.22 -62.10
N GLN DA 180 0.95 -34.15 -61.04
CA GLN DA 180 0.47 -34.65 -59.78
C GLN DA 180 0.83 -33.80 -58.58
N GLN DA 181 -0.11 -33.77 -57.62
CA GLN DA 181 0.06 -33.11 -56.31
C GLN DA 181 -0.37 -34.02 -55.16
N ASN DA 182 0.42 -34.00 -54.10
CA ASN DA 182 0.16 -34.77 -52.90
C ASN DA 182 0.22 -33.86 -51.70
N THR DA 183 -0.76 -34.01 -50.86
CA THR DA 183 -0.82 -33.22 -49.65
C THR DA 183 -1.26 -34.08 -48.51
N PRO DA 184 -0.69 -33.78 -47.34
CA PRO DA 184 -0.96 -34.58 -46.16
C PRO DA 184 -2.40 -34.43 -45.71
N ILE DA 185 -2.90 -35.48 -45.11
CA ILE DA 185 -4.27 -35.46 -44.55
C ILE DA 185 -4.18 -34.97 -43.10
N GLY DA 186 -3.23 -35.51 -42.34
CA GLY DA 186 -3.04 -35.08 -40.96
C GLY DA 186 -2.38 -33.69 -40.86
N ASP DA 187 -2.26 -33.20 -39.65
CA ASP DA 187 -1.67 -31.90 -39.38
C ASP DA 187 -0.24 -32.06 -38.84
N GLY DA 188 0.13 -33.33 -38.63
CA GLY DA 188 1.45 -33.71 -38.12
C GLY DA 188 2.55 -33.36 -39.12
N PRO DA 189 3.81 -33.45 -38.67
CA PRO DA 189 4.94 -33.13 -39.54
C PRO DA 189 5.23 -34.20 -40.64
N VAL DA 190 5.65 -33.72 -41.80
CA VAL DA 190 6.01 -34.55 -42.92
C VAL DA 190 7.37 -34.15 -43.41
N LEU DA 191 7.96 -35.04 -44.17
CA LEU DA 191 9.27 -34.83 -44.72
C LEU DA 191 9.19 -34.20 -46.13
N LEU DA 192 9.69 -33.00 -46.29
CA LEU DA 192 9.72 -32.40 -47.62
C LEU DA 192 11.09 -32.68 -48.21
N PRO DA 193 11.06 -33.29 -49.38
CA PRO DA 193 12.26 -33.76 -50.05
C PRO DA 193 12.98 -32.77 -50.91
N ASP DA 194 14.23 -33.10 -51.23
CA ASP DA 194 14.97 -32.39 -52.25
C ASP DA 194 14.65 -33.14 -53.55
N ASN DA 195 14.83 -32.47 -54.68
CA ASN DA 195 14.54 -33.04 -55.97
C ASN DA 195 15.16 -34.38 -56.12
N HIS DA 196 14.39 -35.32 -56.57
CA HIS DA 196 14.87 -36.64 -56.77
C HIS DA 196 13.91 -37.37 -57.63
N TYR DA 197 14.14 -38.64 -57.88
CA TYR DA 197 13.20 -39.38 -58.71
C TYR DA 197 13.10 -40.84 -58.35
N LEU DA 198 12.02 -41.43 -58.84
CA LEU DA 198 11.72 -42.83 -58.66
C LEU DA 198 11.84 -43.52 -60.00
N SER DA 199 12.46 -44.69 -59.98
CA SER DA 199 12.67 -45.51 -61.14
C SER DA 199 11.74 -46.70 -61.04
N THR DA 200 10.91 -46.88 -62.06
CA THR DA 200 9.89 -47.90 -62.00
C THR DA 200 10.02 -48.94 -63.05
N GLN DA 201 9.53 -50.10 -62.69
CA GLN DA 201 9.40 -51.21 -63.60
C GLN DA 201 8.17 -52.05 -63.26
N SER DA 202 7.42 -52.47 -64.28
CA SER DA 202 6.19 -53.24 -64.06
C SER DA 202 5.97 -54.30 -65.10
N ALA DA 203 5.42 -55.40 -64.66
CA ALA DA 203 5.05 -56.53 -65.52
C ALA DA 203 3.54 -56.82 -65.36
N LEU DA 204 2.82 -56.95 -66.47
CA LEU DA 204 1.41 -57.25 -66.50
C LEU DA 204 1.21 -58.67 -66.89
N SER DA 205 0.27 -59.32 -66.22
CA SER DA 205 -0.04 -60.69 -66.55
C SER DA 205 -1.55 -60.96 -66.37
N LYS DA 206 -1.97 -62.20 -66.67
CA LYS DA 206 -3.36 -62.60 -66.52
C LYS DA 206 -3.44 -63.87 -65.68
N ASP DA 207 -4.57 -64.04 -64.96
CA ASP DA 207 -4.87 -65.25 -64.18
C ASP DA 207 -5.70 -66.18 -65.07
N PRO DA 208 -5.05 -67.21 -65.56
CA PRO DA 208 -5.65 -68.16 -66.49
C PRO DA 208 -7.00 -68.74 -66.04
N ASN DA 209 -7.22 -68.81 -64.73
CA ASN DA 209 -8.43 -69.36 -64.19
C ASN DA 209 -9.46 -68.30 -63.81
N GLU DA 210 -9.20 -67.08 -64.22
CA GLU DA 210 -10.06 -65.97 -63.89
C GLU DA 210 -10.96 -65.58 -65.08
N LYS DA 211 -12.25 -65.68 -64.92
CA LYS DA 211 -13.15 -65.30 -66.03
C LYS DA 211 -13.55 -63.85 -66.03
N ARG DA 212 -13.42 -63.19 -64.90
CA ARG DA 212 -13.80 -61.79 -64.95
C ARG DA 212 -12.72 -60.98 -65.67
N ASP DA 213 -13.04 -59.75 -66.02
CA ASP DA 213 -12.03 -58.86 -66.65
C ASP DA 213 -11.07 -58.41 -65.51
N HIS DA 214 -9.79 -58.63 -65.71
CA HIS DA 214 -8.88 -58.31 -64.65
C HIS DA 214 -7.45 -58.10 -65.16
N MSE DA 215 -6.59 -57.70 -64.24
CA MSE DA 215 -5.19 -57.55 -64.52
C MSE DA 215 -4.39 -57.95 -63.31
O MSE DA 215 -4.75 -57.61 -62.17
CB MSE DA 215 -4.83 -56.08 -64.86
CG MSE DA 215 -3.38 -55.66 -64.65
SE MSE DA 215 -2.97 -53.84 -65.24
CE MSE DA 215 -3.69 -52.79 -63.80
N VAL DA 216 -3.29 -58.68 -63.58
CA VAL DA 216 -2.33 -59.03 -62.55
C VAL DA 216 -1.10 -58.16 -62.74
N LEU DA 217 -0.62 -57.56 -61.64
CA LEU DA 217 0.47 -56.60 -61.67
C LEU DA 217 1.57 -56.88 -60.66
N LEU DA 218 2.83 -56.83 -61.19
CA LEU DA 218 4.10 -56.95 -60.40
C LEU DA 218 4.95 -55.71 -60.68
N GLU DA 219 5.37 -55.02 -59.66
CA GLU DA 219 6.04 -53.79 -59.87
C GLU DA 219 7.09 -53.55 -58.80
N PHE DA 220 8.18 -52.95 -59.25
CA PHE DA 220 9.33 -52.61 -58.44
C PHE DA 220 9.63 -51.13 -58.59
N VAL DA 221 9.89 -50.48 -57.47
CA VAL DA 221 10.16 -49.09 -57.49
C VAL DA 221 11.21 -48.70 -56.47
N THR DA 222 12.21 -47.99 -56.94
CA THR DA 222 13.25 -47.52 -56.06
C THR DA 222 13.63 -46.07 -56.31
N ALA DA 223 13.91 -45.37 -55.24
CA ALA DA 223 14.25 -43.95 -55.31
C ALA DA 223 15.72 -43.76 -55.65
N ALA DA 224 16.01 -42.68 -56.32
CA ALA DA 224 17.38 -42.39 -56.71
C ALA DA 224 17.61 -40.92 -56.95
N GLY DA 225 18.81 -40.61 -57.40
CA GLY DA 225 19.14 -39.27 -57.83
C GLY DA 225 19.77 -38.39 -56.79
N ILE DA 226 20.13 -39.03 -55.67
CA ILE DA 226 20.78 -38.33 -54.58
C ILE DA 226 21.97 -39.16 -54.10
#